data_7VYF
#
_entry.id   7VYF
#
_cell.length_a   1.00
_cell.length_b   1.00
_cell.length_c   1.00
_cell.angle_alpha   90.00
_cell.angle_beta   90.00
_cell.angle_gamma   90.00
#
_symmetry.space_group_name_H-M   'P 1'
#
loop_
_entity.id
_entity.type
_entity.pdbx_description
1 polymer 'NADH dehydrogenase [ubiquinone] flavoprotein 1, mitochondrial'
2 polymer 'NADH dehydrogenase [ubiquinone] iron-sulfur protein 8, mitochondrial'
3 polymer 'NADH dehydrogenase [ubiquinone] iron-sulfur protein 7, mitochondrial'
4 polymer 'NADH dehydrogenase [ubiquinone] 1 alpha subcomplex subunit 6'
5 polymer 'NADH dehydrogenase [ubiquinone] 1 alpha subcomplex subunit 2'
6 polymer 'Acyl carrier protein, mitochondrial'
7 polymer 'NADH dehydrogenase [ubiquinone] 1 alpha subcomplex subunit 5'
8 polymer 'NADH dehydrogenase [ubiquinone] 1 alpha subcomplex subunit 7'
9 polymer 'NADH dehydrogenase ubiquinone 1 alpha subcomplex subunit 9, mitochondrial'
10 polymer 'NADH dehydrogenase [ubiquinone] flavoprotein 3, mitochondrial'
11 polymer 'NADH dehydrogenase [ubiquinone] iron-sulfur protein 4, mitochondrial'
12 polymer 'NADH-ubiquinone oxidoreductase 75 kDa subunit, mitochondrial'
13 polymer 'NADH dehydrogenase [ubiquinone] 1 alpha subcomplex subunit 12'
14 polymer 'NADH dehydrogenase [ubiquinone] flavoprotein 2, mitochondrial'
15 polymer 'NADH dehydrogenase [ubiquinone] iron-sulfur protein 3, mitochondrial'
16 polymer 'NADH dehydrogenase [ubiquinone] iron-sulfur protein 2, mitochondrial'
17 polymer 'NADH dehydrogenase [ubiquinone] iron-sulfur protein 6, mitochondrial'
18 polymer 'NADH dehydrogenase [ubiquinone] 1 alpha subcomplex subunit 13'
19 non-polymer 'IRON/SULFUR CLUSTER'
20 non-polymer 'FLAVIN MONONUCLEOTIDE'
21 non-polymer "(2R,6aS,12aS)-8,9-dimethoxy-2-(prop-1-en-2-yl)-1,2,12,12a-tetrahydrofuro[2',3':7,8][1]benzopyrano[2,3-c][1]benzopyran-6(6aH)-one"
22 non-polymer 'S-[2-({N-[(2R)-2-hydroxy-3,3-dimethyl-4-(phosphonooxy)butanoyl]-beta-alanyl}amino)ethyl] dodecanethioate'
23 non-polymer 1,2-dioleoyl-sn-glycero-3-phosphoethanolamine
24 non-polymer 'NADPH DIHYDRO-NICOTINAMIDE-ADENINE-DINUCLEOTIDE PHOSPHATE'
25 non-polymer 'Coenzyme Q10, (2Z,6E,10Z,14E,18E,22E,26Z)-isomer'
26 non-polymer 'FE2/S2 (INORGANIC) CLUSTER'
27 non-polymer 'MAGNESIUM ION'
28 non-polymer CARDIOLIPIN
29 non-polymer 'ZINC ION'
#
loop_
_entity_poly.entity_id
_entity_poly.type
_entity_poly.pdbx_seq_one_letter_code
_entity_poly.pdbx_strand_id
1 'polypeptide(L)'
;APKKTSFGSLKDEDRIFTNLYGRHDWRLKGAQSRGDWYKTKEILLKGPDWILGEVKTSGLRGRGGAGFPTGLKWSFMNKP
SDGRPKYLVVNADEGEPGTCKDREIIRHDPHKLVEGCLVGGRAMGARAAYIYIRGEFYNEASNLQVAIREAYEAGLIGKN
ACGSGYDFDVFVVRGAGAYICGEETALIESIEGKQGKPRLKPPFPADVGVFGCPTTVANVETVAVSPTICRRGGAWFASF
GRERNSGTKLFNISGHVNHPCTVEEEMSVPLKELIEKHAGGVIGGWDNLLAVIPGGSSTPLIPKSVCETVLMDFDALVQA
QTGLGTAAVIVMDRSTDIVKAIARLIEFYKHESCGQCTPCREGVDWMNKVMARFVKGDARPAEIDSLWEISKQIEGHTIC
ALGDGAAWPVQGLIRHFRPELEERMQQFALQHQ
;
A
2 'polypeptide(L)'
;TYKFVNMREPSMDMKSVTDRAAQTLLWTELVRGLGMTLSYLFREPATINYPFEKGPLSPRFRGEHALRRYPSGEERCIAC
KLCEAVCPAQAITIEAEPRADGSRRTTRYDIDMTKCIYCGFCQEACPVDAIVEGPNFEFSTETHEELLYNKEKLLNNGDK
WEAEIAANIQADYLYR
;
B
3 'polypeptide(L)'
;SRGEYVVAKLDDLVNWARRSSLWPMTFGLACCAVEMMHMAAPRYDMDRFGVVFRASPRQSDVMIVAGTLTNKMAPALRKV
YDQMPEPRYVVSMGSCANGGGYYHYSYSVVRGCDRIVPVDIYVPGCPPTAEALLYGILQLQRKIKREKRLRIWYRR
;
C
4 'polypeptide(L)'
;GTSVKPIFSRDMNEAKRRVRELYRAWYREVPNTVHLFQLDISVKQGRDKVREMFMKNAHVTDPRVVDLLVIKGKMELEET
INVWKQRTHIMRFFHETEAPRPTDFLSKFYVGHDP
;
E
5 'polypeptide(L)'
;LGLREIRIHLCQRSPGSQGVRDFIEKRYVELKKANPDLPILIRECSDVQPKLWARYAFGQEKNVSLNNFSADQVTRTLEN
VLSGKA
;
F
6 'polypeptide(L)'
;SDAPPLTLEAIKDRVLYVLKLYDKIDPEKLSVNSHFMKDLGLDSLDQVEIIMAMEDEFGFEIPDIDAEKLMCPQEIVDYI
ADKKDVYE
;
G
7 'polypeptide(L)'
;LKKTTGLVGLAVCETPHERLKILYTKILDVLGQIPKNAAYRKYTEQITNEKLGMVKAEPDVKKLEEQLQGGQIEEVILQA
ENELSLARKMLRWKPWEPLVEEPPANQWKWPI
;
H
8 'polypeptide(L)'
;ASATRVIQLLRNWASGRDLQAKLQLRYQEISKRTQPPPKLPVGPSHKLSNNYYCTRDGRREAMPPSIVMSSQKVLASGKP
AESSAVAETEKKAVTPAPPIKRWELSKDQPYL
;
I
9 'polypeptide(L)'
;LHHALIPHGKGGRSSVSGIVATVFGATGFLGRYVVNHLGRMGSQVIVPYRCEPYDTMHLRPMGDLGQIIFMEWNGKDKDS
IRKVVEHSNVVINLVGREWETKNFDFEDVFVKIPHAIAQVSKEAGVEKLIHISHLNADIKSPSRYLRSKAVGEKEVRAAF
PEATIIKPSDIFGREDRFLNYFASMRWFGGVPLISLGKETVKQPVYIVDVSKGIINAIKDPDAKGKTFAFVGPNRYLLFD
LVQYIFAVAYRPFLPYPLPHFAYRWVGRLFEVSPFEPWTTRDKVERVHMSDMTLPHLPGLEDLGIQATPLELKAIEVLRR
HRTYRWLTSEMEDVKPAKTVNI
;
J
10 'polypeptide(L)' FDNSTYRNLQHHEYSTYTFLDLNVELSKFRMPQPSSGRQSPRH K
11 'polypeptide(L)'
;QLIAVDEKLDITTLTGVPEEHIKTRKVRIFVPARNNMQSGVNNTKKWKMEFDTRERWENPLMGWSSTADPLSNLVLTFST
KEDAVAFAEKNGWSFDVEERKVPKPKSKSYGANFSWNKRTRVSTK
;
L
12 'polypeptide(L)'
;SNLIEVFVDGQSVMVEPGTTVLQACEKVGMQIPRFCYHERLSVAGNCRMCLVEIEKAPKVVAACAMPVMKGWNILTNSEK
SKKAREGVMEFLLANHPLDCPICDQGGECDLQDQSMMFGSDRSRFLEGKRAVEDKNIGPLVKTIMTRCIQCTRCIRFASE
IAGVDDLGTTGRGNDMQVGTYIEKMFMSELSGNIIDICPVGALTSKPYAFTARPWETRKTESIDVMDAVGSNIVVSTRTG
EVMRILPRMHEDINEEWISDKTRFAYDGLKRQRLTQPMIRNEKGLLTYTTWEDALSRVAGMLQSFQGNDVAAIAGGLVDA
EALVALKDLLNRVDSDSLCTEEVFPTAGAGTDLRSNYLLNTTIAGVEEADVILLVGTNPRFEAPLFNARIRKSWLHNDLK
VALIGSPVDLTYRYDHLGDSPKILQDIASGNHPFSQILKEAKKPMVVLGSSALQRSDGTAILAAVSNIAQNIRLSSGVTG
DWKVMNILHRIASQVAALDLGYKPGVEAIRKNPPKVLFLLGADGGCITRQDLPKDCFIIYQGHHGDVGAPMADVILPGAA
YTEKSATYVNTEGRAQQTKVAVTPPGLAREDWKIIRALSEIAGMTLPYDTLDQVRSRLEEVSPNLVRYDDVEGANYFQQA
NELSKLVNQQLLADPLVPPQLTIKDFYMTDSISRASQTMAKCVKAVTEGI
;
M
13 'polypeptide(L)'
;ELVQVLRRGLQQVSGHGGLRGYLRVLFRANDVRVGTLVGEDKYGNKYYEDNKQFFGRHRWVIYTTEMNGRDTFWDVDGSM
VPPEWHRWLHCMTDDPPTTKPPTARKYIWTNHKFNVSGTPQQYVPYSTTRKKIQEWVPPSTPYK
;
N
14 'polypeptide(L)'
;GAGGALFVHRDTPENNPDTPFDFTPENYKRIEAIVKNYPEGHKAAAVLPVLDLAQRQNGWLPISAMNKVAEILQVPPMRV
YEVATFYTMYNRKPVGKYHIQVCTTTPCMLRNSDSILEAIQKKLGIKVGETTPDKLFTLIEVECLGACVNAPMVQINDNY
YEDLTPKDIEEIIDELKAGKIPKPGPRSGRFSCEPAGGLTSLTEPPKGPGFGVQAGL
;
O
15 'polypeptide(L)'
;TRPTIRPRNDVVHKQLSAFGQYVAEILPKYVQQVQVSCFNELEIFIHPDGVIPVLTFLRDHTNAQFKSLADLTAVDVPTR
QNRFEIVYNLLSLRFNSRIRVKTYTDELTPIESSVTVYKAANWYEREIWDMFGVFFANHPDLRRILTDYGFEGHPFRKDF
PLSGYVELRYDDEVKRVVAEPVELAQEFRKFDLNSPWEAFPAYRQPPE
;
P
16 'polypeptide(L)'
;SNLTLNFGPQHPAAHGVLRLVMELSGEMVRKCDPHIGLLH(2MR)GTEKLIEYKTYLQALPYFDRLDYVSMMCNEQAYSL
AVEKLLNIQPPPRAQWIRVLFGEITRLLNHIMAVTTHALDIGAMTPFFWMFEEREKMFEFYERVSGARMHAAYIRPGGVH
QDLPLGLLDDIYEFSKNFSFRIDELEEMLTNNRIWRNRTVDIGVVTAEDALNYGFSGVMLRGSGIQWDLRKTQPYDVYDQ
VEFDVPIGSRGDCYDRYLCRVEEMRQSLRIISQCLNKMPPGEIKVDDAKVSPPKRAEMKTSMESLIHHFKLYTEGYQVPP
GATYTAIEAPKGEFGVYLVSDGSSRPYRCKIKAPGFAHLAGLDKMSKGHMLADVVAIIGTQDIVFGEVDR
;
Q
17 'polypeptide(L)'
;GVRTSPTGEKVTHTGQAYDDGDYRRVRFSDRQKEVNENFAIDLIAEQPVSEVGSRVISCDGGGGALGHPRVYINLDKETK
TGTCGYCGLQFRQPHH
;
T
18 'polypeptide(L)' ASKVKQDMPPPGGYGPIDYKRNLPRRGLS W
#
# COMPACT_ATOMS: atom_id res chain seq x y z
N ALA A 1 -8.73 -5.73 -81.74
CA ALA A 1 -8.16 -6.91 -81.10
C ALA A 1 -8.31 -6.84 -79.59
N PRO A 2 -8.76 -7.93 -78.98
CA PRO A 2 -8.94 -7.95 -77.53
C PRO A 2 -7.61 -7.96 -76.79
N LYS A 3 -7.69 -7.57 -75.52
CA LYS A 3 -6.55 -7.56 -74.60
C LYS A 3 -5.41 -6.69 -75.14
N LYS A 4 -5.70 -5.39 -75.23
CA LYS A 4 -4.67 -4.41 -75.55
C LYS A 4 -3.56 -4.47 -74.51
N THR A 5 -2.32 -4.45 -74.98
CA THR A 5 -1.17 -4.64 -74.10
C THR A 5 -0.40 -3.35 -73.82
N SER A 6 -0.54 -2.32 -74.65
CA SER A 6 0.16 -1.06 -74.46
C SER A 6 -0.86 0.07 -74.47
N PHE A 7 -0.78 0.96 -73.49
CA PHE A 7 -1.71 2.06 -73.33
C PHE A 7 -0.96 3.39 -73.31
N GLY A 8 -1.72 4.47 -73.42
CA GLY A 8 -1.16 5.80 -73.21
C GLY A 8 -1.14 6.71 -74.42
N SER A 9 -2.11 6.57 -75.30
CA SER A 9 -2.21 7.46 -76.46
C SER A 9 -3.68 7.53 -76.86
N LEU A 10 -4.35 8.61 -76.45
CA LEU A 10 -5.76 8.80 -76.73
C LEU A 10 -5.97 10.16 -77.37
N LYS A 11 -6.98 10.23 -78.23
CA LYS A 11 -7.27 11.45 -78.97
C LYS A 11 -8.22 12.33 -78.17
N ASP A 12 -8.36 13.59 -78.62
CA ASP A 12 -9.24 14.52 -77.93
C ASP A 12 -10.71 14.12 -78.06
N GLU A 13 -11.06 13.28 -79.03
CA GLU A 13 -12.43 12.80 -79.16
C GLU A 13 -12.83 11.86 -78.04
N ASP A 14 -11.86 11.31 -77.30
CA ASP A 14 -12.14 10.41 -76.19
C ASP A 14 -11.83 11.05 -74.84
N ARG A 15 -11.57 12.35 -74.82
CA ARG A 15 -11.27 13.07 -73.59
C ARG A 15 -12.56 13.62 -72.99
N ILE A 16 -12.70 13.48 -71.68
CA ILE A 16 -13.90 13.92 -71.00
C ILE A 16 -13.86 15.43 -70.74
N PHE A 17 -12.79 15.90 -70.11
CA PHE A 17 -12.66 17.31 -69.74
C PHE A 17 -12.03 18.06 -70.91
N THR A 18 -12.88 18.52 -71.82
CA THR A 18 -12.41 19.18 -73.03
C THR A 18 -11.93 20.60 -72.78
N ASN A 19 -12.45 21.25 -71.75
CA ASN A 19 -12.07 22.62 -71.39
C ASN A 19 -11.11 22.62 -70.20
N LEU A 20 -10.21 21.64 -70.15
CA LEU A 20 -9.29 21.52 -69.02
C LEU A 20 -8.43 22.75 -68.84
N TYR A 21 -7.94 23.32 -69.94
CA TYR A 21 -7.02 24.46 -69.88
C TYR A 21 -7.75 25.79 -69.91
N GLY A 22 -9.07 25.79 -69.93
CA GLY A 22 -9.84 27.02 -69.87
C GLY A 22 -9.64 27.94 -71.06
N ARG A 23 -9.45 27.38 -72.24
CA ARG A 23 -9.38 28.17 -73.46
C ARG A 23 -10.75 28.40 -74.08
N HIS A 24 -11.80 27.80 -73.52
CA HIS A 24 -13.16 27.97 -73.99
C HIS A 24 -14.00 28.55 -72.86
N ASP A 25 -15.23 28.93 -73.20
CA ASP A 25 -16.14 29.51 -72.22
C ASP A 25 -16.64 28.42 -71.27
N TRP A 26 -16.61 28.72 -69.97
CA TRP A 26 -17.00 27.76 -68.94
C TRP A 26 -18.45 27.91 -68.51
N ARG A 27 -19.19 28.86 -69.06
CA ARG A 27 -20.57 29.06 -68.65
C ARG A 27 -21.50 28.06 -69.35
N LEU A 28 -22.80 28.30 -69.19
CA LEU A 28 -23.79 27.33 -69.67
C LEU A 28 -23.76 27.19 -71.19
N LYS A 29 -23.60 28.31 -71.91
CA LYS A 29 -23.57 28.24 -73.36
C LYS A 29 -22.41 27.38 -73.86
N GLY A 30 -21.20 27.66 -73.36
CA GLY A 30 -20.05 26.88 -73.77
C GLY A 30 -20.13 25.43 -73.34
N ALA A 31 -20.70 25.17 -72.15
CA ALA A 31 -20.86 23.80 -71.70
C ALA A 31 -21.83 23.02 -72.58
N GLN A 32 -22.96 23.63 -72.94
CA GLN A 32 -23.92 22.96 -73.81
C GLN A 32 -23.35 22.77 -75.20
N SER A 33 -22.54 23.72 -75.69
CA SER A 33 -21.93 23.56 -77.01
C SER A 33 -20.98 22.36 -77.02
N ARG A 34 -20.29 22.11 -75.91
CA ARG A 34 -19.31 21.04 -75.83
C ARG A 34 -19.92 19.71 -75.40
N GLY A 35 -21.22 19.66 -75.12
CA GLY A 35 -21.88 18.40 -74.84
C GLY A 35 -22.42 18.23 -73.44
N ASP A 36 -22.31 19.24 -72.58
CA ASP A 36 -22.86 19.13 -71.24
C ASP A 36 -24.38 19.32 -71.27
N TRP A 37 -25.05 18.75 -70.26
CA TRP A 37 -26.49 18.90 -70.08
C TRP A 37 -27.27 18.43 -71.30
N TYR A 38 -26.82 17.32 -71.89
CA TYR A 38 -27.45 16.77 -73.09
C TYR A 38 -28.01 15.39 -72.75
N LYS A 39 -29.31 15.21 -73.02
CA LYS A 39 -30.04 13.98 -72.69
C LYS A 39 -30.00 13.68 -71.19
N THR A 40 -29.94 14.73 -70.37
CA THR A 40 -29.99 14.52 -68.92
C THR A 40 -31.35 14.01 -68.49
N LYS A 41 -32.42 14.52 -69.10
CA LYS A 41 -33.76 14.06 -68.77
C LYS A 41 -33.93 12.57 -69.05
N GLU A 42 -33.40 12.11 -70.18
CA GLU A 42 -33.48 10.68 -70.50
C GLU A 42 -32.72 9.86 -69.46
N ILE A 43 -31.54 10.31 -69.06
CA ILE A 43 -30.75 9.59 -68.06
C ILE A 43 -31.50 9.52 -66.74
N LEU A 44 -32.10 10.63 -66.32
CA LEU A 44 -32.88 10.63 -65.08
C LEU A 44 -34.07 9.70 -65.17
N LEU A 45 -34.73 9.65 -66.33
CA LEU A 45 -35.89 8.79 -66.48
C LEU A 45 -35.53 7.32 -66.62
N LYS A 46 -34.28 7.00 -66.98
CA LYS A 46 -33.88 5.60 -67.04
C LYS A 46 -33.93 4.95 -65.66
N GLY A 47 -33.76 5.74 -64.61
CA GLY A 47 -33.87 5.23 -63.25
C GLY A 47 -32.52 5.08 -62.58
N PRO A 48 -32.53 4.97 -61.25
CA PRO A 48 -31.26 4.78 -60.54
C PRO A 48 -30.56 3.48 -60.89
N ASP A 49 -31.32 2.40 -61.14
CA ASP A 49 -30.72 1.10 -61.39
C ASP A 49 -29.89 1.12 -62.67
N TRP A 50 -30.39 1.76 -63.72
CA TRP A 50 -29.66 1.81 -64.98
C TRP A 50 -28.38 2.62 -64.84
N ILE A 51 -28.42 3.74 -64.13
CA ILE A 51 -27.22 4.53 -63.90
C ILE A 51 -26.20 3.74 -63.09
N LEU A 52 -26.65 3.04 -62.05
CA LEU A 52 -25.75 2.24 -61.26
C LEU A 52 -25.14 1.11 -62.09
N GLY A 53 -25.92 0.49 -62.96
CA GLY A 53 -25.38 -0.53 -63.83
C GLY A 53 -24.37 0.02 -64.81
N GLU A 54 -24.64 1.21 -65.35
CA GLU A 54 -23.69 1.85 -66.25
C GLU A 54 -22.38 2.16 -65.54
N VAL A 55 -22.45 2.58 -64.28
CA VAL A 55 -21.23 2.85 -63.52
C VAL A 55 -20.49 1.55 -63.21
N LYS A 56 -21.21 0.50 -62.78
CA LYS A 56 -20.57 -0.76 -62.43
C LYS A 56 -19.89 -1.39 -63.64
N THR A 57 -20.56 -1.42 -64.78
CA THR A 57 -19.95 -1.98 -65.98
C THR A 57 -18.83 -1.10 -66.51
N SER A 58 -18.75 0.15 -66.06
CA SER A 58 -17.71 1.08 -66.50
C SER A 58 -16.37 0.82 -65.83
N GLY A 59 -16.34 0.03 -64.75
CA GLY A 59 -15.10 -0.21 -64.04
C GLY A 59 -14.50 1.02 -63.42
N LEU A 60 -15.32 2.02 -63.15
CA LEU A 60 -14.83 3.27 -62.59
C LEU A 60 -14.47 3.09 -61.13
N ARG A 61 -13.27 3.52 -60.76
CA ARG A 61 -12.80 3.48 -59.38
C ARG A 61 -12.66 4.90 -58.85
N GLY A 62 -12.78 5.03 -57.53
CA GLY A 62 -12.71 6.33 -56.90
C GLY A 62 -11.43 7.07 -57.19
N ARG A 63 -11.56 8.33 -57.59
CA ARG A 63 -10.42 9.15 -57.96
C ARG A 63 -9.88 9.98 -56.79
N GLY A 64 -10.43 9.80 -55.59
CA GLY A 64 -10.02 10.60 -54.46
C GLY A 64 -8.73 10.15 -53.81
N GLY A 65 -8.30 8.92 -54.07
CA GLY A 65 -7.07 8.41 -53.48
C GLY A 65 -7.14 6.97 -53.02
N ALA A 66 -8.31 6.54 -52.57
CA ALA A 66 -8.49 5.16 -52.13
C ALA A 66 -8.72 4.19 -53.29
N GLY A 67 -9.32 4.68 -54.37
CA GLY A 67 -9.54 3.84 -55.55
C GLY A 67 -10.53 2.72 -55.35
N PHE A 68 -11.59 2.95 -54.59
CA PHE A 68 -12.62 1.94 -54.44
C PHE A 68 -13.51 1.90 -55.67
N PRO A 69 -14.04 0.72 -56.03
CA PRO A 69 -14.97 0.65 -57.15
C PRO A 69 -16.21 1.50 -56.90
N THR A 70 -16.48 2.41 -57.83
CA THR A 70 -17.49 3.44 -57.61
C THR A 70 -18.91 2.85 -57.62
N GLY A 71 -19.16 1.89 -58.51
CA GLY A 71 -20.51 1.35 -58.62
C GLY A 71 -21.00 0.70 -57.34
N LEU A 72 -20.17 -0.17 -56.75
CA LEU A 72 -20.55 -0.83 -55.50
C LEU A 72 -20.72 0.18 -54.38
N LYS A 73 -19.83 1.16 -54.30
CA LYS A 73 -19.90 2.16 -53.25
C LYS A 73 -21.17 3.00 -53.36
N TRP A 74 -21.54 3.40 -54.58
CA TRP A 74 -22.74 4.20 -54.77
C TRP A 74 -24.00 3.37 -54.58
N SER A 75 -23.93 2.05 -54.84
CA SER A 75 -25.10 1.21 -54.67
C SER A 75 -25.48 1.00 -53.21
N PHE A 76 -24.63 1.43 -52.27
CA PHE A 76 -24.96 1.28 -50.85
C PHE A 76 -26.19 2.09 -50.47
N MET A 77 -26.48 3.16 -51.22
CA MET A 77 -27.65 4.00 -50.96
C MET A 77 -28.83 3.63 -51.85
N ASN A 78 -28.80 2.45 -52.46
CA ASN A 78 -29.93 1.97 -53.24
C ASN A 78 -31.07 1.44 -52.38
N LYS A 79 -30.86 1.35 -51.07
CA LYS A 79 -31.88 0.86 -50.17
C LYS A 79 -33.05 1.85 -50.09
N PRO A 80 -34.24 1.39 -49.72
CA PRO A 80 -35.39 2.30 -49.60
C PRO A 80 -35.21 3.32 -48.49
N SER A 81 -35.99 4.39 -48.54
CA SER A 81 -35.94 5.42 -47.51
C SER A 81 -36.59 4.94 -46.23
N ASP A 82 -36.26 5.60 -45.12
CA ASP A 82 -36.86 5.31 -43.83
C ASP A 82 -37.21 6.58 -43.07
N GLY A 83 -37.53 7.65 -43.78
CA GLY A 83 -37.90 8.90 -43.14
C GLY A 83 -36.85 9.98 -43.25
N ARG A 84 -35.58 9.59 -43.10
CA ARG A 84 -34.49 10.54 -43.23
C ARG A 84 -34.21 10.84 -44.70
N PRO A 85 -33.75 12.05 -45.00
CA PRO A 85 -33.33 12.35 -46.37
C PRO A 85 -31.98 11.72 -46.68
N LYS A 86 -31.61 11.74 -47.96
CA LYS A 86 -30.36 11.17 -48.43
C LYS A 86 -29.55 12.25 -49.13
N TYR A 87 -28.23 12.20 -48.96
CA TYR A 87 -27.37 13.27 -49.43
C TYR A 87 -26.16 12.75 -50.18
N LEU A 88 -25.76 13.51 -51.19
CA LEU A 88 -24.51 13.33 -51.90
C LEU A 88 -23.58 14.49 -51.53
N VAL A 89 -22.33 14.18 -51.25
CA VAL A 89 -21.33 15.19 -50.88
C VAL A 89 -20.17 15.07 -51.85
N VAL A 90 -19.91 16.14 -52.59
CA VAL A 90 -18.82 16.18 -53.56
C VAL A 90 -17.60 16.75 -52.85
N ASN A 91 -16.53 15.97 -52.81
CA ASN A 91 -15.32 16.34 -52.09
C ASN A 91 -14.44 17.21 -52.97
N ALA A 92 -14.43 18.51 -52.71
CA ALA A 92 -13.56 19.44 -53.42
C ALA A 92 -12.56 20.08 -52.48
N ASP A 93 -12.16 19.35 -51.43
CA ASP A 93 -11.16 19.87 -50.51
C ASP A 93 -9.83 20.07 -51.21
N GLU A 94 -9.40 19.05 -51.97
CA GLU A 94 -8.26 19.16 -52.88
C GLU A 94 -7.02 19.65 -52.13
N GLY A 95 -6.59 18.86 -51.16
CA GLY A 95 -5.50 19.27 -50.29
C GLY A 95 -4.23 18.46 -50.39
N GLU A 96 -4.27 17.36 -51.15
CA GLU A 96 -3.11 16.48 -51.27
C GLU A 96 -1.98 17.22 -51.98
N PRO A 97 -0.80 17.33 -51.39
CA PRO A 97 0.30 18.02 -52.07
C PRO A 97 0.66 17.37 -53.40
N GLY A 98 0.91 18.20 -54.40
CA GLY A 98 1.13 17.74 -55.74
C GLY A 98 -0.11 17.55 -56.57
N THR A 99 -1.29 17.65 -55.97
CA THR A 99 -2.56 17.43 -56.64
C THR A 99 -3.26 18.76 -56.86
N CYS A 100 -3.59 19.06 -58.12
CA CYS A 100 -4.29 20.30 -58.45
C CYS A 100 -5.27 20.10 -59.61
N LYS A 101 -5.88 18.92 -59.70
CA LYS A 101 -6.78 18.63 -60.82
C LYS A 101 -8.19 19.15 -60.58
N ASP A 102 -8.74 18.86 -59.39
CA ASP A 102 -10.10 19.27 -59.09
C ASP A 102 -10.25 20.79 -59.10
N ARG A 103 -9.20 21.53 -58.77
CA ARG A 103 -9.27 22.99 -58.88
C ARG A 103 -9.55 23.40 -60.31
N GLU A 104 -8.85 22.79 -61.26
CA GLU A 104 -9.08 23.10 -62.67
C GLU A 104 -10.47 22.66 -63.10
N ILE A 105 -10.95 21.52 -62.60
CA ILE A 105 -12.29 21.08 -62.92
C ILE A 105 -13.32 22.10 -62.45
N ILE A 106 -13.17 22.60 -61.22
CA ILE A 106 -14.12 23.57 -60.69
C ILE A 106 -14.06 24.87 -61.49
N ARG A 107 -12.86 25.38 -61.74
CA ARG A 107 -12.73 26.69 -62.35
C ARG A 107 -13.06 26.69 -63.82
N HIS A 108 -12.96 25.55 -64.51
CA HIS A 108 -13.13 25.53 -65.96
C HIS A 108 -14.25 24.63 -66.46
N ASP A 109 -14.63 23.59 -65.72
CA ASP A 109 -15.74 22.70 -66.10
C ASP A 109 -16.71 22.58 -64.94
N PRO A 110 -17.40 23.68 -64.58
CA PRO A 110 -18.32 23.60 -63.43
C PRO A 110 -19.64 22.92 -63.77
N HIS A 111 -20.11 23.13 -65.01
CA HIS A 111 -21.38 22.54 -65.40
C HIS A 111 -21.28 21.02 -65.52
N LYS A 112 -20.11 20.51 -65.89
CA LYS A 112 -19.89 19.07 -65.84
C LYS A 112 -20.07 18.56 -64.41
N LEU A 113 -19.51 19.27 -63.43
CA LEU A 113 -19.67 18.85 -62.05
C LEU A 113 -21.12 18.91 -61.60
N VAL A 114 -21.85 19.97 -61.98
CA VAL A 114 -23.24 20.10 -61.56
C VAL A 114 -24.08 18.99 -62.16
N GLU A 115 -23.91 18.72 -63.45
CA GLU A 115 -24.66 17.64 -64.08
C GLU A 115 -24.28 16.30 -63.49
N GLY A 116 -23.00 16.10 -63.19
CA GLY A 116 -22.57 14.85 -62.59
C GLY A 116 -23.16 14.63 -61.20
N CYS A 117 -23.21 15.67 -60.39
CA CYS A 117 -23.78 15.50 -59.05
C CYS A 117 -25.29 15.33 -59.13
N LEU A 118 -25.96 15.96 -60.10
CA LEU A 118 -27.38 15.68 -60.31
C LEU A 118 -27.60 14.22 -60.67
N VAL A 119 -26.82 13.70 -61.62
CA VAL A 119 -26.97 12.32 -62.05
C VAL A 119 -26.66 11.35 -60.90
N GLY A 120 -25.60 11.63 -60.16
CA GLY A 120 -25.26 10.77 -59.04
C GLY A 120 -26.30 10.78 -57.93
N GLY A 121 -26.82 11.96 -57.60
CA GLY A 121 -27.88 12.04 -56.62
C GLY A 121 -29.14 11.32 -57.05
N ARG A 122 -29.47 11.41 -58.34
CA ARG A 122 -30.60 10.64 -58.86
C ARG A 122 -30.34 9.15 -58.74
N ALA A 123 -29.11 8.72 -59.04
CA ALA A 123 -28.77 7.30 -58.97
C ALA A 123 -28.88 6.78 -57.54
N MET A 124 -28.56 7.61 -56.56
CA MET A 124 -28.59 7.22 -55.17
C MET A 124 -29.83 7.70 -54.44
N GLY A 125 -30.79 8.27 -55.15
CA GLY A 125 -31.99 8.79 -54.51
C GLY A 125 -31.73 9.93 -53.55
N ALA A 126 -30.69 10.72 -53.82
CA ALA A 126 -30.35 11.83 -52.95
C ALA A 126 -31.32 13.00 -53.15
N ARG A 127 -31.48 13.80 -52.10
CA ARG A 127 -32.34 14.96 -52.11
C ARG A 127 -31.59 16.24 -52.47
N ALA A 128 -30.33 16.34 -52.06
CA ALA A 128 -29.52 17.52 -52.34
C ALA A 128 -28.07 17.09 -52.42
N ALA A 129 -27.25 17.97 -53.00
CA ALA A 129 -25.81 17.76 -53.10
C ALA A 129 -25.10 18.91 -52.41
N TYR A 130 -24.19 18.57 -51.50
CA TYR A 130 -23.34 19.54 -50.82
C TYR A 130 -21.93 19.43 -51.39
N ILE A 131 -21.46 20.50 -52.03
CA ILE A 131 -20.11 20.54 -52.59
C ILE A 131 -19.24 21.26 -51.58
N TYR A 132 -18.41 20.50 -50.88
CA TYR A 132 -17.47 21.06 -49.89
C TYR A 132 -16.20 21.45 -50.63
N ILE A 133 -15.98 22.74 -50.80
CA ILE A 133 -14.85 23.24 -51.56
C ILE A 133 -13.83 23.84 -50.61
N ARG A 134 -12.56 23.76 -51.00
CA ARG A 134 -11.49 24.38 -50.25
C ARG A 134 -11.74 25.87 -50.08
N GLY A 135 -11.54 26.37 -48.86
CA GLY A 135 -11.75 27.78 -48.61
C GLY A 135 -10.74 28.68 -49.30
N GLU A 136 -9.57 28.14 -49.66
CA GLU A 136 -8.61 28.91 -50.42
C GLU A 136 -9.05 29.13 -51.86
N PHE A 137 -9.88 28.22 -52.39
CA PHE A 137 -10.42 28.35 -53.74
C PHE A 137 -11.65 29.25 -53.69
N TYR A 138 -11.40 30.55 -53.59
CA TYR A 138 -12.52 31.50 -53.53
C TYR A 138 -13.08 31.78 -54.93
N ASN A 139 -12.19 32.06 -55.88
CA ASN A 139 -12.64 32.32 -57.25
C ASN A 139 -13.27 31.07 -57.87
N GLU A 140 -12.71 29.89 -57.59
CA GLU A 140 -13.30 28.66 -58.08
C GLU A 140 -14.69 28.45 -57.50
N ALA A 141 -14.87 28.74 -56.21
CA ALA A 141 -16.18 28.61 -55.59
C ALA A 141 -17.16 29.61 -56.19
N SER A 142 -16.70 30.83 -56.48
CA SER A 142 -17.59 31.81 -57.11
C SER A 142 -17.98 31.40 -58.52
N ASN A 143 -17.06 30.83 -59.28
CA ASN A 143 -17.40 30.30 -60.60
C ASN A 143 -18.42 29.18 -60.48
N LEU A 144 -18.24 28.29 -59.50
CA LEU A 144 -19.20 27.23 -59.28
C LEU A 144 -20.57 27.79 -58.93
N GLN A 145 -20.61 28.83 -58.09
CA GLN A 145 -21.89 29.44 -57.73
C GLN A 145 -22.56 30.08 -58.93
N VAL A 146 -21.79 30.74 -59.80
CA VAL A 146 -22.35 31.33 -61.00
C VAL A 146 -22.94 30.24 -61.90
N ALA A 147 -22.20 29.14 -62.06
CA ALA A 147 -22.71 28.03 -62.87
C ALA A 147 -23.99 27.45 -62.27
N ILE A 148 -24.04 27.33 -60.95
CA ILE A 148 -25.23 26.81 -60.30
C ILE A 148 -26.40 27.77 -60.49
N ARG A 149 -26.12 29.08 -60.45
CA ARG A 149 -27.17 30.06 -60.65
C ARG A 149 -27.75 29.96 -62.06
N GLU A 150 -26.88 29.86 -63.06
CA GLU A 150 -27.39 29.77 -64.43
C GLU A 150 -27.97 28.40 -64.75
N ALA A 151 -27.67 27.38 -63.96
CA ALA A 151 -28.38 26.11 -64.08
C ALA A 151 -29.76 26.19 -63.44
N TYR A 152 -29.87 26.89 -62.31
CA TYR A 152 -31.17 27.11 -61.70
C TYR A 152 -32.08 27.93 -62.60
N GLU A 153 -31.53 28.97 -63.22
CA GLU A 153 -32.32 29.82 -64.12
C GLU A 153 -32.76 29.09 -65.37
N ALA A 154 -32.04 28.05 -65.78
CA ALA A 154 -32.38 27.29 -66.96
C ALA A 154 -33.21 26.04 -66.65
N GLY A 155 -33.57 25.84 -65.39
CA GLY A 155 -34.38 24.69 -65.03
C GLY A 155 -33.67 23.37 -65.09
N LEU A 156 -32.34 23.36 -65.00
CA LEU A 156 -31.57 22.12 -65.04
C LEU A 156 -31.42 21.48 -63.66
N ILE A 157 -31.58 22.25 -62.60
CA ILE A 157 -31.62 21.75 -61.24
C ILE A 157 -32.74 22.48 -60.49
N GLY A 158 -33.04 22.00 -59.29
CA GLY A 158 -34.08 22.61 -58.48
C GLY A 158 -35.41 21.90 -58.65
N LYS A 159 -36.48 22.68 -58.77
CA LYS A 159 -37.83 22.13 -58.84
C LYS A 159 -37.99 21.38 -60.16
N ASN A 160 -38.07 20.05 -60.06
CA ASN A 160 -38.31 19.12 -61.16
C ASN A 160 -37.09 18.97 -62.06
N ALA A 161 -36.16 19.93 -61.99
CA ALA A 161 -34.79 19.81 -62.50
C ALA A 161 -34.74 19.55 -64.01
N CYS A 162 -35.88 19.22 -64.59
CA CYS A 162 -36.08 18.82 -65.98
C CYS A 162 -37.59 18.68 -66.16
N GLY A 163 -38.00 18.09 -67.28
CA GLY A 163 -39.35 17.56 -67.35
C GLY A 163 -39.41 16.17 -66.76
N SER A 164 -38.59 15.90 -65.74
CA SER A 164 -38.38 14.55 -65.24
C SER A 164 -39.20 14.20 -64.00
N GLY A 165 -39.45 15.14 -63.12
CA GLY A 165 -40.16 14.86 -61.88
C GLY A 165 -39.29 14.71 -60.64
N TYR A 166 -38.00 15.02 -60.73
CA TYR A 166 -37.07 14.84 -59.63
C TYR A 166 -36.60 16.21 -59.14
N ASP A 167 -36.64 16.40 -57.82
CA ASP A 167 -36.21 17.65 -57.21
C ASP A 167 -34.81 17.49 -56.63
N PHE A 168 -33.93 18.43 -56.94
CA PHE A 168 -32.53 18.31 -56.54
C PHE A 168 -31.94 19.70 -56.31
N ASP A 169 -31.31 19.87 -55.15
CA ASP A 169 -30.65 21.12 -54.80
C ASP A 169 -29.15 20.92 -54.72
N VAL A 170 -28.41 21.95 -55.07
CA VAL A 170 -26.94 21.92 -55.06
C VAL A 170 -26.47 23.09 -54.19
N PHE A 171 -25.84 22.77 -53.07
CA PHE A 171 -25.28 23.76 -52.16
C PHE A 171 -23.76 23.68 -52.19
N VAL A 172 -23.11 24.84 -52.02
CA VAL A 172 -21.66 24.93 -51.95
C VAL A 172 -21.29 25.46 -50.57
N VAL A 173 -20.50 24.70 -49.84
CA VAL A 173 -20.00 25.08 -48.53
C VAL A 173 -18.48 25.11 -48.59
N ARG A 174 -17.89 26.17 -48.06
CA ARG A 174 -16.45 26.37 -48.09
C ARG A 174 -15.83 26.03 -46.75
N GLY A 175 -14.71 25.31 -46.78
CA GLY A 175 -13.96 25.03 -45.59
C GLY A 175 -13.09 26.20 -45.19
N ALA A 176 -12.32 26.00 -44.12
CA ALA A 176 -11.39 27.02 -43.63
C ALA A 176 -10.03 26.40 -43.34
N GLY A 177 -9.22 26.24 -44.38
CA GLY A 177 -7.84 25.80 -44.22
C GLY A 177 -7.63 24.56 -43.37
N ALA A 178 -8.04 23.39 -43.86
CA ALA A 178 -7.84 22.15 -43.13
C ALA A 178 -7.76 21.01 -44.13
N TYR A 179 -6.56 20.42 -44.26
CA TYR A 179 -6.38 19.30 -45.17
C TYR A 179 -7.10 18.05 -44.67
N ILE A 180 -7.20 17.88 -43.36
CA ILE A 180 -7.89 16.72 -42.79
C ILE A 180 -9.35 16.71 -43.22
N CYS A 181 -9.92 17.87 -43.52
CA CYS A 181 -11.30 17.93 -43.98
C CYS A 181 -11.50 17.27 -45.33
N GLY A 182 -10.42 16.87 -46.01
CA GLY A 182 -10.58 16.03 -47.19
C GLY A 182 -11.12 14.65 -46.85
N GLU A 183 -10.75 14.10 -45.70
CA GLU A 183 -11.28 12.82 -45.25
C GLU A 183 -12.80 12.89 -45.17
N GLU A 184 -13.46 11.83 -45.64
CA GLU A 184 -14.91 11.90 -45.86
C GLU A 184 -15.67 12.13 -44.56
N THR A 185 -15.29 11.43 -43.49
CA THR A 185 -15.97 11.63 -42.21
C THR A 185 -15.59 12.97 -41.59
N ALA A 186 -14.33 13.37 -41.71
CA ALA A 186 -13.92 14.70 -41.27
C ALA A 186 -14.64 15.78 -42.08
N LEU A 187 -14.81 15.55 -43.37
CA LEU A 187 -15.58 16.48 -44.19
C LEU A 187 -17.02 16.56 -43.70
N ILE A 188 -17.62 15.42 -43.39
CA ILE A 188 -19.00 15.42 -42.89
C ILE A 188 -19.10 16.22 -41.61
N GLU A 189 -18.15 16.01 -40.68
CA GLU A 189 -18.18 16.77 -39.44
C GLU A 189 -17.96 18.25 -39.67
N SER A 190 -17.15 18.60 -40.67
CA SER A 190 -16.89 19.99 -41.00
C SER A 190 -18.15 20.71 -41.50
N ILE A 191 -18.95 20.01 -42.30
CA ILE A 191 -20.20 20.53 -42.86
C ILE A 191 -21.22 20.85 -41.79
N GLU A 192 -21.24 20.04 -40.75
CA GLU A 192 -22.19 20.17 -39.64
C GLU A 192 -21.84 21.26 -38.65
N GLY A 193 -20.74 21.96 -38.87
CA GLY A 193 -20.30 22.99 -37.95
C GLY A 193 -19.52 22.50 -36.75
N LYS A 194 -18.60 21.55 -36.97
CA LYS A 194 -17.75 21.02 -35.92
C LYS A 194 -16.30 21.04 -36.39
N GLN A 195 -15.39 20.68 -35.50
CA GLN A 195 -14.00 20.53 -35.89
C GLN A 195 -13.85 19.40 -36.91
N GLY A 196 -12.93 19.57 -37.84
CA GLY A 196 -12.73 18.59 -38.88
C GLY A 196 -12.03 17.34 -38.39
N LYS A 197 -12.72 16.55 -37.57
CA LYS A 197 -12.17 15.34 -37.01
C LYS A 197 -12.94 14.13 -37.53
N PRO A 198 -12.25 13.12 -38.05
CA PRO A 198 -12.95 11.97 -38.62
C PRO A 198 -13.69 11.15 -37.58
N ARG A 199 -14.74 10.46 -38.02
CA ARG A 199 -15.46 9.53 -37.18
C ARG A 199 -14.90 8.12 -37.33
N LEU A 200 -15.27 7.26 -36.38
CA LEU A 200 -14.97 5.85 -36.49
C LEU A 200 -15.98 5.17 -37.40
N LYS A 201 -15.58 4.04 -37.96
CA LYS A 201 -16.45 3.26 -38.83
C LYS A 201 -16.39 1.80 -38.39
N PRO A 202 -17.54 1.15 -38.13
CA PRO A 202 -18.93 1.61 -38.26
C PRO A 202 -19.31 2.68 -37.23
N PRO A 203 -20.36 3.47 -37.52
CA PRO A 203 -21.24 3.40 -38.69
C PRO A 203 -20.60 3.95 -39.96
N PHE A 204 -21.06 3.50 -41.07
CA PHE A 204 -20.55 4.01 -42.33
C PHE A 204 -21.45 5.12 -42.85
N PRO A 205 -20.89 6.05 -43.64
CA PRO A 205 -21.71 7.19 -44.10
C PRO A 205 -22.94 6.78 -44.89
N ALA A 206 -22.93 5.61 -45.52
CA ALA A 206 -24.11 5.12 -46.20
C ALA A 206 -25.27 4.84 -45.25
N ASP A 207 -25.00 4.75 -43.95
CA ASP A 207 -26.03 4.56 -42.93
C ASP A 207 -26.24 5.80 -42.08
N VAL A 208 -25.16 6.31 -41.48
CA VAL A 208 -25.20 7.55 -40.71
C VAL A 208 -24.14 8.47 -41.29
N GLY A 209 -24.56 9.57 -41.91
CA GLY A 209 -23.62 10.46 -42.54
C GLY A 209 -23.78 11.91 -42.10
N VAL A 210 -23.92 12.82 -43.05
CA VAL A 210 -24.10 14.23 -42.71
C VAL A 210 -25.49 14.41 -42.11
N PHE A 211 -25.56 15.13 -40.99
CA PHE A 211 -26.76 15.29 -40.18
C PHE A 211 -27.32 13.96 -39.69
N GLY A 212 -26.53 12.89 -39.73
CA GLY A 212 -27.00 11.58 -39.35
C GLY A 212 -27.81 10.84 -40.39
N CYS A 213 -27.82 11.32 -41.62
CA CYS A 213 -28.62 10.77 -42.71
C CYS A 213 -27.76 9.93 -43.64
N PRO A 214 -28.36 9.06 -44.45
CA PRO A 214 -27.59 8.33 -45.46
C PRO A 214 -26.90 9.27 -46.43
N THR A 215 -25.58 9.15 -46.53
CA THR A 215 -24.75 10.07 -47.28
C THR A 215 -23.68 9.32 -48.04
N THR A 216 -23.35 9.82 -49.23
CA THR A 216 -22.31 9.22 -50.05
C THR A 216 -21.30 10.30 -50.40
N VAL A 217 -20.05 10.09 -50.05
CA VAL A 217 -19.01 11.07 -50.35
C VAL A 217 -18.20 10.63 -51.54
N ALA A 218 -18.10 11.49 -52.54
CA ALA A 218 -17.34 11.19 -53.74
C ALA A 218 -16.45 12.32 -54.17
N ASN A 219 -15.39 11.98 -54.91
CA ASN A 219 -14.42 12.94 -55.41
C ASN A 219 -15.03 13.76 -56.55
N VAL A 220 -14.50 14.95 -56.79
CA VAL A 220 -15.00 15.81 -57.84
C VAL A 220 -14.83 15.16 -59.21
N GLU A 221 -13.71 14.49 -59.44
CA GLU A 221 -13.49 13.86 -60.75
C GLU A 221 -14.38 12.64 -60.93
N THR A 222 -14.59 11.86 -59.87
CA THR A 222 -15.47 10.71 -59.95
C THR A 222 -16.89 11.15 -60.31
N VAL A 223 -17.36 12.24 -59.72
CA VAL A 223 -18.70 12.74 -59.98
C VAL A 223 -18.79 13.32 -61.39
N ALA A 224 -17.75 14.03 -61.84
CA ALA A 224 -17.84 14.78 -63.08
C ALA A 224 -17.81 13.88 -64.30
N VAL A 225 -17.17 12.71 -64.19
CA VAL A 225 -17.10 11.82 -65.34
C VAL A 225 -18.36 10.96 -65.46
N SER A 226 -19.18 10.94 -64.42
CA SER A 226 -20.34 10.08 -64.38
C SER A 226 -21.37 10.36 -65.49
N PRO A 227 -21.75 11.61 -65.77
CA PRO A 227 -22.74 11.81 -66.85
C PRO A 227 -22.21 11.44 -68.22
N THR A 228 -20.91 11.67 -68.48
CA THR A 228 -20.33 11.23 -69.75
C THR A 228 -20.31 9.71 -69.84
N ILE A 229 -20.10 9.03 -68.71
CA ILE A 229 -20.18 7.58 -68.70
C ILE A 229 -21.59 7.11 -69.02
N CYS A 230 -22.59 7.75 -68.40
CA CYS A 230 -23.97 7.37 -68.68
C CYS A 230 -24.40 7.72 -70.10
N ARG A 231 -23.76 8.69 -70.74
CA ARG A 231 -24.09 9.04 -72.11
C ARG A 231 -23.41 8.10 -73.11
N ARG A 232 -22.08 8.03 -73.06
CA ARG A 232 -21.34 7.17 -73.99
C ARG A 232 -21.43 5.69 -73.63
N GLY A 233 -21.85 5.37 -72.42
CA GLY A 233 -21.92 3.99 -71.99
C GLY A 233 -20.68 3.58 -71.19
N GLY A 234 -20.87 2.58 -70.34
CA GLY A 234 -19.77 2.07 -69.54
C GLY A 234 -18.77 1.24 -70.32
N ALA A 235 -19.19 0.68 -71.46
CA ALA A 235 -18.28 -0.10 -72.29
C ALA A 235 -17.21 0.79 -72.90
N TRP A 236 -17.57 2.02 -73.30
CA TRP A 236 -16.59 2.94 -73.85
C TRP A 236 -15.55 3.31 -72.81
N PHE A 237 -15.98 3.57 -71.58
CA PHE A 237 -15.03 3.91 -70.51
C PHE A 237 -14.17 2.72 -70.16
N ALA A 238 -14.75 1.51 -70.14
CA ALA A 238 -13.97 0.32 -69.82
C ALA A 238 -13.00 -0.06 -70.93
N SER A 239 -13.13 0.57 -72.11
CA SER A 239 -12.22 0.27 -73.22
C SER A 239 -10.80 0.74 -72.96
N PHE A 240 -10.60 1.71 -72.08
CA PHE A 240 -9.28 2.27 -71.80
C PHE A 240 -8.70 1.65 -70.54
N GLY A 241 -7.37 1.54 -70.51
CA GLY A 241 -6.69 1.00 -69.36
C GLY A 241 -6.77 -0.51 -69.30
N ARG A 242 -6.19 -1.05 -68.23
CA ARG A 242 -6.16 -2.49 -68.01
C ARG A 242 -7.45 -2.95 -67.36
N GLU A 243 -7.56 -4.26 -67.14
CA GLU A 243 -8.69 -4.81 -66.42
C GLU A 243 -8.65 -4.36 -64.96
N ARG A 244 -9.82 -3.98 -64.43
CA ARG A 244 -9.99 -3.41 -63.10
C ARG A 244 -9.28 -2.07 -62.93
N ASN A 245 -8.74 -1.51 -64.01
CA ASN A 245 -8.08 -0.21 -64.00
C ASN A 245 -8.58 0.59 -65.20
N SER A 246 -9.89 0.62 -65.38
CA SER A 246 -10.49 1.15 -66.59
C SER A 246 -10.53 2.68 -66.57
N GLY A 247 -10.72 3.25 -67.75
CA GLY A 247 -11.02 4.66 -67.88
C GLY A 247 -9.81 5.53 -68.15
N THR A 248 -10.03 6.83 -67.99
CA THR A 248 -9.00 7.85 -68.16
C THR A 248 -8.79 8.57 -66.82
N LYS A 249 -7.70 9.32 -66.74
CA LYS A 249 -7.31 9.95 -65.49
C LYS A 249 -6.64 11.29 -65.79
N LEU A 250 -6.81 12.23 -64.87
CA LEU A 250 -6.10 13.50 -64.91
C LEU A 250 -4.81 13.37 -64.12
N PHE A 251 -3.69 13.59 -64.79
CA PHE A 251 -2.37 13.50 -64.18
C PHE A 251 -1.80 14.90 -64.02
N ASN A 252 -1.33 15.20 -62.80
CA ASN A 252 -0.64 16.45 -62.51
C ASN A 252 0.84 16.16 -62.36
N ILE A 253 1.64 16.56 -63.34
CA ILE A 253 3.08 16.36 -63.32
C ILE A 253 3.73 17.66 -62.85
N SER A 254 4.41 17.59 -61.70
CA SER A 254 5.07 18.75 -61.13
C SER A 254 6.43 18.32 -60.60
N GLY A 255 7.21 19.32 -60.16
CA GLY A 255 8.53 19.04 -59.65
C GLY A 255 9.62 19.39 -60.66
N HIS A 256 10.62 18.53 -60.78
CA HIS A 256 11.76 18.79 -61.66
C HIS A 256 11.47 18.25 -63.05
N VAL A 257 10.56 18.96 -63.74
CA VAL A 257 10.25 18.69 -65.14
C VAL A 257 10.30 20.03 -65.88
N ASN A 258 10.51 19.96 -67.19
CA ASN A 258 10.61 21.17 -67.99
C ASN A 258 9.27 21.91 -68.05
N HIS A 259 8.18 21.18 -68.22
CA HIS A 259 6.84 21.78 -68.37
C HIS A 259 5.88 21.09 -67.42
N PRO A 260 5.88 21.48 -66.14
CA PRO A 260 4.86 20.98 -65.22
C PRO A 260 3.47 21.40 -65.68
N CYS A 261 2.51 20.49 -65.58
CA CYS A 261 1.18 20.74 -66.13
C CYS A 261 0.23 19.66 -65.61
N THR A 262 -0.99 19.68 -66.12
CA THR A 262 -1.95 18.61 -65.91
C THR A 262 -2.54 18.22 -67.25
N VAL A 263 -2.71 16.92 -67.46
CA VAL A 263 -3.20 16.37 -68.71
C VAL A 263 -4.22 15.28 -68.40
N GLU A 264 -4.91 14.83 -69.43
CA GLU A 264 -5.79 13.67 -69.36
C GLU A 264 -5.18 12.56 -70.19
N GLU A 265 -5.12 11.35 -69.61
CA GLU A 265 -4.44 10.25 -70.28
C GLU A 265 -5.10 8.95 -69.86
N GLU A 266 -4.83 7.89 -70.63
CA GLU A 266 -5.34 6.58 -70.28
C GLU A 266 -4.75 6.12 -68.94
N MET A 267 -5.40 5.12 -68.35
CA MET A 267 -5.10 4.75 -66.97
C MET A 267 -3.68 4.21 -66.82
N SER A 268 -3.39 3.08 -67.48
CA SER A 268 -2.14 2.36 -67.25
C SER A 268 -1.03 2.81 -68.19
N VAL A 269 -1.02 4.08 -68.58
CA VAL A 269 0.09 4.63 -69.36
C VAL A 269 1.39 4.49 -68.57
N PRO A 270 2.51 4.11 -69.19
CA PRO A 270 3.77 4.09 -68.46
C PRO A 270 4.17 5.48 -67.97
N LEU A 271 4.78 5.51 -66.79
CA LEU A 271 5.15 6.79 -66.19
C LEU A 271 6.21 7.51 -67.00
N LYS A 272 7.18 6.77 -67.55
CA LYS A 272 8.23 7.38 -68.36
C LYS A 272 7.64 8.04 -69.60
N GLU A 273 6.71 7.35 -70.27
CA GLU A 273 6.10 7.92 -71.46
C GLU A 273 5.30 9.18 -71.13
N LEU A 274 4.55 9.15 -70.02
CA LEU A 274 3.82 10.34 -69.61
C LEU A 274 4.74 11.52 -69.34
N ILE A 275 5.81 11.28 -68.57
CA ILE A 275 6.74 12.35 -68.21
C ILE A 275 7.41 12.91 -69.45
N GLU A 276 7.85 12.04 -70.36
CA GLU A 276 8.61 12.50 -71.52
C GLU A 276 7.73 13.00 -72.65
N LYS A 277 6.42 12.75 -72.59
CA LYS A 277 5.53 13.21 -73.66
C LYS A 277 4.77 14.48 -73.29
N HIS A 278 4.25 14.54 -72.07
CA HIS A 278 3.40 15.68 -71.72
C HIS A 278 4.13 16.72 -70.88
N ALA A 279 5.07 16.30 -70.05
CA ALA A 279 5.77 17.23 -69.17
C ALA A 279 7.04 17.80 -69.77
N GLY A 280 7.42 17.38 -70.98
CA GLY A 280 8.64 17.85 -71.58
C GLY A 280 9.89 17.13 -71.09
N GLY A 281 9.74 16.10 -70.27
CA GLY A 281 10.87 15.35 -69.77
C GLY A 281 11.44 15.92 -68.48
N VAL A 282 12.28 15.11 -67.84
CA VAL A 282 12.93 15.51 -66.61
C VAL A 282 13.96 16.60 -66.91
N ILE A 283 14.16 17.50 -65.95
CA ILE A 283 15.16 18.56 -66.10
C ILE A 283 16.54 17.91 -66.16
N GLY A 284 17.22 18.07 -67.29
CA GLY A 284 18.52 17.47 -67.48
C GLY A 284 18.51 16.08 -68.09
N GLY A 285 17.39 15.65 -68.67
CA GLY A 285 17.29 14.34 -69.27
C GLY A 285 16.85 13.28 -68.29
N TRP A 286 16.56 12.09 -68.85
CA TRP A 286 16.13 10.98 -68.02
C TRP A 286 17.24 10.49 -67.10
N ASP A 287 18.49 10.59 -67.53
CA ASP A 287 19.61 10.18 -66.70
C ASP A 287 19.74 11.03 -65.44
N ASN A 288 19.12 12.22 -65.42
CA ASN A 288 19.15 13.09 -64.25
C ASN A 288 18.06 12.77 -63.24
N LEU A 289 17.16 11.82 -63.54
CA LEU A 289 16.09 11.50 -62.62
C LEU A 289 16.64 10.81 -61.37
N LEU A 290 16.06 11.16 -60.22
CA LEU A 290 16.39 10.50 -58.96
C LEU A 290 15.21 9.70 -58.43
N ALA A 291 14.04 10.33 -58.27
CA ALA A 291 12.89 9.64 -57.71
C ALA A 291 11.62 10.30 -58.20
N VAL A 292 10.51 9.56 -58.09
CA VAL A 292 9.20 10.05 -58.45
C VAL A 292 8.22 9.64 -57.36
N ILE A 293 7.48 10.61 -56.85
CA ILE A 293 6.33 10.34 -55.99
C ILE A 293 5.13 10.20 -56.92
N PRO A 294 4.58 9.01 -57.07
CA PRO A 294 3.64 8.79 -58.19
C PRO A 294 2.26 9.41 -57.98
N GLY A 295 1.75 9.43 -56.76
CA GLY A 295 0.37 9.84 -56.58
C GLY A 295 0.09 10.76 -55.40
N GLY A 296 1.02 11.66 -55.11
CA GLY A 296 0.87 12.58 -54.00
C GLY A 296 1.68 12.16 -52.80
N SER A 297 1.74 13.06 -51.81
CA SER A 297 2.61 12.87 -50.67
C SER A 297 2.23 11.65 -49.84
N SER A 298 1.03 11.12 -50.00
CA SER A 298 0.59 9.96 -49.22
C SER A 298 1.11 8.65 -49.77
N THR A 299 1.78 8.65 -50.92
CA THR A 299 2.28 7.41 -51.50
C THR A 299 3.81 7.36 -51.41
N PRO A 300 4.37 6.20 -51.12
CA PRO A 300 5.84 6.10 -51.03
C PRO A 300 6.50 6.39 -52.37
N LEU A 301 7.69 6.97 -52.30
CA LEU A 301 8.45 7.27 -53.50
C LEU A 301 8.98 5.99 -54.13
N ILE A 302 9.41 6.10 -55.38
CA ILE A 302 10.07 4.99 -56.06
C ILE A 302 11.35 5.53 -56.70
N PRO A 303 12.41 4.74 -56.79
CA PRO A 303 13.66 5.21 -57.41
C PRO A 303 13.59 5.12 -58.93
N LYS A 304 14.61 5.71 -59.57
CA LYS A 304 14.64 5.76 -61.02
C LYS A 304 14.65 4.37 -61.65
N SER A 305 15.24 3.39 -60.97
CA SER A 305 15.32 2.04 -61.51
C SER A 305 13.94 1.39 -61.66
N VAL A 306 12.92 1.93 -61.01
CA VAL A 306 11.58 1.38 -61.10
C VAL A 306 10.67 2.20 -62.02
N CYS A 307 10.94 3.49 -62.17
CA CYS A 307 10.05 4.35 -62.97
C CYS A 307 10.16 4.07 -64.46
N GLU A 308 11.13 3.28 -64.90
CA GLU A 308 11.35 3.08 -66.32
C GLU A 308 10.44 2.01 -66.93
N THR A 309 9.73 1.23 -66.10
CA THR A 309 8.90 0.15 -66.63
C THR A 309 7.55 0.05 -65.92
N VAL A 310 7.15 1.06 -65.15
CA VAL A 310 5.96 1.00 -64.32
C VAL A 310 4.82 1.69 -65.04
N LEU A 311 3.63 1.10 -64.95
CA LEU A 311 2.41 1.68 -65.49
C LEU A 311 1.68 2.45 -64.40
N MET A 312 1.00 3.52 -64.81
CA MET A 312 0.38 4.44 -63.85
C MET A 312 -1.06 4.05 -63.53
N ASP A 313 -1.27 2.81 -63.10
CA ASP A 313 -2.58 2.35 -62.67
C ASP A 313 -2.49 1.83 -61.24
N PHE A 314 -3.64 1.43 -60.70
CA PHE A 314 -3.70 1.03 -59.29
C PHE A 314 -2.86 -0.22 -59.04
N ASP A 315 -3.08 -1.27 -59.82
CA ASP A 315 -2.43 -2.56 -59.54
C ASP A 315 -0.94 -2.49 -59.81
N ALA A 316 -0.53 -1.83 -60.89
CA ALA A 316 0.90 -1.76 -61.21
C ALA A 316 1.66 -1.01 -60.13
N LEU A 317 1.11 0.09 -59.64
CA LEU A 317 1.79 0.86 -58.60
C LEU A 317 1.70 0.19 -57.24
N VAL A 318 0.65 -0.61 -57.00
CA VAL A 318 0.62 -1.41 -55.79
C VAL A 318 1.72 -2.47 -55.81
N GLN A 319 1.90 -3.13 -56.95
CA GLN A 319 3.00 -4.07 -57.09
C GLN A 319 4.36 -3.40 -57.01
N ALA A 320 4.45 -2.11 -57.36
CA ALA A 320 5.65 -1.34 -57.19
C ALA A 320 5.83 -0.82 -55.77
N GLN A 321 4.96 -1.25 -54.85
CA GLN A 321 5.00 -0.95 -53.42
C GLN A 321 4.63 0.48 -53.08
N THR A 322 4.00 1.21 -53.99
CA THR A 322 3.69 2.61 -53.75
C THR A 322 2.22 2.95 -53.80
N GLY A 323 1.50 2.56 -54.85
CA GLY A 323 0.11 2.93 -54.95
C GLY A 323 -0.12 4.11 -55.87
N LEU A 324 -1.33 4.21 -56.41
CA LEU A 324 -1.63 5.26 -57.38
C LEU A 324 -2.02 6.57 -56.72
N GLY A 325 -2.76 6.51 -55.62
CA GLY A 325 -3.18 7.73 -54.95
C GLY A 325 -4.04 8.59 -55.85
N THR A 326 -3.67 9.87 -55.96
CA THR A 326 -4.42 10.85 -56.74
C THR A 326 -3.78 11.11 -58.11
N ALA A 327 -2.85 10.25 -58.53
CA ALA A 327 -2.16 10.39 -59.81
C ALA A 327 -1.47 11.75 -59.92
N ALA A 328 -0.80 12.14 -58.85
CA ALA A 328 -0.06 13.40 -58.78
C ALA A 328 1.43 13.08 -58.78
N VAL A 329 2.05 13.19 -59.95
CA VAL A 329 3.45 12.83 -60.14
C VAL A 329 4.31 14.00 -59.70
N ILE A 330 5.22 13.75 -58.76
CA ILE A 330 6.20 14.72 -58.30
C ILE A 330 7.58 14.18 -58.65
N VAL A 331 8.33 14.93 -59.45
CA VAL A 331 9.60 14.48 -59.99
C VAL A 331 10.74 15.14 -59.23
N MET A 332 11.75 14.34 -58.86
CA MET A 332 12.92 14.81 -58.16
C MET A 332 14.16 14.33 -58.90
N ASP A 333 15.01 15.27 -59.29
CA ASP A 333 16.20 14.92 -60.05
C ASP A 333 17.38 14.64 -59.11
N ARG A 334 18.52 14.30 -59.70
CA ARG A 334 19.69 13.90 -58.91
C ARG A 334 20.28 15.02 -58.08
N SER A 335 19.94 16.28 -58.38
CA SER A 335 20.43 17.41 -57.61
C SER A 335 19.49 17.79 -56.47
N THR A 336 18.72 16.83 -55.96
CA THR A 336 17.72 17.07 -54.93
C THR A 336 18.17 16.45 -53.62
N ASP A 337 17.88 17.16 -52.52
CA ASP A 337 18.08 16.62 -51.18
C ASP A 337 16.84 15.80 -50.84
N ILE A 338 16.87 14.51 -51.16
CA ILE A 338 15.69 13.66 -51.02
C ILE A 338 15.24 13.61 -49.57
N VAL A 339 16.19 13.52 -48.63
CA VAL A 339 15.85 13.48 -47.21
C VAL A 339 15.17 14.78 -46.80
N LYS A 340 15.65 15.91 -47.30
CA LYS A 340 15.02 17.20 -46.98
C LYS A 340 13.59 17.26 -47.49
N ALA A 341 13.36 16.74 -48.70
CA ALA A 341 12.00 16.74 -49.25
C ALA A 341 11.08 15.86 -48.43
N ILE A 342 11.54 14.67 -48.03
CA ILE A 342 10.71 13.81 -47.20
C ILE A 342 10.45 14.44 -45.84
N ALA A 343 11.46 15.13 -45.30
CA ALA A 343 11.26 15.84 -44.03
C ALA A 343 10.23 16.94 -44.17
N ARG A 344 10.24 17.65 -45.29
CA ARG A 344 9.22 18.67 -45.52
C ARG A 344 7.83 18.05 -45.62
N LEU A 345 7.72 16.90 -46.29
CA LEU A 345 6.42 16.23 -46.37
C LEU A 345 5.94 15.80 -44.98
N ILE A 346 6.85 15.28 -44.16
CA ILE A 346 6.47 14.86 -42.81
C ILE A 346 6.07 16.08 -41.97
N GLU A 347 6.74 17.21 -42.16
CA GLU A 347 6.34 18.43 -41.47
C GLU A 347 4.95 18.89 -41.90
N PHE A 348 4.66 18.78 -43.20
CA PHE A 348 3.31 19.07 -43.68
C PHE A 348 2.29 18.19 -42.97
N TYR A 349 2.57 16.89 -42.89
CA TYR A 349 1.62 15.96 -42.26
C TYR A 349 1.47 16.26 -40.77
N LYS A 350 2.55 16.67 -40.12
CA LYS A 350 2.48 17.06 -38.71
C LYS A 350 1.61 18.30 -38.53
N HIS A 351 1.74 19.27 -39.43
CA HIS A 351 0.90 20.46 -39.34
C HIS A 351 -0.56 20.17 -39.68
N GLU A 352 -0.81 19.12 -40.47
CA GLU A 352 -2.16 18.83 -40.90
C GLU A 352 -2.90 17.84 -40.00
N SER A 353 -2.20 17.20 -39.07
CA SER A 353 -2.85 16.25 -38.18
C SER A 353 -3.88 16.97 -37.30
N CYS A 354 -5.02 16.31 -37.07
CA CYS A 354 -6.09 16.91 -36.30
C CYS A 354 -5.95 16.69 -34.80
N GLY A 355 -5.12 15.73 -34.37
CA GLY A 355 -4.87 15.50 -32.97
C GLY A 355 -5.87 14.61 -32.26
N GLN A 356 -6.87 14.09 -32.97
CA GLN A 356 -7.92 13.31 -32.30
C GLN A 356 -7.37 12.04 -31.69
N CYS A 357 -6.66 11.23 -32.47
CA CYS A 357 -6.22 9.92 -32.01
C CYS A 357 -4.74 9.93 -31.64
N THR A 358 -4.40 9.09 -30.64
CA THR A 358 -3.07 9.11 -30.06
C THR A 358 -1.95 8.78 -31.05
N PRO A 359 -2.03 7.70 -31.85
CA PRO A 359 -0.89 7.38 -32.72
C PRO A 359 -0.52 8.50 -33.67
N CYS A 360 -1.47 9.05 -34.42
CA CYS A 360 -1.16 10.19 -35.28
C CYS A 360 -0.61 11.34 -34.45
N ARG A 361 -1.41 11.82 -33.49
CA ARG A 361 -1.11 13.05 -32.76
C ARG A 361 0.29 13.03 -32.15
N GLU A 362 0.75 11.86 -31.70
CA GLU A 362 2.07 11.78 -31.07
C GLU A 362 3.16 11.33 -32.04
N GLY A 363 2.96 10.20 -32.71
CA GLY A 363 4.01 9.63 -33.54
C GLY A 363 4.31 10.42 -34.79
N VAL A 364 3.36 11.21 -35.32
CA VAL A 364 3.69 12.01 -36.49
C VAL A 364 4.66 13.12 -36.12
N ASP A 365 4.45 13.76 -34.97
CA ASP A 365 5.42 14.73 -34.48
C ASP A 365 6.73 14.07 -34.10
N TRP A 366 6.66 12.85 -33.56
CA TRP A 366 7.88 12.09 -33.29
C TRP A 366 8.69 11.86 -34.56
N MET A 367 8.04 11.42 -35.64
CA MET A 367 8.74 11.24 -36.90
C MET A 367 9.24 12.55 -37.45
N ASN A 368 8.49 13.64 -37.26
CA ASN A 368 8.95 14.95 -37.73
C ASN A 368 10.26 15.33 -37.04
N LYS A 369 10.32 15.16 -35.73
CA LYS A 369 11.54 15.48 -34.98
C LYS A 369 12.72 14.60 -35.39
N VAL A 370 12.48 13.31 -35.59
CA VAL A 370 13.53 12.39 -35.99
C VAL A 370 14.02 12.74 -37.40
N MET A 371 13.09 13.11 -38.27
CA MET A 371 13.40 13.49 -39.64
C MET A 371 14.28 14.73 -39.70
N ALA A 372 14.01 15.69 -38.81
CA ALA A 372 14.80 16.91 -38.77
C ALA A 372 16.25 16.59 -38.42
N ARG A 373 16.43 15.69 -37.46
CA ARG A 373 17.76 15.26 -37.07
C ARG A 373 18.47 14.54 -38.21
N PHE A 374 17.72 13.74 -38.95
CA PHE A 374 18.27 12.98 -40.07
C PHE A 374 18.84 13.86 -41.17
N VAL A 375 18.17 14.96 -41.48
CA VAL A 375 18.66 15.84 -42.52
C VAL A 375 20.01 16.41 -42.11
N LYS A 376 20.11 16.86 -40.87
CA LYS A 376 21.36 17.38 -40.33
C LYS A 376 22.39 16.27 -40.15
N GLY A 377 21.91 15.11 -39.70
CA GLY A 377 22.76 13.98 -39.43
C GLY A 377 23.10 13.74 -37.98
N ASP A 378 22.35 14.34 -37.05
CA ASP A 378 22.67 14.21 -35.63
C ASP A 378 22.57 12.76 -35.17
N ALA A 379 21.72 11.97 -35.80
CA ALA A 379 21.37 10.64 -35.31
C ALA A 379 22.45 9.63 -35.67
N ARG A 380 22.19 8.37 -35.36
CA ARG A 380 23.07 7.24 -35.63
C ARG A 380 22.29 6.16 -36.37
N PRO A 381 22.97 5.29 -37.11
CA PRO A 381 22.25 4.35 -38.00
C PRO A 381 21.24 3.46 -37.28
N ALA A 382 21.51 3.08 -36.03
CA ALA A 382 20.60 2.22 -35.29
C ALA A 382 19.23 2.86 -35.08
N GLU A 383 19.12 4.17 -35.24
CA GLU A 383 17.84 4.86 -35.16
C GLU A 383 16.98 4.64 -36.39
N ILE A 384 17.59 4.39 -37.56
CA ILE A 384 16.81 4.25 -38.79
C ILE A 384 15.78 3.14 -38.64
N ASP A 385 16.23 1.95 -38.22
CA ASP A 385 15.29 0.87 -37.95
C ASP A 385 14.25 1.29 -36.92
N SER A 386 14.70 1.97 -35.86
CA SER A 386 13.75 2.49 -34.88
C SER A 386 12.67 3.32 -35.56
N LEU A 387 13.07 4.24 -36.43
CA LEU A 387 12.09 5.06 -37.14
C LEU A 387 11.13 4.17 -37.92
N TRP A 388 11.67 3.17 -38.62
CA TRP A 388 10.81 2.23 -39.32
C TRP A 388 9.75 1.64 -38.38
N GLU A 389 10.19 1.16 -37.21
CA GLU A 389 9.25 0.58 -36.28
C GLU A 389 8.20 1.60 -35.84
N ILE A 390 8.61 2.85 -35.64
CA ILE A 390 7.65 3.88 -35.27
C ILE A 390 6.56 3.97 -36.32
N SER A 391 6.95 3.96 -37.60
CA SER A 391 5.97 3.99 -38.67
C SER A 391 5.02 2.81 -38.56
N LYS A 392 5.56 1.62 -38.28
CA LYS A 392 4.73 0.43 -38.23
C LYS A 392 3.77 0.50 -37.04
N GLN A 393 4.07 1.33 -36.05
CA GLN A 393 3.14 1.50 -34.94
C GLN A 393 2.01 2.44 -35.32
N ILE A 394 2.27 3.38 -36.22
CA ILE A 394 1.22 4.33 -36.61
C ILE A 394 0.33 3.72 -37.68
N GLU A 395 0.92 3.01 -38.63
CA GLU A 395 0.15 2.46 -39.75
C GLU A 395 -0.78 1.37 -39.26
N GLY A 396 -2.06 1.50 -39.59
CA GLY A 396 -3.06 0.53 -39.20
C GLY A 396 -3.68 0.73 -37.84
N HIS A 397 -3.18 1.68 -37.05
CA HIS A 397 -3.66 1.89 -35.69
C HIS A 397 -4.37 3.22 -35.49
N THR A 398 -4.49 4.04 -36.53
CA THR A 398 -5.12 5.34 -36.41
C THR A 398 -6.58 5.28 -36.82
N ILE A 399 -7.31 6.34 -36.50
CA ILE A 399 -8.73 6.41 -36.83
C ILE A 399 -8.93 6.55 -38.33
N CYS A 400 -8.16 7.43 -38.96
CA CYS A 400 -8.28 7.67 -40.39
C CYS A 400 -6.94 7.36 -41.07
N ALA A 401 -6.87 7.68 -42.36
CA ALA A 401 -5.73 7.30 -43.19
C ALA A 401 -4.65 8.36 -43.25
N LEU A 402 -4.78 9.47 -42.51
CA LEU A 402 -3.70 10.44 -42.46
C LEU A 402 -2.47 9.86 -41.76
N GLY A 403 -2.68 8.98 -40.78
CA GLY A 403 -1.54 8.30 -40.17
C GLY A 403 -0.82 7.38 -41.13
N ASP A 404 -1.58 6.61 -41.93
CA ASP A 404 -0.97 5.76 -42.94
C ASP A 404 -0.23 6.60 -43.97
N GLY A 405 -0.84 7.72 -44.40
CA GLY A 405 -0.20 8.59 -45.36
C GLY A 405 1.01 9.32 -44.83
N ALA A 406 1.10 9.48 -43.51
CA ALA A 406 2.32 10.02 -42.91
C ALA A 406 3.40 8.96 -42.75
N ALA A 407 3.00 7.72 -42.50
CA ALA A 407 3.98 6.65 -42.31
C ALA A 407 4.58 6.18 -43.62
N TRP A 408 3.80 6.18 -44.70
CA TRP A 408 4.25 5.56 -45.95
C TRP A 408 5.47 6.25 -46.57
N PRO A 409 5.53 7.58 -46.71
CA PRO A 409 6.75 8.18 -47.29
C PRO A 409 8.01 7.89 -46.51
N VAL A 410 7.93 7.84 -45.17
CA VAL A 410 9.10 7.51 -44.37
C VAL A 410 9.57 6.11 -44.69
N GLN A 411 8.64 5.15 -44.79
CA GLN A 411 9.01 3.79 -45.13
C GLN A 411 9.62 3.71 -46.52
N GLY A 412 9.06 4.46 -47.48
CA GLY A 412 9.63 4.46 -48.82
C GLY A 412 11.04 5.01 -48.85
N LEU A 413 11.29 6.11 -48.14
CA LEU A 413 12.62 6.69 -48.08
C LEU A 413 13.61 5.73 -47.43
N ILE A 414 13.21 5.10 -46.33
CA ILE A 414 14.10 4.17 -45.64
C ILE A 414 14.37 2.95 -46.53
N ARG A 415 13.37 2.53 -47.29
CA ARG A 415 13.51 1.35 -48.13
C ARG A 415 14.40 1.61 -49.34
N HIS A 416 14.35 2.82 -49.89
CA HIS A 416 15.05 3.09 -51.14
C HIS A 416 16.27 3.99 -51.01
N PHE A 417 16.41 4.74 -49.92
CA PHE A 417 17.53 5.66 -49.77
C PHE A 417 18.15 5.56 -48.38
N ARG A 418 18.42 4.34 -47.93
CA ARG A 418 19.09 4.12 -46.65
C ARG A 418 20.60 4.41 -46.72
N PRO A 419 21.30 4.06 -47.82
CA PRO A 419 22.70 4.45 -47.92
C PRO A 419 22.92 5.95 -47.80
N GLU A 420 22.02 6.76 -48.35
CA GLU A 420 22.17 8.21 -48.23
C GLU A 420 22.04 8.65 -46.77
N LEU A 421 21.09 8.07 -46.03
CA LEU A 421 20.95 8.40 -44.62
C LEU A 421 22.20 8.02 -43.85
N GLU A 422 22.73 6.82 -44.10
CA GLU A 422 23.92 6.37 -43.39
C GLU A 422 25.12 7.25 -43.73
N GLU A 423 25.25 7.64 -45.01
CA GLU A 423 26.37 8.49 -45.41
C GLU A 423 26.26 9.88 -44.77
N ARG A 424 25.05 10.43 -44.69
CA ARG A 424 24.89 11.72 -44.02
C ARG A 424 25.24 11.62 -42.54
N MET A 425 24.81 10.55 -41.88
CA MET A 425 25.18 10.37 -40.48
C MET A 425 26.69 10.24 -40.32
N GLN A 426 27.34 9.51 -41.22
CA GLN A 426 28.78 9.33 -41.15
C GLN A 426 29.51 10.65 -41.33
N GLN A 427 29.09 11.47 -42.31
CA GLN A 427 29.79 12.73 -42.54
C GLN A 427 29.55 13.69 -41.38
N PHE A 428 28.35 13.70 -40.80
CA PHE A 428 28.13 14.54 -39.63
C PHE A 428 28.99 14.09 -38.46
N ALA A 429 29.08 12.77 -38.23
CA ALA A 429 29.90 12.26 -37.13
C ALA A 429 31.36 12.61 -37.34
N LEU A 430 31.85 12.53 -38.58
CA LEU A 430 33.24 12.89 -38.86
C LEU A 430 33.48 14.38 -38.66
N GLN A 431 32.54 15.21 -39.08
CA GLN A 431 32.72 16.65 -39.00
C GLN A 431 32.47 17.21 -37.59
N HIS A 432 31.84 16.42 -36.72
CA HIS A 432 31.51 16.90 -35.37
C HIS A 432 32.14 16.07 -34.26
N GLN A 433 32.86 15.00 -34.60
CA GLN A 433 33.52 14.15 -33.62
C GLN A 433 32.55 13.63 -32.55
N THR B 1 33.28 -35.67 -7.38
CA THR B 1 34.69 -35.78 -7.01
C THR B 1 34.86 -35.47 -5.53
N TYR B 2 35.62 -36.32 -4.84
CA TYR B 2 35.69 -36.26 -3.38
C TYR B 2 37.05 -36.75 -2.92
N LYS B 3 37.41 -36.38 -1.69
CA LYS B 3 38.62 -36.87 -1.06
C LYS B 3 38.30 -37.32 0.36
N PHE B 4 39.14 -38.20 0.88
CA PHE B 4 39.03 -38.67 2.25
C PHE B 4 39.90 -37.82 3.16
N VAL B 5 39.37 -37.48 4.33
CA VAL B 5 40.08 -36.64 5.29
C VAL B 5 40.85 -37.46 6.31
N ASN B 6 40.32 -38.61 6.73
CA ASN B 6 40.90 -39.40 7.80
C ASN B 6 40.89 -40.88 7.43
N MET B 7 41.42 -41.21 6.26
CA MET B 7 41.41 -42.61 5.81
C MET B 7 42.83 -43.05 5.48
N ARG B 8 43.77 -42.79 6.39
CA ARG B 8 45.15 -43.20 6.24
C ARG B 8 45.56 -44.09 7.41
N GLU B 9 46.59 -44.90 7.19
CA GLU B 9 47.12 -45.77 8.23
C GLU B 9 48.63 -45.55 8.37
N PRO B 10 49.16 -45.74 9.57
CA PRO B 10 50.60 -45.53 9.79
C PRO B 10 51.41 -46.78 9.47
N SER B 11 52.68 -46.54 9.15
CA SER B 11 53.60 -47.62 8.83
C SER B 11 53.94 -48.41 10.10
N MET B 12 54.34 -49.67 9.90
CA MET B 12 54.64 -50.57 10.99
C MET B 12 56.12 -50.88 11.15
N ASP B 13 56.99 -50.26 10.37
CA ASP B 13 58.42 -50.48 10.52
C ASP B 13 58.89 -49.92 11.86
N MET B 14 59.95 -50.54 12.40
CA MET B 14 60.38 -50.22 13.76
C MET B 14 60.84 -48.76 13.88
N LYS B 15 61.32 -48.17 12.79
CA LYS B 15 61.72 -46.76 12.85
C LYS B 15 60.52 -45.86 13.09
N SER B 16 59.42 -46.11 12.37
CA SER B 16 58.21 -45.33 12.59
C SER B 16 57.59 -45.62 13.95
N VAL B 17 57.69 -46.87 14.41
CA VAL B 17 57.19 -47.20 15.74
C VAL B 17 57.97 -46.45 16.81
N THR B 18 59.30 -46.38 16.67
CA THR B 18 60.10 -45.62 17.62
C THR B 18 59.82 -44.12 17.52
N ASP B 19 59.57 -43.62 16.30
CA ASP B 19 59.20 -42.22 16.16
C ASP B 19 57.90 -41.91 16.90
N ARG B 20 56.90 -42.79 16.76
CA ARG B 20 55.64 -42.59 17.47
C ARG B 20 55.83 -42.72 18.97
N ALA B 21 56.68 -43.64 19.41
CA ALA B 21 56.94 -43.79 20.84
C ALA B 21 57.61 -42.54 21.40
N ALA B 22 58.57 -41.99 20.67
CA ALA B 22 59.22 -40.75 21.10
C ALA B 22 58.25 -39.58 21.11
N GLN B 23 57.34 -39.54 20.14
CA GLN B 23 56.29 -38.52 20.15
C GLN B 23 55.41 -38.65 21.39
N THR B 24 55.02 -39.89 21.73
CA THR B 24 54.16 -40.11 22.88
C THR B 24 54.87 -39.75 24.18
N LEU B 25 56.13 -40.14 24.32
CA LEU B 25 56.85 -40.01 25.58
C LEU B 25 57.54 -38.67 25.75
N LEU B 26 57.71 -37.89 24.69
CA LEU B 26 58.40 -36.62 24.76
C LEU B 26 57.56 -35.44 24.32
N TRP B 27 56.34 -35.67 23.85
CA TRP B 27 55.36 -34.61 23.57
C TRP B 27 55.87 -33.64 22.50
N THR B 28 56.12 -34.18 21.31
CA THR B 28 56.65 -33.34 20.23
C THR B 28 55.61 -32.41 19.64
N GLU B 29 54.38 -32.90 19.44
CA GLU B 29 53.35 -32.05 18.85
C GLU B 29 52.92 -30.93 19.79
N LEU B 30 52.93 -31.19 21.11
CA LEU B 30 52.67 -30.13 22.06
C LEU B 30 53.73 -29.05 21.99
N VAL B 31 54.99 -29.45 21.81
CA VAL B 31 56.07 -28.49 21.63
C VAL B 31 55.88 -27.71 20.34
N ARG B 32 55.37 -28.37 19.28
CA ARG B 32 55.09 -27.65 18.04
C ARG B 32 54.03 -26.56 18.24
N GLY B 33 52.96 -26.90 18.96
CA GLY B 33 51.95 -25.89 19.26
C GLY B 33 52.50 -24.74 20.09
N LEU B 34 53.36 -25.08 21.04
CA LEU B 34 53.99 -24.07 21.87
C LEU B 34 54.80 -23.18 20.97
N GLY B 35 55.47 -23.78 19.99
CA GLY B 35 56.27 -23.03 19.06
C GLY B 35 55.42 -22.08 18.24
N MET B 36 54.25 -22.54 17.82
CA MET B 36 53.35 -21.72 17.03
C MET B 36 52.87 -20.49 17.81
N THR B 37 52.52 -20.70 19.08
CA THR B 37 52.06 -19.61 19.94
C THR B 37 53.18 -18.60 20.16
N LEU B 38 54.40 -19.12 20.33
CA LEU B 38 55.59 -18.30 20.54
C LEU B 38 55.86 -17.41 19.33
N SER B 39 55.63 -17.94 18.15
CA SER B 39 55.84 -17.20 16.91
C SER B 39 54.94 -15.97 16.86
N TYR B 40 53.70 -16.13 17.29
CA TYR B 40 52.73 -15.04 17.32
C TYR B 40 53.13 -13.92 18.27
N LEU B 41 53.77 -14.28 19.37
CA LEU B 41 54.18 -13.30 20.37
C LEU B 41 55.13 -12.26 19.78
N PHE B 42 56.05 -12.68 18.92
CA PHE B 42 57.00 -11.75 18.31
C PHE B 42 56.44 -10.96 17.12
N ARG B 43 55.27 -11.34 16.65
CA ARG B 43 54.62 -10.64 15.55
C ARG B 43 53.98 -9.34 16.01
N GLU B 44 53.73 -8.43 15.06
CA GLU B 44 53.07 -7.17 15.34
C GLU B 44 51.57 -7.38 15.51
N PRO B 45 50.96 -6.89 16.58
CA PRO B 45 49.52 -7.06 16.76
C PRO B 45 48.72 -6.27 15.74
N ALA B 46 47.49 -6.73 15.51
CA ALA B 46 46.57 -6.09 14.58
C ALA B 46 45.76 -4.97 15.23
N THR B 47 46.01 -4.66 16.49
CA THR B 47 45.20 -3.67 17.20
C THR B 47 45.50 -2.27 16.70
N ILE B 48 44.45 -1.49 16.46
CA ILE B 48 44.56 -0.09 16.10
C ILE B 48 44.26 0.76 17.33
N ASN B 49 44.82 1.97 17.37
CA ASN B 49 44.73 2.82 18.55
C ASN B 49 43.48 3.70 18.50
N TYR B 50 42.33 3.05 18.64
CA TYR B 50 41.07 3.77 18.72
C TYR B 50 41.05 4.59 20.01
N PRO B 51 40.44 5.80 20.00
CA PRO B 51 39.75 6.49 18.91
C PRO B 51 40.66 7.34 18.03
N PHE B 52 41.95 7.36 18.35
CA PHE B 52 42.90 8.13 17.56
C PHE B 52 43.16 7.51 16.20
N GLU B 53 42.79 6.26 15.99
CA GLU B 53 42.83 5.60 14.69
C GLU B 53 41.46 5.00 14.41
N LYS B 54 41.09 4.97 13.13
CA LYS B 54 39.77 4.53 12.71
C LYS B 54 39.89 3.42 11.67
N GLY B 55 38.92 2.52 11.69
CA GLY B 55 38.86 1.44 10.73
C GLY B 55 38.52 1.94 9.34
N PRO B 56 38.94 1.19 8.32
CA PRO B 56 38.64 1.62 6.95
C PRO B 56 37.16 1.50 6.63
N LEU B 57 36.66 2.49 5.92
CA LEU B 57 35.27 2.50 5.47
C LEU B 57 35.24 2.76 3.97
N SER B 58 34.04 2.80 3.42
CA SER B 58 33.82 2.90 1.98
C SER B 58 32.78 3.98 1.73
N PRO B 59 32.77 4.56 0.52
CA PRO B 59 31.69 5.51 0.18
C PRO B 59 30.31 4.90 0.31
N ARG B 60 30.16 3.60 0.04
CA ARG B 60 28.87 2.94 0.14
C ARG B 60 28.41 2.75 1.58
N PHE B 61 29.25 3.00 2.57
CA PHE B 61 28.87 2.79 3.95
C PHE B 61 27.64 3.61 4.31
N ARG B 62 26.68 2.97 4.96
CA ARG B 62 25.41 3.59 5.32
C ARG B 62 25.27 3.62 6.84
N GLY B 63 25.24 4.84 7.38
CA GLY B 63 25.11 5.05 8.81
C GLY B 63 23.93 5.93 9.18
N GLU B 64 24.21 7.04 9.86
CA GLU B 64 23.14 7.93 10.30
C GLU B 64 22.46 8.61 9.11
N HIS B 65 21.15 8.80 9.23
CA HIS B 65 20.37 9.38 8.15
C HIS B 65 20.50 10.90 8.13
N ALA B 66 20.20 11.48 6.98
CA ALA B 66 20.23 12.93 6.80
C ALA B 66 19.34 13.32 5.62
N LEU B 67 18.69 14.47 5.76
CA LEU B 67 17.94 15.09 4.68
C LEU B 67 18.79 16.20 4.07
N ARG B 68 18.88 16.20 2.74
CA ARG B 68 19.78 17.12 2.04
C ARG B 68 19.01 18.28 1.43
N ARG B 69 19.77 19.24 0.91
CA ARG B 69 19.24 20.42 0.26
C ARG B 69 19.84 20.58 -1.13
N TYR B 70 19.20 21.42 -1.93
CA TYR B 70 19.78 21.89 -3.17
C TYR B 70 20.84 22.95 -2.88
N PRO B 71 21.71 23.25 -3.83
CA PRO B 71 22.74 24.28 -3.59
C PRO B 71 22.17 25.64 -3.22
N SER B 72 20.93 25.95 -3.62
CA SER B 72 20.30 27.19 -3.23
C SER B 72 19.79 27.19 -1.79
N GLY B 73 19.73 26.03 -1.15
CA GLY B 73 19.19 25.92 0.18
C GLY B 73 17.79 25.34 0.26
N GLU B 74 17.18 25.02 -0.87
CA GLU B 74 15.86 24.42 -0.88
C GLU B 74 15.95 22.93 -0.56
N GLU B 75 15.01 22.45 0.26
CA GLU B 75 14.95 21.04 0.60
C GLU B 75 14.66 20.21 -0.65
N ARG B 76 15.38 19.09 -0.78
CA ARG B 76 15.16 18.20 -1.91
C ARG B 76 13.89 17.38 -1.77
N CYS B 77 13.40 17.18 -0.55
CA CYS B 77 12.26 16.30 -0.34
C CYS B 77 10.99 16.90 -0.91
N ILE B 78 10.26 16.12 -1.70
CA ILE B 78 9.04 16.54 -2.36
C ILE B 78 7.83 15.77 -1.82
N ALA B 79 7.99 15.10 -0.68
CA ALA B 79 6.88 14.40 -0.03
C ALA B 79 6.23 13.36 -0.94
N CYS B 80 7.04 12.65 -1.71
CA CYS B 80 6.51 11.60 -2.58
C CYS B 80 6.15 10.33 -1.81
N LYS B 81 6.72 10.15 -0.62
CA LYS B 81 6.42 9.05 0.30
C LYS B 81 6.87 7.69 -0.22
N LEU B 82 7.83 7.64 -1.15
CA LEU B 82 8.34 6.35 -1.59
C LEU B 82 9.24 5.71 -0.54
N CYS B 83 10.02 6.52 0.18
CA CYS B 83 10.84 5.98 1.25
C CYS B 83 9.98 5.36 2.34
N GLU B 84 8.87 6.01 2.67
CA GLU B 84 7.93 5.45 3.63
C GLU B 84 7.31 4.16 3.13
N ALA B 85 6.94 4.13 1.85
CA ALA B 85 6.31 2.94 1.28
C ALA B 85 7.27 1.75 1.25
N VAL B 86 8.54 1.99 0.93
CA VAL B 86 9.48 0.90 0.76
C VAL B 86 10.09 0.42 2.08
N CYS B 87 10.06 1.25 3.13
CA CYS B 87 10.74 0.97 4.39
C CYS B 87 10.34 -0.38 4.94
N PRO B 88 11.28 -1.34 5.01
CA PRO B 88 10.92 -2.67 5.53
C PRO B 88 10.44 -2.64 6.97
N ALA B 89 10.99 -1.76 7.79
CA ALA B 89 10.68 -1.72 9.21
C ALA B 89 9.59 -0.74 9.56
N GLN B 90 9.02 -0.05 8.57
CA GLN B 90 7.98 0.96 8.80
C GLN B 90 8.46 2.03 9.77
N ALA B 91 9.71 2.43 9.62
CA ALA B 91 10.36 3.36 10.54
C ALA B 91 10.26 4.81 10.10
N ILE B 92 9.58 5.10 8.99
CA ILE B 92 9.45 6.45 8.46
C ILE B 92 7.98 6.87 8.57
N THR B 93 7.76 8.06 9.12
CA THR B 93 6.43 8.66 9.22
C THR B 93 6.45 10.02 8.55
N ILE B 94 5.57 10.23 7.57
CA ILE B 94 5.57 11.43 6.75
C ILE B 94 4.18 12.03 6.72
N GLU B 95 4.10 13.35 6.88
CA GLU B 95 2.88 14.13 6.69
C GLU B 95 3.23 15.37 5.89
N ALA B 96 2.40 15.68 4.89
CA ALA B 96 2.71 16.72 3.93
C ALA B 96 1.51 17.61 3.70
N GLU B 97 1.76 18.75 3.06
CA GLU B 97 0.75 19.73 2.71
C GLU B 97 1.37 20.76 1.77
N PRO B 98 0.56 21.53 1.06
CA PRO B 98 1.13 22.61 0.23
C PRO B 98 1.68 23.74 1.09
N ARG B 99 2.83 24.24 0.70
CA ARG B 99 3.49 25.31 1.45
C ARG B 99 2.83 26.65 1.11
N ALA B 100 3.36 27.73 1.68
CA ALA B 100 2.79 29.05 1.44
C ALA B 100 2.94 29.51 -0.01
N ASP B 101 3.94 28.99 -0.72
CA ASP B 101 4.15 29.32 -2.13
C ASP B 101 3.67 28.22 -3.07
N GLY B 102 2.90 27.27 -2.56
CA GLY B 102 2.40 26.18 -3.37
C GLY B 102 3.36 25.03 -3.57
N SER B 103 4.52 25.06 -2.92
CA SER B 103 5.48 23.98 -3.06
C SER B 103 5.01 22.73 -2.31
N ARG B 104 5.32 21.57 -2.89
CA ARG B 104 4.99 20.28 -2.28
C ARG B 104 6.08 19.92 -1.29
N ARG B 105 5.81 20.08 0.00
CA ARG B 105 6.81 19.88 1.04
C ARG B 105 6.18 19.11 2.21
N THR B 106 7.03 18.54 3.04
CA THR B 106 6.58 17.80 4.22
C THR B 106 6.42 18.74 5.41
N THR B 107 5.46 18.39 6.27
CA THR B 107 5.35 19.01 7.59
C THR B 107 5.87 18.10 8.69
N ARG B 108 5.84 16.79 8.49
CA ARG B 108 6.39 15.83 9.43
C ARG B 108 7.23 14.82 8.66
N TYR B 109 8.47 14.63 9.10
CA TYR B 109 9.34 13.59 8.57
C TYR B 109 10.10 12.99 9.76
N ASP B 110 9.61 11.86 10.26
CA ASP B 110 10.19 11.21 11.43
C ASP B 110 10.79 9.87 11.02
N ILE B 111 11.98 9.58 11.54
CA ILE B 111 12.59 8.27 11.39
C ILE B 111 12.88 7.72 12.78
N ASP B 112 12.38 6.53 13.07
CA ASP B 112 12.63 5.85 14.34
C ASP B 112 13.92 5.05 14.18
N MET B 113 15.01 5.55 14.75
CA MET B 113 16.29 4.86 14.63
C MET B 113 16.34 3.57 15.43
N THR B 114 15.46 3.38 16.40
CA THR B 114 15.34 2.10 17.08
C THR B 114 14.49 1.10 16.30
N LYS B 115 13.70 1.57 15.35
CA LYS B 115 12.98 0.71 14.41
C LYS B 115 13.79 0.41 13.15
N CYS B 116 14.64 1.35 12.74
CA CYS B 116 15.35 1.24 11.47
C CYS B 116 16.34 0.09 11.49
N ILE B 117 16.53 -0.53 10.33
CA ILE B 117 17.47 -1.62 10.15
C ILE B 117 18.68 -1.21 9.32
N TYR B 118 18.76 0.06 8.90
CA TYR B 118 19.92 0.59 8.18
C TYR B 118 20.23 -0.23 6.93
N CYS B 119 19.17 -0.57 6.19
CA CYS B 119 19.29 -1.30 4.94
C CYS B 119 19.58 -0.40 3.75
N GLY B 120 19.27 0.89 3.85
CA GLY B 120 19.49 1.82 2.77
C GLY B 120 18.47 1.80 1.66
N PHE B 121 17.36 1.07 1.82
CA PHE B 121 16.34 1.03 0.78
C PHE B 121 15.73 2.40 0.54
N CYS B 122 15.66 3.22 1.60
CA CYS B 122 15.04 4.53 1.49
C CYS B 122 15.79 5.46 0.55
N GLN B 123 17.13 5.43 0.59
CA GLN B 123 17.90 6.27 -0.32
C GLN B 123 17.95 5.71 -1.73
N GLU B 124 17.67 4.41 -1.92
CA GLU B 124 17.51 3.89 -3.28
C GLU B 124 16.16 4.25 -3.86
N ALA B 125 15.11 4.30 -3.04
CA ALA B 125 13.78 4.66 -3.51
C ALA B 125 13.63 6.14 -3.79
N CYS B 126 14.44 7.00 -3.16
CA CYS B 126 14.26 8.43 -3.29
C CYS B 126 14.63 8.88 -4.70
N PRO B 127 13.74 9.59 -5.41
CA PRO B 127 14.04 10.02 -6.78
C PRO B 127 14.74 11.35 -6.91
N VAL B 128 15.04 12.03 -5.81
CA VAL B 128 15.63 13.35 -5.84
C VAL B 128 16.83 13.41 -4.93
N ASP B 129 17.22 12.26 -4.39
CA ASP B 129 18.38 12.12 -3.52
C ASP B 129 18.24 12.99 -2.26
N ALA B 130 17.03 13.01 -1.70
CA ALA B 130 16.78 13.85 -0.53
C ALA B 130 17.23 13.18 0.76
N ILE B 131 16.83 11.94 0.97
CA ILE B 131 17.17 11.18 2.17
C ILE B 131 18.38 10.31 1.85
N VAL B 132 19.40 10.38 2.70
CA VAL B 132 20.59 9.55 2.54
C VAL B 132 20.98 8.98 3.89
N GLU B 133 21.80 7.94 3.84
CA GLU B 133 22.45 7.39 5.02
C GLU B 133 23.88 7.88 5.01
N GLY B 134 24.22 8.74 5.96
CA GLY B 134 25.51 9.38 6.00
C GLY B 134 26.61 8.46 6.48
N PRO B 135 27.83 8.99 6.55
CA PRO B 135 28.96 8.18 7.01
C PRO B 135 29.00 7.99 8.52
N ASN B 136 28.28 8.81 9.28
CA ASN B 136 28.41 8.79 10.74
C ASN B 136 27.87 7.49 11.32
N PHE B 137 28.59 6.97 12.31
CA PHE B 137 28.13 5.85 13.11
C PHE B 137 28.29 6.09 14.60
N GLU B 138 28.93 7.19 15.02
CA GLU B 138 29.16 7.49 16.43
C GLU B 138 28.11 8.46 16.93
N PHE B 139 26.89 7.98 17.01
CA PHE B 139 25.76 8.79 17.45
C PHE B 139 24.95 8.06 18.52
N SER B 140 25.64 7.38 19.43
CA SER B 140 24.99 6.70 20.54
C SER B 140 24.52 7.69 21.59
N THR B 141 23.36 7.42 22.17
CA THR B 141 22.71 8.33 23.10
C THR B 141 22.61 7.71 24.49
N GLU B 142 22.00 8.46 25.40
CA GLU B 142 21.79 8.01 26.77
C GLU B 142 20.32 7.78 27.10
N THR B 143 19.40 8.18 26.23
CA THR B 143 17.98 7.95 26.43
C THR B 143 17.37 7.40 25.15
N HIS B 144 16.27 6.67 25.29
CA HIS B 144 15.55 6.14 24.14
C HIS B 144 14.95 7.25 23.29
N GLU B 145 14.45 8.31 23.93
CA GLU B 145 13.77 9.38 23.20
C GLU B 145 14.72 10.17 22.30
N GLU B 146 16.02 10.06 22.52
CA GLU B 146 16.97 10.79 21.67
C GLU B 146 17.17 10.13 20.31
N LEU B 147 16.72 8.89 20.13
CA LEU B 147 16.86 8.17 18.87
C LEU B 147 15.60 8.23 18.03
N LEU B 148 14.69 9.14 18.36
CA LEU B 148 13.46 9.35 17.60
C LEU B 148 13.61 10.69 16.88
N TYR B 149 14.06 10.63 15.63
CA TYR B 149 14.42 11.82 14.88
C TYR B 149 13.19 12.45 14.24
N ASN B 150 13.13 13.77 14.27
CA ASN B 150 12.13 14.52 13.53
C ASN B 150 12.81 15.28 12.39
N LYS B 151 12.02 16.06 11.67
CA LYS B 151 12.52 16.73 10.47
C LYS B 151 13.65 17.71 10.80
N GLU B 152 13.54 18.40 11.93
CA GLU B 152 14.59 19.34 12.32
C GLU B 152 15.91 18.62 12.57
N LYS B 153 15.86 17.49 13.27
CA LYS B 153 17.08 16.74 13.56
C LYS B 153 17.72 16.23 12.27
N LEU B 154 16.91 15.73 11.33
CA LEU B 154 17.45 15.20 10.08
C LEU B 154 18.01 16.32 9.20
N LEU B 155 17.34 17.47 9.16
CA LEU B 155 17.89 18.60 8.42
C LEU B 155 19.18 19.10 9.04
N ASN B 156 19.28 19.09 10.37
CA ASN B 156 20.53 19.46 11.03
C ASN B 156 21.62 18.45 10.71
N ASN B 157 21.28 17.17 10.66
CA ASN B 157 22.24 16.15 10.27
C ASN B 157 22.75 16.40 8.85
N GLY B 158 21.84 16.73 7.94
CA GLY B 158 22.25 17.04 6.58
C GLY B 158 23.16 18.25 6.50
N ASP B 159 22.78 19.32 7.20
CA ASP B 159 23.62 20.51 7.21
C ASP B 159 24.98 20.25 7.83
N LYS B 160 25.04 19.34 8.80
CA LYS B 160 26.29 19.03 9.48
C LYS B 160 27.19 18.15 8.64
N TRP B 161 26.62 17.23 7.86
CA TRP B 161 27.41 16.22 7.15
C TRP B 161 27.40 16.38 5.64
N GLU B 162 26.87 17.50 5.11
CA GLU B 162 26.71 17.64 3.67
C GLU B 162 28.05 17.60 2.94
N ALA B 163 29.08 18.23 3.51
CA ALA B 163 30.36 18.30 2.83
C ALA B 163 30.88 16.91 2.48
N GLU B 164 30.76 15.96 3.42
CA GLU B 164 31.20 14.59 3.20
C GLU B 164 30.18 13.74 2.46
N ILE B 165 28.88 13.99 2.65
CA ILE B 165 27.86 13.22 1.96
C ILE B 165 27.94 13.47 0.45
N ALA B 166 28.11 14.73 0.05
CA ALA B 166 28.22 15.04 -1.37
C ALA B 166 29.45 14.39 -1.98
N ALA B 167 30.56 14.39 -1.25
CA ALA B 167 31.78 13.76 -1.74
C ALA B 167 31.61 12.26 -1.88
N ASN B 168 30.91 11.63 -0.93
CA ASN B 168 30.67 10.19 -1.03
C ASN B 168 29.76 9.86 -2.20
N ILE B 169 28.72 10.67 -2.42
CA ILE B 169 27.83 10.45 -3.55
C ILE B 169 28.57 10.65 -4.87
N GLN B 170 29.50 11.61 -4.89
CA GLN B 170 30.28 11.86 -6.10
C GLN B 170 31.12 10.65 -6.48
N ALA B 171 31.58 9.88 -5.50
CA ALA B 171 32.39 8.70 -5.75
C ALA B 171 31.57 7.42 -5.91
N ASP B 172 30.25 7.52 -5.85
CA ASP B 172 29.39 6.33 -5.86
C ASP B 172 28.27 6.37 -6.88
N TYR B 173 27.80 7.55 -7.29
CA TYR B 173 26.60 7.63 -8.12
C TYR B 173 26.77 6.98 -9.49
N LEU B 174 28.00 6.76 -9.94
CA LEU B 174 28.20 6.10 -11.22
C LEU B 174 28.07 4.58 -11.13
N TYR B 175 27.97 4.03 -9.92
CA TYR B 175 27.66 2.62 -9.73
C TYR B 175 26.18 2.37 -9.52
N ARG B 176 25.37 3.42 -9.52
CA ARG B 176 23.94 3.30 -9.24
C ARG B 176 23.11 3.60 -10.48
N SER C 1 35.63 23.84 51.77
CA SER C 1 35.96 23.05 52.95
C SER C 1 36.88 21.90 52.60
N ARG C 2 37.64 21.43 53.60
CA ARG C 2 38.54 20.31 53.36
C ARG C 2 37.77 19.02 53.17
N GLY C 3 36.64 18.87 53.85
CA GLY C 3 35.81 17.69 53.65
C GLY C 3 35.29 17.59 52.24
N GLU C 4 34.90 18.73 51.65
CA GLU C 4 34.47 18.74 50.26
C GLU C 4 35.58 18.26 49.34
N TYR C 5 36.81 18.76 49.55
CA TYR C 5 37.94 18.33 48.74
C TYR C 5 38.21 16.84 48.91
N VAL C 6 38.12 16.34 50.14
CA VAL C 6 38.41 14.93 50.41
C VAL C 6 37.38 14.05 49.72
N VAL C 7 36.10 14.39 49.84
CA VAL C 7 35.07 13.55 49.21
C VAL C 7 35.16 13.66 47.69
N ALA C 8 35.53 14.82 47.16
CA ALA C 8 35.73 14.95 45.73
C ALA C 8 36.84 14.03 45.24
N LYS C 9 37.97 14.04 45.93
CA LYS C 9 39.09 13.19 45.54
C LYS C 9 38.74 11.71 45.64
N LEU C 10 38.06 11.33 46.73
CA LEU C 10 37.67 9.93 46.91
C LEU C 10 36.69 9.49 45.84
N ASP C 11 35.72 10.35 45.51
CA ASP C 11 34.77 10.03 44.45
C ASP C 11 35.47 9.87 43.11
N ASP C 12 36.45 10.75 42.83
CA ASP C 12 37.21 10.61 41.60
C ASP C 12 37.95 9.27 41.57
N LEU C 13 38.57 8.88 42.69
CA LEU C 13 39.31 7.63 42.73
C LEU C 13 38.39 6.43 42.51
N VAL C 14 37.23 6.43 43.17
CA VAL C 14 36.30 5.31 43.01
C VAL C 14 35.75 5.25 41.60
N ASN C 15 35.40 6.40 41.03
CA ASN C 15 34.91 6.43 39.66
C ASN C 15 35.96 5.93 38.69
N TRP C 16 37.23 6.33 38.89
CA TRP C 16 38.30 5.85 38.03
C TRP C 16 38.46 4.34 38.14
N ALA C 17 38.43 3.81 39.36
CA ALA C 17 38.55 2.37 39.54
C ALA C 17 37.41 1.63 38.86
N ARG C 18 36.20 2.17 38.93
CA ARG C 18 35.05 1.51 38.34
C ARG C 18 35.02 1.55 36.82
N ARG C 19 35.41 2.67 36.23
CA ARG C 19 35.40 2.76 34.78
C ARG C 19 36.62 2.12 34.13
N SER C 20 37.72 2.02 34.87
CA SER C 20 38.93 1.42 34.32
C SER C 20 38.85 -0.10 34.33
N SER C 21 37.95 -0.67 35.12
CA SER C 21 37.77 -2.11 35.21
C SER C 21 36.29 -2.42 35.01
N LEU C 22 35.88 -2.54 33.76
CA LEU C 22 34.51 -2.87 33.41
C LEU C 22 34.46 -4.30 32.92
N TRP C 23 33.63 -5.13 33.56
CA TRP C 23 33.53 -6.54 33.21
C TRP C 23 32.13 -6.84 32.70
N PRO C 24 31.92 -6.86 31.39
CA PRO C 24 30.61 -7.23 30.86
C PRO C 24 30.37 -8.72 30.95
N MET C 25 29.11 -9.08 31.20
CA MET C 25 28.75 -10.48 31.31
C MET C 25 28.70 -11.12 29.92
N THR C 26 29.27 -12.32 29.81
CA THR C 26 29.28 -13.05 28.55
C THR C 26 27.85 -13.46 28.22
N PHE C 27 27.19 -12.69 27.38
CA PHE C 27 25.75 -12.87 27.18
C PHE C 27 25.37 -12.24 25.84
N GLY C 28 24.97 -13.07 24.89
CA GLY C 28 24.51 -12.59 23.60
C GLY C 28 23.29 -13.35 23.17
N LEU C 29 22.44 -12.67 22.39
CA LEU C 29 21.17 -13.23 21.97
C LEU C 29 21.10 -13.53 20.48
N ALA C 30 21.54 -12.60 19.64
CA ALA C 30 21.24 -12.64 18.22
C ALA C 30 22.39 -11.99 17.45
N CYS C 31 22.09 -11.50 16.25
CA CYS C 31 23.01 -10.88 15.30
C CYS C 31 24.09 -10.03 15.97
N CYS C 32 23.64 -9.08 16.80
CA CYS C 32 24.53 -8.07 17.36
C CYS C 32 25.69 -8.67 18.14
N ALA C 33 25.46 -9.82 18.80
CA ALA C 33 26.53 -10.46 19.56
C ALA C 33 27.74 -10.73 18.68
N VAL C 34 27.53 -11.08 17.41
CA VAL C 34 28.66 -11.31 16.51
C VAL C 34 29.52 -10.06 16.42
N GLU C 35 28.91 -8.90 16.25
CA GLU C 35 29.68 -7.65 16.27
C GLU C 35 30.40 -7.47 17.60
N MET C 36 29.74 -7.84 18.70
CA MET C 36 30.40 -7.79 20.00
C MET C 36 31.64 -8.69 20.01
N MET C 37 31.54 -9.85 19.37
CA MET C 37 32.70 -10.73 19.24
C MET C 37 33.83 -10.04 18.50
N HIS C 38 33.51 -9.15 17.56
CA HIS C 38 34.55 -8.47 16.82
C HIS C 38 35.17 -7.34 17.64
N MET C 39 34.48 -6.87 18.68
CA MET C 39 35.09 -5.87 19.55
C MET C 39 36.15 -6.50 20.43
N ALA C 40 36.01 -7.78 20.76
CA ALA C 40 37.02 -8.53 21.49
C ALA C 40 38.10 -9.11 20.57
N ALA C 41 37.96 -8.95 19.27
CA ALA C 41 38.91 -9.46 18.29
C ALA C 41 40.20 -8.65 18.35
N PRO C 42 41.30 -9.16 17.77
CA PRO C 42 42.58 -8.46 17.89
C PRO C 42 42.59 -7.04 17.33
N ARG C 43 41.75 -6.74 16.33
CA ARG C 43 41.78 -5.40 15.75
C ARG C 43 41.39 -4.34 16.77
N TYR C 44 40.33 -4.58 17.53
CA TYR C 44 39.84 -3.58 18.47
C TYR C 44 40.30 -3.85 19.89
N ASP C 45 40.29 -5.11 20.32
CA ASP C 45 40.94 -5.53 21.58
C ASP C 45 40.40 -4.71 22.76
N MET C 46 39.12 -4.96 23.07
CA MET C 46 38.50 -4.29 24.21
C MET C 46 39.24 -4.57 25.50
N ASP C 47 39.98 -5.68 25.58
CA ASP C 47 40.74 -6.01 26.79
C ASP C 47 41.76 -4.94 27.12
N ARG C 48 42.28 -4.24 26.11
CA ARG C 48 43.25 -3.18 26.37
C ARG C 48 42.62 -1.96 27.02
N PHE C 49 41.29 -1.88 27.06
CA PHE C 49 40.59 -0.82 27.78
C PHE C 49 40.23 -1.24 29.19
N GLY C 50 40.62 -2.42 29.63
CA GLY C 50 40.19 -2.96 30.90
C GLY C 50 38.88 -3.71 30.86
N VAL C 51 38.37 -4.02 29.67
CA VAL C 51 37.07 -4.65 29.50
C VAL C 51 37.28 -6.15 29.30
N VAL C 52 36.75 -6.96 30.21
CA VAL C 52 36.95 -8.39 30.21
C VAL C 52 35.60 -9.08 30.33
N PHE C 53 35.32 -10.01 29.42
CA PHE C 53 34.11 -10.82 29.56
C PHE C 53 34.23 -11.75 30.75
N ARG C 54 33.13 -11.87 31.50
CA ARG C 54 33.05 -12.76 32.66
C ARG C 54 31.71 -13.47 32.60
N ALA C 55 31.74 -14.80 32.77
CA ALA C 55 30.53 -15.58 32.55
C ALA C 55 29.53 -15.43 33.69
N SER C 56 30.01 -15.36 34.92
CA SER C 56 29.11 -15.28 36.07
C SER C 56 28.52 -13.89 36.20
N PRO C 57 27.20 -13.76 36.38
CA PRO C 57 26.63 -12.44 36.66
C PRO C 57 27.15 -11.83 37.94
N ARG C 58 27.51 -12.65 38.93
CA ARG C 58 27.99 -12.14 40.21
C ARG C 58 29.35 -11.46 40.09
N GLN C 59 30.07 -11.69 38.99
CA GLN C 59 31.37 -11.07 38.76
C GLN C 59 31.33 -10.18 37.53
N SER C 60 30.17 -9.62 37.22
CA SER C 60 29.96 -8.82 36.04
C SER C 60 29.51 -7.42 36.43
N ASP C 61 30.00 -6.43 35.71
CA ASP C 61 29.67 -5.03 35.93
C ASP C 61 28.69 -4.47 34.94
N VAL C 62 28.75 -4.93 33.69
CA VAL C 62 27.92 -4.43 32.59
C VAL C 62 27.16 -5.61 32.00
N MET C 63 25.93 -5.35 31.58
CA MET C 63 25.17 -6.29 30.78
C MET C 63 24.89 -5.64 29.43
N ILE C 64 25.48 -6.19 28.39
CA ILE C 64 25.27 -5.70 27.02
C ILE C 64 24.17 -6.54 26.39
N VAL C 65 23.03 -5.93 26.13
CA VAL C 65 21.90 -6.60 25.49
C VAL C 65 22.15 -6.53 23.99
N ALA C 66 22.62 -7.64 23.42
CA ALA C 66 23.03 -7.69 22.02
C ALA C 66 22.12 -8.65 21.28
N GLY C 67 20.96 -8.15 20.85
CA GLY C 67 20.03 -8.99 20.12
C GLY C 67 18.58 -8.80 20.47
N THR C 68 17.71 -9.58 19.83
CA THR C 68 16.27 -9.45 20.05
C THR C 68 15.87 -10.13 21.34
N LEU C 69 15.17 -9.40 22.19
CA LEU C 69 14.60 -9.96 23.41
C LEU C 69 13.18 -10.42 23.10
N THR C 70 12.95 -11.72 23.25
CA THR C 70 11.63 -12.27 23.01
C THR C 70 10.83 -12.35 24.31
N ASN C 71 9.53 -12.62 24.17
CA ASN C 71 8.69 -12.76 25.35
C ASN C 71 9.08 -13.98 26.17
N LYS C 72 9.60 -15.03 25.51
CA LYS C 72 10.05 -16.22 26.21
C LYS C 72 11.36 -15.99 26.95
N MET C 73 12.20 -15.05 26.48
CA MET C 73 13.50 -14.80 27.05
C MET C 73 13.51 -13.71 28.11
N ALA C 74 12.50 -12.82 28.11
CA ALA C 74 12.52 -11.67 29.02
C ALA C 74 12.66 -12.04 30.49
N PRO C 75 11.97 -13.04 31.03
CA PRO C 75 12.21 -13.39 32.45
C PRO C 75 13.64 -13.78 32.73
N ALA C 76 14.31 -14.48 31.81
CA ALA C 76 15.69 -14.86 32.02
C ALA C 76 16.61 -13.65 32.02
N LEU C 77 16.38 -12.70 31.11
CA LEU C 77 17.17 -11.47 31.10
C LEU C 77 16.99 -10.70 32.40
N ARG C 78 15.74 -10.58 32.87
CA ARG C 78 15.49 -9.89 34.12
C ARG C 78 16.18 -10.60 35.29
N LYS C 79 16.13 -11.93 35.30
CA LYS C 79 16.74 -12.68 36.39
C LYS C 79 18.25 -12.47 36.41
N VAL C 80 18.90 -12.58 35.26
CA VAL C 80 20.36 -12.41 35.24
C VAL C 80 20.74 -10.97 35.54
N TYR C 81 19.87 -10.01 35.20
CA TYR C 81 20.13 -8.63 35.59
C TYR C 81 20.04 -8.44 37.10
N ASP C 82 19.04 -9.06 37.73
CA ASP C 82 18.85 -8.88 39.16
C ASP C 82 19.97 -9.49 39.99
N GLN C 83 20.69 -10.46 39.43
CA GLN C 83 21.75 -11.14 40.15
C GLN C 83 23.11 -10.47 39.99
N MET C 84 23.20 -9.37 39.26
CA MET C 84 24.44 -8.61 39.18
C MET C 84 24.58 -7.74 40.42
N PRO C 85 25.68 -7.84 41.16
CA PRO C 85 25.88 -6.94 42.30
C PRO C 85 26.09 -5.50 41.84
N GLU C 86 25.57 -4.58 42.63
CA GLU C 86 25.64 -3.17 42.30
C GLU C 86 27.01 -2.60 42.64
N PRO C 87 27.47 -1.57 41.91
CA PRO C 87 26.80 -0.93 40.78
C PRO C 87 26.85 -1.74 39.48
N ARG C 88 25.77 -1.71 38.73
CA ARG C 88 25.65 -2.43 37.48
C ARG C 88 25.08 -1.50 36.42
N TYR C 89 25.47 -1.72 35.17
CA TYR C 89 25.07 -0.86 34.06
C TYR C 89 24.60 -1.71 32.90
N VAL C 90 23.67 -1.16 32.12
CA VAL C 90 23.06 -1.87 31.00
C VAL C 90 23.31 -1.05 29.73
N VAL C 91 23.84 -1.70 28.71
CA VAL C 91 24.06 -1.10 27.41
C VAL C 91 23.17 -1.83 26.40
N SER C 92 22.30 -1.08 25.75
CA SER C 92 21.40 -1.64 24.74
C SER C 92 22.04 -1.52 23.37
N MET C 93 22.26 -2.66 22.72
CA MET C 93 22.97 -2.72 21.45
C MET C 93 22.01 -3.11 20.33
N GLY C 94 21.96 -2.28 19.29
CA GLY C 94 21.19 -2.60 18.11
C GLY C 94 19.73 -2.22 18.22
N SER C 95 19.08 -2.19 17.04
CA SER C 95 17.68 -1.77 16.97
C SER C 95 16.77 -2.73 17.72
N CYS C 96 17.05 -4.04 17.64
CA CYS C 96 16.19 -5.02 18.29
C CYS C 96 16.10 -4.79 19.79
N ALA C 97 17.25 -4.58 20.44
CA ALA C 97 17.25 -4.32 21.87
C ALA C 97 16.81 -2.90 22.19
N ASN C 98 17.02 -1.95 21.28
CA ASN C 98 16.65 -0.57 21.54
C ASN C 98 15.14 -0.40 21.53
N GLY C 99 14.48 -0.78 20.45
CA GLY C 99 13.05 -0.57 20.35
C GLY C 99 12.27 -1.63 19.61
N GLY C 100 12.75 -2.86 19.64
CA GLY C 100 12.12 -3.93 18.86
C GLY C 100 12.73 -4.11 17.50
N GLY C 101 12.94 -3.02 16.79
CA GLY C 101 13.70 -3.07 15.56
C GLY C 101 12.88 -3.59 14.40
N TYR C 102 13.40 -4.60 13.73
CA TYR C 102 12.79 -5.16 12.54
C TYR C 102 11.71 -6.17 12.88
N TYR C 103 11.52 -6.45 14.17
CA TYR C 103 10.49 -7.34 14.68
C TYR C 103 9.61 -6.60 15.67
N HIS C 104 9.49 -5.29 15.51
CA HIS C 104 8.75 -4.46 16.46
C HIS C 104 7.29 -4.88 16.54
N TYR C 105 6.66 -5.13 15.41
CA TYR C 105 5.24 -5.50 15.37
C TYR C 105 5.05 -7.01 15.39
N SER C 106 5.69 -7.68 16.34
CA SER C 106 5.61 -9.13 16.44
C SER C 106 4.98 -9.51 17.77
N TYR C 107 4.24 -10.63 17.75
CA TYR C 107 3.57 -11.11 18.95
C TYR C 107 4.54 -11.64 20.00
N SER C 108 5.76 -12.01 19.61
CA SER C 108 6.67 -12.71 20.50
C SER C 108 7.93 -11.90 20.80
N VAL C 109 7.89 -10.58 20.60
CA VAL C 109 9.07 -9.74 20.73
C VAL C 109 8.78 -8.63 21.72
N VAL C 110 9.70 -8.42 22.65
CA VAL C 110 9.64 -7.28 23.55
C VAL C 110 10.18 -6.05 22.84
N ARG C 111 9.39 -4.98 22.80
CA ARG C 111 9.73 -3.80 22.02
C ARG C 111 10.68 -2.91 22.83
N GLY C 112 11.93 -3.34 22.88
CA GLY C 112 12.95 -2.63 23.63
C GLY C 112 13.22 -3.27 24.97
N CYS C 113 14.50 -3.48 25.28
CA CYS C 113 14.87 -4.07 26.56
C CYS C 113 14.58 -3.15 27.73
N ASP C 114 14.30 -1.87 27.49
CA ASP C 114 14.08 -0.91 28.57
C ASP C 114 12.72 -1.07 29.23
N ARG C 115 11.84 -1.92 28.70
CA ARG C 115 10.65 -2.30 29.43
C ARG C 115 10.94 -3.32 30.53
N ILE C 116 12.11 -3.94 30.50
CA ILE C 116 12.46 -4.99 31.44
C ILE C 116 13.54 -4.52 32.41
N VAL C 117 14.56 -3.83 31.91
CA VAL C 117 15.67 -3.35 32.73
C VAL C 117 15.91 -1.88 32.43
N PRO C 118 16.48 -1.10 33.36
CA PRO C 118 16.89 0.27 33.03
C PRO C 118 18.16 0.26 32.19
N VAL C 119 18.20 1.13 31.19
CA VAL C 119 19.29 1.17 30.21
C VAL C 119 20.11 2.43 30.41
N ASP C 120 21.43 2.29 30.37
CA ASP C 120 22.34 3.42 30.48
C ASP C 120 22.69 4.01 29.11
N ILE C 121 23.12 3.17 28.18
CA ILE C 121 23.59 3.62 26.86
C ILE C 121 22.80 2.87 25.79
N TYR C 122 22.33 3.61 24.79
CA TYR C 122 21.64 3.05 23.64
C TYR C 122 22.56 3.17 22.42
N VAL C 123 23.05 2.04 21.93
CA VAL C 123 23.92 2.02 20.76
C VAL C 123 23.07 1.68 19.54
N PRO C 124 22.88 2.61 18.61
CA PRO C 124 22.07 2.34 17.43
C PRO C 124 22.83 1.59 16.34
N GLY C 125 22.05 0.94 15.49
CA GLY C 125 22.61 0.18 14.38
C GLY C 125 21.92 -1.16 14.23
N CYS C 126 22.11 -1.81 13.08
CA CYS C 126 21.55 -3.15 12.86
C CYS C 126 22.48 -3.92 11.93
N PRO C 127 23.58 -4.46 12.46
CA PRO C 127 24.10 -4.26 13.81
C PRO C 127 24.98 -3.02 13.88
N PRO C 128 25.18 -2.47 15.08
CA PRO C 128 26.21 -1.45 15.24
C PRO C 128 27.58 -2.04 14.94
N THR C 129 28.43 -1.26 14.28
CA THR C 129 29.79 -1.71 14.02
C THR C 129 30.55 -1.86 15.33
N ALA C 130 31.61 -2.67 15.29
CA ALA C 130 32.44 -2.82 16.48
C ALA C 130 32.96 -1.47 16.98
N GLU C 131 33.22 -0.53 16.06
CA GLU C 131 33.55 0.83 16.48
C GLU C 131 32.37 1.53 17.13
N ALA C 132 31.15 1.29 16.65
CA ALA C 132 29.99 1.90 17.27
C ALA C 132 29.79 1.39 18.70
N LEU C 133 29.94 0.08 18.90
CA LEU C 133 29.82 -0.47 20.25
C LEU C 133 30.94 0.00 21.13
N LEU C 134 32.16 0.10 20.60
CA LEU C 134 33.29 0.61 21.37
C LEU C 134 33.07 2.06 21.76
N TYR C 135 32.53 2.86 20.85
CA TYR C 135 32.19 4.25 21.16
C TYR C 135 31.15 4.32 22.27
N GLY C 136 30.14 3.44 22.22
CA GLY C 136 29.17 3.39 23.29
C GLY C 136 29.78 3.00 24.63
N ILE C 137 30.74 2.07 24.60
CA ILE C 137 31.41 1.66 25.83
C ILE C 137 32.21 2.82 26.43
N LEU C 138 32.94 3.54 25.58
CA LEU C 138 33.69 4.70 26.07
C LEU C 138 32.75 5.80 26.55
N GLN C 139 31.57 5.93 25.93
CA GLN C 139 30.58 6.87 26.40
C GLN C 139 30.07 6.49 27.79
N LEU C 140 29.85 5.20 28.02
CA LEU C 140 29.46 4.73 29.35
C LEU C 140 30.57 5.00 30.36
N GLN C 141 31.82 4.81 29.95
CA GLN C 141 32.94 5.14 30.83
C GLN C 141 32.95 6.62 31.19
N ARG C 142 32.71 7.48 30.21
CA ARG C 142 32.63 8.92 30.47
C ARG C 142 31.48 9.25 31.41
N LYS C 143 30.35 8.56 31.25
CA LYS C 143 29.21 8.76 32.14
C LYS C 143 29.53 8.35 33.56
N ILE C 144 30.23 7.22 33.73
CA ILE C 144 30.65 6.78 35.06
C ILE C 144 31.64 7.77 35.66
N LYS C 145 32.52 8.33 34.82
CA LYS C 145 33.44 9.36 35.30
C LYS C 145 32.69 10.57 35.83
N ARG C 146 31.47 10.80 35.33
CA ARG C 146 30.70 11.99 35.65
C ARG C 146 29.88 11.86 36.92
N GLU C 147 29.61 10.64 37.39
CA GLU C 147 28.69 10.47 38.51
C GLU C 147 29.37 10.81 39.83
N LYS C 148 28.56 11.19 40.81
CA LYS C 148 29.03 11.65 42.11
C LYS C 148 28.17 11.02 43.20
N ARG C 149 28.75 10.10 43.95
CA ARG C 149 28.04 9.44 45.05
C ARG C 149 28.46 9.97 46.40
N LEU C 150 29.75 10.25 46.59
CA LEU C 150 30.22 10.76 47.87
C LEU C 150 29.86 12.23 48.04
N ARG C 151 29.85 13.00 46.94
CA ARG C 151 29.42 14.39 47.03
C ARG C 151 27.96 14.49 47.47
N ILE C 152 27.09 13.65 46.89
CA ILE C 152 25.68 13.65 47.27
C ILE C 152 25.53 13.25 48.73
N TRP C 153 26.27 12.24 49.17
CA TRP C 153 26.21 11.80 50.56
C TRP C 153 26.68 12.91 51.51
N TYR C 154 27.70 13.67 51.10
CA TYR C 154 28.21 14.73 51.95
C TYR C 154 27.24 15.90 52.03
N ARG C 155 26.66 16.30 50.90
CA ARG C 155 25.70 17.40 50.93
C ARG C 155 24.42 17.01 51.65
N ARG C 156 23.98 15.77 51.49
CA ARG C 156 22.72 15.34 52.09
C ARG C 156 22.84 15.22 53.61
N GLY D 1 -25.52 -36.81 10.89
CA GLY D 1 -24.30 -37.59 10.90
C GLY D 1 -23.04 -36.75 10.89
N THR D 2 -22.88 -35.95 9.83
CA THR D 2 -21.81 -34.97 9.67
C THR D 2 -20.47 -35.67 9.40
N SER D 3 -20.43 -36.99 9.57
CA SER D 3 -19.27 -37.81 9.24
C SER D 3 -17.98 -37.25 9.84
N VAL D 4 -17.92 -37.26 11.17
CA VAL D 4 -16.77 -36.71 11.90
C VAL D 4 -16.00 -37.84 12.56
N LYS D 5 -14.68 -37.66 12.61
CA LYS D 5 -13.58 -38.46 13.12
C LYS D 5 -13.24 -38.08 14.56
N PRO D 6 -13.06 -39.05 15.45
CA PRO D 6 -12.72 -38.73 16.84
C PRO D 6 -11.23 -38.51 17.05
N ILE D 7 -10.90 -37.95 18.21
CA ILE D 7 -9.53 -37.86 18.66
C ILE D 7 -9.32 -38.93 19.72
N PHE D 8 -10.08 -38.84 20.81
CA PHE D 8 -10.04 -39.86 21.85
C PHE D 8 -11.42 -40.38 22.24
N SER D 9 -12.42 -39.51 22.32
CA SER D 9 -13.70 -39.86 22.90
C SER D 9 -14.75 -40.10 21.83
N ARG D 10 -15.62 -41.08 22.08
CA ARG D 10 -16.75 -41.37 21.21
C ARG D 10 -17.97 -40.51 21.51
N ASP D 11 -18.22 -40.21 22.79
CA ASP D 11 -19.36 -39.39 23.19
C ASP D 11 -18.90 -38.48 24.33
N MET D 12 -19.87 -37.87 25.01
CA MET D 12 -19.54 -36.93 26.08
C MET D 12 -19.16 -37.62 27.39
N ASN D 13 -19.45 -38.91 27.54
CA ASN D 13 -19.11 -39.59 28.80
C ASN D 13 -17.60 -39.79 28.92
N GLU D 14 -16.97 -40.26 27.84
CA GLU D 14 -15.52 -40.42 27.84
C GLU D 14 -14.83 -39.06 28.01
N ALA D 15 -15.36 -38.04 27.34
CA ALA D 15 -14.80 -36.70 27.49
C ALA D 15 -14.92 -36.21 28.92
N LYS D 16 -16.06 -36.48 29.56
CA LYS D 16 -16.24 -36.03 30.94
C LYS D 16 -15.33 -36.78 31.90
N ARG D 17 -15.10 -38.07 31.69
CA ARG D 17 -14.19 -38.78 32.58
C ARG D 17 -12.75 -38.30 32.38
N ARG D 18 -12.38 -37.95 31.15
CA ARG D 18 -11.07 -37.34 30.93
C ARG D 18 -10.97 -35.98 31.62
N VAL D 19 -12.04 -35.19 31.56
CA VAL D 19 -12.05 -33.91 32.26
C VAL D 19 -11.87 -34.13 33.75
N ARG D 20 -12.55 -35.13 34.30
CA ARG D 20 -12.47 -35.40 35.73
C ARG D 20 -11.07 -35.84 36.15
N GLU D 21 -10.42 -36.69 35.35
CA GLU D 21 -9.07 -37.10 35.71
C GLU D 21 -8.10 -35.94 35.63
N LEU D 22 -8.25 -35.07 34.62
CA LEU D 22 -7.39 -33.89 34.54
C LEU D 22 -7.61 -32.96 35.74
N TYR D 23 -8.86 -32.78 36.16
CA TYR D 23 -9.15 -31.96 37.33
C TYR D 23 -8.54 -32.57 38.59
N ARG D 24 -8.62 -33.89 38.72
CA ARG D 24 -7.99 -34.58 39.84
C ARG D 24 -6.49 -34.29 39.86
N ALA D 25 -5.84 -34.40 38.70
CA ALA D 25 -4.40 -34.18 38.62
C ALA D 25 -4.04 -32.74 39.01
N TRP D 26 -4.78 -31.77 38.50
CA TRP D 26 -4.49 -30.37 38.84
C TRP D 26 -4.71 -30.09 40.32
N TYR D 27 -5.81 -30.61 40.87
CA TYR D 27 -6.09 -30.44 42.29
C TYR D 27 -4.97 -31.03 43.14
N ARG D 28 -4.47 -32.21 42.75
CA ARG D 28 -3.36 -32.81 43.48
C ARG D 28 -2.09 -31.97 43.36
N GLU D 29 -1.84 -31.41 42.17
CA GLU D 29 -0.57 -30.73 41.91
C GLU D 29 -0.49 -29.35 42.54
N VAL D 30 -1.62 -28.67 42.78
CA VAL D 30 -1.57 -27.26 43.21
C VAL D 30 -0.67 -27.02 44.43
N PRO D 31 -0.78 -27.79 45.52
CA PRO D 31 0.10 -27.50 46.68
C PRO D 31 1.57 -27.61 46.37
N ASN D 32 1.95 -28.61 45.57
CA ASN D 32 3.35 -28.76 45.19
C ASN D 32 3.82 -27.57 44.37
N THR D 33 2.96 -27.07 43.48
CA THR D 33 3.30 -25.87 42.71
C THR D 33 3.51 -24.67 43.63
N VAL D 34 2.62 -24.50 44.61
CA VAL D 34 2.75 -23.37 45.53
C VAL D 34 4.07 -23.44 46.29
N HIS D 35 4.43 -24.63 46.79
CA HIS D 35 5.70 -24.75 47.50
C HIS D 35 6.91 -24.54 46.59
N LEU D 36 6.90 -25.15 45.40
CA LEU D 36 8.08 -25.09 44.54
C LEU D 36 8.32 -23.68 44.00
N PHE D 37 7.26 -23.03 43.52
CA PHE D 37 7.42 -21.71 42.93
C PHE D 37 7.50 -20.59 43.97
N GLN D 38 7.37 -20.93 45.25
CA GLN D 38 7.42 -19.95 46.35
C GLN D 38 6.39 -18.84 46.13
N LEU D 39 5.18 -19.24 45.77
CA LEU D 39 4.10 -18.29 45.55
C LEU D 39 3.59 -17.75 46.87
N ASP D 40 3.12 -16.50 46.85
CA ASP D 40 2.54 -15.86 48.02
C ASP D 40 1.04 -16.08 48.12
N ILE D 41 0.47 -16.90 47.24
CA ILE D 41 -0.94 -17.22 47.28
C ILE D 41 -1.14 -18.45 48.17
N SER D 42 -2.39 -18.68 48.56
CA SER D 42 -2.75 -19.86 49.33
C SER D 42 -3.08 -21.02 48.40
N VAL D 43 -3.08 -22.23 48.97
CA VAL D 43 -3.48 -23.41 48.21
C VAL D 43 -4.94 -23.32 47.80
N LYS D 44 -5.78 -22.76 48.68
CA LYS D 44 -7.20 -22.58 48.37
C LYS D 44 -7.37 -21.60 47.22
N GLN D 45 -6.56 -20.55 47.17
CA GLN D 45 -6.60 -19.63 46.04
C GLN D 45 -6.24 -20.32 44.73
N GLY D 46 -5.18 -21.15 44.75
CA GLY D 46 -4.79 -21.84 43.53
C GLY D 46 -5.83 -22.84 43.06
N ARG D 47 -6.46 -23.54 44.01
CA ARG D 47 -7.52 -24.46 43.63
C ARG D 47 -8.75 -23.73 43.11
N ASP D 48 -9.06 -22.54 43.66
CA ASP D 48 -10.12 -21.73 43.09
C ASP D 48 -9.79 -21.29 41.66
N LYS D 49 -8.53 -20.93 41.42
CA LYS D 49 -8.12 -20.57 40.07
C LYS D 49 -8.27 -21.75 39.11
N VAL D 50 -7.88 -22.94 39.55
CA VAL D 50 -8.02 -24.14 38.72
C VAL D 50 -9.49 -24.39 38.41
N ARG D 51 -10.34 -24.28 39.44
CA ARG D 51 -11.77 -24.49 39.26
C ARG D 51 -12.36 -23.47 38.27
N GLU D 52 -11.96 -22.20 38.40
CA GLU D 52 -12.46 -21.18 37.49
C GLU D 52 -12.00 -21.42 36.06
N MET D 53 -10.74 -21.83 35.88
CA MET D 53 -10.25 -22.15 34.55
C MET D 53 -11.03 -23.30 33.93
N PHE D 54 -11.33 -24.33 34.72
CA PHE D 54 -12.15 -25.43 34.21
C PHE D 54 -13.56 -24.96 33.87
N MET D 55 -14.15 -24.12 34.71
CA MET D 55 -15.53 -23.71 34.53
C MET D 55 -15.71 -22.72 33.37
N LYS D 56 -14.64 -22.03 32.96
CA LYS D 56 -14.77 -21.15 31.79
C LYS D 56 -15.20 -21.92 30.55
N ASN D 57 -14.88 -23.20 30.45
CA ASN D 57 -15.22 -24.02 29.29
C ASN D 57 -16.34 -25.01 29.59
N ALA D 58 -17.23 -24.68 30.54
CA ALA D 58 -18.30 -25.59 30.91
C ALA D 58 -19.39 -25.68 29.85
N HIS D 59 -19.44 -24.75 28.90
CA HIS D 59 -20.49 -24.69 27.91
C HIS D 59 -20.23 -25.56 26.69
N VAL D 60 -19.05 -26.16 26.57
CA VAL D 60 -18.70 -26.91 25.38
C VAL D 60 -19.47 -28.22 25.35
N THR D 61 -20.08 -28.53 24.20
CA THR D 61 -20.83 -29.76 24.03
C THR D 61 -20.23 -30.68 22.97
N ASP D 62 -19.19 -30.24 22.26
CA ASP D 62 -18.55 -31.07 21.25
C ASP D 62 -17.49 -31.93 21.92
N PRO D 63 -17.59 -33.27 21.84
CA PRO D 63 -16.55 -34.12 22.43
C PRO D 63 -15.17 -33.87 21.86
N ARG D 64 -15.06 -33.51 20.58
CA ARG D 64 -13.76 -33.23 19.99
C ARG D 64 -13.10 -32.00 20.62
N VAL D 65 -13.88 -30.93 20.80
CA VAL D 65 -13.35 -29.73 21.42
C VAL D 65 -12.97 -29.99 22.86
N VAL D 66 -13.77 -30.78 23.57
CA VAL D 66 -13.45 -31.12 24.95
C VAL D 66 -12.17 -31.93 25.01
N ASP D 67 -11.98 -32.87 24.09
CA ASP D 67 -10.75 -33.65 24.06
C ASP D 67 -9.54 -32.74 23.81
N LEU D 68 -9.66 -31.80 22.88
CA LEU D 68 -8.54 -30.90 22.60
C LEU D 68 -8.24 -30.02 23.81
N LEU D 69 -9.28 -29.54 24.51
CA LEU D 69 -9.07 -28.76 25.72
C LEU D 69 -8.37 -29.57 26.80
N VAL D 70 -8.74 -30.84 26.94
CA VAL D 70 -8.09 -31.71 27.91
C VAL D 70 -6.62 -31.93 27.54
N ILE D 71 -6.34 -32.06 26.25
CA ILE D 71 -4.96 -32.23 25.80
C ILE D 71 -4.14 -30.99 26.13
N LYS D 72 -4.70 -29.80 25.87
CA LYS D 72 -4.00 -28.57 26.20
C LYS D 72 -3.80 -28.42 27.70
N GLY D 73 -4.79 -28.83 28.49
CA GLY D 73 -4.63 -28.80 29.94
C GLY D 73 -3.53 -29.74 30.42
N LYS D 74 -3.41 -30.91 29.79
CA LYS D 74 -2.32 -31.81 30.13
C LYS D 74 -0.97 -31.21 29.78
N MET D 75 -0.86 -30.52 28.65
CA MET D 75 0.39 -29.84 28.34
C MET D 75 0.71 -28.76 29.36
N GLU D 76 -0.29 -27.99 29.77
CA GLU D 76 -0.06 -26.95 30.78
C GLU D 76 0.41 -27.58 32.10
N LEU D 77 -0.23 -28.68 32.49
CA LEU D 77 0.17 -29.36 33.73
C LEU D 77 1.57 -29.93 33.62
N GLU D 78 1.95 -30.47 32.46
CA GLU D 78 3.31 -30.98 32.29
C GLU D 78 4.33 -29.85 32.39
N GLU D 79 4.03 -28.70 31.78
CA GLU D 79 4.92 -27.55 31.91
C GLU D 79 5.06 -27.11 33.36
N THR D 80 3.95 -27.15 34.11
CA THR D 80 4.00 -26.72 35.50
C THR D 80 4.79 -27.70 36.37
N ILE D 81 4.57 -29.00 36.17
CA ILE D 81 5.22 -30.01 37.02
C ILE D 81 6.72 -30.02 36.79
N ASN D 82 7.15 -29.98 35.52
CA ASN D 82 8.57 -30.02 35.20
C ASN D 82 9.30 -28.73 35.53
N VAL D 83 8.58 -27.71 36.00
CA VAL D 83 9.14 -26.40 36.36
C VAL D 83 9.75 -25.77 35.11
N TRP D 84 9.16 -26.08 33.95
CA TRP D 84 9.51 -25.34 32.74
C TRP D 84 8.99 -23.91 32.82
N LYS D 85 7.78 -23.74 33.32
CA LYS D 85 7.26 -22.42 33.62
C LYS D 85 8.04 -21.80 34.77
N GLN D 86 8.10 -20.47 34.78
CA GLN D 86 8.66 -19.73 35.89
C GLN D 86 7.53 -19.18 36.75
N ARG D 87 7.89 -18.42 37.79
CA ARG D 87 6.88 -17.84 38.66
C ARG D 87 5.99 -16.87 37.90
N THR D 88 6.55 -16.16 36.92
CA THR D 88 5.76 -15.22 36.13
C THR D 88 4.66 -15.94 35.37
N HIS D 89 4.97 -17.07 34.74
CA HIS D 89 3.98 -17.79 33.95
C HIS D 89 2.84 -18.32 34.83
N ILE D 90 3.18 -18.82 36.02
CA ILE D 90 2.13 -19.27 36.94
C ILE D 90 1.29 -18.10 37.40
N MET D 91 1.92 -16.98 37.69
CA MET D 91 1.20 -15.87 38.29
C MET D 91 0.43 -15.04 37.27
N ARG D 92 0.65 -15.27 35.98
CA ARG D 92 -0.14 -14.59 34.94
C ARG D 92 -1.61 -14.97 34.97
N PHE D 93 -1.98 -16.07 35.64
CA PHE D 93 -3.36 -16.50 35.70
C PHE D 93 -4.23 -15.60 36.56
N PHE D 94 -3.64 -14.66 37.31
CA PHE D 94 -4.37 -13.90 38.30
C PHE D 94 -4.55 -12.43 37.97
N HIS D 95 -3.77 -11.88 37.03
CA HIS D 95 -3.96 -10.53 36.50
C HIS D 95 -3.94 -9.48 37.63
N GLU D 96 -2.80 -9.39 38.30
CA GLU D 96 -2.68 -8.54 39.48
C GLU D 96 -2.22 -7.12 39.15
N THR D 97 -1.89 -6.84 37.90
CA THR D 97 -1.51 -5.50 37.49
C THR D 97 -2.57 -4.83 36.63
N GLU D 98 -3.59 -5.55 36.21
CA GLU D 98 -4.65 -5.00 35.38
C GLU D 98 -5.74 -4.43 36.26
N ALA D 99 -6.03 -3.13 36.09
CA ALA D 99 -7.10 -2.51 36.84
C ALA D 99 -8.44 -3.10 36.40
N PRO D 100 -9.40 -3.23 37.32
CA PRO D 100 -10.68 -3.84 36.95
C PRO D 100 -11.44 -3.02 35.91
N ARG D 101 -11.65 -3.62 34.74
CA ARG D 101 -12.43 -2.94 33.71
C ARG D 101 -13.91 -3.04 34.04
N PRO D 102 -14.62 -1.93 34.16
CA PRO D 102 -16.03 -1.97 34.55
C PRO D 102 -16.90 -2.54 33.44
N THR D 103 -18.09 -2.99 33.84
CA THR D 103 -19.01 -3.69 32.94
C THR D 103 -20.28 -2.93 32.63
N ASP D 104 -20.82 -2.17 33.58
CA ASP D 104 -22.11 -1.53 33.38
C ASP D 104 -22.03 -0.46 32.30
N PHE D 105 -23.19 0.07 31.92
CA PHE D 105 -23.25 1.02 30.82
C PHE D 105 -22.62 2.36 31.18
N LEU D 106 -22.95 2.90 32.36
CA LEU D 106 -22.51 4.25 32.69
C LEU D 106 -21.00 4.34 32.80
N SER D 107 -20.36 3.35 33.40
CA SER D 107 -18.90 3.39 33.53
C SER D 107 -18.22 3.37 32.17
N LYS D 108 -18.69 2.51 31.26
CA LYS D 108 -18.16 2.50 29.91
C LYS D 108 -18.40 3.83 29.21
N PHE D 109 -19.58 4.42 29.41
CA PHE D 109 -19.87 5.73 28.83
C PHE D 109 -18.92 6.80 29.37
N TYR D 110 -18.55 6.69 30.64
CA TYR D 110 -17.70 7.69 31.26
C TYR D 110 -16.24 7.53 30.86
N VAL D 111 -15.78 6.31 30.63
CA VAL D 111 -14.34 6.11 30.43
C VAL D 111 -13.92 6.39 28.99
N GLY D 112 -14.49 5.71 27.99
CA GLY D 112 -13.94 5.75 26.65
C GLY D 112 -15.00 5.71 25.57
N HIS D 113 -14.53 5.54 24.33
CA HIS D 113 -15.37 5.63 23.14
C HIS D 113 -15.97 4.30 22.73
N ASP D 114 -15.61 3.20 23.37
CA ASP D 114 -16.02 1.89 22.90
C ASP D 114 -16.80 1.16 23.99
N PRO D 115 -17.70 0.25 23.60
CA PRO D 115 -18.46 -0.56 24.56
C PRO D 115 -17.57 -1.54 25.33
N LEU E 1 -52.53 5.45 30.72
CA LEU E 1 -53.95 5.59 31.05
C LEU E 1 -54.79 5.73 29.78
N GLY E 2 -54.29 6.51 28.82
CA GLY E 2 -54.96 6.73 27.56
C GLY E 2 -54.11 6.28 26.39
N LEU E 3 -54.74 6.24 25.22
CA LEU E 3 -54.10 5.79 23.99
C LEU E 3 -53.37 6.94 23.34
N ARG E 4 -52.12 6.71 22.94
CA ARG E 4 -51.31 7.73 22.27
C ARG E 4 -51.04 7.41 20.82
N GLU E 5 -50.75 6.15 20.49
CA GLU E 5 -50.49 5.77 19.10
C GLU E 5 -50.91 4.33 18.90
N ILE E 6 -51.20 4.01 17.64
CA ILE E 6 -51.49 2.64 17.20
C ILE E 6 -50.57 2.35 16.03
N ARG E 7 -49.96 1.17 16.03
CA ARG E 7 -49.04 0.77 14.97
C ARG E 7 -49.49 -0.59 14.42
N ILE E 8 -49.80 -0.63 13.14
CA ILE E 8 -50.13 -1.87 12.45
C ILE E 8 -48.99 -2.22 11.51
N HIS E 9 -48.25 -3.28 11.82
CA HIS E 9 -47.21 -3.80 10.96
C HIS E 9 -47.82 -4.95 10.18
N LEU E 10 -48.01 -4.75 8.87
CA LEU E 10 -48.61 -5.78 8.03
C LEU E 10 -47.58 -6.28 7.03
N CYS E 11 -47.61 -7.58 6.76
CA CYS E 11 -46.59 -8.22 5.93
C CYS E 11 -47.15 -8.23 4.51
N GLN E 12 -46.42 -7.62 3.57
CA GLN E 12 -47.06 -7.11 2.35
C GLN E 12 -47.67 -8.21 1.49
N ARG E 13 -46.94 -9.30 1.25
CA ARG E 13 -47.46 -10.40 0.45
C ARG E 13 -47.65 -11.69 1.25
N SER E 14 -47.44 -11.65 2.55
CA SER E 14 -47.67 -12.86 3.32
C SER E 14 -49.18 -13.14 3.41
N PRO E 15 -49.59 -14.40 3.22
CA PRO E 15 -51.03 -14.71 3.32
C PRO E 15 -51.64 -14.39 4.66
N GLY E 16 -50.90 -14.54 5.76
CA GLY E 16 -51.42 -14.27 7.08
C GLY E 16 -51.83 -12.83 7.31
N SER E 17 -51.35 -11.91 6.49
CA SER E 17 -51.72 -10.50 6.59
C SER E 17 -52.89 -10.14 5.68
N GLN E 18 -53.40 -11.10 4.90
CA GLN E 18 -54.42 -10.81 3.90
C GLN E 18 -55.60 -10.05 4.51
N GLY E 19 -56.18 -10.59 5.58
CA GLY E 19 -57.29 -9.91 6.22
C GLY E 19 -56.93 -8.51 6.64
N VAL E 20 -55.75 -8.34 7.26
CA VAL E 20 -55.29 -7.01 7.63
C VAL E 20 -55.24 -6.11 6.40
N ARG E 21 -54.66 -6.61 5.31
CA ARG E 21 -54.64 -5.84 4.08
C ARG E 21 -56.05 -5.43 3.68
N ASP E 22 -56.99 -6.37 3.75
CA ASP E 22 -58.38 -6.03 3.43
C ASP E 22 -58.85 -4.84 4.26
N PHE E 23 -58.60 -4.88 5.57
CA PHE E 23 -59.00 -3.75 6.42
C PHE E 23 -58.43 -2.45 5.88
N ILE E 24 -57.12 -2.44 5.60
CA ILE E 24 -56.49 -1.20 5.13
C ILE E 24 -57.12 -0.73 3.84
N GLU E 25 -57.49 -1.68 2.98
CA GLU E 25 -58.01 -1.25 1.69
C GLU E 25 -59.52 -0.97 1.76
N LYS E 26 -60.19 -1.33 2.86
CA LYS E 26 -61.61 -1.02 3.04
C LYS E 26 -61.89 -0.01 4.16
N ARG E 27 -61.54 -0.34 5.40
CA ARG E 27 -62.10 0.36 6.56
C ARG E 27 -61.08 1.19 7.31
N TYR E 28 -59.89 1.42 6.75
CA TYR E 28 -58.95 2.32 7.40
C TYR E 28 -59.42 3.77 7.34
N VAL E 29 -59.85 4.24 6.17
CA VAL E 29 -60.19 5.65 5.99
C VAL E 29 -61.26 6.07 6.99
N GLU E 30 -62.34 5.31 7.06
CA GLU E 30 -63.39 5.61 8.03
C GLU E 30 -62.82 5.71 9.44
N LEU E 31 -61.95 4.78 9.81
CA LEU E 31 -61.33 4.84 11.13
C LEU E 31 -60.57 6.15 11.30
N LYS E 32 -59.79 6.55 10.30
CA LYS E 32 -59.04 7.79 10.41
C LYS E 32 -59.98 8.99 10.43
N LYS E 33 -61.19 8.83 9.91
CA LYS E 33 -62.18 9.90 10.02
C LYS E 33 -62.76 9.97 11.43
N ALA E 34 -62.82 8.84 12.13
CA ALA E 34 -63.34 8.85 13.49
C ALA E 34 -62.32 9.38 14.48
N ASN E 35 -61.03 9.29 14.14
CA ASN E 35 -59.94 9.67 15.04
C ASN E 35 -58.98 10.59 14.29
N PRO E 36 -59.36 11.85 14.11
CA PRO E 36 -58.50 12.77 13.34
C PRO E 36 -57.14 13.02 13.96
N ASP E 37 -57.00 12.89 15.28
CA ASP E 37 -55.75 13.21 15.97
C ASP E 37 -55.05 11.99 16.54
N LEU E 38 -55.47 10.78 16.16
CA LEU E 38 -54.84 9.58 16.67
C LEU E 38 -53.82 9.06 15.67
N PRO E 39 -52.53 9.05 15.99
CA PRO E 39 -51.55 8.45 15.08
C PRO E 39 -51.81 6.97 14.89
N ILE E 40 -52.01 6.57 13.64
CA ILE E 40 -52.20 5.18 13.26
C ILE E 40 -51.16 4.89 12.19
N LEU E 41 -50.01 4.38 12.59
CA LEU E 41 -48.88 4.17 11.70
C LEU E 41 -48.99 2.80 11.04
N ILE E 42 -49.15 2.79 9.72
CA ILE E 42 -49.22 1.56 8.94
C ILE E 42 -47.83 1.31 8.38
N ARG E 43 -47.21 0.22 8.83
CA ARG E 43 -45.81 -0.06 8.49
C ARG E 43 -45.67 -1.43 7.84
N GLU E 44 -44.59 -1.55 7.08
CA GLU E 44 -44.27 -2.76 6.35
C GLU E 44 -43.62 -3.79 7.26
N CYS E 45 -43.93 -5.05 7.00
CA CYS E 45 -43.46 -6.18 7.80
C CYS E 45 -42.50 -7.06 7.02
N SER E 46 -41.74 -7.84 7.79
CA SER E 46 -40.83 -8.85 7.26
C SER E 46 -41.61 -10.10 6.89
N ASP E 47 -40.91 -11.21 6.71
CA ASP E 47 -41.58 -12.48 6.48
C ASP E 47 -42.05 -13.15 7.77
N VAL E 48 -42.20 -12.41 8.86
CA VAL E 48 -42.39 -13.03 10.17
C VAL E 48 -43.86 -13.17 10.57
N GLN E 49 -44.56 -12.06 10.83
CA GLN E 49 -45.86 -12.06 11.49
C GLN E 49 -46.52 -10.67 11.41
N PRO E 50 -47.84 -10.59 11.27
CA PRO E 50 -48.52 -9.31 11.42
C PRO E 50 -48.81 -9.03 12.88
N LYS E 51 -48.60 -7.78 13.29
CA LYS E 51 -48.80 -7.40 14.69
C LYS E 51 -49.46 -6.04 14.76
N LEU E 52 -50.02 -5.75 15.93
CA LEU E 52 -50.64 -4.46 16.23
C LEU E 52 -50.09 -3.95 17.55
N TRP E 53 -49.57 -2.73 17.55
CA TRP E 53 -48.94 -2.16 18.73
C TRP E 53 -49.79 -1.01 19.25
N ALA E 54 -50.03 -1.02 20.56
CA ALA E 54 -50.79 0.04 21.22
C ALA E 54 -49.89 0.66 22.29
N ARG E 55 -49.75 1.98 22.22
CA ARG E 55 -48.92 2.74 23.15
C ARG E 55 -49.83 3.59 24.02
N TYR E 56 -49.54 3.62 25.31
CA TYR E 56 -50.33 4.32 26.31
C TYR E 56 -49.49 5.37 27.01
N ALA E 57 -50.08 5.99 28.03
CA ALA E 57 -49.41 7.06 28.75
C ALA E 57 -48.15 6.55 29.44
N PHE E 58 -47.13 7.41 29.47
CA PHE E 58 -45.86 7.12 30.15
C PHE E 58 -45.15 5.90 29.56
N GLY E 59 -45.24 5.75 28.25
CA GLY E 59 -44.43 4.77 27.54
C GLY E 59 -44.73 3.31 27.83
N GLN E 60 -45.98 3.00 28.16
CA GLN E 60 -46.43 1.61 28.24
C GLN E 60 -46.82 1.17 26.84
N GLU E 61 -46.54 -0.08 26.52
CA GLU E 61 -46.75 -0.54 25.15
C GLU E 61 -47.02 -2.03 25.13
N LYS E 62 -48.08 -2.43 24.41
CA LYS E 62 -48.41 -3.84 24.29
C LYS E 62 -48.88 -4.16 22.89
N ASN E 63 -48.62 -5.40 22.47
CA ASN E 63 -48.85 -5.83 21.11
C ASN E 63 -49.79 -7.03 21.06
N VAL E 64 -50.45 -7.18 19.92
CA VAL E 64 -51.40 -8.26 19.65
C VAL E 64 -51.05 -8.87 18.31
N SER E 65 -51.00 -10.21 18.27
CA SER E 65 -50.76 -10.88 17.00
C SER E 65 -52.01 -10.84 16.14
N LEU E 66 -51.84 -10.47 14.87
CA LEU E 66 -52.93 -10.39 13.92
C LEU E 66 -52.81 -11.45 12.82
N ASN E 67 -52.13 -12.55 13.11
CA ASN E 67 -51.91 -13.58 12.11
C ASN E 67 -53.22 -14.27 11.75
N ASN E 68 -53.50 -14.37 10.46
CA ASN E 68 -54.66 -15.05 9.89
C ASN E 68 -55.98 -14.43 10.32
N PHE E 69 -55.96 -13.27 10.98
CA PHE E 69 -57.18 -12.57 11.33
C PHE E 69 -57.89 -12.10 10.06
N SER E 70 -59.21 -12.27 10.05
CA SER E 70 -60.05 -11.69 9.02
C SER E 70 -60.15 -10.19 9.25
N ALA E 71 -60.71 -9.48 8.28
CA ALA E 71 -60.88 -8.04 8.42
C ALA E 71 -61.80 -7.71 9.59
N ASP E 72 -62.83 -8.53 9.81
CA ASP E 72 -63.74 -8.31 10.93
C ASP E 72 -63.02 -8.48 12.26
N GLN E 73 -62.14 -9.48 12.36
CA GLN E 73 -61.36 -9.65 13.59
C GLN E 73 -60.44 -8.47 13.82
N VAL E 74 -59.83 -7.93 12.75
CA VAL E 74 -58.94 -6.79 12.89
C VAL E 74 -59.71 -5.57 13.37
N THR E 75 -60.89 -5.30 12.78
CA THR E 75 -61.65 -4.14 13.20
C THR E 75 -62.22 -4.32 14.60
N ARG E 76 -62.54 -5.55 14.99
CA ARG E 76 -62.94 -5.80 16.37
C ARG E 76 -61.80 -5.55 17.34
N THR E 77 -60.58 -5.96 16.97
CA THR E 77 -59.43 -5.69 17.82
C THR E 77 -59.18 -4.20 17.97
N LEU E 78 -59.29 -3.45 16.87
CA LEU E 78 -59.16 -2.00 16.96
C LEU E 78 -60.27 -1.38 17.79
N GLU E 79 -61.49 -1.91 17.70
CA GLU E 79 -62.57 -1.39 18.53
C GLU E 79 -62.30 -1.65 20.00
N ASN E 80 -61.78 -2.83 20.33
CA ASN E 80 -61.44 -3.13 21.72
C ASN E 80 -60.32 -2.24 22.23
N VAL E 81 -59.28 -2.04 21.42
CA VAL E 81 -58.14 -1.22 21.85
C VAL E 81 -58.56 0.24 22.00
N LEU E 82 -59.33 0.75 21.04
CA LEU E 82 -59.79 2.13 21.12
C LEU E 82 -60.70 2.36 22.31
N SER E 83 -61.57 1.38 22.61
CA SER E 83 -62.36 1.45 23.82
C SER E 83 -61.50 1.17 25.04
N GLY E 84 -62.04 1.47 26.22
CA GLY E 84 -61.31 1.27 27.45
C GLY E 84 -61.17 -0.18 27.83
N LYS E 85 -60.57 -0.97 26.94
CA LYS E 85 -60.49 -2.41 27.10
C LYS E 85 -59.11 -2.90 26.67
N ALA E 86 -58.72 -4.04 27.24
CA ALA E 86 -57.46 -4.70 26.89
C ALA E 86 -56.26 -3.76 27.02
N SER F 1 1.72 -54.48 67.38
CA SER F 1 0.71 -55.07 66.50
C SER F 1 0.32 -54.09 65.40
N ASP F 2 -0.64 -54.50 64.57
CA ASP F 2 -1.13 -53.68 63.48
C ASP F 2 -2.29 -52.81 63.99
N ALA F 3 -3.03 -52.21 63.06
CA ALA F 3 -4.17 -51.40 63.43
C ALA F 3 -5.27 -52.28 64.05
N PRO F 4 -6.07 -51.72 64.95
CA PRO F 4 -7.19 -52.48 65.52
C PRO F 4 -8.21 -52.85 64.46
N PRO F 5 -9.14 -53.75 64.76
CA PRO F 5 -10.07 -54.22 63.72
C PRO F 5 -11.12 -53.20 63.32
N LEU F 6 -10.76 -52.35 62.34
CA LEU F 6 -11.66 -51.32 61.81
C LEU F 6 -13.08 -51.86 61.61
N THR F 7 -14.05 -51.05 62.01
CA THR F 7 -15.45 -51.41 61.96
C THR F 7 -16.23 -50.41 61.11
N LEU F 8 -17.49 -50.74 60.85
CA LEU F 8 -18.35 -49.86 60.06
C LEU F 8 -18.61 -48.54 60.76
N GLU F 9 -18.73 -48.57 62.10
CA GLU F 9 -18.97 -47.33 62.84
C GLU F 9 -17.81 -46.36 62.71
N ALA F 10 -16.57 -46.86 62.79
CA ALA F 10 -15.41 -45.99 62.64
C ALA F 10 -15.34 -45.42 61.23
N ILE F 11 -15.67 -46.23 60.22
CA ILE F 11 -15.69 -45.74 58.84
C ILE F 11 -16.73 -44.64 58.71
N LYS F 12 -17.91 -44.83 59.29
CA LYS F 12 -18.94 -43.80 59.29
C LYS F 12 -18.44 -42.52 59.93
N ASP F 13 -17.78 -42.64 61.09
CA ASP F 13 -17.30 -41.47 61.79
C ASP F 13 -16.27 -40.70 60.97
N ARG F 14 -15.34 -41.42 60.36
CA ARG F 14 -14.32 -40.75 59.56
C ARG F 14 -14.93 -40.10 58.31
N VAL F 15 -15.89 -40.77 57.67
CA VAL F 15 -16.54 -40.19 56.50
C VAL F 15 -17.25 -38.90 56.88
N LEU F 16 -18.01 -38.93 57.97
CA LEU F 16 -18.73 -37.73 58.38
C LEU F 16 -17.77 -36.62 58.82
N TYR F 17 -16.66 -36.99 59.46
CA TYR F 17 -15.67 -35.99 59.85
C TYR F 17 -15.09 -35.28 58.65
N VAL F 18 -14.63 -36.05 57.65
CA VAL F 18 -14.04 -35.43 56.47
C VAL F 18 -15.08 -34.72 55.62
N LEU F 19 -16.36 -35.09 55.74
CA LEU F 19 -17.39 -34.35 55.02
C LEU F 19 -17.70 -33.02 55.71
N LYS F 20 -17.68 -33.00 57.04
CA LYS F 20 -17.91 -31.76 57.76
C LYS F 20 -16.71 -30.82 57.71
N LEU F 21 -15.57 -31.26 57.19
CA LEU F 21 -14.42 -30.41 56.96
C LEU F 21 -14.46 -29.75 55.59
N TYR F 22 -15.51 -30.00 54.82
CA TYR F 22 -15.65 -29.51 53.46
C TYR F 22 -16.50 -28.24 53.50
N ASP F 23 -15.92 -27.12 53.04
CA ASP F 23 -16.50 -25.81 53.32
C ASP F 23 -17.85 -25.59 52.64
N LYS F 24 -18.13 -26.26 51.53
CA LYS F 24 -19.38 -26.05 50.80
C LYS F 24 -20.51 -26.96 51.28
N ILE F 25 -20.31 -27.72 52.35
CA ILE F 25 -21.35 -28.52 52.96
C ILE F 25 -21.53 -28.03 54.40
N ASP F 26 -22.76 -27.66 54.75
CA ASP F 26 -23.03 -27.29 56.12
C ASP F 26 -23.30 -28.52 56.98
N PRO F 27 -22.91 -28.49 58.26
CA PRO F 27 -23.17 -29.64 59.14
C PRO F 27 -24.65 -29.88 59.39
N GLU F 28 -25.51 -28.89 59.15
CA GLU F 28 -26.92 -29.00 59.50
C GLU F 28 -27.71 -29.90 58.57
N LYS F 29 -27.33 -29.97 57.29
CA LYS F 29 -28.06 -30.77 56.32
C LYS F 29 -27.38 -32.07 55.95
N LEU F 30 -26.36 -32.49 56.69
CA LEU F 30 -25.57 -33.65 56.32
C LEU F 30 -26.10 -34.88 57.04
N SER F 31 -26.46 -35.91 56.28
CA SER F 31 -26.84 -37.22 56.81
C SER F 31 -26.18 -38.30 55.97
N VAL F 32 -26.34 -39.55 56.41
CA VAL F 32 -25.75 -40.68 55.70
C VAL F 32 -26.42 -40.87 54.34
N ASN F 33 -27.73 -40.66 54.27
CA ASN F 33 -28.51 -40.84 53.05
C ASN F 33 -28.73 -39.53 52.30
N SER F 34 -27.85 -38.56 52.48
CA SER F 34 -28.00 -37.26 51.82
C SER F 34 -27.23 -37.28 50.49
N HIS F 35 -27.96 -37.16 49.38
CA HIS F 35 -27.33 -37.12 48.08
C HIS F 35 -26.66 -35.77 47.84
N PHE F 36 -25.54 -35.81 47.12
CA PHE F 36 -24.71 -34.62 46.96
C PHE F 36 -25.39 -33.56 46.10
N MET F 37 -25.92 -33.94 44.94
CA MET F 37 -26.55 -32.97 44.06
C MET F 37 -28.04 -32.78 44.33
N LYS F 38 -28.76 -33.87 44.56
CA LYS F 38 -30.20 -33.78 44.72
C LYS F 38 -30.60 -33.20 46.08
N ASP F 39 -29.79 -33.40 47.11
CA ASP F 39 -30.10 -32.88 48.45
C ASP F 39 -29.15 -31.76 48.85
N LEU F 40 -27.84 -32.02 48.85
CA LEU F 40 -26.87 -31.01 49.26
C LEU F 40 -26.64 -29.95 48.19
N GLY F 41 -27.01 -30.22 46.95
CA GLY F 41 -26.86 -29.25 45.87
C GLY F 41 -25.43 -28.89 45.56
N LEU F 42 -24.66 -29.88 45.13
CA LEU F 42 -23.25 -29.70 44.78
C LEU F 42 -23.05 -29.95 43.28
N ASP F 43 -21.80 -29.95 42.86
CA ASP F 43 -21.44 -30.14 41.47
C ASP F 43 -20.61 -31.42 41.31
N SER F 44 -20.38 -31.80 40.06
CA SER F 44 -19.57 -32.98 39.78
C SER F 44 -18.13 -32.79 40.25
N LEU F 45 -17.58 -31.60 40.06
CA LEU F 45 -16.23 -31.33 40.54
C LEU F 45 -16.17 -31.31 42.07
N ASP F 46 -17.25 -30.86 42.72
CA ASP F 46 -17.35 -30.99 44.17
C ASP F 46 -17.29 -32.45 44.59
N GLN F 47 -18.01 -33.32 43.87
CA GLN F 47 -17.96 -34.74 44.17
C GLN F 47 -16.56 -35.30 43.97
N VAL F 48 -15.86 -34.83 42.93
CA VAL F 48 -14.48 -35.27 42.71
C VAL F 48 -13.58 -34.86 43.88
N GLU F 49 -13.76 -33.63 44.37
CA GLU F 49 -13.00 -33.19 45.54
C GLU F 49 -13.32 -34.03 46.76
N ILE F 50 -14.60 -34.39 46.94
CA ILE F 50 -14.99 -35.24 48.06
C ILE F 50 -14.31 -36.61 47.96
N ILE F 51 -14.27 -37.17 46.75
CA ILE F 51 -13.64 -38.47 46.56
C ILE F 51 -12.14 -38.40 46.84
N MET F 52 -11.48 -37.33 46.41
CA MET F 52 -10.06 -37.19 46.73
C MET F 52 -9.83 -36.98 48.22
N ALA F 53 -10.77 -36.32 48.91
CA ALA F 53 -10.69 -36.24 50.36
C ALA F 53 -10.82 -37.62 50.99
N MET F 54 -11.72 -38.45 50.45
CA MET F 54 -11.86 -39.83 50.95
C MET F 54 -10.57 -40.61 50.75
N GLU F 55 -9.95 -40.48 49.58
CA GLU F 55 -8.69 -41.16 49.32
C GLU F 55 -7.59 -40.68 50.25
N ASP F 56 -7.54 -39.38 50.52
CA ASP F 56 -6.55 -38.85 51.44
C ASP F 56 -6.77 -39.37 52.86
N GLU F 57 -8.02 -39.50 53.29
CA GLU F 57 -8.29 -39.99 54.63
C GLU F 57 -7.97 -41.48 54.76
N PHE F 58 -8.63 -42.32 53.96
CA PHE F 58 -8.48 -43.76 54.11
C PHE F 58 -7.19 -44.30 53.53
N GLY F 59 -6.48 -43.52 52.72
CA GLY F 59 -5.15 -43.90 52.28
C GLY F 59 -5.09 -44.90 51.15
N PHE F 60 -6.14 -44.99 50.32
CA PHE F 60 -6.10 -45.85 49.16
C PHE F 60 -6.82 -45.17 48.01
N GLU F 61 -6.46 -45.56 46.80
CA GLU F 61 -6.98 -44.91 45.59
C GLU F 61 -8.32 -45.48 45.19
N ILE F 62 -9.26 -44.59 44.85
CA ILE F 62 -10.54 -44.96 44.26
C ILE F 62 -10.45 -44.66 42.77
N PRO F 63 -10.60 -45.66 41.89
CA PRO F 63 -10.37 -45.44 40.46
C PRO F 63 -11.29 -44.40 39.83
N ASP F 64 -11.00 -44.01 38.58
CA ASP F 64 -11.88 -43.09 37.87
C ASP F 64 -13.26 -43.70 37.69
N ILE F 65 -13.32 -44.96 37.26
CA ILE F 65 -14.58 -45.70 37.29
C ILE F 65 -14.92 -46.01 38.74
N ASP F 66 -16.17 -46.42 38.96
CA ASP F 66 -16.84 -46.85 40.19
C ASP F 66 -16.69 -45.82 41.31
N ALA F 67 -16.17 -44.63 41.02
CA ALA F 67 -16.23 -43.50 41.93
C ALA F 67 -17.32 -42.50 41.54
N GLU F 68 -17.88 -42.65 40.36
CA GLU F 68 -18.99 -41.80 39.90
C GLU F 68 -20.34 -42.29 40.41
N LYS F 69 -20.38 -43.46 41.04
CA LYS F 69 -21.60 -43.97 41.65
C LYS F 69 -21.69 -43.70 43.14
N LEU F 70 -20.73 -42.97 43.71
CA LEU F 70 -20.77 -42.60 45.13
C LEU F 70 -21.55 -41.30 45.24
N MET F 71 -22.83 -41.41 45.57
CA MET F 71 -23.74 -40.27 45.55
C MET F 71 -24.07 -39.74 46.93
N CYS F 72 -24.08 -40.59 47.95
CA CYS F 72 -24.30 -40.17 49.33
C CYS F 72 -23.31 -40.94 50.19
N PRO F 73 -23.10 -40.51 51.45
CA PRO F 73 -22.12 -41.19 52.31
C PRO F 73 -22.35 -42.69 52.45
N GLN F 74 -23.57 -43.16 52.22
CA GLN F 74 -23.84 -44.59 52.33
C GLN F 74 -23.06 -45.39 51.29
N GLU F 75 -23.02 -44.91 50.05
CA GLU F 75 -22.22 -45.62 49.05
C GLU F 75 -20.74 -45.56 49.38
N ILE F 76 -20.28 -44.44 49.96
CA ILE F 76 -18.88 -44.34 50.36
C ILE F 76 -18.55 -45.39 51.40
N VAL F 77 -19.40 -45.51 52.42
CA VAL F 77 -19.18 -46.49 53.48
C VAL F 77 -19.22 -47.91 52.92
N ASP F 78 -20.20 -48.19 52.05
CA ASP F 78 -20.32 -49.52 51.46
C ASP F 78 -19.09 -49.86 50.63
N TYR F 79 -18.63 -48.92 49.80
CA TYR F 79 -17.47 -49.16 48.95
C TYR F 79 -16.22 -49.39 49.79
N ILE F 80 -16.02 -48.59 50.84
CA ILE F 80 -14.84 -48.74 51.68
C ILE F 80 -14.88 -50.05 52.45
N ALA F 81 -16.05 -50.42 52.96
CA ALA F 81 -16.18 -51.70 53.67
C ALA F 81 -15.91 -52.87 52.74
N ASP F 82 -16.42 -52.81 51.51
CA ASP F 82 -16.16 -53.88 50.55
C ASP F 82 -14.68 -53.95 50.20
N LYS F 83 -14.03 -52.80 49.98
CA LYS F 83 -12.63 -52.82 49.58
C LYS F 83 -11.73 -53.30 50.70
N LYS F 84 -11.98 -52.85 51.94
CA LYS F 84 -11.15 -53.22 53.08
C LYS F 84 -11.59 -54.52 53.74
N ASP F 85 -12.63 -55.17 53.22
CA ASP F 85 -13.15 -56.43 53.75
C ASP F 85 -13.53 -56.30 55.22
N VAL F 86 -14.24 -55.21 55.54
CA VAL F 86 -14.76 -54.96 56.88
C VAL F 86 -16.21 -55.41 56.90
N TYR F 87 -16.55 -56.29 57.84
CA TYR F 87 -17.86 -56.91 57.89
C TYR F 87 -18.73 -56.47 59.05
N GLU F 88 -18.15 -55.94 60.12
CA GLU F 88 -18.94 -55.49 61.26
C GLU F 88 -18.83 -53.98 61.44
N LEU G 1 36.64 -59.85 1.59
CA LEU G 1 37.75 -59.25 0.88
C LEU G 1 37.78 -57.74 1.08
N LYS G 2 36.68 -57.09 0.72
CA LYS G 2 36.58 -55.64 0.90
C LYS G 2 36.51 -55.29 2.38
N LYS G 3 37.10 -54.15 2.73
CA LYS G 3 37.13 -53.66 4.10
C LYS G 3 36.64 -52.22 4.12
N THR G 4 35.90 -51.87 5.19
CA THR G 4 35.46 -50.49 5.42
C THR G 4 34.62 -49.97 4.26
N THR G 5 33.40 -50.51 4.15
CA THR G 5 32.41 -50.06 3.17
C THR G 5 32.38 -48.54 3.02
N GLY G 6 32.63 -47.81 4.11
CA GLY G 6 32.75 -46.38 4.08
C GLY G 6 31.60 -45.64 4.73
N LEU G 7 30.47 -46.30 4.93
CA LEU G 7 29.32 -45.72 5.61
C LEU G 7 29.31 -46.22 7.04
N VAL G 8 29.21 -45.29 7.99
CA VAL G 8 29.23 -45.64 9.40
C VAL G 8 27.97 -46.44 9.74
N GLY G 9 28.16 -47.55 10.44
CA GLY G 9 27.07 -48.42 10.82
C GLY G 9 26.70 -49.47 9.80
N LEU G 10 27.31 -49.46 8.63
CA LEU G 10 27.06 -50.45 7.59
C LEU G 10 28.29 -51.35 7.50
N ALA G 11 28.20 -52.52 8.10
CA ALA G 11 29.31 -53.44 8.14
C ALA G 11 29.46 -54.15 6.79
N VAL G 12 30.68 -54.66 6.56
CA VAL G 12 30.93 -55.42 5.34
C VAL G 12 30.23 -56.76 5.43
N CYS G 13 29.47 -57.11 4.41
CA CYS G 13 28.75 -58.37 4.34
C CYS G 13 29.57 -59.36 3.54
N GLU G 14 30.16 -60.33 4.21
CA GLU G 14 30.87 -61.40 3.53
C GLU G 14 29.87 -62.34 2.87
N THR G 15 30.22 -62.79 1.65
CA THR G 15 29.36 -63.62 0.81
C THR G 15 27.98 -63.00 0.67
N PRO G 16 27.85 -61.89 -0.08
CA PRO G 16 26.53 -61.26 -0.22
C PRO G 16 25.62 -61.91 -1.24
N HIS G 17 26.12 -62.84 -2.05
CA HIS G 17 25.33 -63.39 -3.14
C HIS G 17 24.15 -64.21 -2.62
N GLU G 18 24.40 -65.14 -1.71
CA GLU G 18 23.30 -65.94 -1.20
C GLU G 18 22.38 -65.12 -0.30
N ARG G 19 22.92 -64.12 0.38
CA ARG G 19 22.06 -63.21 1.15
C ARG G 19 21.08 -62.49 0.23
N LEU G 20 21.57 -61.98 -0.91
CA LEU G 20 20.69 -61.31 -1.86
C LEU G 20 19.69 -62.28 -2.46
N LYS G 21 20.12 -63.51 -2.74
CA LYS G 21 19.20 -64.52 -3.26
C LYS G 21 18.08 -64.80 -2.25
N ILE G 22 18.43 -64.94 -0.98
CA ILE G 22 17.43 -65.19 0.06
C ILE G 22 16.46 -64.02 0.14
N LEU G 23 16.99 -62.79 0.15
CA LEU G 23 16.12 -61.62 0.28
C LEU G 23 15.16 -61.50 -0.90
N TYR G 24 15.68 -61.69 -2.12
CA TYR G 24 14.82 -61.57 -3.30
C TYR G 24 13.79 -62.68 -3.34
N THR G 25 14.16 -63.90 -2.93
CA THR G 25 13.17 -64.98 -2.89
C THR G 25 12.08 -64.71 -1.87
N LYS G 26 12.45 -64.15 -0.70
CA LYS G 26 11.42 -63.78 0.27
C LYS G 26 10.50 -62.70 -0.27
N ILE G 27 11.07 -61.71 -0.97
CA ILE G 27 10.24 -60.65 -1.54
C ILE G 27 9.26 -61.24 -2.56
N LEU G 28 9.74 -62.16 -3.40
CA LEU G 28 8.85 -62.81 -4.36
C LEU G 28 7.76 -63.62 -3.67
N ASP G 29 8.12 -64.34 -2.61
CA ASP G 29 7.15 -65.15 -1.89
C ASP G 29 6.06 -64.28 -1.28
N VAL G 30 6.45 -63.15 -0.67
CA VAL G 30 5.45 -62.29 -0.05
C VAL G 30 4.62 -61.56 -1.12
N LEU G 31 5.21 -61.28 -2.28
CA LEU G 31 4.43 -60.69 -3.38
C LEU G 31 3.43 -61.69 -3.94
N GLY G 32 3.70 -62.98 -3.80
CA GLY G 32 2.76 -63.99 -4.25
C GLY G 32 1.42 -63.94 -3.56
N GLN G 33 1.34 -63.30 -2.39
CA GLN G 33 0.09 -63.20 -1.64
C GLN G 33 -0.70 -61.95 -1.98
N ILE G 34 -0.20 -61.11 -2.88
CA ILE G 34 -0.87 -59.87 -3.27
C ILE G 34 -1.67 -60.17 -4.53
N PRO G 35 -2.84 -59.54 -4.71
CA PRO G 35 -3.64 -59.80 -5.93
C PRO G 35 -2.84 -59.51 -7.19
N LYS G 36 -3.10 -60.32 -8.22
CA LYS G 36 -2.27 -60.28 -9.43
C LYS G 36 -2.44 -58.97 -10.19
N ASN G 37 -3.63 -58.37 -10.18
CA ASN G 37 -3.88 -57.15 -10.93
C ASN G 37 -3.38 -55.90 -10.21
N ALA G 38 -2.86 -56.02 -8.99
CA ALA G 38 -2.32 -54.88 -8.29
C ALA G 38 -1.05 -54.38 -8.98
N ALA G 39 -0.94 -53.07 -9.17
CA ALA G 39 0.22 -52.51 -9.83
C ALA G 39 1.48 -52.71 -9.00
N TYR G 40 1.37 -52.64 -7.67
CA TYR G 40 2.54 -52.84 -6.82
C TYR G 40 3.15 -54.21 -7.05
N ARG G 41 2.30 -55.24 -7.11
CA ARG G 41 2.81 -56.60 -7.29
C ARG G 41 3.57 -56.74 -8.60
N LYS G 42 2.97 -56.33 -9.72
CA LYS G 42 3.63 -56.51 -11.00
C LYS G 42 4.91 -55.71 -11.09
N TYR G 43 4.89 -54.45 -10.62
CA TYR G 43 6.07 -53.61 -10.70
C TYR G 43 7.21 -54.18 -9.85
N THR G 44 6.89 -54.56 -8.61
CA THR G 44 7.93 -55.03 -7.70
C THR G 44 8.47 -56.38 -8.14
N GLU G 45 7.60 -57.28 -8.63
CA GLU G 45 8.09 -58.54 -9.18
C GLU G 45 8.99 -58.31 -10.38
N GLN G 46 8.62 -57.38 -11.25
CA GLN G 46 9.46 -57.08 -12.41
C GLN G 46 10.85 -56.64 -11.98
N ILE G 47 10.93 -55.64 -11.10
CA ILE G 47 12.25 -55.11 -10.74
C ILE G 47 13.04 -56.12 -9.92
N THR G 48 12.39 -56.86 -9.03
CA THR G 48 13.13 -57.81 -8.21
C THR G 48 13.54 -59.03 -9.02
N ASN G 49 12.79 -59.41 -10.05
CA ASN G 49 13.22 -60.47 -10.94
C ASN G 49 14.42 -60.04 -11.76
N GLU G 50 14.41 -58.80 -12.25
CA GLU G 50 15.58 -58.26 -12.92
C GLU G 50 16.81 -58.33 -12.02
N LYS G 51 16.67 -57.86 -10.78
CA LYS G 51 17.79 -57.86 -9.85
C LYS G 51 18.26 -59.26 -9.50
N LEU G 52 17.32 -60.19 -9.30
CA LEU G 52 17.69 -61.56 -8.95
C LEU G 52 18.42 -62.25 -10.11
N GLY G 53 17.96 -62.05 -11.34
CA GLY G 53 18.67 -62.58 -12.48
C GLY G 53 20.07 -61.98 -12.60
N MET G 54 20.19 -60.68 -12.37
CA MET G 54 21.51 -60.04 -12.42
C MET G 54 22.44 -60.63 -11.35
N VAL G 55 21.91 -60.86 -10.15
CA VAL G 55 22.72 -61.45 -9.08
C VAL G 55 23.15 -62.87 -9.44
N LYS G 56 22.23 -63.66 -10.00
CA LYS G 56 22.55 -65.03 -10.35
C LYS G 56 23.60 -65.09 -11.46
N ALA G 57 23.56 -64.15 -12.39
CA ALA G 57 24.39 -64.22 -13.58
C ALA G 57 25.80 -63.66 -13.40
N GLU G 58 26.15 -63.13 -12.22
CA GLU G 58 27.47 -62.53 -12.00
C GLU G 58 28.07 -63.04 -10.69
N PRO G 59 29.24 -63.68 -10.74
CA PRO G 59 29.88 -64.11 -9.49
C PRO G 59 30.75 -63.02 -8.85
N ASP G 60 31.23 -62.08 -9.66
CA ASP G 60 32.09 -61.03 -9.16
C ASP G 60 31.28 -59.95 -8.45
N VAL G 61 31.81 -59.48 -7.33
CA VAL G 61 31.14 -58.45 -6.53
C VAL G 61 31.23 -57.08 -7.18
N LYS G 62 32.41 -56.72 -7.70
CA LYS G 62 32.58 -55.41 -8.31
C LYS G 62 31.73 -55.26 -9.57
N LYS G 63 31.74 -56.27 -10.43
CA LYS G 63 30.92 -56.21 -11.64
C LYS G 63 29.44 -56.23 -11.31
N LEU G 64 29.05 -56.99 -10.28
CA LEU G 64 27.66 -56.99 -9.85
C LEU G 64 27.24 -55.62 -9.36
N GLU G 65 28.10 -54.95 -8.60
CA GLU G 65 27.80 -53.60 -8.14
C GLU G 65 27.70 -52.63 -9.32
N GLU G 66 28.60 -52.77 -10.29
CA GLU G 66 28.55 -51.89 -11.46
C GLU G 66 27.25 -52.06 -12.24
N GLN G 67 26.85 -53.30 -12.47
CA GLN G 67 25.64 -53.55 -13.27
C GLN G 67 24.38 -53.19 -12.49
N LEU G 68 24.31 -53.56 -11.21
CA LEU G 68 23.11 -53.31 -10.43
C LEU G 68 22.80 -51.83 -10.27
N GLN G 69 23.82 -50.97 -10.33
CA GLN G 69 23.66 -49.53 -10.13
C GLN G 69 23.04 -49.24 -8.76
N GLY G 70 23.24 -50.15 -7.81
CA GLY G 70 22.61 -50.03 -6.52
C GLY G 70 23.52 -49.45 -5.46
N GLY G 71 24.74 -49.07 -5.84
CA GLY G 71 25.59 -48.41 -4.88
C GLY G 71 26.16 -49.27 -3.78
N GLN G 72 27.19 -50.08 -4.08
CA GLN G 72 27.95 -50.73 -3.01
C GLN G 72 27.13 -51.77 -2.25
N ILE G 73 27.08 -52.99 -2.81
CA ILE G 73 26.08 -54.03 -2.62
C ILE G 73 25.54 -54.18 -1.20
N GLU G 74 26.35 -53.87 -0.18
CA GLU G 74 25.79 -53.82 1.17
C GLU G 74 24.56 -52.93 1.25
N GLU G 75 24.61 -51.78 0.57
CA GLU G 75 23.42 -50.94 0.46
C GLU G 75 22.33 -51.62 -0.35
N VAL G 76 22.69 -52.46 -1.32
CA VAL G 76 21.69 -53.22 -2.06
C VAL G 76 20.99 -54.21 -1.14
N ILE G 77 21.74 -54.83 -0.23
CA ILE G 77 21.14 -55.72 0.76
C ILE G 77 20.20 -54.95 1.68
N LEU G 78 20.64 -53.76 2.11
CA LEU G 78 19.77 -52.92 2.95
C LEU G 78 18.48 -52.56 2.22
N GLN G 79 18.58 -52.22 0.94
CA GLN G 79 17.38 -51.89 0.17
C GLN G 79 16.50 -53.11 -0.06
N ALA G 80 17.08 -54.30 -0.19
CA ALA G 80 16.28 -55.51 -0.30
C ALA G 80 15.49 -55.75 0.98
N GLU G 81 16.13 -55.56 2.14
CA GLU G 81 15.41 -55.68 3.40
C GLU G 81 14.29 -54.65 3.50
N ASN G 82 14.57 -53.42 3.09
CA ASN G 82 13.54 -52.38 3.10
C ASN G 82 12.38 -52.75 2.20
N GLU G 83 12.66 -53.31 1.03
CA GLU G 83 11.61 -53.70 0.10
C GLU G 83 10.77 -54.84 0.67
N LEU G 84 11.40 -55.80 1.35
CA LEU G 84 10.64 -56.87 1.98
C LEU G 84 9.71 -56.33 3.06
N SER G 85 10.23 -55.43 3.90
CA SER G 85 9.39 -54.82 4.93
C SER G 85 8.23 -54.05 4.32
N LEU G 86 8.51 -53.27 3.27
CA LEU G 86 7.45 -52.54 2.59
C LEU G 86 6.44 -53.49 1.98
N ALA G 87 6.87 -54.62 1.45
CA ALA G 87 5.93 -55.56 0.86
C ALA G 87 4.98 -56.12 1.91
N ARG G 88 5.50 -56.44 3.09
CA ARG G 88 4.61 -56.88 4.17
C ARG G 88 3.63 -55.77 4.56
N LYS G 89 4.12 -54.55 4.70
CA LYS G 89 3.23 -53.44 5.07
C LYS G 89 2.18 -53.20 4.00
N MET G 90 2.57 -53.28 2.73
CA MET G 90 1.64 -53.13 1.61
C MET G 90 0.58 -54.22 1.62
N LEU G 91 0.99 -55.45 1.98
CA LEU G 91 0.02 -56.53 2.09
C LEU G 91 -1.00 -56.24 3.16
N ARG G 92 -0.58 -55.68 4.28
CA ARG G 92 -1.57 -55.35 5.32
C ARG G 92 -2.41 -54.13 4.94
N TRP G 93 -1.84 -53.14 4.26
CA TRP G 93 -2.56 -51.90 3.97
C TRP G 93 -3.58 -52.07 2.86
N LYS G 94 -3.24 -52.83 1.82
CA LYS G 94 -4.08 -53.03 0.64
C LYS G 94 -4.46 -51.71 -0.02
N PRO G 95 -3.52 -50.96 -0.59
CA PRO G 95 -3.89 -49.71 -1.25
C PRO G 95 -4.22 -49.85 -2.73
N TRP G 96 -4.28 -51.07 -3.27
CA TRP G 96 -4.76 -51.25 -4.63
C TRP G 96 -6.25 -51.04 -4.74
N GLU G 97 -6.96 -50.90 -3.62
CA GLU G 97 -8.38 -50.65 -3.61
C GLU G 97 -8.67 -49.25 -4.15
N PRO G 98 -9.90 -48.99 -4.59
CA PRO G 98 -10.21 -47.66 -5.15
C PRO G 98 -10.06 -46.56 -4.11
N LEU G 99 -10.12 -45.32 -4.60
CA LEU G 99 -9.90 -44.14 -3.76
C LEU G 99 -10.89 -44.12 -2.60
N VAL G 100 -10.35 -43.85 -1.40
CA VAL G 100 -11.18 -43.93 -0.20
C VAL G 100 -12.22 -42.82 -0.18
N GLU G 101 -11.86 -41.63 -0.62
CA GLU G 101 -12.77 -40.48 -0.57
C GLU G 101 -12.24 -39.41 -1.51
N GLU G 102 -13.17 -38.70 -2.14
CA GLU G 102 -12.82 -37.55 -2.94
C GLU G 102 -12.71 -36.32 -2.06
N PRO G 103 -11.86 -35.36 -2.42
CA PRO G 103 -11.74 -34.15 -1.60
C PRO G 103 -12.95 -33.25 -1.75
N PRO G 104 -13.12 -32.27 -0.88
CA PRO G 104 -14.19 -31.29 -1.08
C PRO G 104 -14.05 -30.57 -2.41
N ALA G 105 -15.08 -29.79 -2.75
CA ALA G 105 -15.23 -29.23 -4.09
C ALA G 105 -14.00 -28.45 -4.56
N ASN G 106 -13.50 -27.54 -3.73
CA ASN G 106 -12.40 -26.66 -4.10
C ASN G 106 -11.23 -26.81 -3.13
N GLN G 107 -10.89 -28.05 -2.77
CA GLN G 107 -9.82 -28.27 -1.81
C GLN G 107 -8.45 -27.95 -2.39
N TRP G 108 -8.25 -28.21 -3.68
CA TRP G 108 -6.94 -28.06 -4.30
C TRP G 108 -6.87 -26.90 -5.29
N LYS G 109 -7.80 -25.95 -5.20
CA LYS G 109 -7.85 -24.85 -6.14
C LYS G 109 -6.96 -23.70 -5.64
N TRP G 110 -5.90 -23.43 -6.39
CA TRP G 110 -4.99 -22.33 -6.10
C TRP G 110 -4.81 -21.50 -7.37
N PRO G 111 -4.77 -20.17 -7.26
CA PRO G 111 -4.84 -19.34 -6.04
C PRO G 111 -6.20 -19.34 -5.36
N ILE G 112 -6.19 -19.02 -4.07
CA ILE G 112 -7.34 -19.08 -3.16
C ILE G 112 -8.29 -20.24 -3.48
N ALA H 1 56.80 -5.61 7.59
CA ALA H 1 56.99 -5.48 9.02
C ALA H 1 58.39 -4.97 9.33
N SER H 2 58.50 -4.10 10.34
CA SER H 2 59.77 -3.49 10.72
C SER H 2 60.49 -4.29 11.80
N ALA H 3 60.23 -5.59 11.89
CA ALA H 3 60.91 -6.42 12.88
C ALA H 3 62.37 -6.62 12.50
N THR H 4 63.21 -6.77 13.51
CA THR H 4 64.63 -7.01 13.27
C THR H 4 64.85 -8.40 12.70
N ARG H 5 66.03 -8.60 12.12
CA ARG H 5 66.33 -9.88 11.48
C ARG H 5 66.46 -11.01 12.49
N VAL H 6 66.98 -10.72 13.69
CA VAL H 6 67.09 -11.76 14.72
C VAL H 6 65.71 -12.24 15.12
N ILE H 7 64.79 -11.31 15.35
CA ILE H 7 63.42 -11.69 15.72
C ILE H 7 62.74 -12.40 14.56
N GLN H 8 63.02 -11.97 13.32
CA GLN H 8 62.44 -12.64 12.16
C GLN H 8 62.90 -14.10 12.08
N LEU H 9 64.20 -14.33 12.30
CA LEU H 9 64.71 -15.69 12.32
C LEU H 9 64.08 -16.50 13.45
N LEU H 10 63.92 -15.87 14.62
CA LEU H 10 63.30 -16.57 15.75
C LEU H 10 61.88 -17.00 15.43
N ARG H 11 61.08 -16.09 14.85
CA ARG H 11 59.72 -16.45 14.48
C ARG H 11 59.69 -17.52 13.40
N ASN H 12 60.56 -17.41 12.40
CA ASN H 12 60.57 -18.39 11.32
C ASN H 12 60.94 -19.77 11.84
N TRP H 13 61.89 -19.85 12.76
CA TRP H 13 62.26 -21.14 13.34
C TRP H 13 61.15 -21.68 14.23
N ALA H 14 60.54 -20.82 15.05
CA ALA H 14 59.51 -21.29 15.97
C ALA H 14 58.28 -21.81 15.22
N SER H 15 57.82 -21.09 14.20
CA SER H 15 56.65 -21.55 13.47
C SER H 15 57.02 -22.60 12.43
N GLY H 16 58.28 -22.68 12.03
CA GLY H 16 58.73 -23.62 11.04
C GLY H 16 58.53 -23.19 9.60
N ARG H 17 58.04 -21.98 9.35
CA ARG H 17 57.82 -21.51 7.98
C ARG H 17 58.42 -20.13 7.78
N ASP H 18 58.14 -19.52 6.63
CA ASP H 18 58.59 -18.17 6.32
C ASP H 18 57.40 -17.23 6.47
N LEU H 19 57.48 -16.33 7.45
CA LEU H 19 56.36 -15.46 7.79
C LEU H 19 56.32 -14.19 6.93
N GLN H 20 57.49 -13.64 6.59
CA GLN H 20 57.52 -12.40 5.84
C GLN H 20 56.94 -12.55 4.43
N ALA H 21 56.93 -13.77 3.89
CA ALA H 21 56.33 -13.99 2.58
C ALA H 21 54.83 -13.71 2.60
N LYS H 22 54.15 -14.18 3.65
CA LYS H 22 52.71 -14.00 3.80
C LYS H 22 52.43 -13.38 5.17
N LEU H 23 52.18 -12.07 5.18
CA LEU H 23 51.95 -11.34 6.41
C LEU H 23 50.46 -11.05 6.56
N GLN H 24 49.95 -11.26 7.78
CA GLN H 24 48.53 -11.05 8.03
C GLN H 24 48.15 -9.58 7.87
N LEU H 25 49.03 -8.67 8.26
CA LEU H 25 48.75 -7.25 8.15
C LEU H 25 48.97 -6.76 6.73
N ARG H 26 48.09 -5.88 6.26
CA ARG H 26 48.19 -5.29 4.93
C ARG H 26 48.96 -3.98 5.05
N TYR H 27 50.11 -3.90 4.38
CA TYR H 27 50.94 -2.71 4.55
C TYR H 27 50.71 -1.69 3.44
N GLN H 28 51.09 -2.02 2.20
CA GLN H 28 50.95 -1.05 1.13
C GLN H 28 50.56 -1.71 -0.19
N GLU H 29 50.32 -3.03 -0.15
CA GLU H 29 50.03 -3.80 -1.34
C GLU H 29 48.55 -3.74 -1.74
N ILE H 30 47.78 -2.86 -1.12
CA ILE H 30 46.34 -2.85 -1.29
C ILE H 30 45.95 -1.77 -2.30
N SER H 31 44.69 -1.82 -2.74
CA SER H 31 44.19 -0.89 -3.73
C SER H 31 44.05 0.52 -3.15
N LYS H 32 44.07 1.51 -4.04
CA LYS H 32 43.94 2.89 -3.62
C LYS H 32 42.52 3.17 -3.14
N ARG H 33 42.40 4.01 -2.12
CA ARG H 33 41.10 4.39 -1.59
C ARG H 33 40.38 5.41 -2.46
N THR H 34 41.06 5.94 -3.48
CA THR H 34 40.43 6.77 -4.51
C THR H 34 40.63 6.07 -5.85
N GLN H 35 39.54 5.89 -6.59
CA GLN H 35 39.58 5.12 -7.82
C GLN H 35 38.97 5.93 -8.97
N PRO H 36 39.37 5.63 -10.20
CA PRO H 36 38.78 6.31 -11.36
C PRO H 36 37.32 5.94 -11.52
N PRO H 37 36.54 6.79 -12.19
CA PRO H 37 35.12 6.48 -12.37
C PRO H 37 34.91 5.29 -13.29
N PRO H 38 33.88 4.48 -13.04
CA PRO H 38 33.59 3.34 -13.93
C PRO H 38 32.76 3.73 -15.14
N LYS H 39 32.34 2.74 -15.93
CA LYS H 39 31.48 3.00 -17.07
C LYS H 39 30.21 2.14 -17.06
N LEU H 40 30.28 0.94 -16.47
CA LEU H 40 29.10 0.11 -16.25
C LEU H 40 28.29 -0.17 -17.51
N PRO H 41 28.70 -1.13 -18.33
CA PRO H 41 27.99 -1.41 -19.58
C PRO H 41 26.52 -1.71 -19.37
N VAL H 42 25.74 -1.54 -20.43
CA VAL H 42 24.30 -1.75 -20.37
C VAL H 42 23.97 -3.19 -20.75
N GLY H 43 22.73 -3.59 -20.44
CA GLY H 43 22.29 -4.94 -20.67
C GLY H 43 21.89 -5.21 -22.10
N PRO H 44 21.53 -6.46 -22.39
CA PRO H 44 21.16 -6.83 -23.77
C PRO H 44 19.93 -6.12 -24.30
N SER H 45 18.95 -5.81 -23.44
CA SER H 45 17.68 -5.27 -23.92
C SER H 45 17.72 -3.77 -24.19
N HIS H 46 18.91 -3.18 -24.31
CA HIS H 46 19.01 -1.75 -24.56
C HIS H 46 18.94 -1.41 -26.04
N LYS H 47 18.37 -2.28 -26.86
CA LYS H 47 18.26 -2.02 -28.29
C LYS H 47 17.22 -0.95 -28.57
N LEU H 48 17.35 -0.31 -29.74
CA LEU H 48 16.36 0.69 -30.15
C LEU H 48 15.26 0.05 -30.98
N SER H 49 15.56 -1.01 -31.71
CA SER H 49 14.60 -1.69 -32.55
C SER H 49 14.64 -3.18 -32.28
N ASN H 50 13.59 -3.87 -32.71
CA ASN H 50 13.44 -5.31 -32.53
C ASN H 50 13.58 -5.67 -31.05
N ASN H 51 12.93 -4.87 -30.19
CA ASN H 51 13.06 -5.01 -28.75
C ASN H 51 11.70 -4.99 -28.04
N TYR H 52 10.68 -5.56 -28.66
CA TYR H 52 9.35 -5.56 -28.05
C TYR H 52 9.36 -6.36 -26.76
N TYR H 53 8.74 -5.81 -25.72
CA TYR H 53 8.78 -6.45 -24.41
C TYR H 53 8.05 -7.79 -24.40
N CYS H 54 7.04 -7.94 -25.24
CA CYS H 54 6.28 -9.18 -25.29
C CYS H 54 7.12 -10.38 -25.72
N THR H 55 8.26 -10.13 -26.38
CA THR H 55 9.17 -11.20 -26.79
C THR H 55 10.20 -11.53 -25.73
N ARG H 56 10.26 -10.77 -24.64
CA ARG H 56 11.23 -11.01 -23.56
C ARG H 56 10.55 -10.89 -22.21
N ASP H 57 9.35 -11.46 -22.09
CA ASP H 57 8.53 -11.36 -20.88
C ASP H 57 8.52 -12.71 -20.19
N GLY H 58 9.41 -12.89 -19.20
CA GLY H 58 9.49 -14.16 -18.51
C GLY H 58 8.27 -14.49 -17.69
N ARG H 59 7.72 -13.49 -17.00
CA ARG H 59 6.61 -13.74 -16.08
C ARG H 59 5.36 -14.23 -16.79
N ARG H 60 5.15 -13.80 -18.03
CA ARG H 60 3.96 -14.19 -18.77
C ARG H 60 4.10 -15.53 -19.46
N GLU H 61 5.28 -16.15 -19.39
CA GLU H 61 5.47 -17.51 -19.87
C GLU H 61 5.19 -18.56 -18.80
N ALA H 62 4.97 -18.14 -17.55
CA ALA H 62 4.59 -19.07 -16.51
C ALA H 62 3.20 -19.62 -16.76
N MET H 63 3.01 -20.90 -16.42
CA MET H 63 1.77 -21.61 -16.64
C MET H 63 1.34 -22.30 -15.35
N PRO H 64 0.04 -22.55 -15.19
CA PRO H 64 -0.40 -23.39 -14.09
C PRO H 64 0.19 -24.78 -14.21
N PRO H 65 0.45 -25.45 -13.09
CA PRO H 65 1.10 -26.76 -13.16
C PRO H 65 0.28 -27.77 -13.95
N SER H 66 0.98 -28.63 -14.69
CA SER H 66 0.33 -29.64 -15.50
C SER H 66 -0.25 -30.74 -14.63
N ILE H 67 -1.45 -31.19 -14.99
CA ILE H 67 -2.17 -32.18 -14.21
C ILE H 67 -1.89 -33.56 -14.79
N VAL H 68 -1.41 -34.47 -13.95
CA VAL H 68 -1.06 -35.83 -14.34
C VAL H 68 -2.01 -36.76 -13.58
N MET H 69 -3.11 -37.13 -14.23
CA MET H 69 -4.12 -38.02 -13.65
C MET H 69 -4.70 -37.46 -12.35
N SER H 70 -5.47 -36.39 -12.50
CA SER H 70 -6.43 -36.03 -11.46
C SER H 70 -7.45 -37.15 -11.31
N SER H 71 -7.85 -37.43 -10.07
CA SER H 71 -8.74 -38.56 -9.83
C SER H 71 -10.17 -38.25 -10.23
N GLN H 72 -10.62 -37.00 -10.07
CA GLN H 72 -12.00 -36.67 -10.41
C GLN H 72 -12.24 -36.74 -11.92
N LYS H 73 -11.21 -36.42 -12.72
CA LYS H 73 -11.21 -36.51 -14.18
C LYS H 73 -12.57 -36.41 -14.86
N THR H 89 0.35 -54.94 -22.85
CA THR H 89 0.68 -53.76 -22.05
C THR H 89 1.38 -54.17 -20.76
N GLU H 90 2.72 -54.19 -20.80
CA GLU H 90 3.50 -54.58 -19.63
C GLU H 90 3.85 -53.41 -18.73
N LYS H 91 4.01 -52.20 -19.31
CA LYS H 91 4.19 -50.96 -18.54
C LYS H 91 5.40 -51.07 -17.61
N LYS H 92 6.57 -51.08 -18.24
CA LYS H 92 7.84 -51.19 -17.52
C LYS H 92 7.97 -50.10 -16.46
N ALA H 93 8.48 -50.49 -15.30
CA ALA H 93 8.58 -49.58 -14.16
C ALA H 93 9.59 -48.47 -14.43
N VAL H 94 9.46 -47.37 -13.69
CA VAL H 94 10.29 -46.18 -13.88
C VAL H 94 10.77 -45.68 -12.54
N THR H 95 11.89 -44.96 -12.55
CA THR H 95 12.39 -44.24 -11.40
C THR H 95 12.15 -42.74 -11.60
N PRO H 96 12.18 -41.95 -10.52
CA PRO H 96 12.01 -40.49 -10.71
C PRO H 96 13.08 -39.89 -11.59
N ALA H 97 14.29 -40.42 -11.55
CA ALA H 97 15.39 -39.96 -12.38
C ALA H 97 16.33 -41.13 -12.59
N PRO H 98 17.23 -41.04 -13.57
CA PRO H 98 18.23 -42.09 -13.72
C PRO H 98 19.07 -42.20 -12.46
N PRO H 99 19.53 -43.41 -12.14
CA PRO H 99 20.33 -43.58 -10.92
C PRO H 99 21.57 -42.69 -10.96
N ILE H 100 21.92 -42.16 -9.80
CA ILE H 100 23.03 -41.20 -9.71
C ILE H 100 24.34 -41.91 -10.01
N LYS H 101 25.21 -41.23 -10.75
CA LYS H 101 26.49 -41.80 -11.12
C LYS H 101 27.46 -41.73 -9.95
N ARG H 102 28.30 -42.76 -9.81
CA ARG H 102 29.23 -42.84 -8.70
C ARG H 102 30.32 -41.78 -8.83
N TRP H 103 30.75 -41.23 -7.69
CA TRP H 103 31.75 -40.18 -7.67
C TRP H 103 33.15 -40.74 -7.86
N GLU H 104 34.04 -39.89 -8.36
CA GLU H 104 35.44 -40.23 -8.58
C GLU H 104 36.32 -39.69 -7.47
N LEU H 105 37.45 -40.36 -7.26
CA LEU H 105 38.30 -40.06 -6.10
C LEU H 105 39.47 -39.15 -6.49
N SER H 106 39.12 -37.91 -6.83
CA SER H 106 40.02 -36.76 -6.72
C SER H 106 41.44 -37.01 -7.20
N LYS H 107 41.63 -37.16 -8.52
CA LYS H 107 42.98 -37.29 -9.07
C LYS H 107 43.94 -36.22 -8.56
N ASP H 108 43.42 -35.06 -8.17
CA ASP H 108 44.27 -34.01 -7.60
C ASP H 108 44.89 -34.46 -6.30
N GLN H 109 44.07 -34.74 -5.29
CA GLN H 109 44.55 -35.21 -3.99
C GLN H 109 43.48 -36.10 -3.39
N PRO H 110 43.63 -37.41 -3.45
CA PRO H 110 42.57 -38.32 -2.99
C PRO H 110 42.52 -38.47 -1.48
N TYR H 111 43.67 -38.37 -0.82
CA TYR H 111 43.76 -38.60 0.61
C TYR H 111 44.42 -37.41 1.28
N LEU H 112 43.88 -37.00 2.42
CA LEU H 112 44.36 -35.83 3.14
C LEU H 112 45.44 -36.20 4.16
N LEU I 1 -10.38 21.83 28.53
CA LEU I 1 -9.51 21.15 29.49
C LEU I 1 -8.08 21.02 28.99
N HIS I 2 -7.64 22.00 28.18
CA HIS I 2 -6.35 21.94 27.50
C HIS I 2 -6.15 20.55 26.87
N HIS I 3 -6.96 20.33 25.83
CA HIS I 3 -7.35 19.03 25.29
C HIS I 3 -6.23 18.01 25.20
N ALA I 4 -4.98 18.46 25.09
CA ALA I 4 -3.85 17.55 25.23
C ALA I 4 -3.88 16.80 26.55
N LEU I 5 -4.72 17.20 27.50
CA LEU I 5 -4.87 16.53 28.79
C LEU I 5 -6.30 16.03 28.97
N ILE I 6 -6.89 15.52 27.90
CA ILE I 6 -8.13 14.76 27.95
C ILE I 6 -7.77 13.28 27.88
N PRO I 7 -8.36 12.43 28.71
CA PRO I 7 -8.02 11.00 28.66
C PRO I 7 -8.32 10.40 27.29
N HIS I 8 -7.43 9.51 26.85
CA HIS I 8 -7.58 8.82 25.57
C HIS I 8 -6.87 7.49 25.66
N GLY I 9 -7.55 6.43 25.22
CA GLY I 9 -7.00 5.09 25.25
C GLY I 9 -7.78 4.19 26.19
N LYS I 10 -7.17 3.06 26.52
CA LYS I 10 -7.77 2.06 27.39
C LYS I 10 -7.20 2.08 28.79
N GLY I 11 -6.44 3.11 29.15
CA GLY I 11 -5.83 3.17 30.47
C GLY I 11 -4.62 2.28 30.63
N GLY I 12 -3.97 2.03 29.50
CA GLY I 12 -2.76 1.24 29.40
C GLY I 12 -1.51 2.10 29.44
N ARG I 13 -0.37 1.47 29.24
CA ARG I 13 0.92 2.14 29.26
C ARG I 13 1.03 3.22 28.18
N SER I 14 0.51 2.95 26.99
CA SER I 14 0.57 3.90 25.88
C SER I 14 -0.61 4.87 25.83
N SER I 15 -1.58 4.69 26.72
CA SER I 15 -2.75 5.54 26.80
C SER I 15 -2.46 6.87 27.46
N VAL I 16 -3.36 7.84 27.29
CA VAL I 16 -3.22 9.16 27.90
C VAL I 16 -4.32 9.36 28.95
N SER I 17 -3.93 9.64 30.19
CA SER I 17 -4.91 9.81 31.26
C SER I 17 -5.25 11.25 31.66
N GLY I 18 -4.59 12.23 31.07
CA GLY I 18 -4.82 13.61 31.42
C GLY I 18 -4.18 14.05 32.71
N ILE I 19 -3.25 13.28 33.25
CA ILE I 19 -2.59 13.59 34.51
C ILE I 19 -1.14 13.97 34.23
N VAL I 20 -0.76 15.16 34.67
CA VAL I 20 0.64 15.59 34.70
C VAL I 20 0.97 15.81 36.17
N ALA I 21 1.83 14.97 36.71
CA ALA I 21 2.09 14.93 38.14
C ALA I 21 3.56 15.18 38.42
N THR I 22 3.83 16.07 39.37
CA THR I 22 5.16 16.29 39.90
C THR I 22 5.22 15.59 41.26
N VAL I 23 6.02 14.54 41.34
CA VAL I 23 6.07 13.68 42.51
C VAL I 23 7.35 13.99 43.27
N PHE I 24 7.25 14.86 44.28
CA PHE I 24 8.38 15.12 45.15
C PHE I 24 8.63 13.93 46.05
N GLY I 25 9.90 13.62 46.27
CA GLY I 25 10.24 12.42 47.03
C GLY I 25 9.86 11.13 46.32
N ALA I 26 10.05 11.06 45.01
CA ALA I 26 9.69 9.88 44.24
C ALA I 26 10.74 8.78 44.31
N THR I 27 11.90 9.05 44.88
CA THR I 27 12.97 8.07 44.99
C THR I 27 12.95 7.31 46.30
N GLY I 28 11.84 7.35 47.03
CA GLY I 28 11.71 6.68 48.30
C GLY I 28 10.86 5.43 48.24
N PHE I 29 10.44 4.99 49.43
CA PHE I 29 9.64 3.77 49.53
C PHE I 29 8.27 3.95 48.89
N LEU I 30 7.56 5.02 49.27
CA LEU I 30 6.23 5.27 48.72
C LEU I 30 6.30 5.84 47.31
N GLY I 31 7.38 6.56 47.01
CA GLY I 31 7.47 7.25 45.72
C GLY I 31 7.53 6.29 44.54
N ARG I 32 8.26 5.19 44.68
CA ARG I 32 8.37 4.25 43.56
C ARG I 32 7.01 3.64 43.24
N TYR I 33 6.23 3.30 44.26
CA TYR I 33 4.90 2.76 44.02
C TYR I 33 3.98 3.80 43.42
N VAL I 34 4.04 5.05 43.90
CA VAL I 34 3.19 6.10 43.35
C VAL I 34 3.54 6.35 41.88
N VAL I 35 4.83 6.39 41.55
CA VAL I 35 5.25 6.61 40.17
C VAL I 35 4.85 5.43 39.29
N ASN I 36 4.97 4.20 39.81
CA ASN I 36 4.57 3.03 39.04
C ASN I 36 3.09 3.06 38.73
N HIS I 37 2.26 3.39 39.72
CA HIS I 37 0.82 3.47 39.50
C HIS I 37 0.46 4.59 38.54
N LEU I 38 1.15 5.73 38.62
CA LEU I 38 0.90 6.81 37.68
C LEU I 38 1.28 6.41 36.26
N GLY I 39 2.42 5.73 36.10
CA GLY I 39 2.87 5.33 34.78
C GLY I 39 2.09 4.19 34.17
N ARG I 40 1.44 3.38 34.99
CA ARG I 40 0.57 2.33 34.45
C ARG I 40 -0.57 2.93 33.64
N MET I 41 -1.17 4.01 34.14
CA MET I 41 -2.29 4.64 33.46
C MET I 41 -1.87 5.29 32.15
N GLY I 42 -0.61 5.68 32.04
CA GLY I 42 -0.16 6.50 30.95
C GLY I 42 -0.04 7.97 31.27
N SER I 43 0.28 8.32 32.52
CA SER I 43 0.37 9.71 32.93
C SER I 43 1.76 10.25 32.67
N GLN I 44 1.83 11.57 32.48
CA GLN I 44 3.10 12.26 32.38
C GLN I 44 3.60 12.54 33.79
N VAL I 45 4.71 11.90 34.17
CA VAL I 45 5.25 12.00 35.51
C VAL I 45 6.54 12.80 35.46
N ILE I 46 6.62 13.82 36.31
CA ILE I 46 7.84 14.58 36.52
C ILE I 46 8.46 14.11 37.83
N VAL I 47 9.71 13.66 37.76
CA VAL I 47 10.44 13.18 38.92
C VAL I 47 11.50 14.21 39.30
N PRO I 48 11.27 14.98 40.35
CA PRO I 48 12.33 15.83 40.90
C PRO I 48 13.25 15.00 41.79
N TYR I 49 14.54 15.06 41.52
CA TYR I 49 15.52 14.27 42.24
C TYR I 49 16.69 15.15 42.67
N ARG I 50 17.24 14.85 43.84
CA ARG I 50 18.47 15.49 44.28
C ARG I 50 19.63 14.51 44.41
N CYS I 51 19.35 13.22 44.43
CA CYS I 51 20.38 12.20 44.62
C CYS I 51 21.15 11.99 43.32
N GLU I 52 22.02 11.00 43.32
CA GLU I 52 22.72 10.60 42.11
C GLU I 52 21.73 10.00 41.12
N PRO I 53 21.83 10.38 39.83
CA PRO I 53 20.89 9.83 38.85
C PRO I 53 20.83 8.31 38.81
N TYR I 54 21.93 7.63 39.13
CA TYR I 54 21.90 6.17 39.25
C TYR I 54 20.77 5.71 40.14
N ASP I 55 20.60 6.34 41.31
CA ASP I 55 19.59 5.95 42.26
C ASP I 55 18.16 6.19 41.76
N THR I 56 18.00 6.73 40.55
CA THR I 56 16.67 6.90 39.97
C THR I 56 16.40 5.91 38.84
N MET I 57 17.37 5.07 38.49
CA MET I 57 17.22 4.22 37.31
C MET I 57 16.11 3.20 37.47
N HIS I 58 15.80 2.79 38.70
CA HIS I 58 14.69 1.86 38.89
C HIS I 58 13.35 2.46 38.50
N LEU I 59 13.27 3.78 38.34
CA LEU I 59 12.06 4.43 37.85
C LEU I 59 12.00 4.54 36.33
N ARG I 60 13.06 4.14 35.63
CA ARG I 60 13.05 4.23 34.17
C ARG I 60 11.96 3.39 33.52
N PRO I 61 11.79 2.10 33.84
CA PRO I 61 10.82 1.29 33.09
C PRO I 61 9.36 1.50 33.50
N MET I 62 9.05 2.51 34.30
CA MET I 62 7.69 2.64 34.82
C MET I 62 6.75 3.38 33.89
N GLY I 63 7.24 3.97 32.80
CA GLY I 63 6.38 4.71 31.90
C GLY I 63 6.80 4.50 30.46
N ASP I 64 5.91 4.92 29.56
CA ASP I 64 6.18 4.86 28.13
C ASP I 64 7.27 5.86 27.75
N LEU I 65 7.54 5.94 26.46
CA LEU I 65 8.59 6.83 25.96
C LEU I 65 8.20 8.28 26.21
N GLY I 66 9.04 9.01 26.94
CA GLY I 66 8.83 10.41 27.22
C GLY I 66 7.86 10.71 28.34
N GLN I 67 7.29 9.68 28.97
CA GLN I 67 6.28 9.89 30.00
C GLN I 67 6.87 10.19 31.37
N ILE I 68 8.13 9.85 31.60
CA ILE I 68 8.80 10.11 32.87
C ILE I 68 9.97 11.04 32.59
N ILE I 69 9.98 12.20 33.24
CA ILE I 69 10.97 13.25 32.99
C ILE I 69 11.65 13.59 34.30
N PHE I 70 12.95 13.43 34.35
CA PHE I 70 13.74 13.64 35.57
C PHE I 70 14.37 15.03 35.55
N MET I 71 14.21 15.78 36.64
CA MET I 71 14.89 17.05 36.79
C MET I 71 15.44 17.21 38.20
N GLU I 72 16.54 17.95 38.30
CA GLU I 72 17.21 18.21 39.56
C GLU I 72 16.56 19.40 40.27
N TRP I 73 16.65 19.43 41.59
CA TRP I 73 16.02 20.51 42.33
C TRP I 73 16.72 20.63 43.66
N ASN I 74 16.46 21.73 44.35
CA ASN I 74 16.97 21.92 45.70
C ASN I 74 15.81 22.26 46.63
N GLY I 75 15.81 21.64 47.81
CA GLY I 75 14.74 21.87 48.77
C GLY I 75 14.68 23.31 49.25
N LYS I 76 15.83 23.96 49.36
CA LYS I 76 15.92 25.32 49.85
C LYS I 76 15.79 26.38 48.76
N ASP I 77 15.80 25.98 47.49
CA ASP I 77 15.72 26.89 46.36
C ASP I 77 14.34 26.80 45.73
N LYS I 78 13.56 27.88 45.82
CA LYS I 78 12.22 27.88 45.26
C LYS I 78 12.20 27.99 43.75
N ASP I 79 13.30 28.45 43.14
CA ASP I 79 13.35 28.55 41.69
C ASP I 79 13.26 27.16 41.05
N SER I 80 13.97 26.18 41.62
CA SER I 80 13.90 24.82 41.10
C SER I 80 12.52 24.21 41.32
N ILE I 81 11.90 24.50 42.47
CA ILE I 81 10.55 24.02 42.72
C ILE I 81 9.58 24.58 41.69
N ARG I 82 9.72 25.87 41.38
CA ARG I 82 8.90 26.47 40.33
C ARG I 82 9.17 25.83 38.98
N LYS I 83 10.45 25.55 38.69
CA LYS I 83 10.82 24.97 37.41
C LYS I 83 10.23 23.57 37.23
N VAL I 84 10.06 22.80 38.32
CA VAL I 84 9.56 21.44 38.18
C VAL I 84 8.05 21.32 38.29
N VAL I 85 7.33 22.39 38.64
CA VAL I 85 5.88 22.34 38.78
C VAL I 85 5.18 23.31 37.83
N GLU I 86 5.90 23.84 36.83
CA GLU I 86 5.32 24.86 35.96
C GLU I 86 4.12 24.31 35.18
N HIS I 87 4.25 23.10 34.64
CA HIS I 87 3.27 22.56 33.71
C HIS I 87 2.47 21.40 34.26
N SER I 88 2.48 21.18 35.57
CA SER I 88 1.77 20.07 36.18
C SER I 88 0.40 20.50 36.65
N ASN I 89 -0.58 19.60 36.50
CA ASN I 89 -1.88 19.80 37.12
C ASN I 89 -2.04 19.06 38.44
N VAL I 90 -1.07 18.21 38.80
CA VAL I 90 -1.08 17.51 40.08
C VAL I 90 0.32 17.62 40.68
N VAL I 91 0.39 17.95 41.96
CA VAL I 91 1.66 17.94 42.70
C VAL I 91 1.49 17.05 43.91
N ILE I 92 2.24 15.96 43.95
CA ILE I 92 2.23 15.02 45.07
C ILE I 92 3.50 15.25 45.87
N ASN I 93 3.36 15.39 47.18
CA ASN I 93 4.48 15.63 48.07
C ASN I 93 4.72 14.39 48.92
N LEU I 94 5.93 13.84 48.81
CA LEU I 94 6.32 12.67 49.61
C LEU I 94 7.69 12.87 50.25
N VAL I 95 8.12 14.11 50.47
CA VAL I 95 9.45 14.36 51.01
C VAL I 95 9.43 14.16 52.51
N GLY I 96 10.35 13.34 53.01
CA GLY I 96 10.48 13.11 54.43
C GLY I 96 11.72 12.31 54.74
N ARG I 97 12.13 12.35 56.00
CA ARG I 97 13.30 11.61 56.46
C ARG I 97 13.08 11.22 57.92
N GLU I 98 13.41 9.97 58.24
CA GLU I 98 13.15 9.48 59.60
C GLU I 98 14.18 10.00 60.58
N TRP I 99 15.30 10.51 60.09
CA TRP I 99 16.36 11.02 60.95
C TRP I 99 16.74 12.43 60.52
N GLU I 100 17.39 13.16 61.43
CA GLU I 100 17.85 14.51 61.15
C GLU I 100 19.31 14.48 60.75
N THR I 101 19.63 15.11 59.62
CA THR I 101 21.01 15.23 59.20
C THR I 101 21.57 16.59 59.63
N LYS I 102 22.86 16.82 59.33
CA LYS I 102 23.48 18.08 59.69
C LYS I 102 22.99 19.22 58.81
N ASN I 103 22.45 18.92 57.64
CA ASN I 103 21.97 19.94 56.72
C ASN I 103 20.46 20.14 56.77
N PHE I 104 19.70 19.11 57.14
CA PHE I 104 18.25 19.18 57.18
C PHE I 104 17.75 18.67 58.52
N ASP I 105 16.84 19.41 59.13
CA ASP I 105 16.20 19.00 60.37
C ASP I 105 14.78 18.51 60.09
N PHE I 106 14.08 18.13 61.15
CA PHE I 106 12.68 17.72 60.99
C PHE I 106 11.82 18.89 60.53
N GLU I 107 12.10 20.09 61.04
CA GLU I 107 11.38 21.27 60.60
C GLU I 107 11.72 21.62 59.14
N ASP I 108 12.94 21.29 58.70
CA ASP I 108 13.32 21.59 57.33
C ASP I 108 12.57 20.70 56.33
N VAL I 109 12.41 19.43 56.66
CA VAL I 109 11.80 18.50 55.71
C VAL I 109 10.31 18.33 55.89
N PHE I 110 9.75 18.72 57.05
CA PHE I 110 8.33 18.56 57.29
C PHE I 110 7.56 19.85 57.39
N VAL I 111 8.23 21.00 57.53
CA VAL I 111 7.57 22.29 57.65
C VAL I 111 8.00 23.24 56.53
N LYS I 112 9.30 23.40 56.33
CA LYS I 112 9.79 24.39 55.38
C LYS I 112 9.58 23.92 53.94
N ILE I 113 10.05 22.71 53.62
CA ILE I 113 9.90 22.20 52.26
C ILE I 113 8.45 22.02 51.85
N PRO I 114 7.57 21.40 52.66
CA PRO I 114 6.15 21.32 52.24
C PRO I 114 5.50 22.68 52.05
N HIS I 115 5.82 23.65 52.91
CA HIS I 115 5.24 24.98 52.76
C HIS I 115 5.73 25.65 51.48
N ALA I 116 7.02 25.51 51.17
CA ALA I 116 7.54 26.07 49.92
C ALA I 116 6.89 25.42 48.72
N ILE I 117 6.71 24.09 48.76
CA ILE I 117 6.07 23.39 47.66
C ILE I 117 4.65 23.88 47.47
N ALA I 118 3.90 23.99 48.56
CA ALA I 118 2.51 24.43 48.47
C ALA I 118 2.41 25.86 47.95
N GLN I 119 3.26 26.75 48.46
CA GLN I 119 3.22 28.14 48.02
C GLN I 119 3.57 28.28 46.55
N VAL I 120 4.61 27.58 46.09
CA VAL I 120 4.99 27.65 44.69
C VAL I 120 3.91 27.04 43.80
N SER I 121 3.30 25.94 44.25
CA SER I 121 2.22 25.32 43.48
C SER I 121 1.03 26.26 43.36
N LYS I 122 0.66 26.93 44.45
CA LYS I 122 -0.45 27.88 44.39
C LYS I 122 -0.12 29.05 43.47
N GLU I 123 1.12 29.54 43.52
CA GLU I 123 1.51 30.64 42.64
C GLU I 123 1.49 30.22 41.17
N ALA I 124 1.91 28.99 40.87
CA ALA I 124 2.02 28.51 39.50
C ALA I 124 0.69 28.01 38.93
N GLY I 125 -0.36 27.96 39.72
CA GLY I 125 -1.66 27.56 39.23
C GLY I 125 -1.94 26.07 39.23
N VAL I 126 -1.20 25.29 40.03
CA VAL I 126 -1.46 23.86 40.12
C VAL I 126 -2.85 23.64 40.69
N GLU I 127 -3.62 22.75 40.06
CA GLU I 127 -5.00 22.51 40.49
C GLU I 127 -5.06 21.62 41.72
N LYS I 128 -4.42 20.45 41.67
CA LYS I 128 -4.50 19.47 42.75
C LYS I 128 -3.16 19.31 43.45
N LEU I 129 -3.20 19.31 44.78
CA LEU I 129 -2.03 19.10 45.60
C LEU I 129 -2.33 18.01 46.62
N ILE I 130 -1.54 16.95 46.61
CA ILE I 130 -1.65 15.86 47.57
C ILE I 130 -0.46 15.98 48.51
N HIS I 131 -0.73 16.03 49.81
CA HIS I 131 0.29 16.14 50.83
C HIS I 131 0.16 14.98 51.81
N ILE I 132 1.29 14.40 52.18
CA ILE I 132 1.33 13.20 53.03
C ILE I 132 1.84 13.61 54.40
N SER I 133 1.03 13.37 55.43
CA SER I 133 1.34 13.61 56.81
C SER I 133 1.32 12.27 57.56
N HIS I 134 1.35 12.33 58.88
CA HIS I 134 1.28 11.14 59.70
C HIS I 134 -0.02 11.10 60.48
N LEU I 135 -0.52 9.88 60.71
CA LEU I 135 -1.73 9.70 61.49
C LEU I 135 -1.55 10.20 62.92
N ASN I 136 -0.35 10.08 63.47
CA ASN I 136 -0.08 10.46 64.84
C ASN I 136 0.53 11.85 64.97
N ALA I 137 0.28 12.73 64.00
CA ALA I 137 0.83 14.07 64.03
C ALA I 137 0.08 14.90 65.06
N ASP I 138 0.79 15.40 66.07
CA ASP I 138 0.20 16.24 67.10
C ASP I 138 1.18 17.35 67.48
N ILE I 139 0.62 18.52 67.78
CA ILE I 139 1.45 19.67 68.17
C ILE I 139 2.20 19.38 69.46
N LYS I 140 1.55 18.70 70.40
CA LYS I 140 2.16 18.38 71.69
C LYS I 140 2.61 16.93 71.77
N SER I 141 3.12 16.38 70.68
CA SER I 141 3.62 15.02 70.67
C SER I 141 5.01 14.97 71.30
N PRO I 142 5.35 13.84 71.96
CA PRO I 142 6.69 13.72 72.55
C PRO I 142 7.80 13.56 71.53
N SER I 143 7.50 13.37 70.25
CA SER I 143 8.51 13.21 69.22
C SER I 143 8.55 14.44 68.31
N ARG I 144 9.77 14.86 67.95
CA ARG I 144 9.93 16.00 67.04
C ARG I 144 9.33 15.71 65.68
N TYR I 145 9.43 14.47 65.22
CA TYR I 145 8.91 14.07 63.91
C TYR I 145 7.44 14.43 63.77
N LEU I 146 6.63 14.04 64.74
CA LEU I 146 5.18 14.25 64.64
C LEU I 146 4.78 15.69 64.90
N ARG I 147 5.50 16.40 65.77
CA ARG I 147 5.25 17.82 65.94
C ARG I 147 5.51 18.56 64.64
N SER I 148 6.62 18.24 63.98
CA SER I 148 6.92 18.84 62.68
C SER I 148 5.86 18.47 61.65
N LYS I 149 5.37 17.22 61.70
CA LYS I 149 4.32 16.80 60.79
C LYS I 149 3.06 17.64 60.97
N ALA I 150 2.67 17.88 62.22
CA ALA I 150 1.47 18.67 62.49
C ALA I 150 1.64 20.11 62.06
N VAL I 151 2.80 20.71 62.35
CA VAL I 151 3.04 22.08 61.94
C VAL I 151 3.03 22.20 60.43
N GLY I 152 3.66 21.24 59.74
CA GLY I 152 3.64 21.25 58.29
C GLY I 152 2.27 21.05 57.71
N GLU I 153 1.44 20.23 58.36
CA GLU I 153 0.05 20.06 57.91
C GLU I 153 -0.69 21.39 57.98
N LYS I 154 -0.55 22.09 59.10
CA LYS I 154 -1.19 23.40 59.24
C LYS I 154 -0.69 24.38 58.18
N GLU I 155 0.62 24.42 57.95
CA GLU I 155 1.18 25.39 57.01
C GLU I 155 0.80 25.08 55.57
N VAL I 156 0.77 23.80 55.20
CA VAL I 156 0.32 23.42 53.87
C VAL I 156 -1.14 23.79 53.67
N ARG I 157 -1.97 23.53 54.68
CA ARG I 157 -3.37 23.92 54.57
C ARG I 157 -3.52 25.43 54.42
N ALA I 158 -2.70 26.20 55.14
CA ALA I 158 -2.76 27.66 55.02
C ALA I 158 -2.34 28.13 53.63
N ALA I 159 -1.28 27.55 53.09
CA ALA I 159 -0.78 28.00 51.78
C ALA I 159 -1.62 27.50 50.63
N PHE I 160 -2.16 26.29 50.72
CA PHE I 160 -2.93 25.65 49.66
C PHE I 160 -4.26 25.22 50.26
N PRO I 161 -5.27 26.09 50.26
CA PRO I 161 -6.54 25.75 50.93
C PRO I 161 -7.21 24.49 50.41
N GLU I 162 -7.05 24.17 49.12
CA GLU I 162 -7.71 23.02 48.52
C GLU I 162 -6.82 21.79 48.46
N ALA I 163 -5.83 21.70 49.33
CA ALA I 163 -4.95 20.54 49.35
C ALA I 163 -5.65 19.35 49.97
N THR I 164 -5.32 18.16 49.47
CA THR I 164 -5.79 16.90 50.04
C THR I 164 -4.67 16.33 50.90
N ILE I 165 -4.95 16.14 52.18
CA ILE I 165 -3.96 15.70 53.15
C ILE I 165 -4.27 14.26 53.54
N ILE I 166 -3.28 13.39 53.37
CA ILE I 166 -3.44 11.96 53.63
C ILE I 166 -2.55 11.58 54.80
N LYS I 167 -3.13 10.94 55.81
CA LYS I 167 -2.43 10.55 57.03
C LYS I 167 -2.42 9.03 57.15
N PRO I 168 -1.42 8.35 56.62
CA PRO I 168 -1.29 6.91 56.81
C PRO I 168 -0.62 6.60 58.15
N SER I 169 -0.43 5.31 58.41
CA SER I 169 0.09 4.85 59.69
C SER I 169 0.93 3.60 59.48
N ASP I 170 2.25 3.74 59.62
CA ASP I 170 3.16 2.60 59.63
C ASP I 170 2.98 1.72 58.39
N ILE I 171 3.32 2.29 57.24
CA ILE I 171 3.23 1.55 55.99
C ILE I 171 4.21 0.38 56.01
N PHE I 172 3.73 -0.80 55.64
CA PHE I 172 4.57 -1.98 55.54
C PHE I 172 4.64 -2.44 54.09
N GLY I 173 5.79 -2.97 53.71
CA GLY I 173 6.04 -3.40 52.35
C GLY I 173 7.42 -3.97 52.22
N ARG I 174 7.81 -4.25 50.97
CA ARG I 174 9.10 -4.88 50.73
C ARG I 174 10.25 -4.02 51.20
N GLU I 175 10.18 -2.70 50.96
CA GLU I 175 11.25 -1.77 51.30
C GLU I 175 10.91 -0.90 52.50
N ASP I 176 10.02 -1.37 53.38
CA ASP I 176 9.61 -0.56 54.50
C ASP I 176 10.69 -0.53 55.58
N ARG I 177 10.50 0.36 56.54
CA ARG I 177 11.28 0.37 57.77
C ARG I 177 10.41 0.02 58.97
N PHE I 178 9.40 -0.82 58.76
CA PHE I 178 8.50 -1.28 59.81
C PHE I 178 8.64 -2.78 60.05
N LEU I 179 8.39 -3.60 59.04
CA LEU I 179 8.62 -5.04 59.18
C LEU I 179 10.10 -5.37 59.15
N ASN I 180 10.85 -4.74 58.25
CA ASN I 180 12.28 -4.98 58.17
C ASN I 180 12.99 -4.53 59.44
N TYR I 181 12.51 -3.41 60.03
CA TYR I 181 13.12 -2.91 61.25
C TYR I 181 13.00 -3.92 62.39
N PHE I 182 11.80 -4.49 62.57
CA PHE I 182 11.61 -5.47 63.63
C PHE I 182 12.33 -6.78 63.31
N ALA I 183 12.36 -7.17 62.04
CA ALA I 183 13.01 -8.42 61.67
C ALA I 183 14.51 -8.34 61.85
N SER I 184 15.10 -7.16 61.63
CA SER I 184 16.55 -7.01 61.71
C SER I 184 17.06 -7.04 63.15
N MET I 185 16.18 -6.92 64.13
CA MET I 185 16.62 -6.91 65.52
C MET I 185 17.01 -8.30 66.01
N ARG I 186 16.81 -9.33 65.19
CA ARG I 186 17.29 -10.67 65.53
C ARG I 186 18.80 -10.72 65.64
N TRP I 187 19.50 -9.77 65.01
CA TRP I 187 20.96 -9.78 65.02
C TRP I 187 21.52 -9.48 66.40
N PHE I 188 20.70 -8.90 67.27
CA PHE I 188 21.13 -8.60 68.63
C PHE I 188 20.75 -9.68 69.62
N GLY I 189 20.25 -10.83 69.15
CA GLY I 189 19.88 -11.92 70.03
C GLY I 189 18.49 -11.75 70.61
N GLY I 190 18.33 -10.78 71.50
CA GLY I 190 17.04 -10.50 72.10
C GLY I 190 16.37 -9.29 71.48
N VAL I 191 15.05 -9.22 71.66
CA VAL I 191 14.24 -8.13 71.14
C VAL I 191 13.86 -7.20 72.28
N PRO I 192 14.40 -5.99 72.34
CA PRO I 192 14.03 -5.05 73.41
C PRO I 192 12.67 -4.43 73.13
N LEU I 193 11.72 -4.67 74.02
CA LEU I 193 10.38 -4.12 73.90
C LEU I 193 10.04 -3.37 75.19
N ILE I 194 9.74 -2.08 75.06
CA ILE I 194 9.36 -1.28 76.24
C ILE I 194 8.03 -1.80 76.76
N SER I 195 7.99 -2.12 78.04
CA SER I 195 6.82 -2.76 78.67
C SER I 195 6.42 -4.03 77.93
N LEU I 196 7.41 -4.76 77.42
CA LEU I 196 7.21 -5.97 76.63
C LEU I 196 6.32 -5.73 75.41
N GLY I 197 6.13 -4.47 75.02
CA GLY I 197 5.24 -4.16 73.91
C GLY I 197 3.79 -4.51 74.18
N LYS I 198 3.35 -4.42 75.43
CA LYS I 198 1.96 -4.71 75.78
C LYS I 198 1.11 -3.46 75.97
N GLU I 199 1.72 -2.28 75.95
CA GLU I 199 1.01 -1.02 76.13
C GLU I 199 0.80 -0.26 74.84
N THR I 200 1.19 -0.84 73.70
CA THR I 200 1.16 -0.14 72.42
C THR I 200 0.30 -0.91 71.43
N VAL I 201 -0.53 -0.17 70.69
CA VAL I 201 -1.41 -0.76 69.68
C VAL I 201 -1.09 -0.13 68.34
N LYS I 202 -0.92 -0.98 67.32
CA LYS I 202 -0.55 -0.54 65.98
C LYS I 202 -1.61 -0.96 64.96
N GLN I 203 -1.79 -0.13 63.95
CA GLN I 203 -2.70 -0.41 62.84
C GLN I 203 -1.97 -0.14 61.53
N PRO I 204 -1.04 -1.01 61.14
CA PRO I 204 -0.25 -0.78 59.93
C PRO I 204 -1.07 -0.96 58.65
N VAL I 205 -0.65 -0.26 57.61
CA VAL I 205 -1.34 -0.24 56.33
C VAL I 205 -0.37 -0.69 55.24
N TYR I 206 -0.93 -1.34 54.22
CA TYR I 206 -0.13 -1.84 53.10
C TYR I 206 0.25 -0.70 52.16
N ILE I 207 1.40 -0.87 51.50
CA ILE I 207 1.95 0.17 50.63
C ILE I 207 1.10 0.35 49.37
N VAL I 208 0.66 -0.77 48.79
CA VAL I 208 -0.14 -0.69 47.57
C VAL I 208 -1.48 -0.03 47.86
N ASP I 209 -2.05 -0.26 49.04
CA ASP I 209 -3.27 0.42 49.44
C ASP I 209 -3.06 1.93 49.49
N VAL I 210 -1.93 2.37 50.04
CA VAL I 210 -1.66 3.80 50.11
C VAL I 210 -1.48 4.39 48.72
N SER I 211 -0.77 3.69 47.84
CA SER I 211 -0.58 4.18 46.49
C SER I 211 -1.90 4.27 45.73
N LYS I 212 -2.73 3.25 45.84
CA LYS I 212 -4.04 3.28 45.19
C LYS I 212 -4.92 4.37 45.76
N GLY I 213 -4.84 4.60 47.08
CA GLY I 213 -5.59 5.69 47.68
C GLY I 213 -5.16 7.04 47.18
N ILE I 214 -3.84 7.24 47.01
CA ILE I 214 -3.34 8.49 46.45
C ILE I 214 -3.83 8.68 45.02
N ILE I 215 -3.80 7.62 44.22
CA ILE I 215 -4.28 7.71 42.84
C ILE I 215 -5.77 8.06 42.82
N ASN I 216 -6.56 7.39 43.65
CA ASN I 216 -7.99 7.63 43.67
C ASN I 216 -8.32 9.03 44.18
N ALA I 217 -7.53 9.53 45.13
CA ALA I 217 -7.70 10.91 45.57
C ALA I 217 -7.34 11.89 44.46
N ILE I 218 -6.35 11.57 43.64
CA ILE I 218 -6.06 12.40 42.47
C ILE I 218 -7.26 12.42 41.54
N LYS I 219 -7.85 11.26 41.29
CA LYS I 219 -8.97 11.19 40.35
C LYS I 219 -10.31 11.50 40.98
N ASP I 220 -10.38 11.63 42.30
CA ASP I 220 -11.63 11.95 42.97
C ASP I 220 -11.91 13.44 42.85
N PRO I 221 -13.06 13.86 42.30
CA PRO I 221 -13.32 15.29 42.15
C PRO I 221 -13.76 15.98 43.43
N ASP I 222 -14.29 15.24 44.40
CA ASP I 222 -14.82 15.82 45.64
C ASP I 222 -13.88 15.67 46.82
N ALA I 223 -12.62 15.30 46.58
CA ALA I 223 -11.62 15.15 47.64
C ALA I 223 -10.69 16.35 47.72
N LYS I 224 -11.18 17.53 47.38
CA LYS I 224 -10.31 18.71 47.27
C LYS I 224 -9.67 19.06 48.61
N GLY I 225 -10.49 19.50 49.57
CA GLY I 225 -9.96 19.99 50.82
C GLY I 225 -10.11 19.01 51.98
N LYS I 226 -10.36 17.75 51.66
CA LYS I 226 -10.60 16.75 52.68
C LYS I 226 -9.27 16.24 53.24
N THR I 227 -9.36 15.63 54.43
CA THR I 227 -8.22 14.99 55.07
C THR I 227 -8.57 13.53 55.30
N PHE I 228 -7.67 12.64 54.88
CA PHE I 228 -7.90 11.21 54.94
C PHE I 228 -6.97 10.55 55.94
N ALA I 229 -7.40 9.40 56.46
CA ALA I 229 -6.61 8.59 57.39
C ALA I 229 -6.56 7.17 56.84
N PHE I 230 -5.39 6.79 56.32
CA PHE I 230 -5.21 5.46 55.72
C PHE I 230 -4.68 4.51 56.78
N VAL I 231 -5.52 3.59 57.23
CA VAL I 231 -5.15 2.63 58.27
C VAL I 231 -5.49 1.22 57.79
N GLY I 232 -4.85 0.24 58.41
CA GLY I 232 -5.12 -1.14 58.12
C GLY I 232 -6.41 -1.61 58.76
N PRO I 233 -6.83 -2.82 58.37
CA PRO I 233 -8.11 -3.34 58.87
C PRO I 233 -8.06 -3.93 60.27
N ASN I 234 -6.88 -4.22 60.81
CA ASN I 234 -6.76 -4.87 62.11
C ASN I 234 -5.79 -4.09 63.00
N ARG I 235 -6.05 -4.12 64.29
CA ARG I 235 -5.20 -3.47 65.27
C ARG I 235 -4.59 -4.54 66.14
N TYR I 236 -3.28 -4.47 66.34
CA TYR I 236 -2.60 -5.46 67.17
C TYR I 236 -1.73 -4.80 68.20
N LEU I 237 -1.48 -5.53 69.30
CA LEU I 237 -0.56 -5.07 70.32
C LEU I 237 0.84 -5.24 69.74
N LEU I 238 1.79 -4.43 70.19
CA LEU I 238 3.13 -4.52 69.64
C LEU I 238 3.75 -5.90 69.87
N PHE I 239 3.51 -6.49 71.04
CA PHE I 239 4.03 -7.81 71.34
C PHE I 239 3.49 -8.85 70.36
N ASP I 240 2.18 -8.84 70.13
CA ASP I 240 1.60 -9.81 69.20
C ASP I 240 2.10 -9.57 67.78
N LEU I 241 2.25 -8.31 67.39
CA LEU I 241 2.75 -8.00 66.05
C LEU I 241 4.16 -8.51 65.86
N VAL I 242 5.06 -8.25 66.81
CA VAL I 242 6.44 -8.70 66.68
C VAL I 242 6.52 -10.22 66.76
N GLN I 243 5.67 -10.84 67.59
CA GLN I 243 5.64 -12.30 67.67
C GLN I 243 5.23 -12.90 66.33
N TYR I 244 4.20 -12.33 65.69
CA TYR I 244 3.80 -12.80 64.37
C TYR I 244 4.90 -12.57 63.35
N ILE I 245 5.59 -11.43 63.43
CA ILE I 245 6.65 -11.13 62.49
C ILE I 245 7.76 -12.17 62.59
N PHE I 246 8.15 -12.52 63.82
CA PHE I 246 9.19 -13.53 63.99
C PHE I 246 8.71 -14.92 63.64
N ALA I 247 7.41 -15.18 63.79
CA ALA I 247 6.87 -16.49 63.39
C ALA I 247 6.86 -16.65 61.88
N VAL I 248 6.58 -15.57 61.14
CA VAL I 248 6.60 -15.65 59.68
C VAL I 248 8.03 -15.88 59.17
N ALA I 249 9.00 -15.22 59.77
CA ALA I 249 10.40 -15.37 59.39
C ALA I 249 11.06 -16.59 60.02
N TYR I 250 10.35 -17.32 60.87
CA TYR I 250 10.84 -18.56 61.47
C TYR I 250 12.13 -18.33 62.27
N ARG I 251 12.19 -17.20 62.97
CA ARG I 251 13.33 -16.88 63.82
C ARG I 251 12.94 -17.00 65.29
N PRO I 252 13.86 -17.44 66.15
CA PRO I 252 13.55 -17.60 67.57
C PRO I 252 13.25 -16.25 68.22
N PHE I 253 12.06 -16.12 68.78
CA PHE I 253 11.59 -14.89 69.39
C PHE I 253 12.00 -14.88 70.87
N LEU I 254 12.90 -13.98 71.23
CA LEU I 254 13.39 -13.84 72.60
C LEU I 254 13.22 -12.38 73.02
N PRO I 255 12.02 -12.00 73.43
CA PRO I 255 11.78 -10.60 73.81
C PRO I 255 12.06 -10.33 75.28
N TYR I 256 12.65 -9.18 75.55
CA TYR I 256 12.87 -8.76 76.92
C TYR I 256 12.44 -7.32 77.10
N PRO I 257 11.98 -6.96 78.30
CA PRO I 257 11.56 -5.57 78.55
C PRO I 257 12.78 -4.69 78.84
N LEU I 258 12.84 -3.54 78.17
CA LEU I 258 13.88 -2.58 78.43
C LEU I 258 13.27 -1.27 78.90
N PRO I 259 13.82 -0.65 79.94
CA PRO I 259 13.26 0.60 80.43
C PRO I 259 13.32 1.69 79.36
N HIS I 260 12.39 2.64 79.46
CA HIS I 260 12.30 3.69 78.45
C HIS I 260 13.58 4.51 78.38
N PHE I 261 14.16 4.85 79.54
CA PHE I 261 15.36 5.69 79.54
C PHE I 261 16.55 4.96 78.93
N ALA I 262 16.72 3.68 79.23
CA ALA I 262 17.85 2.93 78.68
C ALA I 262 17.72 2.76 77.17
N TYR I 263 16.51 2.51 76.68
CA TYR I 263 16.32 2.27 75.25
C TYR I 263 16.41 3.60 74.49
N ARG I 264 16.00 4.69 75.12
CA ARG I 264 16.27 6.03 74.59
C ARG I 264 17.77 6.29 74.51
N TRP I 265 18.52 5.88 75.53
CA TRP I 265 19.97 6.03 75.50
C TRP I 265 20.59 5.21 74.37
N VAL I 266 20.04 4.01 74.13
CA VAL I 266 20.49 3.20 73.01
C VAL I 266 20.25 3.93 71.68
N GLY I 267 19.07 4.54 71.54
CA GLY I 267 18.81 5.34 70.35
C GLY I 267 19.78 6.50 70.19
N ARG I 268 20.10 7.17 71.30
CA ARG I 268 21.09 8.24 71.26
C ARG I 268 22.45 7.71 70.81
N LEU I 269 22.83 6.53 71.29
CA LEU I 269 24.09 5.92 70.88
C LEU I 269 24.08 5.63 69.38
N PHE I 270 22.96 5.13 68.85
CA PHE I 270 22.92 4.77 67.44
C PHE I 270 22.79 6.00 66.53
N GLU I 271 22.37 7.14 67.09
CA GLU I 271 22.22 8.34 66.28
C GLU I 271 23.57 8.85 65.74
N VAL I 272 24.68 8.44 66.35
CA VAL I 272 25.95 9.12 66.10
C VAL I 272 26.46 8.84 64.69
N SER I 273 26.04 7.72 64.09
CA SER I 273 26.59 7.27 62.82
C SER I 273 26.35 8.29 61.71
N PRO I 274 27.33 8.52 60.83
CA PRO I 274 27.13 9.48 59.73
C PRO I 274 26.31 8.92 58.60
N PHE I 275 25.92 7.65 58.67
CA PHE I 275 25.14 7.00 57.63
C PHE I 275 23.69 6.91 58.09
N GLU I 276 22.88 6.15 57.37
CA GLU I 276 21.50 5.94 57.79
C GLU I 276 21.49 5.22 59.13
N PRO I 277 20.94 5.84 60.19
CA PRO I 277 21.00 5.21 61.51
C PRO I 277 20.17 3.94 61.58
N TRP I 278 20.67 2.97 62.36
CA TRP I 278 19.92 1.74 62.58
C TRP I 278 18.67 2.02 63.40
N THR I 279 18.79 2.87 64.43
CA THR I 279 17.63 3.36 65.16
C THR I 279 17.99 4.72 65.75
N THR I 280 16.96 5.48 66.10
CA THR I 280 17.13 6.80 66.69
C THR I 280 16.16 6.95 67.86
N ARG I 281 16.37 8.00 68.64
CA ARG I 281 15.47 8.29 69.76
C ARG I 281 14.07 8.59 69.26
N ASP I 282 13.95 9.29 68.12
CA ASP I 282 12.64 9.56 67.55
C ASP I 282 11.96 8.27 67.09
N LYS I 283 12.73 7.36 66.49
CA LYS I 283 12.19 6.05 66.14
C LYS I 283 11.74 5.31 67.38
N VAL I 284 12.49 5.43 68.47
CA VAL I 284 12.10 4.83 69.75
C VAL I 284 10.75 5.37 70.20
N GLU I 285 10.59 6.69 70.15
CA GLU I 285 9.35 7.30 70.60
C GLU I 285 8.17 6.90 69.71
N ARG I 286 8.39 6.85 68.40
CA ARG I 286 7.29 6.54 67.49
C ARG I 286 6.90 5.07 67.55
N VAL I 287 7.86 4.18 67.84
CA VAL I 287 7.54 2.75 67.87
C VAL I 287 6.69 2.42 69.09
N HIS I 288 6.99 3.00 70.24
CA HIS I 288 6.33 2.66 71.49
C HIS I 288 5.11 3.53 71.77
N MET I 289 4.48 4.05 70.72
CA MET I 289 3.31 4.90 70.87
C MET I 289 2.14 4.27 70.14
N SER I 290 0.96 4.31 70.77
CA SER I 290 -0.22 3.69 70.19
C SER I 290 -0.74 4.50 69.01
N ASP I 291 -1.24 3.79 68.00
CA ASP I 291 -1.82 4.44 66.85
C ASP I 291 -3.13 5.12 67.24
N MET I 292 -3.33 6.35 66.77
CA MET I 292 -4.52 7.11 67.10
C MET I 292 -5.74 6.55 66.40
N THR I 293 -6.91 6.82 66.95
CA THR I 293 -8.19 6.46 66.36
C THR I 293 -8.91 7.75 65.96
N LEU I 294 -9.19 7.89 64.67
CA LEU I 294 -9.82 9.09 64.12
C LEU I 294 -11.07 8.66 63.37
N PRO I 295 -12.20 8.51 64.06
CA PRO I 295 -13.43 8.06 63.41
C PRO I 295 -14.15 9.15 62.62
N HIS I 296 -13.71 10.39 62.72
CA HIS I 296 -14.35 11.50 62.01
C HIS I 296 -13.72 11.76 60.64
N LEU I 297 -12.62 11.08 60.31
CA LEU I 297 -11.96 11.30 59.03
C LEU I 297 -12.29 10.18 58.05
N PRO I 298 -12.41 10.49 56.77
CA PRO I 298 -12.60 9.43 55.78
C PRO I 298 -11.36 8.56 55.66
N GLY I 299 -11.58 7.33 55.22
CA GLY I 299 -10.48 6.40 55.08
C GLY I 299 -10.35 5.81 53.68
N LEU I 300 -9.74 4.64 53.59
CA LEU I 300 -9.55 4.01 52.29
C LEU I 300 -10.87 3.53 51.70
N GLU I 301 -11.84 3.18 52.54
CA GLU I 301 -13.12 2.73 52.02
C GLU I 301 -13.88 3.84 51.32
N ASP I 302 -13.65 5.09 51.73
CA ASP I 302 -14.27 6.23 51.05
C ASP I 302 -13.70 6.44 49.66
N LEU I 303 -12.52 5.89 49.38
CA LEU I 303 -11.89 6.02 48.07
C LEU I 303 -12.03 4.74 47.24
N GLY I 304 -12.87 3.81 47.67
CA GLY I 304 -13.06 2.58 46.94
C GLY I 304 -12.00 1.53 47.17
N ILE I 305 -11.11 1.74 48.14
CA ILE I 305 -10.02 0.81 48.43
C ILE I 305 -10.41 -0.02 49.65
N GLN I 306 -10.28 -1.34 49.53
CA GLN I 306 -10.44 -2.25 50.66
C GLN I 306 -9.05 -2.57 51.20
N ALA I 307 -8.83 -2.27 52.48
CA ALA I 307 -7.50 -2.43 53.06
C ALA I 307 -7.09 -3.90 53.04
N THR I 308 -5.82 -4.13 52.74
CA THR I 308 -5.27 -5.49 52.69
C THR I 308 -4.70 -5.85 54.04
N PRO I 309 -5.17 -6.91 54.69
CA PRO I 309 -4.63 -7.29 55.99
C PRO I 309 -3.18 -7.75 55.90
N LEU I 310 -2.46 -7.58 57.01
CA LEU I 310 -1.04 -7.95 57.05
C LEU I 310 -0.83 -9.43 56.76
N GLU I 311 -1.79 -10.28 57.12
CA GLU I 311 -1.59 -11.73 57.05
C GLU I 311 -1.50 -12.25 55.62
N LEU I 312 -1.93 -11.48 54.63
CA LEU I 312 -1.84 -11.90 53.23
C LEU I 312 -0.64 -11.34 52.50
N LYS I 313 0.07 -10.37 53.07
CA LYS I 313 1.23 -9.77 52.41
C LYS I 313 2.48 -9.78 53.28
N ALA I 314 2.42 -10.39 54.46
CA ALA I 314 3.60 -10.45 55.31
C ALA I 314 4.65 -11.40 54.74
N ILE I 315 4.22 -12.47 54.07
CA ILE I 315 5.16 -13.45 53.55
C ILE I 315 6.02 -12.86 52.45
N GLU I 316 5.46 -11.97 51.63
CA GLU I 316 6.24 -11.38 50.55
C GLU I 316 7.28 -10.40 51.06
N VAL I 317 7.22 -10.02 52.32
CA VAL I 317 8.21 -9.14 52.93
C VAL I 317 9.18 -9.92 53.80
N LEU I 318 8.69 -10.91 54.53
CA LEU I 318 9.48 -11.60 55.55
C LEU I 318 10.07 -12.93 55.08
N ARG I 319 9.84 -13.32 53.82
CA ARG I 319 10.51 -14.52 53.32
C ARG I 319 11.99 -14.27 53.09
N ARG I 320 12.36 -13.02 52.82
CA ARG I 320 13.77 -12.68 52.63
C ARG I 320 14.57 -12.84 53.92
N HIS I 321 13.91 -12.80 55.07
CA HIS I 321 14.57 -12.87 56.36
C HIS I 321 14.61 -14.30 56.92
N ARG I 322 14.31 -15.30 56.10
CA ARG I 322 14.32 -16.69 56.50
C ARG I 322 15.65 -17.34 56.14
N THR I 323 15.98 -18.40 56.87
CA THR I 323 17.12 -19.23 56.50
C THR I 323 16.72 -20.19 55.39
N TYR I 324 17.70 -20.94 54.90
CA TYR I 324 17.44 -21.83 53.77
C TYR I 324 16.41 -22.90 54.11
N ARG I 325 16.40 -23.37 55.36
CA ARG I 325 15.58 -24.52 55.71
C ARG I 325 14.09 -24.17 55.73
N TRP I 326 13.75 -22.91 56.00
CA TRP I 326 12.36 -22.48 56.08
C TRP I 326 11.95 -21.62 54.89
N LEU I 327 12.78 -21.57 53.85
CA LEU I 327 12.57 -20.62 52.76
C LEU I 327 11.37 -20.97 51.89
N THR I 328 10.92 -22.22 51.90
CA THR I 328 9.82 -22.65 51.03
C THR I 328 8.51 -22.85 51.78
N SER I 329 8.42 -22.42 53.04
CA SER I 329 7.20 -22.57 53.79
C SER I 329 6.09 -21.69 53.22
N GLU I 330 4.87 -22.22 53.24
CA GLU I 330 3.75 -21.55 52.62
C GLU I 330 3.18 -20.47 53.55
N MET I 331 2.23 -19.70 53.01
CA MET I 331 1.63 -18.61 53.76
C MET I 331 0.64 -19.12 54.81
N GLU I 332 0.00 -20.27 54.56
CA GLU I 332 -1.01 -20.82 55.44
C GLU I 332 -0.43 -21.50 56.69
N ASP I 333 0.83 -21.25 57.02
CA ASP I 333 1.53 -22.02 58.03
C ASP I 333 1.81 -21.25 59.31
N VAL I 334 1.29 -20.04 59.46
CA VAL I 334 1.75 -19.17 60.53
C VAL I 334 0.66 -18.88 61.57
N LYS I 335 -0.61 -19.19 61.27
CA LYS I 335 -1.68 -19.01 62.25
C LYS I 335 -1.74 -17.58 62.77
N PRO I 336 -2.36 -16.65 62.00
CA PRO I 336 -2.30 -15.22 62.30
C PRO I 336 -2.52 -14.81 63.75
N ALA I 337 -1.98 -13.66 64.12
CA ALA I 337 -1.93 -13.21 65.50
C ALA I 337 -3.31 -12.73 65.97
N LYS I 338 -3.38 -12.37 67.25
CA LYS I 338 -4.61 -11.91 67.88
C LYS I 338 -4.78 -10.41 67.62
N THR I 339 -6.01 -10.01 67.29
CA THR I 339 -6.32 -8.62 67.00
C THR I 339 -7.25 -8.08 68.09
N VAL I 340 -6.86 -6.97 68.70
CA VAL I 340 -7.72 -6.28 69.67
C VAL I 340 -8.49 -5.20 68.91
N ASN I 341 -9.63 -5.60 68.36
CA ASN I 341 -10.50 -4.70 67.62
C ASN I 341 -11.73 -4.40 68.46
N ILE I 342 -12.05 -3.11 68.60
CA ILE I 342 -13.18 -2.65 69.38
C ILE I 342 -13.09 -3.16 70.82
N PHE J 1 -12.88 29.05 -85.80
CA PHE J 1 -12.82 28.54 -84.43
C PHE J 1 -11.56 29.05 -83.74
N ASP J 2 -11.60 29.14 -82.41
CA ASP J 2 -10.47 29.61 -81.64
C ASP J 2 -10.16 28.63 -80.51
N ASN J 3 -8.88 28.31 -80.36
CA ASN J 3 -8.41 27.44 -79.30
C ASN J 3 -7.13 27.99 -78.66
N SER J 4 -7.04 29.32 -78.55
CA SER J 4 -5.81 29.96 -78.10
C SER J 4 -6.02 31.06 -77.07
N THR J 5 -7.24 31.50 -76.82
CA THR J 5 -7.52 32.62 -75.93
C THR J 5 -8.08 32.10 -74.60
N TYR J 6 -7.54 32.62 -73.50
CA TYR J 6 -8.07 32.32 -72.18
C TYR J 6 -9.35 33.10 -71.95
N ARG J 7 -10.46 32.40 -71.73
CA ARG J 7 -11.76 33.02 -71.57
C ARG J 7 -12.31 32.94 -70.16
N ASN J 8 -11.49 32.55 -69.19
CA ASN J 8 -11.89 32.58 -67.77
C ASN J 8 -11.39 33.87 -67.13
N LEU J 9 -11.78 34.99 -67.73
CA LEU J 9 -11.35 36.30 -67.28
C LEU J 9 -12.26 36.89 -66.21
N GLN J 10 -13.41 36.27 -65.95
CA GLN J 10 -14.36 36.80 -64.97
C GLN J 10 -13.84 36.72 -63.55
N HIS J 11 -12.86 35.87 -63.26
CA HIS J 11 -12.34 35.77 -61.90
C HIS J 11 -11.47 36.93 -61.51
N HIS J 12 -11.36 37.96 -62.35
CA HIS J 12 -10.64 39.18 -62.03
C HIS J 12 -11.55 40.27 -61.44
N GLU J 13 -12.84 40.00 -61.31
CA GLU J 13 -13.81 40.98 -60.81
C GLU J 13 -14.71 40.34 -59.77
N TYR J 14 -14.11 39.65 -58.80
CA TYR J 14 -14.84 39.02 -57.71
C TYR J 14 -14.49 39.77 -56.42
N SER J 15 -15.52 40.24 -55.72
CA SER J 15 -15.32 41.04 -54.53
C SER J 15 -15.41 40.15 -53.29
N THR J 16 -15.41 40.78 -52.11
CA THR J 16 -15.41 40.03 -50.86
C THR J 16 -16.70 39.24 -50.67
N TYR J 17 -17.84 39.83 -51.05
CA TYR J 17 -19.14 39.23 -50.76
C TYR J 17 -19.77 38.57 -51.97
N THR J 18 -19.00 38.34 -53.05
CA THR J 18 -19.58 37.79 -54.27
C THR J 18 -20.21 36.42 -54.03
N PHE J 19 -19.50 35.55 -53.31
CA PHE J 19 -20.03 34.22 -53.01
C PHE J 19 -21.32 34.33 -52.21
N LEU J 20 -21.34 35.19 -51.19
CA LEU J 20 -22.51 35.32 -50.34
C LEU J 20 -23.66 36.00 -51.07
N ASP J 21 -23.36 36.97 -51.93
CA ASP J 21 -24.40 37.58 -52.75
C ASP J 21 -25.03 36.56 -53.69
N LEU J 22 -24.21 35.71 -54.30
CA LEU J 22 -24.76 34.65 -55.13
C LEU J 22 -25.61 33.68 -54.32
N ASN J 23 -25.21 33.42 -53.07
CA ASN J 23 -26.03 32.57 -52.20
C ASN J 23 -27.38 33.21 -51.92
N VAL J 24 -27.40 34.51 -51.63
CA VAL J 24 -28.66 35.21 -51.39
C VAL J 24 -29.53 35.16 -52.64
N GLU J 25 -28.93 35.31 -53.82
CA GLU J 25 -29.68 35.20 -55.06
C GLU J 25 -30.27 33.81 -55.25
N LEU J 26 -29.48 32.77 -54.95
CA LEU J 26 -29.94 31.40 -55.12
C LEU J 26 -30.97 30.99 -54.07
N SER J 27 -31.08 31.74 -52.98
CA SER J 27 -31.98 31.35 -51.90
C SER J 27 -33.41 31.14 -52.39
N LYS J 28 -33.84 31.87 -53.41
CA LYS J 28 -35.23 31.77 -53.85
C LYS J 28 -35.51 30.50 -54.65
N PHE J 29 -34.49 29.92 -55.29
CA PHE J 29 -34.70 28.72 -56.09
C PHE J 29 -34.69 27.44 -55.26
N ARG J 30 -34.24 27.49 -54.02
CA ARG J 30 -34.09 26.28 -53.22
C ARG J 30 -35.46 25.71 -52.83
N MET J 31 -35.48 24.39 -52.64
CA MET J 31 -36.63 23.66 -52.12
C MET J 31 -36.64 23.73 -50.59
N PRO J 32 -37.81 23.62 -49.97
CA PRO J 32 -37.87 23.70 -48.49
C PRO J 32 -37.06 22.58 -47.85
N GLN J 33 -36.41 22.92 -46.73
CA GLN J 33 -35.57 21.96 -46.04
C GLN J 33 -36.40 20.99 -45.23
N PRO J 34 -35.89 19.77 -45.00
CA PRO J 34 -36.59 18.85 -44.08
C PRO J 34 -36.46 19.28 -42.64
N SER J 35 -37.12 18.57 -41.73
CA SER J 35 -37.12 18.91 -40.33
C SER J 35 -36.84 17.67 -39.49
N SER J 36 -35.94 17.81 -38.51
CA SER J 36 -35.70 16.71 -37.58
C SER J 36 -36.78 16.61 -36.51
N GLY J 37 -37.56 17.67 -36.31
CA GLY J 37 -38.60 17.72 -35.30
C GLY J 37 -38.27 18.57 -34.10
N ARG J 38 -37.02 18.99 -33.94
CA ARG J 38 -36.59 19.80 -32.82
C ARG J 38 -35.96 21.09 -33.33
N GLN J 39 -35.90 22.09 -32.44
CA GLN J 39 -35.18 23.32 -32.76
C GLN J 39 -33.68 23.07 -32.81
N SER J 40 -33.17 22.20 -31.95
CA SER J 40 -31.77 21.83 -31.90
C SER J 40 -31.64 20.56 -31.05
N PRO J 41 -30.51 19.86 -31.13
CA PRO J 41 -30.32 18.69 -30.27
C PRO J 41 -30.35 19.03 -28.78
N ARG J 42 -30.15 20.29 -28.41
CA ARG J 42 -30.24 20.71 -27.01
C ARG J 42 -31.65 21.12 -26.63
N HIS J 43 -32.67 20.63 -27.33
CA HIS J 43 -34.05 20.97 -27.03
C HIS J 43 -34.86 19.73 -26.70
N GLN K 1 -15.12 -45.86 12.21
CA GLN K 1 -14.84 -45.31 13.53
C GLN K 1 -15.15 -43.81 13.57
N LEU K 2 -16.42 -43.48 13.73
CA LEU K 2 -16.90 -42.11 13.70
C LEU K 2 -17.83 -41.88 14.88
N ILE K 3 -17.98 -40.61 15.25
CA ILE K 3 -18.73 -40.25 16.45
C ILE K 3 -20.00 -39.45 16.16
N ALA K 4 -20.12 -38.85 14.96
CA ALA K 4 -21.37 -38.22 14.52
C ALA K 4 -21.82 -37.12 15.48
N VAL K 5 -21.00 -36.07 15.54
CA VAL K 5 -21.36 -34.90 16.32
C VAL K 5 -22.54 -34.19 15.68
N ASP K 6 -23.36 -33.54 16.51
CA ASP K 6 -24.62 -32.97 16.05
C ASP K 6 -24.59 -31.44 15.98
N GLU K 7 -24.25 -30.78 17.09
CA GLU K 7 -24.49 -29.35 17.24
C GLU K 7 -23.58 -28.55 16.31
N LYS K 8 -23.78 -27.23 16.33
CA LYS K 8 -23.04 -26.32 15.47
C LYS K 8 -21.56 -26.32 15.83
N LEU K 9 -20.72 -26.18 14.82
CA LEU K 9 -19.28 -26.14 15.02
C LEU K 9 -18.87 -24.85 15.70
N ASP K 10 -18.05 -24.95 16.75
CA ASP K 10 -17.62 -23.79 17.50
C ASP K 10 -16.21 -24.05 18.02
N ILE K 11 -15.26 -23.24 17.57
CA ILE K 11 -13.86 -23.39 17.96
C ILE K 11 -13.38 -22.20 18.80
N THR K 12 -14.30 -21.46 19.41
CA THR K 12 -13.92 -20.23 20.10
C THR K 12 -13.03 -20.52 21.30
N THR K 13 -13.22 -21.64 21.98
CA THR K 13 -12.42 -21.98 23.15
C THR K 13 -11.00 -22.41 22.81
N LEU K 14 -10.72 -22.74 21.55
CA LEU K 14 -9.43 -23.26 21.14
C LEU K 14 -8.58 -22.23 20.40
N THR K 15 -9.02 -20.98 20.33
CA THR K 15 -8.32 -19.98 19.53
C THR K 15 -7.44 -19.05 20.35
N GLY K 16 -7.62 -19.00 21.67
CA GLY K 16 -6.84 -18.09 22.48
C GLY K 16 -7.24 -16.64 22.39
N VAL K 17 -8.40 -16.34 21.81
CA VAL K 17 -8.85 -14.96 21.67
C VAL K 17 -9.53 -14.53 22.97
N PRO K 18 -9.20 -13.35 23.51
CA PRO K 18 -9.89 -12.87 24.70
C PRO K 18 -11.39 -12.69 24.44
N GLU K 19 -12.18 -12.85 25.50
CA GLU K 19 -13.63 -12.82 25.36
C GLU K 19 -14.12 -11.50 24.80
N GLU K 20 -13.55 -10.38 25.26
CA GLU K 20 -14.00 -9.07 24.79
C GLU K 20 -13.79 -8.88 23.30
N HIS K 21 -12.92 -9.65 22.68
CA HIS K 21 -12.69 -9.58 21.24
C HIS K 21 -13.51 -10.60 20.46
N ILE K 22 -14.44 -11.28 21.12
CA ILE K 22 -15.36 -12.20 20.46
C ILE K 22 -16.80 -11.71 20.56
N LYS K 23 -17.23 -11.37 21.77
CA LYS K 23 -18.62 -11.01 22.03
C LYS K 23 -18.95 -9.56 21.66
N THR K 24 -17.95 -8.67 21.61
CA THR K 24 -18.19 -7.27 21.33
C THR K 24 -17.82 -6.87 19.91
N ARG K 25 -17.14 -7.72 19.16
CA ARG K 25 -16.70 -7.36 17.82
C ARG K 25 -17.77 -7.68 16.79
N LYS K 26 -17.80 -6.88 15.73
CA LYS K 26 -18.72 -7.06 14.62
C LYS K 26 -17.90 -7.03 13.33
N VAL K 27 -17.99 -8.09 12.54
CA VAL K 27 -17.24 -8.15 11.30
C VAL K 27 -18.16 -7.81 10.14
N ARG K 28 -17.56 -7.31 9.08
CA ARG K 28 -18.24 -7.00 7.83
C ARG K 28 -17.70 -7.91 6.75
N ILE K 29 -18.61 -8.59 6.06
CA ILE K 29 -18.29 -9.44 4.91
C ILE K 29 -18.83 -8.76 3.67
N PHE K 30 -17.95 -8.46 2.72
CA PHE K 30 -18.33 -7.60 1.61
C PHE K 30 -17.35 -7.79 0.46
N VAL K 31 -17.75 -7.34 -0.72
CA VAL K 31 -16.85 -7.21 -1.85
C VAL K 31 -16.46 -5.73 -1.94
N PRO K 32 -15.17 -5.38 -1.81
CA PRO K 32 -14.79 -3.98 -1.81
C PRO K 32 -15.19 -3.30 -3.12
N ALA K 33 -15.63 -2.05 -3.01
CA ALA K 33 -16.04 -1.29 -4.17
C ALA K 33 -14.82 -0.87 -4.98
N ARG K 34 -15.02 -0.73 -6.28
CA ARG K 34 -13.94 -0.27 -7.15
C ARG K 34 -13.51 1.14 -6.78
N ASN K 35 -12.21 1.37 -6.77
CA ASN K 35 -11.68 2.72 -6.57
C ASN K 35 -12.01 3.55 -7.80
N ASN K 36 -12.84 4.59 -7.63
CA ASN K 36 -13.27 5.39 -8.77
C ASN K 36 -12.16 6.20 -9.40
N MET K 37 -11.00 6.31 -8.75
CA MET K 37 -9.86 6.95 -9.38
C MET K 37 -9.26 6.09 -10.49
N GLN K 38 -9.69 4.84 -10.64
CA GLN K 38 -9.17 3.94 -11.64
C GLN K 38 -10.32 3.16 -12.27
N SER K 39 -10.05 2.55 -13.42
CA SER K 39 -11.06 1.78 -14.14
C SER K 39 -10.87 0.28 -14.00
N GLY K 40 -9.73 -0.18 -13.51
CA GLY K 40 -9.53 -1.61 -13.34
C GLY K 40 -10.44 -2.19 -12.28
N VAL K 41 -10.80 -3.46 -12.45
CA VAL K 41 -11.79 -4.11 -11.61
C VAL K 41 -11.22 -5.38 -11.00
N ASN K 42 -9.91 -5.49 -10.93
CA ASN K 42 -9.28 -6.69 -10.40
C ASN K 42 -9.42 -6.81 -8.88
N ASN K 43 -9.71 -5.73 -8.18
CA ASN K 43 -9.86 -5.74 -6.74
C ASN K 43 -11.30 -5.97 -6.30
N THR K 44 -12.20 -6.28 -7.23
CA THR K 44 -13.60 -6.52 -6.94
C THR K 44 -13.99 -7.98 -7.16
N LYS K 45 -13.02 -8.89 -7.06
CA LYS K 45 -13.24 -10.29 -7.37
C LYS K 45 -13.48 -11.16 -6.15
N LYS K 46 -12.73 -10.95 -5.07
CA LYS K 46 -12.80 -11.79 -3.89
C LYS K 46 -13.62 -11.13 -2.79
N TRP K 47 -14.15 -11.95 -1.90
CA TRP K 47 -14.86 -11.47 -0.73
C TRP K 47 -13.89 -11.17 0.39
N LYS K 48 -14.26 -10.23 1.26
CA LYS K 48 -13.40 -9.78 2.33
C LYS K 48 -14.16 -9.78 3.65
N MET K 49 -13.43 -10.10 4.71
CA MET K 49 -13.90 -10.02 6.09
C MET K 49 -13.02 -9.04 6.82
N GLU K 50 -13.60 -7.97 7.35
CA GLU K 50 -12.87 -7.02 8.17
C GLU K 50 -13.63 -6.78 9.46
N PHE K 51 -12.97 -6.08 10.39
CA PHE K 51 -13.56 -5.81 11.69
C PHE K 51 -13.93 -4.33 11.82
N ASP K 52 -14.74 -4.05 12.83
CA ASP K 52 -15.20 -2.68 13.07
C ASP K 52 -14.08 -1.81 13.60
N THR K 53 -14.06 -0.56 13.15
CA THR K 53 -13.01 0.38 13.56
C THR K 53 -13.17 0.74 15.04
N ARG K 54 -12.04 0.72 15.75
CA ARG K 54 -11.97 1.08 17.16
C ARG K 54 -11.26 2.41 17.32
N GLU K 55 -11.02 2.79 18.58
CA GLU K 55 -10.45 4.09 18.88
C GLU K 55 -8.99 4.16 18.49
N ARG K 56 -8.61 5.30 17.91
CA ARG K 56 -7.22 5.64 17.64
C ARG K 56 -6.95 7.01 18.25
N TRP K 57 -5.95 7.09 19.12
CA TRP K 57 -5.58 8.37 19.69
C TRP K 57 -4.19 8.76 19.18
N GLU K 58 -3.68 9.89 19.67
CA GLU K 58 -2.39 10.38 19.23
C GLU K 58 -1.37 10.26 20.36
N ASN K 59 -0.16 9.85 19.99
CA ASN K 59 0.91 9.66 20.95
C ASN K 59 1.31 11.00 21.57
N PRO K 60 1.44 11.07 22.89
CA PRO K 60 1.95 12.32 23.50
C PRO K 60 3.32 12.71 22.99
N LEU K 61 4.18 11.74 22.71
CA LEU K 61 5.48 11.98 22.12
C LEU K 61 5.42 11.71 20.62
N MET K 62 5.86 12.69 19.83
CA MET K 62 6.01 12.57 18.38
C MET K 62 4.68 12.58 17.65
N GLY K 63 3.58 12.53 18.39
CA GLY K 63 2.26 12.63 17.78
C GLY K 63 1.89 11.54 16.80
N TRP K 64 2.33 10.31 17.04
CA TRP K 64 1.94 9.21 16.18
C TRP K 64 0.55 8.69 16.56
N SER K 65 0.01 7.80 15.73
CA SER K 65 -1.33 7.27 15.92
C SER K 65 -1.25 5.96 16.71
N SER K 66 -1.67 6.00 17.96
CA SER K 66 -1.67 4.86 18.85
C SER K 66 -3.04 4.19 18.87
N THR K 67 -3.03 2.87 19.04
CA THR K 67 -4.25 2.08 19.08
C THR K 67 -4.13 1.04 20.18
N ALA K 68 -5.29 0.51 20.58
CA ALA K 68 -5.36 -0.61 21.50
C ALA K 68 -6.15 -1.78 20.94
N ASP K 69 -6.62 -1.70 19.70
CA ASP K 69 -7.37 -2.78 19.09
C ASP K 69 -6.42 -3.74 18.39
N PRO K 70 -6.31 -4.99 18.83
CA PRO K 70 -5.38 -5.91 18.16
C PRO K 70 -5.86 -6.38 16.80
N LEU K 71 -7.15 -6.24 16.48
CA LEU K 71 -7.70 -6.72 15.23
C LEU K 71 -7.96 -5.58 14.24
N SER K 72 -7.27 -4.46 14.40
CA SER K 72 -7.50 -3.30 13.54
C SER K 72 -6.88 -3.44 12.16
N ASN K 73 -5.95 -4.38 11.97
CA ASN K 73 -5.27 -4.57 10.70
C ASN K 73 -5.59 -5.91 10.05
N LEU K 74 -6.56 -6.65 10.58
CA LEU K 74 -6.85 -8.00 10.11
C LEU K 74 -7.92 -7.95 9.02
N VAL K 75 -7.57 -8.41 7.82
CA VAL K 75 -8.51 -8.54 6.72
C VAL K 75 -8.32 -9.95 6.15
N LEU K 76 -9.42 -10.68 5.99
CA LEU K 76 -9.38 -12.04 5.49
C LEU K 76 -10.04 -12.11 4.12
N THR K 77 -9.50 -12.97 3.25
CA THR K 77 -9.93 -13.07 1.86
C THR K 77 -10.59 -14.41 1.60
N PHE K 78 -11.75 -14.39 0.96
CA PHE K 78 -12.56 -15.58 0.74
C PHE K 78 -13.02 -15.64 -0.70
N SER K 79 -13.32 -16.86 -1.15
CA SER K 79 -13.78 -17.07 -2.52
C SER K 79 -15.26 -16.72 -2.66
N THR K 80 -16.11 -17.29 -1.81
CA THR K 80 -17.55 -17.08 -1.89
C THR K 80 -18.06 -16.49 -0.58
N LYS K 81 -19.30 -16.00 -0.63
CA LYS K 81 -19.93 -15.40 0.54
C LYS K 81 -20.14 -16.41 1.65
N GLU K 82 -20.62 -17.62 1.31
CA GLU K 82 -20.93 -18.59 2.34
C GLU K 82 -19.67 -19.10 3.03
N ASP K 83 -18.52 -19.09 2.34
CA ASP K 83 -17.27 -19.45 3.00
C ASP K 83 -16.95 -18.48 4.13
N ALA K 84 -17.07 -17.17 3.86
CA ALA K 84 -16.84 -16.18 4.90
C ALA K 84 -17.86 -16.30 6.02
N VAL K 85 -19.13 -16.53 5.66
CA VAL K 85 -20.15 -16.67 6.69
C VAL K 85 -19.86 -17.85 7.59
N ALA K 86 -19.46 -18.98 6.99
CA ALA K 86 -19.12 -20.16 7.79
C ALA K 86 -17.93 -19.91 8.69
N PHE K 87 -16.91 -19.22 8.18
CA PHE K 87 -15.74 -18.90 9.00
C PHE K 87 -16.13 -18.03 10.19
N ALA K 88 -16.94 -17.00 9.95
CA ALA K 88 -17.38 -16.12 11.03
C ALA K 88 -18.23 -16.88 12.05
N GLU K 89 -19.11 -17.75 11.57
CA GLU K 89 -19.97 -18.52 12.47
C GLU K 89 -19.15 -19.44 13.35
N LYS K 90 -18.18 -20.15 12.77
CA LYS K 90 -17.39 -21.07 13.56
C LYS K 90 -16.39 -20.36 14.46
N ASN K 91 -16.06 -19.10 14.17
CA ASN K 91 -15.19 -18.33 15.05
C ASN K 91 -15.96 -17.49 16.06
N GLY K 92 -17.29 -17.56 16.07
CA GLY K 92 -18.07 -16.88 17.09
C GLY K 92 -18.20 -15.38 16.92
N TRP K 93 -18.05 -14.86 15.71
CA TRP K 93 -18.16 -13.43 15.46
C TRP K 93 -19.53 -13.11 14.85
N SER K 94 -20.13 -12.03 15.34
CA SER K 94 -21.32 -11.47 14.69
C SER K 94 -20.91 -10.77 13.41
N PHE K 95 -21.72 -10.91 12.36
CA PHE K 95 -21.36 -10.41 11.05
C PHE K 95 -22.51 -9.66 10.39
N ASP K 96 -22.14 -8.68 9.58
CA ASP K 96 -23.04 -8.05 8.62
C ASP K 96 -22.54 -8.33 7.21
N VAL K 97 -23.43 -8.82 6.36
CA VAL K 97 -23.09 -9.19 4.99
C VAL K 97 -23.75 -8.21 4.04
N GLU K 98 -22.96 -7.64 3.15
CA GLU K 98 -23.46 -6.79 2.07
C GLU K 98 -23.38 -7.57 0.77
N GLU K 99 -24.52 -7.72 0.09
CA GLU K 99 -24.58 -8.49 -1.13
C GLU K 99 -23.78 -7.81 -2.24
N ARG K 100 -23.22 -8.63 -3.12
CA ARG K 100 -22.33 -8.13 -4.16
C ARG K 100 -23.07 -7.16 -5.08
N LYS K 101 -22.38 -6.08 -5.45
CA LYS K 101 -22.87 -5.13 -6.43
C LYS K 101 -22.06 -5.29 -7.71
N VAL K 102 -22.77 -5.38 -8.83
CA VAL K 102 -22.11 -5.43 -10.14
C VAL K 102 -22.72 -4.33 -11.02
N PRO K 103 -21.94 -3.70 -11.88
CA PRO K 103 -22.53 -2.73 -12.81
C PRO K 103 -23.39 -3.44 -13.85
N LYS K 104 -24.63 -2.98 -13.98
CA LYS K 104 -25.55 -3.60 -14.90
C LYS K 104 -25.07 -3.37 -16.34
N PRO K 105 -25.32 -4.32 -17.23
CA PRO K 105 -24.89 -4.13 -18.62
C PRO K 105 -25.55 -2.91 -19.24
N LYS K 106 -24.77 -2.17 -20.03
CA LYS K 106 -25.22 -0.95 -20.66
C LYS K 106 -25.16 -1.11 -22.17
N SER K 107 -26.10 -0.46 -22.86
CA SER K 107 -26.16 -0.50 -24.31
C SER K 107 -25.43 0.72 -24.85
N LYS K 108 -24.22 0.51 -25.36
CA LYS K 108 -23.43 1.56 -25.95
C LYS K 108 -23.53 1.53 -27.47
N SER K 109 -23.35 2.68 -28.08
CA SER K 109 -23.46 2.80 -29.54
C SER K 109 -22.69 4.03 -29.98
N TYR K 110 -21.77 3.84 -30.92
CA TYR K 110 -21.01 4.99 -31.43
C TYR K 110 -21.84 5.81 -32.40
N GLY K 111 -22.73 5.17 -33.17
CA GLY K 111 -23.58 5.90 -34.09
C GLY K 111 -24.55 6.85 -33.42
N ALA K 112 -24.95 6.54 -32.17
CA ALA K 112 -25.86 7.42 -31.43
C ALA K 112 -25.28 8.81 -31.23
N ASN K 113 -23.96 8.96 -31.33
CA ASN K 113 -23.35 10.28 -31.21
C ASN K 113 -23.76 11.20 -32.34
N PHE K 114 -24.24 10.66 -33.46
CA PHE K 114 -24.56 11.43 -34.65
C PHE K 114 -26.00 11.24 -35.07
N SER K 115 -26.92 11.29 -34.12
CA SER K 115 -28.33 11.04 -34.41
C SER K 115 -28.91 12.15 -35.26
N TRP K 116 -29.88 11.78 -36.10
CA TRP K 116 -30.51 12.76 -36.98
C TRP K 116 -31.52 13.62 -36.21
N ASN K 117 -32.23 13.04 -35.25
CA ASN K 117 -33.27 13.75 -34.52
C ASN K 117 -33.24 13.53 -33.02
N LYS K 118 -32.52 12.53 -32.53
CA LYS K 118 -32.49 12.27 -31.09
C LYS K 118 -31.55 13.26 -30.39
N ARG K 119 -31.72 13.35 -29.06
CA ARG K 119 -30.92 14.23 -28.22
C ARG K 119 -29.51 13.71 -28.00
N THR K 120 -29.29 12.46 -28.38
CA THR K 120 -28.00 11.79 -28.22
C THR K 120 -26.83 12.38 -29.00
N ARG K 121 -27.11 13.11 -30.08
CA ARG K 121 -26.06 13.71 -30.88
C ARG K 121 -25.18 14.59 -30.01
N VAL K 122 -23.86 14.43 -30.17
CA VAL K 122 -22.87 15.16 -29.39
C VAL K 122 -22.45 16.49 -30.00
N SER K 123 -22.36 17.51 -29.15
CA SER K 123 -21.95 18.84 -29.58
C SER K 123 -20.52 18.89 -30.10
N THR K 124 -19.62 18.16 -29.45
CA THR K 124 -18.22 18.14 -29.85
C THR K 124 -17.62 16.73 -29.76
N LYS K 125 -16.55 16.50 -30.50
CA LYS K 125 -15.90 15.20 -30.51
C LYS K 125 -14.39 15.33 -30.40
N SER L 1 -33.19 -16.62 -28.36
CA SER L 1 -33.84 -15.45 -28.95
C SER L 1 -32.95 -14.80 -30.00
N ASN L 2 -32.72 -13.50 -29.84
CA ASN L 2 -31.89 -12.74 -30.76
C ASN L 2 -30.42 -12.69 -30.36
N LEU L 3 -30.04 -13.37 -29.28
CA LEU L 3 -28.64 -13.44 -28.89
C LEU L 3 -27.81 -14.13 -29.98
N ILE L 4 -26.67 -13.53 -30.30
CA ILE L 4 -25.74 -14.11 -31.26
C ILE L 4 -24.55 -14.66 -30.49
N GLU L 5 -23.89 -15.65 -31.08
CA GLU L 5 -22.77 -16.33 -30.45
C GLU L 5 -21.45 -15.78 -31.00
N VAL L 6 -20.60 -15.27 -30.11
CA VAL L 6 -19.26 -14.86 -30.49
C VAL L 6 -18.28 -15.67 -29.62
N PHE L 7 -17.00 -15.51 -29.93
CA PHE L 7 -15.95 -16.23 -29.22
C PHE L 7 -14.90 -15.26 -28.72
N VAL L 8 -14.56 -15.38 -27.45
CA VAL L 8 -13.44 -14.66 -26.85
C VAL L 8 -12.37 -15.68 -26.54
N ASP L 9 -11.25 -15.61 -27.26
CA ASP L 9 -10.14 -16.54 -27.11
C ASP L 9 -10.60 -17.99 -27.26
N GLY L 10 -11.56 -18.21 -28.15
CA GLY L 10 -12.10 -19.52 -28.38
C GLY L 10 -13.23 -19.95 -27.47
N GLN L 11 -13.60 -19.13 -26.50
CA GLN L 11 -14.68 -19.43 -25.56
C GLN L 11 -15.97 -18.81 -26.07
N SER L 12 -17.01 -19.63 -26.20
CA SER L 12 -18.28 -19.16 -26.71
C SER L 12 -19.01 -18.29 -25.69
N VAL L 13 -19.71 -17.28 -26.18
CA VAL L 13 -20.52 -16.42 -25.33
C VAL L 13 -21.65 -15.80 -26.15
N MET L 14 -22.84 -15.74 -25.54
CA MET L 14 -24.05 -15.24 -26.20
C MET L 14 -24.26 -13.79 -25.80
N VAL L 15 -24.42 -12.92 -26.79
CA VAL L 15 -24.54 -11.49 -26.56
C VAL L 15 -25.70 -10.92 -27.35
N GLU L 16 -26.28 -9.83 -26.85
CA GLU L 16 -27.30 -9.12 -27.58
C GLU L 16 -26.69 -8.44 -28.81
N PRO L 17 -27.47 -8.28 -29.88
CA PRO L 17 -26.98 -7.53 -31.03
C PRO L 17 -26.68 -6.09 -30.66
N GLY L 18 -25.62 -5.55 -31.25
CA GLY L 18 -25.15 -4.22 -30.91
C GLY L 18 -24.12 -4.17 -29.80
N THR L 19 -23.87 -5.29 -29.13
CA THR L 19 -22.84 -5.34 -28.11
C THR L 19 -21.47 -5.12 -28.74
N THR L 20 -20.61 -4.40 -28.04
CA THR L 20 -19.28 -4.13 -28.57
C THR L 20 -18.32 -5.24 -28.16
N VAL L 21 -17.12 -5.19 -28.75
CA VAL L 21 -16.09 -6.19 -28.44
C VAL L 21 -15.69 -6.09 -26.98
N LEU L 22 -15.60 -4.87 -26.45
CA LEU L 22 -15.17 -4.68 -25.07
C LEU L 22 -16.15 -5.31 -24.10
N GLN L 23 -17.45 -5.15 -24.33
CA GLN L 23 -18.45 -5.76 -23.47
C GLN L 23 -18.46 -7.28 -23.63
N ALA L 24 -18.23 -7.77 -24.84
CA ALA L 24 -18.14 -9.21 -25.05
C ALA L 24 -16.97 -9.80 -24.25
N CYS L 25 -15.85 -9.09 -24.19
CA CYS L 25 -14.74 -9.57 -23.37
C CYS L 25 -15.06 -9.42 -21.87
N GLU L 26 -15.78 -8.37 -21.50
CA GLU L 26 -16.21 -8.23 -20.10
C GLU L 26 -17.09 -9.41 -19.68
N LYS L 27 -17.82 -9.98 -20.63
CA LYS L 27 -18.72 -11.08 -20.31
C LYS L 27 -17.96 -12.30 -19.77
N VAL L 28 -16.80 -12.59 -20.35
CA VAL L 28 -16.03 -13.78 -19.96
C VAL L 28 -15.04 -13.43 -18.87
N GLY L 29 -15.08 -12.20 -18.38
CA GLY L 29 -14.27 -11.80 -17.25
C GLY L 29 -12.96 -11.11 -17.56
N MET L 30 -12.72 -10.73 -18.81
CA MET L 30 -11.52 -10.00 -19.17
C MET L 30 -11.82 -8.51 -19.32
N GLN L 31 -10.85 -7.69 -18.94
CA GLN L 31 -10.95 -6.24 -19.05
C GLN L 31 -9.95 -5.75 -20.09
N ILE L 32 -10.45 -5.25 -21.21
CA ILE L 32 -9.59 -4.66 -22.23
C ILE L 32 -9.01 -3.35 -21.70
N PRO L 33 -7.73 -3.07 -21.91
CA PRO L 33 -7.17 -1.78 -21.47
C PRO L 33 -7.86 -0.62 -22.16
N ARG L 34 -7.91 0.51 -21.44
CA ARG L 34 -8.66 1.67 -21.93
C ARG L 34 -8.14 2.92 -21.25
N PHE L 35 -8.30 4.05 -21.95
CA PHE L 35 -8.04 5.35 -21.35
C PHE L 35 -9.18 6.31 -21.59
N CYS L 36 -9.80 6.25 -22.77
CA CYS L 36 -10.82 7.20 -23.14
C CYS L 36 -12.24 6.66 -23.00
N TYR L 37 -12.41 5.35 -22.89
CA TYR L 37 -13.74 4.77 -22.77
C TYR L 37 -14.21 4.83 -21.33
N HIS L 38 -15.41 5.35 -21.12
CA HIS L 38 -16.12 5.29 -19.85
C HIS L 38 -17.52 4.78 -20.14
N GLU L 39 -17.96 3.77 -19.38
CA GLU L 39 -19.23 3.13 -19.67
C GLU L 39 -20.43 4.02 -19.40
N ARG L 40 -20.25 5.15 -18.73
CA ARG L 40 -21.34 6.09 -18.48
C ARG L 40 -21.27 7.33 -19.36
N LEU L 41 -20.30 7.40 -20.27
CA LEU L 41 -20.19 8.47 -21.24
C LEU L 41 -20.33 7.92 -22.65
N SER L 42 -20.48 8.83 -23.60
CA SER L 42 -20.57 8.43 -25.00
C SER L 42 -19.23 7.90 -25.48
N VAL L 43 -19.28 7.01 -26.48
CA VAL L 43 -18.07 6.40 -26.99
C VAL L 43 -17.25 7.41 -27.78
N ALA L 44 -15.95 7.44 -27.54
CA ALA L 44 -15.04 8.36 -28.21
C ALA L 44 -14.11 7.66 -29.18
N GLY L 45 -13.40 6.63 -28.72
CA GLY L 45 -12.53 5.84 -29.58
C GLY L 45 -11.27 6.54 -30.04
N ASN L 46 -10.70 7.44 -29.24
CA ASN L 46 -9.58 8.24 -29.73
C ASN L 46 -8.25 7.81 -29.13
N CYS L 47 -8.26 7.23 -27.92
CA CYS L 47 -6.98 6.87 -27.28
C CYS L 47 -6.34 5.69 -27.98
N ARG L 48 -7.15 4.80 -28.57
CA ARG L 48 -6.71 3.64 -29.33
C ARG L 48 -5.95 2.62 -28.48
N MET L 49 -6.19 2.60 -27.17
CA MET L 49 -5.58 1.58 -26.32
C MET L 49 -6.30 0.25 -26.38
N CYS L 50 -7.57 0.24 -26.80
CA CYS L 50 -8.37 -0.97 -26.80
C CYS L 50 -8.30 -1.73 -28.13
N LEU L 51 -7.24 -1.54 -28.91
CA LEU L 51 -7.13 -2.22 -30.19
C LEU L 51 -6.89 -3.71 -29.96
N VAL L 52 -7.71 -4.55 -30.57
CA VAL L 52 -7.62 -6.00 -30.44
C VAL L 52 -7.70 -6.63 -31.82
N GLU L 53 -7.21 -7.85 -31.92
CA GLU L 53 -7.23 -8.60 -33.17
C GLU L 53 -8.44 -9.53 -33.22
N ILE L 54 -9.09 -9.56 -34.38
CA ILE L 54 -10.10 -10.55 -34.68
C ILE L 54 -9.48 -11.59 -35.61
N GLU L 55 -9.73 -12.86 -35.32
CA GLU L 55 -9.16 -13.93 -36.13
C GLU L 55 -9.60 -13.80 -37.58
N LYS L 56 -8.65 -14.04 -38.49
CA LYS L 56 -8.87 -13.93 -39.93
C LYS L 56 -9.25 -12.51 -40.37
N ALA L 57 -8.76 -11.51 -39.62
CA ALA L 57 -8.95 -10.11 -39.98
C ALA L 57 -7.58 -9.43 -39.91
N PRO L 58 -7.19 -8.69 -40.94
CA PRO L 58 -5.82 -8.13 -40.97
C PRO L 58 -5.64 -6.89 -40.11
N LYS L 59 -6.68 -6.09 -39.88
CA LYS L 59 -6.58 -4.86 -39.12
C LYS L 59 -7.20 -5.04 -37.74
N VAL L 60 -6.55 -4.45 -36.73
CA VAL L 60 -7.07 -4.47 -35.37
C VAL L 60 -8.18 -3.43 -35.25
N VAL L 61 -9.15 -3.71 -34.38
CA VAL L 61 -10.32 -2.85 -34.22
C VAL L 61 -10.35 -2.30 -32.81
N ALA L 62 -11.00 -1.15 -32.66
CA ALA L 62 -11.21 -0.54 -31.35
C ALA L 62 -12.34 -1.28 -30.65
N ALA L 63 -12.00 -1.99 -29.57
CA ALA L 63 -12.98 -2.83 -28.89
C ALA L 63 -14.11 -2.01 -28.29
N CYS L 64 -13.82 -0.80 -27.80
CA CYS L 64 -14.83 0.01 -27.13
C CYS L 64 -15.93 0.47 -28.07
N ALA L 65 -15.67 0.53 -29.38
CA ALA L 65 -16.63 1.07 -30.32
C ALA L 65 -17.11 0.10 -31.39
N MET L 66 -16.46 -1.05 -31.55
CA MET L 66 -16.79 -1.94 -32.65
C MET L 66 -17.82 -2.98 -32.21
N PRO L 67 -19.01 -3.01 -32.79
CA PRO L 67 -19.96 -4.07 -32.45
C PRO L 67 -19.47 -5.43 -32.93
N VAL L 68 -19.84 -6.46 -32.19
CA VAL L 68 -19.42 -7.81 -32.52
C VAL L 68 -20.31 -8.37 -33.62
N MET L 69 -19.69 -9.11 -34.55
CA MET L 69 -20.38 -9.81 -35.60
C MET L 69 -20.53 -11.29 -35.25
N LYS L 70 -21.64 -11.87 -35.66
CA LYS L 70 -21.94 -13.27 -35.38
C LYS L 70 -20.81 -14.16 -35.87
N GLY L 71 -20.15 -14.83 -34.93
CA GLY L 71 -19.10 -15.78 -35.25
C GLY L 71 -17.69 -15.27 -35.10
N TRP L 72 -17.50 -14.05 -34.62
CA TRP L 72 -16.17 -13.49 -34.46
C TRP L 72 -15.42 -14.19 -33.33
N ASN L 73 -14.12 -14.33 -33.51
CA ASN L 73 -13.22 -14.87 -32.49
C ASN L 73 -12.27 -13.75 -32.08
N ILE L 74 -12.53 -13.14 -30.92
CA ILE L 74 -11.69 -12.05 -30.47
C ILE L 74 -10.42 -12.61 -29.85
N LEU L 75 -9.28 -12.18 -30.36
CA LEU L 75 -7.96 -12.61 -29.90
C LEU L 75 -7.39 -11.49 -29.04
N THR L 76 -7.62 -11.57 -27.73
CA THR L 76 -7.27 -10.49 -26.82
C THR L 76 -5.85 -10.60 -26.28
N ASN L 77 -5.13 -11.68 -26.58
CA ASN L 77 -3.76 -11.85 -26.09
C ASN L 77 -2.82 -12.35 -27.18
N SER L 78 -3.13 -12.08 -28.44
CA SER L 78 -2.25 -12.46 -29.52
C SER L 78 -1.09 -11.48 -29.63
N GLU L 79 -0.11 -11.84 -30.47
CA GLU L 79 1.07 -11.01 -30.63
C GLU L 79 0.69 -9.63 -31.17
N LYS L 80 -0.31 -9.58 -32.06
CA LYS L 80 -0.74 -8.32 -32.66
C LYS L 80 -1.33 -7.38 -31.62
N SER L 81 -2.20 -7.89 -30.75
CA SER L 81 -2.81 -7.06 -29.71
C SER L 81 -1.76 -6.52 -28.75
N LYS L 82 -0.81 -7.38 -28.35
CA LYS L 82 0.25 -6.95 -27.44
C LYS L 82 1.11 -5.86 -28.09
N LYS L 83 1.48 -6.05 -29.35
CA LYS L 83 2.30 -5.04 -30.02
C LYS L 83 1.55 -3.72 -30.18
N ALA L 84 0.24 -3.79 -30.48
CA ALA L 84 -0.56 -2.57 -30.57
C ALA L 84 -0.60 -1.84 -29.23
N ARG L 85 -0.81 -2.58 -28.14
CA ARG L 85 -0.83 -1.95 -26.82
C ARG L 85 0.51 -1.31 -26.48
N GLU L 86 1.60 -2.00 -26.80
CA GLU L 86 2.92 -1.44 -26.53
C GLU L 86 3.17 -0.16 -27.32
N GLY L 87 2.79 -0.16 -28.59
CA GLY L 87 2.95 1.04 -29.39
C GLY L 87 2.13 2.21 -28.88
N VAL L 88 0.88 1.94 -28.50
CA VAL L 88 0.02 3.00 -27.99
C VAL L 88 0.57 3.57 -26.68
N MET L 89 1.04 2.70 -25.79
CA MET L 89 1.63 3.19 -24.55
C MET L 89 2.91 3.98 -24.81
N GLU L 90 3.71 3.56 -25.78
CA GLU L 90 4.91 4.30 -26.13
C GLU L 90 4.56 5.72 -26.58
N PHE L 91 3.55 5.83 -27.46
CA PHE L 91 3.12 7.16 -27.91
C PHE L 91 2.55 7.97 -26.75
N LEU L 92 1.79 7.34 -25.88
CA LEU L 92 1.18 8.05 -24.75
C LEU L 92 2.23 8.59 -23.80
N LEU L 93 3.31 7.83 -23.59
CA LEU L 93 4.34 8.21 -22.64
C LEU L 93 5.46 9.04 -23.27
N ALA L 94 5.45 9.24 -24.59
CA ALA L 94 6.52 10.00 -25.23
C ALA L 94 6.58 11.43 -24.71
N ASN L 95 5.43 12.08 -24.57
CA ASN L 95 5.37 13.48 -24.14
C ASN L 95 4.94 13.67 -22.70
N HIS L 96 4.72 12.59 -21.96
CA HIS L 96 4.27 12.72 -20.58
C HIS L 96 5.41 13.26 -19.70
N PRO L 97 5.09 14.11 -18.73
CA PRO L 97 6.13 14.63 -17.84
C PRO L 97 6.51 13.64 -16.77
N LEU L 98 7.80 13.67 -16.39
CA LEU L 98 8.32 12.82 -15.33
C LEU L 98 7.95 13.41 -13.97
N ASP L 99 6.65 13.36 -13.68
CA ASP L 99 6.09 14.02 -12.51
C ASP L 99 5.50 13.07 -11.49
N CYS L 100 5.74 11.76 -11.63
CA CYS L 100 5.10 10.80 -10.74
C CYS L 100 5.38 11.04 -9.26
N PRO L 101 6.61 11.35 -8.83
CA PRO L 101 6.81 11.65 -7.39
C PRO L 101 6.02 12.85 -6.90
N ILE L 102 5.79 13.87 -7.73
CA ILE L 102 5.05 15.04 -7.31
C ILE L 102 3.61 15.04 -7.78
N CYS L 103 3.17 13.98 -8.46
CA CYS L 103 1.81 13.90 -8.95
C CYS L 103 0.90 13.24 -7.92
N ASP L 104 -0.26 13.84 -7.66
CA ASP L 104 -1.20 13.28 -6.70
C ASP L 104 -1.79 11.95 -7.16
N GLN L 105 -1.79 11.67 -8.46
CA GLN L 105 -2.27 10.41 -8.99
C GLN L 105 -1.27 9.28 -8.83
N GLY L 106 -0.22 9.49 -8.04
CA GLY L 106 0.91 8.60 -7.92
C GLY L 106 0.61 7.11 -7.90
N GLY L 107 -0.08 6.64 -6.87
CA GLY L 107 -0.43 5.24 -6.77
C GLY L 107 -1.82 4.89 -7.28
N GLU L 108 -2.51 5.84 -7.92
CA GLU L 108 -3.86 5.61 -8.43
C GLU L 108 -3.95 5.92 -9.92
N CYS L 109 -2.86 5.77 -10.65
CA CYS L 109 -2.79 6.19 -12.05
C CYS L 109 -3.08 5.01 -12.96
N ASP L 110 -4.07 5.17 -13.84
CA ASP L 110 -4.30 4.18 -14.87
C ASP L 110 -3.15 4.14 -15.87
N LEU L 111 -2.53 5.29 -16.15
CA LEU L 111 -1.38 5.31 -17.04
C LEU L 111 -0.24 4.47 -16.48
N GLN L 112 0.06 4.62 -15.19
CA GLN L 112 1.13 3.84 -14.57
C GLN L 112 0.80 2.35 -14.57
N ASP L 113 -0.40 1.99 -14.13
CA ASP L 113 -0.77 0.59 -14.00
C ASP L 113 -0.79 -0.10 -15.36
N GLN L 114 -1.36 0.55 -16.37
CA GLN L 114 -1.41 -0.05 -17.68
C GLN L 114 -0.07 -0.01 -18.40
N SER L 115 0.81 0.93 -18.05
CA SER L 115 2.18 0.85 -18.54
C SER L 115 2.90 -0.36 -17.95
N MET L 116 2.65 -0.65 -16.67
CA MET L 116 3.27 -1.82 -16.05
C MET L 116 2.74 -3.11 -16.64
N MET L 117 1.42 -3.19 -16.88
CA MET L 117 0.83 -4.46 -17.32
C MET L 117 0.95 -4.67 -18.82
N PHE L 118 0.66 -3.65 -19.63
CA PHE L 118 0.50 -3.82 -21.06
C PHE L 118 1.54 -3.08 -21.88
N GLY L 119 2.36 -2.23 -21.27
CA GLY L 119 3.36 -1.47 -21.98
C GLY L 119 4.75 -2.08 -21.87
N SER L 120 5.69 -1.42 -22.53
CA SER L 120 7.09 -1.81 -22.45
C SER L 120 7.73 -1.18 -21.22
N ASP L 121 8.95 -1.62 -20.93
CA ASP L 121 9.70 -1.11 -19.79
C ASP L 121 10.83 -0.17 -20.19
N ARG L 122 11.01 0.08 -21.48
CA ARG L 122 12.07 0.93 -21.99
C ARG L 122 11.48 2.18 -22.61
N SER L 123 12.37 3.13 -22.91
CA SER L 123 12.02 4.33 -23.66
C SER L 123 13.07 4.54 -24.74
N ARG L 124 12.61 4.80 -25.96
CA ARG L 124 13.49 5.16 -27.06
C ARG L 124 13.20 6.55 -27.60
N PHE L 125 12.49 7.36 -26.81
CA PHE L 125 12.22 8.74 -27.17
C PHE L 125 13.44 9.59 -26.81
N LEU L 126 14.14 10.09 -27.82
CA LEU L 126 15.38 10.84 -27.63
C LEU L 126 15.21 12.31 -27.96
N GLU L 127 14.00 12.84 -27.83
CA GLU L 127 13.69 14.23 -28.16
C GLU L 127 13.21 14.98 -26.91
N GLY L 128 12.89 16.25 -27.11
CA GLY L 128 12.34 17.05 -26.04
C GLY L 128 10.82 16.97 -25.98
N LYS L 129 10.30 17.03 -24.76
CA LYS L 129 8.87 16.93 -24.52
C LYS L 129 8.23 18.32 -24.59
N ARG L 130 6.93 18.34 -24.87
CA ARG L 130 6.19 19.59 -24.88
C ARG L 130 5.74 19.94 -23.47
N ALA L 131 5.54 21.23 -23.24
CA ALA L 131 5.01 21.74 -21.98
C ALA L 131 3.87 22.68 -22.26
N VAL L 132 2.84 22.63 -21.42
CA VAL L 132 1.59 23.35 -21.63
C VAL L 132 1.34 24.26 -20.44
N GLU L 133 0.93 25.50 -20.73
CA GLU L 133 0.56 26.42 -19.66
C GLU L 133 -0.73 25.94 -18.99
N ASP L 134 -0.83 26.21 -17.70
CA ASP L 134 -1.94 25.69 -16.92
C ASP L 134 -3.12 26.65 -16.93
N LYS L 135 -4.30 26.10 -16.69
CA LYS L 135 -5.55 26.83 -16.65
C LYS L 135 -6.09 26.89 -15.23
N ASN L 136 -6.97 27.86 -15.00
CA ASN L 136 -7.64 28.03 -13.71
C ASN L 136 -9.14 27.87 -13.94
N ILE L 137 -9.72 26.83 -13.36
CA ILE L 137 -11.14 26.55 -13.56
C ILE L 137 -11.86 26.49 -12.21
N GLY L 138 -11.30 27.16 -11.20
CA GLY L 138 -11.94 27.25 -9.92
C GLY L 138 -11.06 26.83 -8.76
N PRO L 139 -11.59 26.98 -7.54
CA PRO L 139 -10.84 26.60 -6.33
C PRO L 139 -11.00 25.15 -5.91
N LEU L 140 -11.65 24.31 -6.72
CA LEU L 140 -11.89 22.92 -6.37
C LEU L 140 -10.99 21.95 -7.14
N VAL L 141 -10.85 22.16 -8.44
CA VAL L 141 -10.10 21.26 -9.31
C VAL L 141 -8.77 21.90 -9.65
N LYS L 142 -7.68 21.26 -9.24
CA LYS L 142 -6.34 21.71 -9.58
C LYS L 142 -5.97 21.15 -10.95
N THR L 143 -5.25 21.95 -11.73
CA THR L 143 -5.04 21.70 -13.15
C THR L 143 -3.55 21.69 -13.47
N ILE L 144 -3.06 20.55 -13.98
CA ILE L 144 -1.70 20.41 -14.49
C ILE L 144 -1.83 19.81 -15.88
N MET L 145 -1.91 20.65 -16.91
CA MET L 145 -2.30 20.14 -18.22
C MET L 145 -1.13 19.59 -19.01
N THR L 146 0.09 19.67 -18.48
CA THR L 146 1.19 18.96 -19.11
C THR L 146 1.00 17.46 -18.97
N ARG L 147 0.18 17.03 -18.01
CA ARG L 147 -0.09 15.62 -17.80
C ARG L 147 -1.26 15.11 -18.62
N CYS L 148 -1.96 15.98 -19.34
CA CYS L 148 -3.16 15.57 -20.06
C CYS L 148 -2.82 14.64 -21.21
N ILE L 149 -3.61 13.58 -21.35
CA ILE L 149 -3.45 12.63 -22.45
C ILE L 149 -4.53 12.80 -23.51
N GLN L 150 -5.35 13.84 -23.41
CA GLN L 150 -6.34 14.20 -24.44
C GLN L 150 -7.33 13.07 -24.68
N CYS L 151 -7.83 12.47 -23.59
CA CYS L 151 -8.84 11.42 -23.73
C CYS L 151 -10.23 12.02 -23.90
N THR L 152 -10.38 13.31 -23.61
CA THR L 152 -11.62 14.06 -23.72
C THR L 152 -12.73 13.52 -22.82
N ARG L 153 -12.39 12.81 -21.74
CA ARG L 153 -13.41 12.33 -20.83
C ARG L 153 -14.12 13.48 -20.12
N CYS L 154 -13.36 14.49 -19.70
CA CYS L 154 -13.96 15.62 -18.99
C CYS L 154 -14.92 16.39 -19.89
N ILE L 155 -14.56 16.54 -21.17
CA ILE L 155 -15.44 17.23 -22.11
C ILE L 155 -16.76 16.49 -22.24
N ARG L 156 -16.71 15.17 -22.41
CA ARG L 156 -17.92 14.39 -22.57
C ARG L 156 -18.76 14.40 -21.29
N PHE L 157 -18.11 14.31 -20.13
CA PHE L 157 -18.84 14.34 -18.87
C PHE L 157 -19.54 15.68 -18.68
N ALA L 158 -18.82 16.78 -18.88
CA ALA L 158 -19.43 18.10 -18.71
C ALA L 158 -20.56 18.31 -19.70
N SER L 159 -20.38 17.90 -20.95
CA SER L 159 -21.40 18.12 -21.95
C SER L 159 -22.65 17.28 -21.68
N GLU L 160 -22.48 16.03 -21.23
CA GLU L 160 -23.62 15.12 -21.07
C GLU L 160 -24.09 15.02 -19.62
N ILE L 161 -23.22 14.61 -18.70
CA ILE L 161 -23.66 14.38 -17.33
C ILE L 161 -23.98 15.70 -16.64
N ALA L 162 -23.11 16.70 -16.80
CA ALA L 162 -23.26 17.96 -16.07
C ALA L 162 -24.11 18.99 -16.81
N GLY L 163 -24.28 18.84 -18.12
CA GLY L 163 -25.05 19.81 -18.87
C GLY L 163 -24.38 21.14 -19.08
N VAL L 164 -23.05 21.19 -18.99
CA VAL L 164 -22.28 22.41 -19.16
C VAL L 164 -21.31 22.21 -20.33
N ASP L 165 -21.26 23.20 -21.23
CA ASP L 165 -20.44 23.11 -22.43
C ASP L 165 -19.30 24.11 -22.41
N ASP L 166 -18.60 24.22 -21.27
CA ASP L 166 -17.48 25.14 -21.15
C ASP L 166 -16.13 24.50 -21.50
N LEU L 167 -16.05 23.17 -21.49
CA LEU L 167 -14.81 22.47 -21.79
C LEU L 167 -14.78 22.04 -23.25
N GLY L 168 -13.58 22.03 -23.82
CA GLY L 168 -13.41 21.62 -25.19
C GLY L 168 -11.95 21.57 -25.56
N THR L 169 -11.71 21.42 -26.86
CA THR L 169 -10.36 21.35 -27.40
C THR L 169 -10.10 22.54 -28.30
N THR L 170 -8.96 23.18 -28.12
CA THR L 170 -8.52 24.30 -28.95
C THR L 170 -7.20 23.94 -29.62
N GLY L 171 -7.11 24.21 -30.91
CA GLY L 171 -5.97 23.82 -31.69
C GLY L 171 -6.15 22.47 -32.35
N ARG L 172 -5.05 21.96 -32.90
CA ARG L 172 -5.07 20.66 -33.54
C ARG L 172 -3.65 20.11 -33.57
N GLY L 173 -3.55 18.81 -33.83
CA GLY L 173 -2.25 18.15 -33.80
C GLY L 173 -1.74 17.99 -32.39
N ASN L 174 -0.41 17.93 -32.27
CA ASN L 174 0.22 17.78 -30.97
C ASN L 174 -0.03 18.99 -30.07
N ASP L 175 -0.34 20.14 -30.67
CA ASP L 175 -0.48 21.36 -29.90
C ASP L 175 -1.92 21.54 -29.42
N MET L 176 -2.81 20.61 -29.75
CA MET L 176 -4.20 20.70 -29.31
C MET L 176 -4.28 20.59 -27.79
N GLN L 177 -5.06 21.48 -27.18
CA GLN L 177 -5.14 21.58 -25.74
C GLN L 177 -6.59 21.50 -25.28
N VAL L 178 -6.77 21.00 -24.05
CA VAL L 178 -8.10 20.88 -23.44
C VAL L 178 -8.28 22.03 -22.47
N GLY L 179 -9.41 22.71 -22.56
CA GLY L 179 -9.68 23.79 -21.63
C GLY L 179 -10.92 24.56 -22.03
N THR L 180 -10.97 25.81 -21.59
CA THR L 180 -12.10 26.69 -21.85
C THR L 180 -11.78 27.80 -22.83
N TYR L 181 -10.50 28.02 -23.14
CA TYR L 181 -10.00 29.04 -24.07
C TYR L 181 -10.14 30.44 -23.49
N ILE L 182 -10.87 30.57 -22.38
CA ILE L 182 -11.03 31.84 -21.69
C ILE L 182 -10.95 31.57 -20.20
N GLU L 183 -10.65 32.63 -19.45
CA GLU L 183 -10.58 32.51 -18.00
C GLU L 183 -12.01 32.34 -17.48
N LYS L 184 -12.39 31.09 -17.21
CA LYS L 184 -13.75 30.76 -16.83
C LYS L 184 -13.74 29.80 -15.66
N MET L 185 -14.67 29.99 -14.72
CA MET L 185 -14.81 29.10 -13.59
C MET L 185 -15.79 28.00 -13.97
N PHE L 186 -15.29 26.76 -14.06
CA PHE L 186 -16.17 25.62 -14.33
C PHE L 186 -16.82 25.22 -13.01
N MET L 187 -17.85 25.99 -12.63
CA MET L 187 -18.52 25.80 -11.36
C MET L 187 -19.85 25.09 -11.61
N SER L 188 -20.03 23.97 -10.92
CA SER L 188 -21.24 23.17 -11.03
C SER L 188 -21.36 22.34 -9.76
N GLU L 189 -22.57 21.83 -9.51
CA GLU L 189 -22.76 20.96 -8.37
C GLU L 189 -22.13 19.59 -8.56
N LEU L 190 -21.69 19.27 -9.77
CA LEU L 190 -21.03 18.00 -10.07
C LEU L 190 -19.64 18.20 -10.67
N SER L 191 -19.01 19.35 -10.42
CA SER L 191 -17.74 19.66 -11.06
C SER L 191 -16.60 18.78 -10.55
N GLY L 192 -16.65 18.33 -9.30
CA GLY L 192 -15.55 17.54 -8.76
C GLY L 192 -15.42 16.16 -9.36
N ASN L 193 -16.50 15.65 -9.97
CA ASN L 193 -16.47 14.30 -10.53
C ASN L 193 -15.47 14.15 -11.65
N ILE L 194 -15.17 15.23 -12.38
CA ILE L 194 -14.15 15.18 -13.43
C ILE L 194 -12.79 14.83 -12.86
N ILE L 195 -12.59 15.00 -11.55
CA ILE L 195 -11.34 14.56 -10.93
C ILE L 195 -11.24 13.05 -10.97
N ASP L 196 -12.34 12.34 -10.72
CA ASP L 196 -12.30 10.88 -10.72
C ASP L 196 -12.19 10.33 -12.14
N ILE L 197 -12.98 10.86 -13.07
CA ILE L 197 -12.99 10.32 -14.42
C ILE L 197 -11.67 10.57 -15.15
N CYS L 198 -10.92 11.58 -14.75
CA CYS L 198 -9.65 11.85 -15.41
C CYS L 198 -8.66 10.76 -15.03
N PRO L 199 -8.12 10.02 -16.00
CA PRO L 199 -7.24 8.89 -15.65
C PRO L 199 -5.86 9.31 -15.18
N VAL L 200 -5.48 10.56 -15.36
CA VAL L 200 -4.13 11.02 -15.06
C VAL L 200 -4.21 12.15 -14.04
N GLY L 201 -3.06 12.73 -13.71
CA GLY L 201 -3.02 13.78 -12.71
C GLY L 201 -3.27 15.16 -13.27
N ALA L 202 -3.80 15.22 -14.50
CA ALA L 202 -4.09 16.51 -15.11
C ALA L 202 -5.17 17.26 -14.34
N LEU L 203 -6.18 16.56 -13.86
CA LEU L 203 -7.26 17.13 -13.06
C LEU L 203 -7.25 16.45 -11.70
N THR L 204 -6.88 17.20 -10.65
CA THR L 204 -6.74 16.65 -9.32
C THR L 204 -7.57 17.48 -8.34
N SER L 205 -7.61 17.02 -7.09
CA SER L 205 -8.36 17.71 -6.04
C SER L 205 -7.46 18.73 -5.36
N LYS L 206 -7.89 19.98 -5.34
CA LYS L 206 -7.13 21.05 -4.73
C LYS L 206 -7.14 20.98 -3.19
N PRO L 207 -8.29 20.73 -2.55
CA PRO L 207 -8.25 20.54 -1.09
C PRO L 207 -7.47 19.31 -0.63
N TYR L 208 -7.26 18.35 -1.52
CA TYR L 208 -6.57 17.11 -1.20
C TYR L 208 -5.10 17.13 -1.59
N ALA L 209 -4.62 18.24 -2.15
CA ALA L 209 -3.31 18.26 -2.80
C ALA L 209 -2.19 17.98 -1.79
N PHE L 210 -1.33 17.03 -2.13
CA PHE L 210 -0.08 16.70 -1.46
C PHE L 210 -0.30 16.03 -0.10
N THR L 211 -1.54 15.82 0.34
CA THR L 211 -1.79 15.39 1.71
C THR L 211 -1.45 13.92 1.93
N ALA L 212 -1.84 13.04 1.01
CA ALA L 212 -1.73 11.61 1.24
C ALA L 212 -1.42 10.88 -0.05
N ARG L 213 -1.14 9.59 0.08
CA ARG L 213 -0.94 8.64 -1.01
C ARG L 213 -1.93 7.49 -0.87
N PRO L 214 -2.39 6.91 -1.99
CA PRO L 214 -3.47 5.92 -1.91
C PRO L 214 -3.15 4.68 -1.10
N TRP L 215 -1.90 4.23 -1.10
CA TRP L 215 -1.59 3.00 -0.37
C TRP L 215 -1.70 3.20 1.14
N GLU L 216 -1.44 4.41 1.63
CA GLU L 216 -1.59 4.70 3.05
C GLU L 216 -3.04 4.58 3.50
N THR L 217 -3.98 5.03 2.66
CA THR L 217 -5.33 5.30 3.13
C THR L 217 -6.10 4.03 3.45
N ARG L 218 -6.97 4.14 4.44
CA ARG L 218 -7.94 3.12 4.79
C ARG L 218 -9.31 3.54 4.28
N LYS L 219 -10.07 2.57 3.78
CA LYS L 219 -11.32 2.82 3.07
C LYS L 219 -12.49 2.35 3.92
N THR L 220 -13.42 3.26 4.22
CA THR L 220 -14.62 2.94 4.97
C THR L 220 -15.83 3.23 4.10
N GLU L 221 -16.65 2.22 3.85
CA GLU L 221 -17.80 2.37 2.98
C GLU L 221 -18.99 2.86 3.82
N SER L 222 -19.45 4.07 3.52
CA SER L 222 -20.43 4.75 4.35
C SER L 222 -21.46 5.45 3.46
N ILE L 223 -22.33 6.22 4.10
CA ILE L 223 -23.41 6.93 3.42
C ILE L 223 -23.38 8.44 3.65
N ASP L 224 -23.53 9.21 2.58
CA ASP L 224 -23.53 10.66 2.65
C ASP L 224 -24.80 11.21 3.31
N VAL L 225 -24.64 12.16 4.23
CA VAL L 225 -25.78 12.77 4.91
C VAL L 225 -26.07 14.21 4.46
N MET L 226 -25.39 14.67 3.42
CA MET L 226 -25.60 16.04 2.93
C MET L 226 -27.00 16.29 2.37
N ASP L 227 -27.55 15.31 1.67
CA ASP L 227 -28.88 15.42 1.07
C ASP L 227 -29.66 14.12 1.24
N ALA L 228 -30.98 14.19 1.09
CA ALA L 228 -31.84 13.03 1.23
C ALA L 228 -31.65 12.02 0.11
N VAL L 229 -30.62 12.17 -0.71
CA VAL L 229 -30.36 11.18 -1.76
C VAL L 229 -29.58 10.00 -1.21
N GLY L 230 -28.82 10.20 -0.13
CA GLY L 230 -28.12 9.10 0.50
C GLY L 230 -27.08 8.44 -0.38
N SER L 231 -26.25 9.25 -1.03
CA SER L 231 -25.23 8.71 -1.92
C SER L 231 -24.25 7.84 -1.15
N ASN L 232 -23.95 6.67 -1.71
CA ASN L 232 -22.95 5.80 -1.11
C ASN L 232 -21.56 6.36 -1.36
N ILE L 233 -20.74 6.41 -0.32
CA ILE L 233 -19.44 7.05 -0.39
C ILE L 233 -18.39 6.13 0.22
N VAL L 234 -17.13 6.43 -0.10
CA VAL L 234 -15.98 5.82 0.55
C VAL L 234 -15.20 6.92 1.26
N VAL L 235 -15.03 6.78 2.56
CA VAL L 235 -14.27 7.71 3.37
C VAL L 235 -12.84 7.18 3.43
N SER L 236 -11.90 7.95 2.91
CA SER L 236 -10.49 7.61 2.99
C SER L 236 -9.88 8.32 4.20
N THR L 237 -9.38 7.54 5.15
CA THR L 237 -8.82 8.05 6.39
C THR L 237 -7.41 7.51 6.57
N ARG L 238 -6.54 8.32 7.16
CA ARG L 238 -5.18 7.88 7.43
C ARG L 238 -4.79 8.29 8.84
N THR L 239 -4.38 7.31 9.64
CA THR L 239 -3.92 7.52 11.02
C THR L 239 -4.95 8.29 11.84
N GLY L 240 -6.21 7.87 11.72
CA GLY L 240 -7.27 8.46 12.52
C GLY L 240 -7.78 9.79 12.04
N GLU L 241 -7.38 10.24 10.85
CA GLU L 241 -7.82 11.52 10.30
C GLU L 241 -8.45 11.29 8.95
N VAL L 242 -9.59 11.95 8.70
CA VAL L 242 -10.31 11.80 7.45
C VAL L 242 -9.54 12.52 6.35
N MET L 243 -9.09 11.78 5.36
CA MET L 243 -8.35 12.34 4.24
C MET L 243 -9.24 12.86 3.13
N ARG L 244 -10.22 12.08 2.70
CA ARG L 244 -11.03 12.50 1.56
C ARG L 244 -12.31 11.68 1.48
N ILE L 245 -13.17 12.07 0.55
CA ILE L 245 -14.42 11.38 0.23
C ILE L 245 -14.40 11.03 -1.24
N LEU L 246 -14.76 9.79 -1.57
CA LEU L 246 -14.85 9.33 -2.94
C LEU L 246 -16.23 8.72 -3.19
N PRO L 247 -16.68 8.69 -4.44
CA PRO L 247 -17.96 8.04 -4.74
C PRO L 247 -17.89 6.54 -4.51
N ARG L 248 -19.05 5.91 -4.59
CA ARG L 248 -19.15 4.46 -4.52
C ARG L 248 -20.29 4.02 -5.43
N MET L 249 -20.01 3.07 -6.31
CA MET L 249 -20.96 2.70 -7.36
C MET L 249 -22.19 2.05 -6.74
N HIS L 250 -23.33 2.72 -6.87
CA HIS L 250 -24.63 2.17 -6.52
C HIS L 250 -25.60 2.52 -7.64
N GLU L 251 -25.92 1.55 -8.49
CA GLU L 251 -26.62 1.82 -9.74
C GLU L 251 -27.98 2.47 -9.50
N ASP L 252 -28.54 2.32 -8.30
CA ASP L 252 -29.91 2.78 -8.08
C ASP L 252 -29.97 4.19 -7.52
N ILE L 253 -28.85 4.69 -6.99
CA ILE L 253 -28.88 5.98 -6.30
C ILE L 253 -28.05 7.03 -7.03
N ASN L 254 -26.74 6.83 -7.08
CA ASN L 254 -25.87 7.83 -7.69
C ASN L 254 -25.00 7.21 -8.78
N GLU L 255 -24.56 5.97 -8.54
CA GLU L 255 -24.03 4.99 -9.48
C GLU L 255 -22.62 5.28 -10.00
N GLU L 256 -22.17 6.52 -9.97
CA GLU L 256 -20.73 6.78 -9.97
C GLU L 256 -20.37 8.14 -9.41
N TRP L 257 -21.33 8.97 -9.01
CA TRP L 257 -21.10 10.39 -8.82
C TRP L 257 -21.54 10.82 -7.43
N ILE L 258 -20.98 11.93 -6.98
CA ILE L 258 -21.45 12.64 -5.80
C ILE L 258 -21.46 14.13 -6.11
N SER L 259 -22.22 14.87 -5.32
CA SER L 259 -22.26 16.32 -5.49
C SER L 259 -21.02 16.95 -4.84
N ASP L 260 -20.80 18.22 -5.16
CA ASP L 260 -19.62 18.92 -4.68
C ASP L 260 -19.67 19.15 -3.17
N LYS L 261 -20.86 19.40 -2.63
CA LYS L 261 -21.00 19.51 -1.18
C LYS L 261 -20.65 18.20 -0.49
N THR L 262 -21.05 17.07 -1.09
CA THR L 262 -20.71 15.77 -0.52
C THR L 262 -19.20 15.54 -0.53
N ARG L 263 -18.54 15.93 -1.62
CA ARG L 263 -17.13 15.58 -1.79
C ARG L 263 -16.20 16.52 -1.04
N PHE L 264 -16.54 17.80 -0.95
CA PHE L 264 -15.58 18.83 -0.55
C PHE L 264 -15.95 19.55 0.74
N ALA L 265 -16.87 19.00 1.54
CA ALA L 265 -17.25 19.63 2.79
C ALA L 265 -16.87 18.78 4.00
N TYR L 266 -15.95 17.84 3.84
CA TYR L 266 -15.50 17.05 4.98
C TYR L 266 -14.59 17.82 5.91
N ASP L 267 -13.85 18.82 5.39
CA ASP L 267 -12.99 19.62 6.24
C ASP L 267 -13.76 20.40 7.30
N GLY L 268 -15.04 20.67 7.08
CA GLY L 268 -15.87 21.27 8.10
C GLY L 268 -16.06 20.40 9.33
N LEU L 269 -15.68 19.12 9.25
CA LEU L 269 -15.68 18.26 10.41
C LEU L 269 -14.49 18.50 11.32
N LYS L 270 -13.53 19.34 10.91
CA LYS L 270 -12.35 19.62 11.71
C LYS L 270 -12.40 20.99 12.37
N ARG L 271 -13.52 21.69 12.27
CA ARG L 271 -13.65 23.03 12.82
C ARG L 271 -14.95 23.15 13.60
N GLN L 272 -14.94 24.05 14.59
CA GLN L 272 -16.12 24.35 15.40
C GLN L 272 -16.73 23.09 16.00
N ARG L 273 -15.87 22.17 16.44
CA ARG L 273 -16.33 20.89 16.95
C ARG L 273 -16.61 20.99 18.45
N LEU L 274 -17.76 20.45 18.86
CA LEU L 274 -18.07 20.32 20.28
C LEU L 274 -17.39 19.08 20.82
N THR L 275 -16.48 19.26 21.78
CA THR L 275 -15.67 18.16 22.29
C THR L 275 -15.87 17.86 23.76
N GLN L 276 -16.48 18.74 24.55
CA GLN L 276 -16.68 18.51 25.97
C GLN L 276 -18.07 18.96 26.37
N PRO L 277 -18.64 18.37 27.42
CA PRO L 277 -19.90 18.88 27.95
C PRO L 277 -19.73 20.27 28.53
N MET L 278 -20.77 21.08 28.40
CA MET L 278 -20.74 22.46 28.86
C MET L 278 -22.01 22.79 29.62
N ILE L 279 -21.87 23.67 30.63
CA ILE L 279 -22.99 24.17 31.40
C ILE L 279 -22.85 25.70 31.49
N ARG L 280 -23.76 26.32 32.22
CA ARG L 280 -23.73 27.75 32.47
C ARG L 280 -23.32 28.00 33.90
N ASN L 281 -22.28 28.83 34.09
CA ASN L 281 -21.79 29.14 35.42
C ASN L 281 -22.64 30.25 36.03
N GLU L 282 -22.20 30.78 37.17
CA GLU L 282 -22.93 31.86 37.84
C GLU L 282 -22.97 33.13 37.01
N LYS L 283 -22.00 33.34 36.13
CA LYS L 283 -21.94 34.52 35.30
C LYS L 283 -22.74 34.38 34.01
N GLY L 284 -23.36 33.23 33.77
CA GLY L 284 -24.16 33.03 32.58
C GLY L 284 -23.39 32.61 31.34
N LEU L 285 -22.13 32.25 31.47
CA LEU L 285 -21.32 31.84 30.33
C LEU L 285 -21.16 30.33 30.31
N LEU L 286 -20.86 29.81 29.12
CA LEU L 286 -20.70 28.37 28.94
C LEU L 286 -19.31 27.93 29.35
N THR L 287 -19.24 27.03 30.33
CA THR L 287 -17.99 26.52 30.85
C THR L 287 -17.99 25.00 30.78
N TYR L 288 -16.79 24.43 30.64
CA TYR L 288 -16.64 22.98 30.53
C TYR L 288 -16.96 22.30 31.84
N THR L 289 -17.40 21.04 31.74
CA THR L 289 -17.71 20.23 32.91
C THR L 289 -17.62 18.76 32.51
N THR L 290 -17.76 17.89 33.50
CA THR L 290 -17.72 16.45 33.27
C THR L 290 -19.06 15.96 32.74
N TRP L 291 -19.05 14.70 32.27
CA TRP L 291 -20.30 14.09 31.82
C TRP L 291 -21.27 13.93 32.98
N GLU L 292 -20.77 13.56 34.16
CA GLU L 292 -21.65 13.33 35.30
C GLU L 292 -22.41 14.58 35.68
N ASP L 293 -21.73 15.72 35.73
CA ASP L 293 -22.37 16.96 36.18
C ASP L 293 -23.47 17.40 35.22
N ALA L 294 -23.15 17.45 33.93
CA ALA L 294 -24.13 17.88 32.94
C ALA L 294 -25.31 16.91 32.86
N LEU L 295 -25.02 15.61 32.89
CA LEU L 295 -26.10 14.63 32.85
C LEU L 295 -26.97 14.73 34.09
N SER L 296 -26.37 15.00 35.25
CA SER L 296 -27.16 15.17 36.47
C SER L 296 -28.06 16.40 36.39
N ARG L 297 -27.54 17.50 35.85
CA ARG L 297 -28.36 18.70 35.70
C ARG L 297 -29.54 18.43 34.76
N VAL L 298 -29.28 17.78 33.63
CA VAL L 298 -30.36 17.50 32.68
C VAL L 298 -31.36 16.53 33.30
N ALA L 299 -30.89 15.54 34.05
CA ALA L 299 -31.80 14.59 34.68
C ALA L 299 -32.67 15.27 35.73
N GLY L 300 -32.10 16.18 36.51
CA GLY L 300 -32.89 16.91 37.48
C GLY L 300 -33.97 17.74 36.81
N MET L 301 -33.62 18.45 35.74
CA MET L 301 -34.61 19.25 35.04
C MET L 301 -35.66 18.39 34.36
N LEU L 302 -35.29 17.18 33.91
CA LEU L 302 -36.25 16.30 33.26
C LEU L 302 -37.19 15.66 34.28
N GLN L 303 -36.70 15.45 35.51
CA GLN L 303 -37.56 14.93 36.57
C GLN L 303 -38.47 16.03 37.12
N SER L 304 -38.05 17.29 37.04
CA SER L 304 -38.89 18.37 37.55
C SER L 304 -40.18 18.51 36.74
N PHE L 305 -40.09 18.39 35.42
CA PHE L 305 -41.23 18.61 34.54
C PHE L 305 -41.65 17.32 33.86
N GLN L 306 -42.91 17.28 33.44
CA GLN L 306 -43.46 16.12 32.74
C GLN L 306 -44.53 16.59 31.77
N GLY L 307 -44.98 15.67 30.92
CA GLY L 307 -46.09 15.95 30.05
C GLY L 307 -45.72 16.91 28.93
N ASN L 308 -46.54 17.96 28.77
CA ASN L 308 -46.38 18.86 27.64
C ASN L 308 -45.20 19.82 27.85
N ASP L 309 -44.70 19.90 29.08
CA ASP L 309 -43.63 20.86 29.37
C ASP L 309 -42.28 20.37 28.84
N VAL L 310 -42.20 19.09 28.47
CA VAL L 310 -40.97 18.58 27.87
C VAL L 310 -41.17 18.40 26.38
N ALA L 311 -40.20 18.89 25.60
CA ALA L 311 -40.31 18.85 24.15
C ALA L 311 -38.93 18.68 23.54
N ALA L 312 -38.91 18.27 22.27
CA ALA L 312 -37.67 18.03 21.56
C ALA L 312 -37.81 18.46 20.11
N ILE L 313 -36.72 18.94 19.53
CA ILE L 313 -36.65 19.28 18.11
C ILE L 313 -35.43 18.59 17.51
N ALA L 314 -35.62 17.88 16.42
CA ALA L 314 -34.55 17.14 15.76
C ALA L 314 -34.06 17.90 14.53
N GLY L 315 -32.75 17.80 14.30
CA GLY L 315 -32.09 18.51 13.21
C GLY L 315 -32.05 17.72 11.92
N GLY L 316 -31.17 18.18 11.03
CA GLY L 316 -31.13 17.62 9.69
C GLY L 316 -30.21 16.43 9.52
N LEU L 317 -29.26 16.23 10.44
CA LEU L 317 -28.28 15.16 10.33
C LEU L 317 -28.42 14.14 11.46
N VAL L 318 -29.62 13.96 11.96
CA VAL L 318 -29.88 13.05 13.07
C VAL L 318 -30.11 11.65 12.51
N ASP L 319 -29.80 10.63 13.32
CA ASP L 319 -29.91 9.24 12.91
C ASP L 319 -31.08 8.58 13.62
N ALA L 320 -31.51 7.44 13.06
CA ALA L 320 -32.71 6.78 13.55
C ALA L 320 -32.54 6.24 14.96
N GLU L 321 -31.33 5.81 15.33
CA GLU L 321 -31.11 5.30 16.67
C GLU L 321 -31.29 6.41 17.70
N ALA L 322 -30.66 7.56 17.46
CA ALA L 322 -30.83 8.69 18.37
C ALA L 322 -32.27 9.17 18.39
N LEU L 323 -32.93 9.15 17.24
CA LEU L 323 -34.33 9.58 17.17
C LEU L 323 -35.23 8.70 18.01
N VAL L 324 -35.08 7.37 17.88
CA VAL L 324 -35.94 6.46 18.64
C VAL L 324 -35.60 6.52 20.12
N ALA L 325 -34.31 6.70 20.46
CA ALA L 325 -33.93 6.84 21.86
C ALA L 325 -34.58 8.08 22.48
N LEU L 326 -34.51 9.22 21.79
CA LEU L 326 -35.12 10.44 22.31
C LEU L 326 -36.63 10.31 22.39
N LYS L 327 -37.24 9.64 21.40
CA LYS L 327 -38.67 9.42 21.44
C LYS L 327 -39.06 8.62 22.68
N ASP L 328 -38.32 7.54 22.96
CA ASP L 328 -38.61 6.75 24.15
C ASP L 328 -38.41 7.56 25.42
N LEU L 329 -37.33 8.34 25.49
CA LEU L 329 -37.05 9.11 26.69
C LEU L 329 -38.16 10.12 26.98
N LEU L 330 -38.64 10.82 25.96
CA LEU L 330 -39.74 11.75 26.20
C LEU L 330 -41.08 11.05 26.37
N ASN L 331 -41.23 9.84 25.84
CA ASN L 331 -42.45 9.08 26.12
C ASN L 331 -42.49 8.62 27.55
N ARG L 332 -41.33 8.44 28.19
CA ARG L 332 -41.30 8.05 29.59
C ARG L 332 -41.89 9.12 30.49
N VAL L 333 -41.70 10.40 30.14
CA VAL L 333 -42.26 11.50 30.92
C VAL L 333 -43.60 11.91 30.33
N ASP L 334 -44.17 11.05 29.49
CA ASP L 334 -45.47 11.29 28.86
C ASP L 334 -45.45 12.56 28.01
N SER L 335 -44.46 12.65 27.12
CA SER L 335 -44.35 13.75 26.18
C SER L 335 -44.41 13.20 24.77
N ASP L 336 -45.21 13.84 23.93
CA ASP L 336 -45.28 13.52 22.51
C ASP L 336 -44.84 14.69 21.64
N SER L 337 -44.31 15.75 22.24
CA SER L 337 -43.89 16.94 21.51
C SER L 337 -42.56 16.68 20.83
N LEU L 338 -42.51 15.66 19.99
CA LEU L 338 -41.30 15.28 19.27
C LEU L 338 -41.44 15.72 17.82
N CYS L 339 -40.71 16.76 17.45
CA CYS L 339 -40.95 17.41 16.17
C CYS L 339 -39.63 17.66 15.45
N THR L 340 -39.71 17.71 14.13
CA THR L 340 -38.56 18.03 13.30
C THR L 340 -38.55 19.53 13.00
N GLU L 341 -37.68 19.95 12.09
CA GLU L 341 -37.67 21.33 11.62
C GLU L 341 -38.34 21.51 10.28
N GLU L 342 -38.41 20.47 9.45
CA GLU L 342 -39.03 20.55 8.14
C GLU L 342 -40.50 20.16 8.27
N VAL L 343 -41.39 21.05 7.85
CA VAL L 343 -42.82 20.83 8.05
C VAL L 343 -43.39 20.00 6.91
N PHE L 344 -44.32 19.12 7.24
CA PHE L 344 -45.07 18.32 6.29
C PHE L 344 -46.54 18.38 6.67
N PRO L 345 -47.45 18.42 5.69
CA PRO L 345 -48.88 18.52 6.01
C PRO L 345 -49.41 17.34 6.80
N THR L 346 -49.82 17.57 8.04
CA THR L 346 -50.32 16.50 8.90
C THR L 346 -51.78 16.17 8.67
N ALA L 347 -52.51 17.01 7.93
CA ALA L 347 -53.91 16.73 7.65
C ALA L 347 -54.04 15.54 6.72
N GLY L 348 -55.24 14.95 6.71
CA GLY L 348 -55.46 13.77 5.89
C GLY L 348 -54.81 12.55 6.48
N ALA L 349 -54.17 11.73 5.64
CA ALA L 349 -53.39 10.62 6.15
C ALA L 349 -52.26 11.10 7.06
N GLY L 350 -51.47 12.06 6.57
CA GLY L 350 -50.50 12.75 7.40
C GLY L 350 -49.55 11.87 8.18
N THR L 351 -48.58 11.26 7.49
CA THR L 351 -47.50 10.44 8.03
C THR L 351 -48.02 9.06 8.45
N ASP L 352 -49.32 8.84 8.49
CA ASP L 352 -49.85 7.53 8.82
C ASP L 352 -49.50 6.51 7.76
N LEU L 353 -49.60 6.89 6.49
CA LEU L 353 -49.26 6.02 5.37
C LEU L 353 -47.92 6.45 4.80
N ARG L 354 -46.98 5.51 4.72
CA ARG L 354 -45.62 5.83 4.34
C ARG L 354 -45.50 6.31 2.90
N SER L 355 -46.43 5.94 2.02
CA SER L 355 -46.40 6.39 0.64
C SER L 355 -46.80 7.85 0.48
N ASN L 356 -47.29 8.48 1.55
CA ASN L 356 -47.74 9.87 1.48
C ASN L 356 -46.61 10.88 1.52
N TYR L 357 -45.40 10.46 1.89
CA TYR L 357 -44.28 11.39 2.00
C TYR L 357 -43.00 10.84 1.39
N LEU L 358 -43.11 9.96 0.40
CA LEU L 358 -41.94 9.30 -0.16
C LEU L 358 -41.86 9.56 -1.66
N LEU L 359 -40.67 9.31 -2.20
CA LEU L 359 -40.44 9.29 -3.65
C LEU L 359 -40.77 7.88 -4.11
N ASN L 360 -42.06 7.64 -4.35
CA ASN L 360 -42.53 6.28 -4.60
C ASN L 360 -41.95 5.70 -5.88
N THR L 361 -41.72 6.53 -6.88
CA THR L 361 -41.21 6.03 -8.16
C THR L 361 -39.77 5.58 -8.03
N THR L 362 -39.03 6.13 -7.06
CA THR L 362 -37.61 5.89 -6.79
C THR L 362 -36.73 6.61 -7.80
N ILE L 363 -35.43 6.70 -7.52
CA ILE L 363 -34.52 7.43 -8.40
C ILE L 363 -34.32 6.68 -9.71
N ALA L 364 -34.21 5.36 -9.63
CA ALA L 364 -34.04 4.56 -10.85
C ALA L 364 -35.28 4.66 -11.74
N GLY L 365 -36.46 4.68 -11.14
CA GLY L 365 -37.70 4.70 -11.91
C GLY L 365 -37.84 5.92 -12.80
N VAL L 366 -37.05 6.97 -12.54
CA VAL L 366 -37.06 8.14 -13.41
C VAL L 366 -36.72 7.73 -14.84
N GLU L 367 -35.84 6.74 -15.00
CA GLU L 367 -35.46 6.30 -16.34
C GLU L 367 -36.59 5.62 -17.07
N GLU L 368 -37.69 5.27 -16.39
CA GLU L 368 -38.83 4.65 -17.03
C GLU L 368 -39.94 5.61 -17.39
N ALA L 369 -39.99 6.78 -16.75
CA ALA L 369 -41.04 7.74 -17.01
C ALA L 369 -40.86 8.41 -18.37
N ASP L 370 -41.97 8.94 -18.89
CA ASP L 370 -41.95 9.69 -20.15
C ASP L 370 -42.33 11.15 -19.98
N VAL L 371 -43.11 11.50 -18.96
CA VAL L 371 -43.47 12.88 -18.66
C VAL L 371 -43.25 13.10 -17.17
N ILE L 372 -42.59 14.19 -16.81
CA ILE L 372 -42.36 14.53 -15.42
C ILE L 372 -42.76 15.98 -15.17
N LEU L 373 -43.44 16.21 -14.05
CA LEU L 373 -43.82 17.53 -13.59
C LEU L 373 -43.15 17.78 -12.25
N LEU L 374 -42.52 18.94 -12.10
CA LEU L 374 -41.84 19.33 -10.87
C LEU L 374 -42.55 20.53 -10.27
N VAL L 375 -43.03 20.39 -9.04
CA VAL L 375 -43.83 21.41 -8.39
C VAL L 375 -43.02 22.03 -7.26
N GLY L 376 -42.68 23.30 -7.43
CA GLY L 376 -42.07 24.07 -6.35
C GLY L 376 -40.76 23.52 -5.87
N THR L 377 -39.90 23.07 -6.78
CA THR L 377 -38.63 22.48 -6.40
C THR L 377 -37.54 22.92 -7.36
N ASN L 378 -36.31 22.88 -6.86
CA ASN L 378 -35.12 23.11 -7.67
C ASN L 378 -34.22 21.89 -7.52
N PRO L 379 -34.46 20.80 -8.25
CA PRO L 379 -33.74 19.56 -7.96
C PRO L 379 -32.24 19.66 -8.18
N ARG L 380 -31.77 20.65 -8.91
CA ARG L 380 -30.35 20.77 -9.19
C ARG L 380 -29.54 20.95 -7.91
N PHE L 381 -30.05 21.74 -6.98
CA PHE L 381 -29.36 22.00 -5.72
C PHE L 381 -29.91 21.21 -4.55
N GLU L 382 -31.22 20.94 -4.53
CA GLU L 382 -31.80 20.16 -3.44
C GLU L 382 -31.46 18.67 -3.55
N ALA L 383 -31.26 18.16 -4.75
CA ALA L 383 -30.94 16.75 -4.95
C ALA L 383 -30.14 16.59 -6.23
N PRO L 384 -28.85 16.92 -6.22
CA PRO L 384 -28.08 16.98 -7.48
C PRO L 384 -28.06 15.66 -8.25
N LEU L 385 -27.99 14.53 -7.55
CA LEU L 385 -27.96 13.25 -8.25
C LEU L 385 -29.34 12.87 -8.80
N PHE L 386 -30.40 13.28 -8.11
CA PHE L 386 -31.73 13.11 -8.68
C PHE L 386 -31.88 13.91 -9.98
N ASN L 387 -31.38 15.15 -10.00
CA ASN L 387 -31.42 15.93 -11.22
C ASN L 387 -30.51 15.36 -12.29
N ALA L 388 -29.39 14.76 -11.89
CA ALA L 388 -28.53 14.08 -12.85
C ALA L 388 -29.25 12.89 -13.49
N ARG L 389 -30.00 12.14 -12.69
CA ARG L 389 -30.82 11.06 -13.24
C ARG L 389 -31.88 11.60 -14.18
N ILE L 390 -32.50 12.73 -13.82
CA ILE L 390 -33.50 13.33 -14.69
C ILE L 390 -32.87 13.73 -16.03
N ARG L 391 -31.68 14.34 -15.98
CA ARG L 391 -31.02 14.73 -17.23
C ARG L 391 -30.61 13.51 -18.04
N LYS L 392 -30.18 12.44 -17.38
CA LYS L 392 -29.82 11.22 -18.10
C LYS L 392 -31.03 10.66 -18.84
N SER L 393 -32.18 10.62 -18.18
CA SER L 393 -33.39 10.16 -18.84
C SER L 393 -33.82 11.11 -19.95
N TRP L 394 -33.72 12.42 -19.72
CA TRP L 394 -34.05 13.41 -20.72
C TRP L 394 -33.18 13.29 -21.95
N LEU L 395 -31.93 12.85 -21.76
CA LEU L 395 -31.01 12.69 -22.88
C LEU L 395 -31.27 11.39 -23.64
N HIS L 396 -31.42 10.29 -22.92
CA HIS L 396 -31.49 8.98 -23.55
C HIS L 396 -32.91 8.49 -23.82
N ASN L 397 -33.91 8.97 -23.08
CA ASN L 397 -35.27 8.48 -23.22
C ASN L 397 -36.23 9.53 -23.79
N ASP L 398 -35.71 10.68 -24.24
CA ASP L 398 -36.54 11.75 -24.78
C ASP L 398 -37.62 12.17 -23.78
N LEU L 399 -37.25 12.22 -22.51
CA LEU L 399 -38.19 12.55 -21.45
C LEU L 399 -38.64 14.00 -21.56
N LYS L 400 -39.92 14.23 -21.30
CA LYS L 400 -40.51 15.57 -21.28
C LYS L 400 -40.57 16.05 -19.83
N VAL L 401 -40.13 17.29 -19.60
CA VAL L 401 -40.01 17.86 -18.27
C VAL L 401 -40.78 19.17 -18.24
N ALA L 402 -41.58 19.36 -17.19
CA ALA L 402 -42.27 20.62 -16.95
C ALA L 402 -42.05 21.05 -15.51
N LEU L 403 -42.07 22.36 -15.29
CA LEU L 403 -41.79 22.93 -13.98
C LEU L 403 -42.82 24.00 -13.65
N ILE L 404 -43.37 23.91 -12.45
CA ILE L 404 -44.20 24.98 -11.87
C ILE L 404 -43.38 25.60 -10.75
N GLY L 405 -43.02 26.86 -10.91
CA GLY L 405 -42.17 27.54 -9.98
C GLY L 405 -41.28 28.53 -10.71
N SER L 406 -40.22 28.96 -10.03
CA SER L 406 -39.29 29.89 -10.64
C SER L 406 -38.55 29.24 -11.81
N PRO L 407 -38.33 29.99 -12.88
CA PRO L 407 -37.61 29.43 -14.06
C PRO L 407 -36.11 29.34 -13.84
N VAL L 408 -35.71 28.36 -13.04
CA VAL L 408 -34.30 28.16 -12.73
C VAL L 408 -33.63 27.38 -13.85
N ASP L 409 -32.30 27.37 -13.83
CA ASP L 409 -31.50 26.61 -14.80
C ASP L 409 -31.33 25.19 -14.26
N LEU L 410 -31.82 24.20 -15.01
CA LEU L 410 -31.74 22.81 -14.61
C LEU L 410 -30.73 22.01 -15.44
N THR L 411 -29.94 22.67 -16.27
CA THR L 411 -28.96 22.11 -17.21
C THR L 411 -29.62 21.37 -18.36
N TYR L 412 -30.94 21.26 -18.40
CA TYR L 412 -31.65 20.71 -19.54
C TYR L 412 -32.86 21.58 -19.83
N ARG L 413 -33.34 21.51 -21.08
CA ARG L 413 -34.45 22.34 -21.51
C ARG L 413 -35.77 21.71 -21.08
N TYR L 414 -36.64 22.52 -20.48
CA TYR L 414 -37.93 22.08 -19.98
C TYR L 414 -39.00 23.09 -20.38
N ASP L 415 -40.24 22.78 -20.00
CA ASP L 415 -41.38 23.65 -20.26
C ASP L 415 -41.78 24.35 -18.96
N HIS L 416 -41.72 25.68 -18.96
CA HIS L 416 -42.08 26.48 -17.80
C HIS L 416 -43.57 26.83 -17.90
N LEU L 417 -44.37 26.30 -16.98
CA LEU L 417 -45.80 26.53 -16.96
C LEU L 417 -46.20 27.71 -16.08
N GLY L 418 -45.24 28.44 -15.53
CA GLY L 418 -45.51 29.52 -14.62
C GLY L 418 -45.07 29.18 -13.20
N ASP L 419 -45.25 30.15 -12.31
CA ASP L 419 -44.87 29.98 -10.91
C ASP L 419 -46.03 30.14 -9.94
N SER L 420 -47.21 30.54 -10.40
CA SER L 420 -48.34 30.69 -9.51
C SER L 420 -48.87 29.32 -9.12
N PRO L 421 -49.09 29.06 -7.82
CA PRO L 421 -49.66 27.76 -7.42
C PRO L 421 -51.04 27.51 -7.99
N LYS L 422 -51.77 28.57 -8.35
CA LYS L 422 -53.09 28.42 -8.94
C LYS L 422 -53.09 27.50 -10.15
N ILE L 423 -52.02 27.52 -10.94
CA ILE L 423 -51.91 26.67 -12.12
C ILE L 423 -52.19 25.22 -11.77
N LEU L 424 -51.77 24.78 -10.57
CA LEU L 424 -52.03 23.41 -10.15
C LEU L 424 -53.50 23.07 -10.26
N GLN L 425 -54.36 23.90 -9.68
CA GLN L 425 -55.80 23.66 -9.78
C GLN L 425 -56.25 23.60 -11.23
N ASP L 426 -55.71 24.50 -12.07
CA ASP L 426 -56.04 24.47 -13.48
C ASP L 426 -55.68 23.11 -14.08
N ILE L 427 -54.50 22.58 -13.75
CA ILE L 427 -54.12 21.28 -14.26
C ILE L 427 -55.05 20.21 -13.71
N ALA L 428 -55.51 20.39 -12.47
CA ALA L 428 -56.52 19.48 -11.92
C ALA L 428 -57.86 19.69 -12.61
N SER L 429 -58.17 20.93 -12.98
CA SER L 429 -59.45 21.22 -13.62
C SER L 429 -59.52 20.64 -15.02
N GLY L 430 -58.39 20.62 -15.73
CA GLY L 430 -58.34 20.14 -17.10
C GLY L 430 -58.24 21.24 -18.14
N ASN L 431 -58.17 22.51 -17.74
CA ASN L 431 -58.06 23.59 -18.72
C ASN L 431 -56.68 23.62 -19.36
N HIS L 432 -55.64 23.47 -18.55
CA HIS L 432 -54.28 23.60 -19.05
C HIS L 432 -53.95 22.43 -19.98
N PRO L 433 -53.29 22.69 -21.12
CA PRO L 433 -52.97 21.59 -22.05
C PRO L 433 -52.08 20.52 -21.44
N PHE L 434 -51.29 20.87 -20.42
CA PHE L 434 -50.48 19.85 -19.78
C PHE L 434 -51.32 18.81 -19.06
N SER L 435 -52.59 19.13 -18.76
CA SER L 435 -53.52 18.10 -18.33
C SER L 435 -53.67 17.03 -19.41
N GLN L 436 -53.83 17.46 -20.66
CA GLN L 436 -53.92 16.50 -21.76
C GLN L 436 -52.60 15.77 -21.95
N ILE L 437 -51.47 16.45 -21.75
CA ILE L 437 -50.18 15.79 -21.88
C ILE L 437 -50.03 14.70 -20.83
N LEU L 438 -50.43 14.98 -19.59
CA LEU L 438 -50.38 13.96 -18.54
C LEU L 438 -51.38 12.84 -18.79
N LYS L 439 -52.53 13.18 -19.37
CA LYS L 439 -53.51 12.16 -19.73
C LYS L 439 -52.96 11.20 -20.77
N GLU L 440 -52.23 11.73 -21.75
CA GLU L 440 -51.69 10.88 -22.81
C GLU L 440 -50.43 10.15 -22.37
N ALA L 441 -49.88 10.53 -21.22
CA ALA L 441 -48.61 9.97 -20.77
C ALA L 441 -48.78 8.52 -20.35
N LYS L 442 -47.88 7.66 -20.85
CA LYS L 442 -47.91 6.24 -20.49
C LYS L 442 -47.39 6.01 -19.08
N LYS L 443 -46.31 6.69 -18.71
CA LYS L 443 -45.70 6.57 -17.37
C LYS L 443 -45.50 7.96 -16.80
N PRO L 444 -46.58 8.65 -16.43
CA PRO L 444 -46.44 10.01 -15.91
C PRO L 444 -45.83 10.02 -14.53
N MET L 445 -45.23 11.16 -14.17
CA MET L 445 -44.57 11.32 -12.89
C MET L 445 -44.79 12.74 -12.41
N VAL L 446 -45.25 12.89 -11.17
CA VAL L 446 -45.46 14.20 -10.57
C VAL L 446 -44.70 14.24 -9.26
N VAL L 447 -43.73 15.14 -9.17
CA VAL L 447 -42.83 15.25 -8.03
C VAL L 447 -43.02 16.62 -7.41
N LEU L 448 -43.36 16.65 -6.13
CA LEU L 448 -43.54 17.88 -5.37
C LEU L 448 -42.34 18.06 -4.45
N GLY L 449 -41.72 19.23 -4.51
CA GLY L 449 -40.59 19.50 -3.64
C GLY L 449 -41.03 19.73 -2.20
N SER L 450 -40.27 19.13 -1.28
CA SER L 450 -40.60 19.27 0.13
C SER L 450 -40.31 20.68 0.63
N SER L 451 -39.53 21.46 -0.13
CA SER L 451 -39.30 22.85 0.22
C SER L 451 -40.56 23.69 -0.04
N ALA L 452 -41.38 23.26 -0.99
CA ALA L 452 -42.60 24.00 -1.31
C ALA L 452 -43.67 23.81 -0.25
N LEU L 453 -43.47 22.87 0.67
CA LEU L 453 -44.44 22.63 1.73
C LEU L 453 -44.20 23.51 2.94
N GLN L 454 -43.14 24.34 2.90
CA GLN L 454 -42.79 25.15 4.05
C GLN L 454 -43.47 26.52 4.04
N ARG L 455 -44.25 26.83 3.00
CA ARG L 455 -44.76 28.19 2.84
C ARG L 455 -46.12 28.42 3.46
N SER L 456 -46.50 27.65 4.49
CA SER L 456 -47.70 27.80 5.32
C SER L 456 -48.97 27.44 4.57
N ASP L 457 -48.91 27.18 3.26
CA ASP L 457 -50.04 26.66 2.50
C ASP L 457 -49.73 25.31 1.87
N GLY L 458 -48.75 24.58 2.41
CA GLY L 458 -48.33 23.35 1.80
C GLY L 458 -49.41 22.28 1.81
N THR L 459 -50.36 22.39 2.73
CA THR L 459 -51.49 21.47 2.73
C THR L 459 -52.31 21.61 1.46
N ALA L 460 -52.57 22.85 1.04
CA ALA L 460 -53.33 23.08 -0.19
C ALA L 460 -52.55 22.61 -1.41
N ILE L 461 -51.24 22.84 -1.45
CA ILE L 461 -50.44 22.38 -2.58
C ILE L 461 -50.42 20.86 -2.63
N LEU L 462 -50.27 20.20 -1.49
CA LEU L 462 -50.28 18.74 -1.46
C LEU L 462 -51.63 18.21 -1.90
N ALA L 463 -52.72 18.86 -1.48
CA ALA L 463 -54.05 18.45 -1.94
C ALA L 463 -54.20 18.61 -3.45
N ALA L 464 -53.69 19.72 -4.00
CA ALA L 464 -53.78 19.94 -5.44
C ALA L 464 -52.98 18.90 -6.22
N VAL L 465 -51.78 18.58 -5.75
CA VAL L 465 -50.96 17.60 -6.45
C VAL L 465 -51.58 16.21 -6.34
N SER L 466 -52.14 15.89 -5.17
CA SER L 466 -52.86 14.62 -5.03
C SER L 466 -54.07 14.56 -5.95
N ASN L 467 -54.76 15.69 -6.13
CA ASN L 467 -55.89 15.73 -7.05
C ASN L 467 -55.44 15.50 -8.49
N ILE L 468 -54.30 16.09 -8.87
CA ILE L 468 -53.75 15.86 -10.21
C ILE L 468 -53.44 14.38 -10.40
N ALA L 469 -52.80 13.77 -9.39
CA ALA L 469 -52.48 12.35 -9.49
C ALA L 469 -53.74 11.50 -9.55
N GLN L 470 -54.78 11.87 -8.80
CA GLN L 470 -56.05 11.15 -8.85
C GLN L 470 -56.66 11.23 -10.24
N ASN L 471 -56.65 12.42 -10.85
CA ASN L 471 -57.18 12.55 -12.20
C ASN L 471 -56.40 11.68 -13.18
N ILE L 472 -55.07 11.66 -13.05
CA ILE L 472 -54.25 10.84 -13.93
C ILE L 472 -54.62 9.36 -13.76
N ARG L 473 -54.76 8.91 -12.51
CA ARG L 473 -55.04 7.49 -12.28
C ARG L 473 -56.42 7.11 -12.80
N LEU L 474 -57.44 7.93 -12.52
CA LEU L 474 -58.79 7.58 -12.94
C LEU L 474 -59.01 7.80 -14.43
N SER L 475 -58.13 8.54 -15.10
CA SER L 475 -58.24 8.69 -16.55
C SER L 475 -57.50 7.57 -17.26
N SER L 476 -56.19 7.43 -17.01
CA SER L 476 -55.41 6.40 -17.68
C SER L 476 -55.67 5.01 -17.11
N GLY L 477 -56.40 4.90 -16.01
CA GLY L 477 -56.60 3.61 -15.37
C GLY L 477 -55.40 3.23 -14.52
N VAL L 478 -55.41 1.99 -14.06
CA VAL L 478 -54.34 1.43 -13.26
C VAL L 478 -53.35 0.80 -14.23
N THR L 479 -52.30 1.54 -14.57
CA THR L 479 -51.27 1.04 -15.48
C THR L 479 -50.50 -0.12 -14.87
N GLY L 480 -50.65 -0.35 -13.57
CA GLY L 480 -49.94 -1.41 -12.89
C GLY L 480 -49.40 -0.92 -11.56
N ASP L 481 -48.08 -0.99 -11.40
CA ASP L 481 -47.40 -0.45 -10.24
C ASP L 481 -46.46 0.66 -10.73
N TRP L 482 -47.01 1.86 -10.87
CA TRP L 482 -46.22 2.97 -11.36
C TRP L 482 -45.99 4.07 -10.32
N LYS L 483 -46.96 4.33 -9.45
CA LYS L 483 -46.78 5.26 -8.32
C LYS L 483 -46.41 6.66 -8.82
N VAL L 484 -47.40 7.30 -9.45
CA VAL L 484 -47.21 8.63 -10.04
C VAL L 484 -46.74 9.63 -8.99
N MET L 485 -47.41 9.66 -7.84
CA MET L 485 -47.14 10.67 -6.81
C MET L 485 -45.75 10.51 -6.21
N ASN L 486 -45.03 11.63 -6.07
CA ASN L 486 -43.70 11.62 -5.49
C ASN L 486 -43.45 12.89 -4.70
N ILE L 487 -42.76 12.74 -3.57
CA ILE L 487 -42.31 13.86 -2.74
C ILE L 487 -40.79 13.83 -2.69
N LEU L 488 -40.15 14.95 -3.00
CA LEU L 488 -38.71 15.05 -3.01
C LEU L 488 -38.24 15.77 -1.75
N HIS L 489 -37.56 15.03 -0.87
CA HIS L 489 -37.04 15.59 0.37
C HIS L 489 -35.64 16.15 0.17
N ARG L 490 -35.19 16.91 1.16
CA ARG L 490 -33.86 17.50 1.15
C ARG L 490 -33.13 17.34 2.47
N ILE L 491 -33.75 16.73 3.48
CA ILE L 491 -33.16 16.56 4.80
C ILE L 491 -32.92 15.07 5.01
N ALA L 492 -31.71 14.73 5.46
CA ALA L 492 -31.33 13.33 5.58
C ALA L 492 -32.13 12.62 6.67
N SER L 493 -32.50 13.34 7.72
CA SER L 493 -33.16 12.74 8.87
C SER L 493 -34.68 12.83 8.82
N GLN L 494 -35.25 13.42 7.77
CA GLN L 494 -36.68 13.68 7.76
C GLN L 494 -37.48 12.38 7.61
N VAL L 495 -37.09 11.52 6.67
CA VAL L 495 -37.88 10.33 6.40
C VAL L 495 -37.86 9.38 7.59
N ALA L 496 -36.69 9.21 8.23
CA ALA L 496 -36.62 8.35 9.40
C ALA L 496 -37.48 8.91 10.54
N ALA L 497 -37.44 10.22 10.74
CA ALA L 497 -38.24 10.84 11.80
C ALA L 497 -39.73 10.64 11.54
N LEU L 498 -40.15 10.79 10.28
CA LEU L 498 -41.54 10.54 9.94
C LEU L 498 -41.90 9.08 10.15
N ASP L 499 -41.00 8.16 9.79
CA ASP L 499 -41.24 6.74 10.01
C ASP L 499 -41.37 6.40 11.48
N LEU L 500 -40.69 7.14 12.36
CA LEU L 500 -40.74 6.87 13.79
C LEU L 500 -41.92 7.55 14.49
N GLY L 501 -42.74 8.29 13.77
CA GLY L 501 -43.89 8.93 14.36
C GLY L 501 -43.68 10.33 14.88
N TYR L 502 -42.62 11.01 14.46
CA TYR L 502 -42.41 12.40 14.85
C TYR L 502 -43.44 13.29 14.16
N LYS L 503 -43.73 14.42 14.79
CA LYS L 503 -44.62 15.41 14.19
C LYS L 503 -43.82 16.36 13.31
N PRO L 504 -44.05 16.39 12.01
CA PRO L 504 -43.29 17.32 11.15
C PRO L 504 -43.65 18.76 11.45
N GLY L 505 -42.66 19.64 11.36
CA GLY L 505 -42.83 21.05 11.67
C GLY L 505 -42.55 21.33 13.13
N VAL L 506 -42.70 22.60 13.48
CA VAL L 506 -42.46 23.05 14.85
C VAL L 506 -43.72 23.76 15.35
N GLU L 507 -44.86 23.42 14.76
CA GLU L 507 -46.11 24.09 15.12
C GLU L 507 -46.49 23.81 16.58
N ALA L 508 -46.27 22.57 17.04
CA ALA L 508 -46.66 22.22 18.40
C ALA L 508 -45.89 23.02 19.43
N ILE L 509 -44.61 23.27 19.19
CA ILE L 509 -43.80 24.02 20.15
C ILE L 509 -44.32 25.44 20.29
N ARG L 510 -44.65 26.09 19.17
CA ARG L 510 -45.24 27.42 19.25
C ARG L 510 -46.60 27.39 19.92
N LYS L 511 -47.39 26.35 19.65
CA LYS L 511 -48.72 26.25 20.24
C LYS L 511 -48.65 26.08 21.75
N ASN L 512 -47.82 25.15 22.21
CA ASN L 512 -47.65 24.88 23.64
C ASN L 512 -46.17 25.00 23.99
N PRO L 513 -45.72 26.20 24.35
CA PRO L 513 -44.30 26.40 24.66
C PRO L 513 -43.86 25.54 25.84
N PRO L 514 -42.75 24.83 25.71
CA PRO L 514 -42.29 23.95 26.78
C PRO L 514 -41.39 24.67 27.77
N LYS L 515 -41.15 24.00 28.90
CA LYS L 515 -40.19 24.49 29.88
C LYS L 515 -38.82 23.86 29.68
N VAL L 516 -38.76 22.64 29.14
CA VAL L 516 -37.52 21.96 28.81
C VAL L 516 -37.53 21.70 27.31
N LEU L 517 -36.48 22.12 26.62
CA LEU L 517 -36.37 21.96 25.18
C LEU L 517 -35.11 21.18 24.84
N PHE L 518 -35.29 20.07 24.12
CA PHE L 518 -34.19 19.23 23.67
C PHE L 518 -33.88 19.57 22.21
N LEU L 519 -32.72 20.17 21.97
CA LEU L 519 -32.28 20.48 20.61
C LEU L 519 -31.31 19.39 20.17
N LEU L 520 -31.84 18.40 19.44
CA LEU L 520 -31.03 17.29 18.96
C LEU L 520 -30.48 17.64 17.58
N GLY L 521 -29.40 18.42 17.59
CA GLY L 521 -28.79 18.84 16.35
C GLY L 521 -29.60 19.83 15.54
N ALA L 522 -30.50 20.57 16.18
CA ALA L 522 -31.38 21.50 15.49
C ALA L 522 -30.66 22.84 15.35
N ASP L 523 -30.39 23.24 14.10
CA ASP L 523 -29.69 24.48 13.82
C ASP L 523 -30.40 25.34 12.79
N GLY L 524 -31.68 25.09 12.52
CA GLY L 524 -32.41 25.88 11.56
C GLY L 524 -32.90 27.22 12.06
N GLY L 525 -32.77 27.48 13.36
CA GLY L 525 -33.22 28.74 13.91
C GLY L 525 -34.71 28.93 13.92
N CYS L 526 -35.49 27.84 13.79
CA CYS L 526 -36.93 27.95 13.76
C CYS L 526 -37.48 28.43 15.10
N ILE L 527 -36.89 27.96 16.20
CA ILE L 527 -37.29 28.35 17.54
C ILE L 527 -36.13 29.10 18.19
N THR L 528 -36.41 30.29 18.69
CA THR L 528 -35.47 31.07 19.48
C THR L 528 -36.06 31.31 20.86
N ARG L 529 -35.29 31.97 21.73
CA ARG L 529 -35.73 32.20 23.09
C ARG L 529 -36.86 33.22 23.18
N GLN L 530 -37.10 34.00 22.12
CA GLN L 530 -38.29 34.86 22.09
C GLN L 530 -39.55 34.03 21.93
N ASP L 531 -39.44 32.84 21.35
CA ASP L 531 -40.58 31.95 21.14
C ASP L 531 -40.89 31.09 22.35
N LEU L 532 -40.11 31.21 23.41
CA LEU L 532 -40.22 30.37 24.60
C LEU L 532 -40.36 31.25 25.83
N PRO L 533 -40.96 30.72 26.91
CA PRO L 533 -41.04 31.49 28.16
C PRO L 533 -39.66 31.68 28.77
N LYS L 534 -39.61 32.51 29.79
CA LYS L 534 -38.39 32.67 30.56
C LYS L 534 -38.06 31.36 31.29
N ASP L 535 -36.92 31.38 31.99
CA ASP L 535 -36.35 30.23 32.70
C ASP L 535 -36.59 28.93 31.95
N CYS L 536 -36.41 28.96 30.62
CA CYS L 536 -36.57 27.76 29.80
C CYS L 536 -35.23 27.04 29.70
N PHE L 537 -35.24 25.74 29.98
CA PHE L 537 -34.03 24.92 30.00
C PHE L 537 -33.84 24.31 28.63
N ILE L 538 -32.97 24.92 27.82
CA ILE L 538 -32.68 24.45 26.47
C ILE L 538 -31.45 23.57 26.53
N ILE L 539 -31.56 22.37 25.95
CA ILE L 539 -30.48 21.39 25.93
C ILE L 539 -30.11 21.13 24.48
N TYR L 540 -28.85 21.38 24.13
CA TYR L 540 -28.35 21.13 22.80
C TYR L 540 -27.43 19.91 22.82
N GLN L 541 -27.65 19.00 21.87
CA GLN L 541 -26.79 17.84 21.69
C GLN L 541 -26.42 17.76 20.22
N GLY L 542 -25.14 17.91 19.92
CA GLY L 542 -24.70 17.90 18.55
C GLY L 542 -23.19 17.86 18.45
N HIS L 543 -22.68 18.16 17.25
CA HIS L 543 -21.26 18.09 16.99
C HIS L 543 -20.62 19.40 16.55
N HIS L 544 -21.41 20.37 16.10
CA HIS L 544 -20.89 21.68 15.75
C HIS L 544 -21.53 22.78 16.59
N GLY L 545 -20.72 23.78 16.93
CA GLY L 545 -21.21 25.01 17.51
C GLY L 545 -21.77 25.91 16.44
N ASP L 546 -23.08 26.12 16.45
CA ASP L 546 -23.77 26.79 15.37
C ASP L 546 -24.95 27.54 15.98
N VAL L 547 -25.98 27.81 15.19
CA VAL L 547 -27.16 28.55 15.60
C VAL L 547 -27.67 28.11 16.98
N GLY L 548 -27.73 26.81 17.21
CA GLY L 548 -28.41 26.30 18.39
C GLY L 548 -27.57 26.16 19.64
N ALA L 549 -26.25 26.31 19.55
CA ALA L 549 -25.41 26.06 20.71
C ALA L 549 -25.37 27.20 21.72
N PRO L 550 -25.12 28.46 21.30
CA PRO L 550 -25.00 29.53 22.30
C PRO L 550 -26.26 29.81 23.09
N MET L 551 -27.42 29.38 22.62
CA MET L 551 -28.66 29.56 23.37
C MET L 551 -28.92 28.43 24.35
N ALA L 552 -28.07 27.42 24.40
CA ALA L 552 -28.30 26.26 25.24
C ALA L 552 -27.79 26.49 26.67
N ASP L 553 -28.45 25.84 27.62
CA ASP L 553 -28.00 25.81 29.00
C ASP L 553 -27.03 24.68 29.28
N VAL L 554 -27.22 23.53 28.64
CA VAL L 554 -26.30 22.40 28.71
C VAL L 554 -26.00 21.96 27.28
N ILE L 555 -24.72 21.72 26.99
CA ILE L 555 -24.29 21.26 25.68
C ILE L 555 -23.73 19.85 25.82
N LEU L 556 -24.27 18.93 25.04
CA LEU L 556 -23.81 17.54 25.04
C LEU L 556 -23.11 17.23 23.72
N PRO L 557 -21.80 17.04 23.72
CA PRO L 557 -21.10 16.77 22.45
C PRO L 557 -21.44 15.38 21.90
N GLY L 558 -21.81 15.35 20.62
CA GLY L 558 -22.15 14.12 19.95
C GLY L 558 -21.16 13.77 18.84
N ALA L 559 -21.46 12.69 18.15
CA ALA L 559 -20.64 12.18 17.07
C ALA L 559 -21.24 12.57 15.72
N ALA L 560 -20.38 12.81 14.74
CA ALA L 560 -20.82 13.11 13.38
C ALA L 560 -21.09 11.82 12.62
N TYR L 561 -21.51 11.96 11.36
CA TYR L 561 -21.86 10.79 10.57
C TYR L 561 -20.64 9.94 10.23
N THR L 562 -19.45 10.53 10.25
CA THR L 562 -18.23 9.79 9.99
C THR L 562 -17.70 9.10 11.24
N GLU L 563 -18.36 9.27 12.38
CA GLU L 563 -17.85 8.79 13.66
C GLU L 563 -18.80 7.80 14.34
N LYS L 564 -19.81 7.31 13.64
CA LYS L 564 -20.76 6.38 14.23
C LYS L 564 -21.31 5.47 13.14
N SER L 565 -21.81 4.31 13.56
CA SER L 565 -22.55 3.40 12.69
C SER L 565 -24.02 3.69 12.91
N ALA L 566 -24.61 4.50 12.03
CA ALA L 566 -25.94 5.05 12.22
C ALA L 566 -26.77 4.83 10.97
N THR L 567 -28.09 4.83 11.17
CA THR L 567 -29.03 4.55 10.09
C THR L 567 -29.69 5.84 9.60
N TYR L 568 -29.68 6.02 8.28
CA TYR L 568 -30.36 7.14 7.63
C TYR L 568 -31.25 6.58 6.52
N VAL L 569 -32.42 7.17 6.35
CA VAL L 569 -33.41 6.68 5.40
C VAL L 569 -33.45 7.61 4.20
N ASN L 570 -33.48 7.01 3.01
CA ASN L 570 -33.44 7.73 1.75
C ASN L 570 -34.76 8.44 1.49
N THR L 571 -34.74 9.36 0.52
CA THR L 571 -35.99 9.97 0.07
C THR L 571 -36.88 8.94 -0.60
N GLU L 572 -36.28 7.88 -1.15
CA GLU L 572 -37.04 6.73 -1.65
C GLU L 572 -37.68 5.93 -0.53
N GLY L 573 -37.30 6.16 0.72
CA GLY L 573 -37.64 5.28 1.80
C GLY L 573 -36.65 4.18 2.06
N ARG L 574 -35.48 4.22 1.41
CA ARG L 574 -34.48 3.18 1.56
C ARG L 574 -33.61 3.47 2.77
N ALA L 575 -33.48 2.47 3.65
CA ALA L 575 -32.67 2.60 4.85
C ALA L 575 -31.24 2.14 4.56
N GLN L 576 -30.27 2.90 5.03
CA GLN L 576 -28.87 2.56 4.88
C GLN L 576 -28.15 2.88 6.18
N GLN L 577 -27.00 2.25 6.40
CA GLN L 577 -26.21 2.45 7.61
C GLN L 577 -24.82 2.92 7.26
N THR L 578 -24.34 3.94 7.97
CA THR L 578 -22.96 4.37 7.87
C THR L 578 -22.07 3.47 8.72
N LYS L 579 -20.77 3.66 8.59
CA LYS L 579 -19.80 2.90 9.36
C LYS L 579 -18.83 3.85 10.04
N VAL L 580 -18.24 3.38 11.14
CA VAL L 580 -17.30 4.17 11.90
C VAL L 580 -15.99 4.25 11.11
N ALA L 581 -15.59 5.46 10.75
CA ALA L 581 -14.31 5.70 10.09
C ALA L 581 -13.27 6.27 11.03
N VAL L 582 -13.66 7.23 11.87
CA VAL L 582 -12.82 7.77 12.93
C VAL L 582 -13.65 7.79 14.20
N THR L 583 -13.03 8.21 15.29
CA THR L 583 -13.77 8.27 16.54
C THR L 583 -14.01 9.72 16.95
N PRO L 584 -15.08 9.99 17.71
CA PRO L 584 -15.43 11.37 18.03
C PRO L 584 -14.32 12.06 18.81
N PRO L 585 -14.07 13.34 18.53
CA PRO L 585 -12.97 14.03 19.23
C PRO L 585 -13.32 14.33 20.67
N GLY L 586 -12.26 14.48 21.47
CA GLY L 586 -12.44 14.88 22.86
C GLY L 586 -13.28 13.90 23.64
N LEU L 587 -14.30 14.43 24.31
CA LEU L 587 -15.23 13.64 25.10
C LEU L 587 -16.55 13.39 24.39
N ALA L 588 -16.62 13.62 23.08
CA ALA L 588 -17.86 13.41 22.35
C ALA L 588 -18.21 11.93 22.32
N ARG L 589 -19.51 11.64 22.38
CA ARG L 589 -20.01 10.28 22.45
C ARG L 589 -21.11 10.07 21.42
N GLU L 590 -21.44 8.81 21.19
CA GLU L 590 -22.54 8.46 20.30
C GLU L 590 -23.86 8.95 20.88
N ASP L 591 -24.74 9.43 20.00
CA ASP L 591 -25.92 10.17 20.44
C ASP L 591 -26.89 9.29 21.22
N TRP L 592 -27.23 8.12 20.67
CA TRP L 592 -28.15 7.23 21.37
C TRP L 592 -27.57 6.78 22.70
N LYS L 593 -26.24 6.62 22.78
CA LYS L 593 -25.61 6.32 24.05
C LYS L 593 -25.77 7.46 25.04
N ILE L 594 -25.67 8.70 24.57
CA ILE L 594 -25.89 9.85 25.45
C ILE L 594 -27.32 9.83 26.00
N ILE L 595 -28.29 9.58 25.12
CA ILE L 595 -29.68 9.55 25.56
C ILE L 595 -29.92 8.42 26.55
N ARG L 596 -29.33 7.26 26.30
CA ARG L 596 -29.49 6.11 27.20
C ARG L 596 -28.85 6.39 28.56
N ALA L 597 -27.66 7.00 28.57
CA ALA L 597 -27.03 7.35 29.83
C ALA L 597 -27.87 8.36 30.61
N LEU L 598 -28.44 9.35 29.90
CA LEU L 598 -29.31 10.32 30.55
C LEU L 598 -30.54 9.64 31.14
N SER L 599 -31.13 8.69 30.41
CA SER L 599 -32.28 7.97 30.91
C SER L 599 -31.94 7.18 32.17
N GLU L 600 -30.77 6.53 32.17
CA GLU L 600 -30.35 5.80 33.37
C GLU L 600 -30.14 6.74 34.55
N ILE L 601 -29.51 7.89 34.31
CA ILE L 601 -29.26 8.84 35.38
C ILE L 601 -30.57 9.35 35.96
N ALA L 602 -31.54 9.65 35.10
CA ALA L 602 -32.84 10.10 35.57
C ALA L 602 -33.64 9.00 36.26
N GLY L 603 -33.22 7.76 36.17
CA GLY L 603 -33.91 6.64 36.78
C GLY L 603 -34.90 5.93 35.88
N MET L 604 -35.27 6.57 34.77
CA MET L 604 -36.22 6.00 33.81
C MET L 604 -35.48 5.34 32.65
N THR L 605 -34.61 4.39 33.01
CA THR L 605 -33.68 3.80 32.05
C THR L 605 -34.40 3.07 30.94
N LEU L 606 -33.79 3.09 29.74
CA LEU L 606 -34.27 2.48 28.50
C LEU L 606 -33.86 1.02 28.42
N PRO L 607 -34.63 0.20 27.72
CA PRO L 607 -34.43 -1.26 27.80
C PRO L 607 -33.36 -1.81 26.86
N TYR L 608 -32.51 -0.96 26.31
CA TYR L 608 -31.50 -1.39 25.35
C TYR L 608 -30.13 -0.80 25.68
N ASP L 609 -29.09 -1.62 25.50
CA ASP L 609 -27.74 -1.28 25.95
C ASP L 609 -26.69 -1.31 24.84
N THR L 610 -26.93 -2.03 23.76
CA THR L 610 -26.00 -2.11 22.65
C THR L 610 -26.62 -1.50 21.40
N LEU L 611 -25.86 -1.51 20.30
CA LEU L 611 -26.39 -1.02 19.04
C LEU L 611 -27.37 -2.01 18.43
N ASP L 612 -27.11 -3.31 18.57
CA ASP L 612 -28.06 -4.30 18.09
C ASP L 612 -29.37 -4.25 18.84
N GLN L 613 -29.33 -3.95 20.15
CA GLN L 613 -30.56 -3.87 20.93
C GLN L 613 -31.38 -2.65 20.56
N VAL L 614 -30.73 -1.50 20.38
CA VAL L 614 -31.46 -0.31 19.97
C VAL L 614 -31.99 -0.48 18.56
N ARG L 615 -31.29 -1.24 17.71
CA ARG L 615 -31.84 -1.51 16.38
C ARG L 615 -33.00 -2.51 16.42
N SER L 616 -32.99 -3.44 17.39
CA SER L 616 -34.17 -4.28 17.60
C SER L 616 -35.37 -3.45 18.03
N ARG L 617 -35.16 -2.49 18.93
CA ARG L 617 -36.24 -1.58 19.28
C ARG L 617 -36.70 -0.77 18.07
N LEU L 618 -35.74 -0.35 17.24
CA LEU L 618 -36.06 0.40 16.03
C LEU L 618 -36.93 -0.43 15.10
N GLU L 619 -36.62 -1.73 14.97
CA GLU L 619 -37.46 -2.63 14.20
C GLU L 619 -38.84 -2.77 14.81
N GLU L 620 -38.92 -2.76 16.15
CA GLU L 620 -40.21 -2.83 16.82
C GLU L 620 -41.08 -1.63 16.46
N VAL L 621 -40.48 -0.43 16.43
CA VAL L 621 -41.25 0.76 16.11
C VAL L 621 -41.63 0.79 14.64
N SER L 622 -40.69 0.46 13.75
CA SER L 622 -40.94 0.48 12.30
C SER L 622 -40.00 -0.55 11.67
N PRO L 623 -40.54 -1.70 11.25
CA PRO L 623 -39.67 -2.78 10.78
C PRO L 623 -38.87 -2.47 9.52
N ASN L 624 -39.30 -1.48 8.73
CA ASN L 624 -38.60 -1.18 7.49
C ASN L 624 -37.25 -0.51 7.73
N LEU L 625 -36.95 -0.11 8.96
CA LEU L 625 -35.70 0.57 9.26
C LEU L 625 -34.53 -0.38 9.48
N VAL L 626 -34.76 -1.69 9.40
CA VAL L 626 -33.69 -2.67 9.54
C VAL L 626 -33.45 -3.45 8.25
N ARG L 627 -34.20 -3.15 7.18
CA ARG L 627 -33.93 -3.71 5.85
C ARG L 627 -33.09 -2.68 5.11
N TYR L 628 -31.80 -2.99 4.95
CA TYR L 628 -30.80 -1.98 4.66
C TYR L 628 -30.53 -1.77 3.18
N ASP L 629 -31.22 -2.46 2.29
CA ASP L 629 -31.15 -2.11 0.88
C ASP L 629 -32.46 -2.26 0.14
N ASP L 630 -33.55 -2.62 0.82
CA ASP L 630 -34.83 -2.87 0.18
C ASP L 630 -35.61 -1.56 0.08
N VAL L 631 -36.05 -1.24 -1.13
CA VAL L 631 -36.86 -0.05 -1.39
C VAL L 631 -38.31 -0.40 -1.69
N GLU L 632 -38.65 -1.68 -1.73
CA GLU L 632 -40.02 -2.09 -2.02
C GLU L 632 -40.98 -1.58 -0.97
N GLY L 633 -42.11 -1.04 -1.41
CA GLY L 633 -43.12 -0.51 -0.52
C GLY L 633 -44.52 -0.76 -1.07
N ALA L 634 -45.51 -0.43 -0.24
CA ALA L 634 -46.91 -0.60 -0.59
C ALA L 634 -47.54 0.75 -0.87
N ASN L 635 -48.22 0.87 -2.01
CA ASN L 635 -48.86 2.12 -2.40
C ASN L 635 -50.25 2.18 -1.80
N TYR L 636 -50.50 3.19 -0.97
CA TYR L 636 -51.80 3.47 -0.37
C TYR L 636 -52.29 4.83 -0.81
N PHE L 637 -52.14 5.13 -2.10
CA PHE L 637 -52.42 6.47 -2.59
C PHE L 637 -53.89 6.83 -2.44
N GLN L 638 -54.79 5.90 -2.72
CA GLN L 638 -56.21 6.24 -2.74
C GLN L 638 -56.72 6.59 -1.34
N GLN L 639 -56.21 5.92 -0.31
CA GLN L 639 -56.62 6.26 1.05
C GLN L 639 -56.20 7.69 1.42
N ALA L 640 -54.95 8.04 1.13
CA ALA L 640 -54.47 9.38 1.43
C ALA L 640 -55.19 10.43 0.59
N ASN L 641 -55.54 10.09 -0.65
CA ASN L 641 -56.28 11.02 -1.50
C ASN L 641 -57.68 11.26 -0.96
N GLU L 642 -58.35 10.19 -0.50
CA GLU L 642 -59.65 10.36 0.12
C GLU L 642 -59.55 11.18 1.40
N LEU L 643 -58.50 10.96 2.19
CA LEU L 643 -58.35 11.69 3.44
C LEU L 643 -57.98 13.15 3.21
N SER L 644 -57.36 13.45 2.07
CA SER L 644 -56.96 14.82 1.78
C SER L 644 -58.13 15.69 1.36
N LYS L 645 -59.26 15.08 0.99
CA LYS L 645 -60.41 15.83 0.50
C LYS L 645 -61.25 16.42 1.63
N LEU L 646 -60.99 16.05 2.88
CA LEU L 646 -61.81 16.57 3.99
C LEU L 646 -61.57 18.06 4.20
N VAL L 647 -60.33 18.44 4.47
CA VAL L 647 -59.99 19.84 4.65
C VAL L 647 -59.88 20.51 3.28
N ASN L 648 -60.19 21.80 3.24
CA ASN L 648 -60.21 22.56 1.99
C ASN L 648 -59.54 23.92 2.19
N GLN L 649 -58.33 23.91 2.74
CA GLN L 649 -57.56 25.13 2.88
C GLN L 649 -57.31 25.76 1.52
N GLN L 650 -57.42 27.08 1.47
CA GLN L 650 -57.30 27.79 0.20
C GLN L 650 -55.84 28.16 -0.08
N LEU L 651 -55.49 28.12 -1.36
CA LEU L 651 -54.14 28.44 -1.78
C LEU L 651 -53.84 29.93 -1.58
N LEU L 652 -52.55 30.25 -1.49
CA LEU L 652 -52.08 31.60 -1.30
C LEU L 652 -51.61 32.20 -2.61
N ALA L 653 -51.87 33.49 -2.79
CA ALA L 653 -51.50 34.17 -4.03
C ALA L 653 -50.05 34.62 -3.99
N ASP L 654 -49.13 33.69 -3.72
CA ASP L 654 -47.71 33.99 -3.64
C ASP L 654 -46.96 33.05 -4.58
N PRO L 655 -46.11 33.57 -5.47
CA PRO L 655 -45.42 32.70 -6.42
C PRO L 655 -44.49 31.71 -5.72
N LEU L 656 -44.37 30.53 -6.32
CA LEU L 656 -43.50 29.48 -5.78
C LEU L 656 -42.06 29.80 -6.14
N VAL L 657 -41.27 30.19 -5.15
CA VAL L 657 -39.84 30.44 -5.37
C VAL L 657 -39.04 29.52 -4.46
N PRO L 658 -38.12 28.72 -5.02
CA PRO L 658 -37.32 27.84 -4.17
C PRO L 658 -36.30 28.62 -3.38
N PRO L 659 -35.89 28.11 -2.22
CA PRO L 659 -34.79 28.77 -1.50
C PRO L 659 -33.47 28.68 -2.24
N GLN L 660 -33.33 27.71 -3.14
CA GLN L 660 -32.08 27.47 -3.85
C GLN L 660 -32.15 28.11 -5.24
N LEU L 661 -32.03 29.44 -5.25
CA LEU L 661 -32.19 30.18 -6.51
C LEU L 661 -30.98 30.01 -7.42
N THR L 662 -29.77 30.06 -6.85
CA THR L 662 -28.56 29.99 -7.65
C THR L 662 -27.54 29.10 -6.97
N ILE L 663 -26.38 28.97 -7.61
CA ILE L 663 -25.31 28.08 -7.17
C ILE L 663 -24.75 28.56 -5.83
N LYS L 664 -24.80 29.87 -5.58
CA LYS L 664 -24.20 30.42 -4.36
C LYS L 664 -24.98 30.04 -3.11
N ASP L 665 -26.24 29.62 -3.25
CA ASP L 665 -27.03 29.18 -2.11
C ASP L 665 -26.89 27.70 -1.82
N PHE L 666 -26.15 26.97 -2.66
CA PHE L 666 -26.07 25.52 -2.57
C PHE L 666 -24.97 25.04 -1.64
N TYR L 667 -23.89 25.80 -1.48
CA TYR L 667 -22.69 25.27 -0.82
C TYR L 667 -22.87 25.18 0.69
N MET L 668 -23.47 26.19 1.31
CA MET L 668 -23.66 26.21 2.75
C MET L 668 -25.13 25.98 3.08
N THR L 669 -25.45 24.79 3.54
CA THR L 669 -26.82 24.41 3.86
C THR L 669 -26.97 23.91 5.29
N ASP L 670 -26.02 23.13 5.79
CA ASP L 670 -26.09 22.57 7.13
C ASP L 670 -24.92 23.06 7.97
N SER L 671 -24.84 22.55 9.20
CA SER L 671 -23.81 23.00 10.12
C SER L 671 -22.41 22.59 9.65
N ILE L 672 -22.29 21.40 9.06
CA ILE L 672 -21.00 20.95 8.56
C ILE L 672 -20.57 21.82 7.36
N SER L 673 -21.51 22.15 6.49
CA SER L 673 -21.19 22.99 5.34
C SER L 673 -20.73 24.38 5.77
N ARG L 674 -21.42 24.95 6.76
CA ARG L 674 -21.09 26.30 7.20
C ARG L 674 -19.72 26.36 7.87
N ALA L 675 -19.28 25.27 8.46
CA ALA L 675 -17.99 25.22 9.13
C ALA L 675 -16.85 24.89 8.19
N SER L 676 -17.12 24.72 6.90
CA SER L 676 -16.11 24.30 5.93
C SER L 676 -15.51 25.51 5.24
N GLN L 677 -14.18 25.57 5.19
CA GLN L 677 -13.49 26.64 4.48
C GLN L 677 -13.53 26.46 2.97
N THR L 678 -13.57 25.21 2.51
CA THR L 678 -13.69 24.97 1.07
C THR L 678 -15.00 25.50 0.52
N MET L 679 -16.10 25.31 1.26
CA MET L 679 -17.38 25.86 0.82
C MET L 679 -17.37 27.39 0.84
N ALA L 680 -16.69 27.99 1.82
CA ALA L 680 -16.55 29.45 1.84
C ALA L 680 -15.77 29.93 0.62
N LYS L 681 -14.71 29.21 0.26
CA LYS L 681 -13.97 29.54 -0.96
C LYS L 681 -14.85 29.44 -2.20
N CYS L 682 -15.66 28.39 -2.27
CA CYS L 682 -16.56 28.21 -3.42
C CYS L 682 -17.57 29.35 -3.49
N VAL L 683 -18.12 29.76 -2.35
CA VAL L 683 -19.07 30.86 -2.33
C VAL L 683 -18.40 32.16 -2.77
N LYS L 684 -17.19 32.42 -2.26
CA LYS L 684 -16.48 33.63 -2.66
C LYS L 684 -16.14 33.61 -4.14
N ALA L 685 -15.89 32.43 -4.69
CA ALA L 685 -15.60 32.32 -6.12
C ALA L 685 -16.84 32.56 -6.96
N VAL L 686 -17.99 32.02 -6.55
CA VAL L 686 -19.20 32.19 -7.36
C VAL L 686 -19.82 33.58 -7.20
N THR L 687 -19.53 34.28 -6.11
CA THR L 687 -20.03 35.65 -5.97
C THR L 687 -19.21 36.63 -6.82
N GLU L 688 -17.90 36.45 -6.88
CA GLU L 688 -17.03 37.24 -7.74
C GLU L 688 -16.05 36.31 -8.44
N GLY L 689 -16.04 36.37 -9.76
CA GLY L 689 -15.22 35.46 -10.56
C GLY L 689 -13.74 35.53 -10.28
N ILE L 690 -13.13 36.67 -10.58
CA ILE L 690 -11.68 36.88 -10.44
C ILE L 690 -10.92 35.86 -11.28
N GLU M 1 70.35 -4.05 14.49
CA GLU M 1 70.54 -4.63 15.81
C GLU M 1 69.79 -3.83 16.87
N LEU M 2 70.05 -4.15 18.15
CA LEU M 2 69.34 -3.49 19.24
C LEU M 2 69.65 -2.00 19.31
N VAL M 3 70.87 -1.60 18.95
CA VAL M 3 71.23 -0.19 19.03
C VAL M 3 70.37 0.63 18.08
N GLN M 4 70.02 0.08 16.91
CA GLN M 4 69.19 0.81 15.96
C GLN M 4 67.80 1.08 16.53
N VAL M 5 67.20 0.07 17.17
CA VAL M 5 65.85 0.28 17.70
C VAL M 5 65.89 1.21 18.91
N LEU M 6 66.93 1.12 19.75
CA LEU M 6 67.05 2.07 20.85
C LEU M 6 67.22 3.49 20.33
N ARG M 7 68.00 3.67 19.27
CA ARG M 7 68.17 5.02 18.72
C ARG M 7 66.88 5.51 18.08
N ARG M 8 66.10 4.62 17.47
CA ARG M 8 64.80 5.04 16.95
C ARG M 8 63.85 5.46 18.07
N GLY M 9 63.89 4.74 19.19
CA GLY M 9 63.12 5.16 20.35
C GLY M 9 63.56 6.51 20.88
N LEU M 10 64.88 6.74 20.91
CA LEU M 10 65.40 8.04 21.32
C LEU M 10 64.94 9.14 20.37
N GLN M 11 64.92 8.85 19.07
CA GLN M 11 64.41 9.82 18.10
C GLN M 11 62.93 10.08 18.31
N GLN M 12 62.17 9.06 18.69
CA GLN M 12 60.77 9.27 19.04
C GLN M 12 60.63 10.21 20.22
N VAL M 13 61.47 10.01 21.25
CA VAL M 13 61.42 10.90 22.41
C VAL M 13 61.80 12.32 22.02
N SER M 14 62.78 12.47 21.13
CA SER M 14 63.26 13.80 20.75
C SER M 14 62.29 14.51 19.82
N GLY M 15 61.52 13.78 19.02
CA GLY M 15 60.65 14.38 18.03
C GLY M 15 59.33 14.88 18.54
N HIS M 16 59.00 14.63 19.79
CA HIS M 16 57.77 15.14 20.40
C HIS M 16 58.02 16.41 21.21
N GLY M 17 58.99 17.21 20.80
CA GLY M 17 59.33 18.43 21.52
C GLY M 17 59.95 18.18 22.88
N GLY M 18 60.78 17.17 23.00
CA GLY M 18 61.45 16.86 24.25
C GLY M 18 60.73 15.79 25.04
N LEU M 19 61.06 15.75 26.33
CA LEU M 19 60.51 14.74 27.24
C LEU M 19 59.12 15.08 27.74
N ARG M 20 58.81 16.37 27.91
CA ARG M 20 57.50 16.76 28.40
C ARG M 20 56.42 16.48 27.37
N GLY M 21 56.67 16.84 26.11
CA GLY M 21 55.71 16.49 25.06
C GLY M 21 55.60 15.00 24.85
N TYR M 22 56.71 14.27 25.02
CA TYR M 22 56.67 12.82 24.94
C TYR M 22 55.76 12.23 26.01
N LEU M 23 55.91 12.69 27.26
CA LEU M 23 55.02 12.22 28.32
C LEU M 23 53.59 12.64 28.06
N ARG M 24 53.38 13.84 27.54
CA ARG M 24 52.02 14.30 27.23
C ARG M 24 51.35 13.37 26.24
N VAL M 25 52.03 13.06 25.13
CA VAL M 25 51.42 12.20 24.12
C VAL M 25 51.27 10.77 24.64
N LEU M 26 52.23 10.30 25.44
CA LEU M 26 52.13 8.94 25.98
C LEU M 26 50.95 8.80 26.92
N PHE M 27 50.73 9.76 27.81
CA PHE M 27 49.64 9.67 28.76
C PHE M 27 48.32 10.16 28.20
N ARG M 28 48.31 10.78 27.02
CA ARG M 28 47.08 11.29 26.44
C ARG M 28 46.55 10.42 25.30
N ALA M 29 47.43 9.74 24.56
CA ALA M 29 47.01 8.91 23.44
C ALA M 29 47.53 7.49 23.50
N ASN M 30 48.33 7.15 24.50
CA ASN M 30 48.89 5.79 24.67
C ASN M 30 49.70 5.36 23.45
N ASP M 31 50.33 6.30 22.77
CA ASP M 31 51.13 6.00 21.58
C ASP M 31 52.14 7.11 21.38
N VAL M 32 53.40 6.74 21.13
CA VAL M 32 54.47 7.73 21.02
C VAL M 32 55.13 7.64 19.66
N ARG M 33 54.39 7.23 18.64
CA ARG M 33 54.92 7.23 17.29
C ARG M 33 55.04 8.65 16.76
N VAL M 34 55.87 8.81 15.73
CA VAL M 34 56.09 10.09 15.06
C VAL M 34 55.68 9.95 13.61
N GLY M 35 54.89 10.92 13.14
CA GLY M 35 54.47 10.93 11.74
C GLY M 35 54.42 12.34 11.22
N THR M 36 54.46 12.46 9.89
CA THR M 36 54.41 13.76 9.26
C THR M 36 53.03 14.38 9.45
N LEU M 37 53.01 15.68 9.76
CA LEU M 37 51.75 16.38 10.00
C LEU M 37 51.00 16.54 8.69
N VAL M 38 49.98 15.71 8.49
CA VAL M 38 49.13 15.86 7.30
C VAL M 38 48.37 17.18 7.36
N GLY M 39 47.80 17.51 8.50
CA GLY M 39 46.95 18.69 8.53
C GLY M 39 46.67 19.19 9.93
N GLU M 40 46.20 20.43 9.96
CA GLU M 40 45.77 21.10 11.18
C GLU M 40 44.28 21.40 11.07
N ASP M 41 43.56 21.25 12.17
CA ASP M 41 42.12 21.41 12.19
C ASP M 41 41.75 22.77 12.76
N LYS M 42 40.57 23.25 12.36
CA LYS M 42 40.08 24.54 12.86
C LYS M 42 39.86 24.51 14.37
N TYR M 43 39.51 23.35 14.93
CA TYR M 43 39.28 23.22 16.35
C TYR M 43 40.52 22.82 17.12
N GLY M 44 41.64 22.55 16.43
CA GLY M 44 42.89 22.23 17.09
C GLY M 44 43.35 20.80 16.95
N ASN M 45 42.61 19.94 16.25
CA ASN M 45 43.04 18.58 16.04
C ASN M 45 44.18 18.54 15.02
N LYS M 46 45.12 17.63 15.23
CA LYS M 46 46.24 17.46 14.32
C LYS M 46 46.17 16.09 13.68
N TYR M 47 46.47 16.01 12.38
CA TYR M 47 46.34 14.77 11.63
C TYR M 47 47.69 14.41 11.04
N TYR M 48 48.12 13.17 11.30
CA TYR M 48 49.41 12.64 10.89
C TYR M 48 49.21 11.36 10.10
N GLU M 49 50.19 11.03 9.26
CA GLU M 49 50.21 9.76 8.55
C GLU M 49 51.61 9.18 8.62
N ASP M 50 51.69 7.86 8.40
CA ASP M 50 52.98 7.18 8.28
C ASP M 50 52.73 5.94 7.42
N ASN M 51 53.11 6.01 6.15
CA ASN M 51 52.78 4.97 5.18
C ASN M 51 53.53 3.67 5.40
N LYS M 52 54.53 3.65 6.29
CA LYS M 52 55.26 2.42 6.59
C LYS M 52 54.51 1.54 7.58
N GLN M 53 53.43 2.03 8.18
CA GLN M 53 52.61 1.22 9.05
C GLN M 53 51.62 0.40 8.24
N PHE M 54 51.07 -0.63 8.86
CA PHE M 54 50.08 -1.44 8.17
C PHE M 54 48.74 -0.71 8.14
N PHE M 55 47.88 -1.14 7.22
CA PHE M 55 46.61 -0.48 6.98
C PHE M 55 45.75 -0.46 8.24
N GLY M 56 45.48 0.73 8.76
CA GLY M 56 44.78 0.89 10.01
C GLY M 56 45.54 1.77 10.97
N ARG M 57 46.87 1.66 10.93
CA ARG M 57 47.75 2.47 11.76
C ARG M 57 48.48 3.54 10.96
N HIS M 58 48.18 3.68 9.67
CA HIS M 58 48.90 4.58 8.79
C HIS M 58 48.38 6.01 8.82
N ARG M 59 47.25 6.26 9.48
CA ARG M 59 46.71 7.60 9.67
C ARG M 59 46.19 7.72 11.08
N TRP M 60 46.37 8.89 11.70
CA TRP M 60 45.82 9.08 13.03
C TRP M 60 45.67 10.56 13.34
N VAL M 61 44.96 10.83 14.43
CA VAL M 61 44.63 12.18 14.87
C VAL M 61 45.00 12.33 16.33
N ILE M 62 45.54 13.50 16.68
CA ILE M 62 45.67 13.92 18.07
C ILE M 62 44.60 14.98 18.31
N TYR M 63 43.70 14.69 19.25
CA TYR M 63 42.56 15.55 19.48
C TYR M 63 42.96 16.82 20.23
N THR M 64 42.18 17.87 20.02
CA THR M 64 42.44 19.13 20.70
C THR M 64 42.11 19.01 22.19
N THR M 65 42.72 19.88 22.97
CA THR M 65 42.49 19.92 24.41
C THR M 65 41.33 20.80 24.81
N GLU M 66 40.66 21.45 23.85
CA GLU M 66 39.56 22.35 24.17
C GLU M 66 38.64 22.44 22.96
N MET M 67 37.53 21.70 23.00
CA MET M 67 36.49 21.78 21.99
C MET M 67 35.55 22.93 22.36
N ASN M 68 34.39 23.01 21.70
CA ASN M 68 33.50 24.17 21.78
C ASN M 68 33.40 24.78 23.17
N GLY M 69 33.04 23.98 24.17
CA GLY M 69 32.88 24.52 25.51
C GLY M 69 33.53 23.73 26.62
N ARG M 70 33.99 22.51 26.34
CA ARG M 70 34.48 21.61 27.38
C ARG M 70 35.96 21.32 27.21
N ASP M 71 36.60 20.96 28.32
CA ASP M 71 37.99 20.59 28.33
C ASP M 71 38.10 19.15 27.83
N THR M 72 38.88 18.93 26.78
CA THR M 72 39.05 17.61 26.19
C THR M 72 40.48 17.12 26.31
N PHE M 73 41.16 17.47 27.39
CA PHE M 73 42.51 16.93 27.62
C PHE M 73 42.46 15.43 27.85
N TRP M 74 41.57 14.97 28.72
CA TRP M 74 41.38 13.55 28.97
C TRP M 74 40.14 12.99 28.29
N ASP M 75 39.08 13.78 28.18
CA ASP M 75 37.81 13.32 27.65
C ASP M 75 37.78 13.57 26.14
N VAL M 76 38.05 12.52 25.37
CA VAL M 76 38.06 12.62 23.91
C VAL M 76 37.17 11.52 23.33
N ASP M 77 36.62 11.79 22.16
CA ASP M 77 35.79 10.83 21.46
C ASP M 77 35.86 11.11 19.97
N GLY M 78 35.41 10.14 19.18
CA GLY M 78 35.51 10.23 17.73
C GLY M 78 34.53 11.18 17.09
N SER M 79 33.57 11.72 17.85
CA SER M 79 32.61 12.66 17.29
C SER M 79 33.16 14.06 17.15
N MET M 80 34.38 14.32 17.60
CA MET M 80 34.99 15.64 17.50
C MET M 80 35.64 15.90 16.14
N VAL M 81 35.74 14.88 15.29
CA VAL M 81 36.38 15.03 13.98
C VAL M 81 35.39 15.65 13.00
N PRO M 82 35.75 16.76 12.35
CA PRO M 82 34.85 17.37 11.37
C PRO M 82 34.68 16.49 10.16
N PRO M 83 33.60 16.67 9.39
CA PRO M 83 33.26 15.70 8.33
C PRO M 83 34.34 15.49 7.28
N GLU M 84 35.08 16.53 6.88
CA GLU M 84 36.10 16.34 5.86
C GLU M 84 37.25 15.49 6.37
N TRP M 85 37.77 15.82 7.56
CA TRP M 85 38.78 14.97 8.18
C TRP M 85 38.20 13.64 8.60
N HIS M 86 36.89 13.56 8.81
CA HIS M 86 36.25 12.27 9.06
C HIS M 86 36.34 11.38 7.83
N ARG M 87 36.09 11.94 6.65
CA ARG M 87 36.24 11.17 5.42
C ARG M 87 37.69 10.76 5.20
N TRP M 88 38.64 11.66 5.48
CA TRP M 88 40.04 11.30 5.34
C TRP M 88 40.44 10.20 6.32
N LEU M 89 39.94 10.27 7.56
CA LEU M 89 40.45 9.40 8.62
C LEU M 89 39.95 7.97 8.47
N HIS M 90 38.71 7.79 8.02
CA HIS M 90 38.12 6.48 7.84
C HIS M 90 38.42 5.88 6.48
N CYS M 91 39.43 6.41 5.78
CA CYS M 91 39.91 5.85 4.52
C CYS M 91 38.81 5.76 3.47
N MET M 92 37.88 6.69 3.48
CA MET M 92 36.92 6.81 2.39
C MET M 92 37.51 7.53 1.18
N THR M 93 38.67 8.16 1.33
CA THR M 93 39.38 8.80 0.25
C THR M 93 40.85 8.87 0.60
N ASP M 94 41.69 9.05 -0.41
CA ASP M 94 43.13 9.15 -0.23
C ASP M 94 43.62 10.59 -0.18
N ASP M 95 42.72 11.57 -0.24
CA ASP M 95 43.10 12.97 -0.37
C ASP M 95 42.62 13.77 0.83
N PRO M 96 43.50 14.43 1.57
CA PRO M 96 43.08 15.25 2.72
C PRO M 96 42.29 16.46 2.26
N PRO M 97 41.47 17.03 3.13
CA PRO M 97 40.71 18.24 2.76
C PRO M 97 41.60 19.43 2.44
N THR M 98 42.86 19.41 2.87
CA THR M 98 43.77 20.49 2.52
C THR M 98 44.01 20.55 1.01
N THR M 99 44.18 19.39 0.37
CA THR M 99 44.45 19.35 -1.06
C THR M 99 43.17 19.40 -1.89
N LYS M 100 42.10 18.74 -1.43
CA LYS M 100 40.81 18.77 -2.09
C LYS M 100 39.77 19.26 -1.10
N PRO M 101 39.55 20.57 -1.00
CA PRO M 101 38.59 21.09 -0.03
C PRO M 101 37.16 20.79 -0.47
N PRO M 102 36.27 20.53 0.49
CA PRO M 102 34.89 20.22 0.13
C PRO M 102 34.18 21.41 -0.49
N THR M 103 33.18 21.12 -1.33
CA THR M 103 32.38 22.18 -1.91
C THR M 103 31.68 22.97 -0.82
N ALA M 104 31.71 24.30 -0.94
CA ALA M 104 31.22 25.19 0.09
C ALA M 104 29.78 25.58 -0.22
N ARG M 105 28.93 25.52 0.81
CA ARG M 105 27.54 25.94 0.71
C ARG M 105 27.21 26.87 1.88
N LYS M 106 26.22 27.72 1.66
CA LYS M 106 25.82 28.70 2.68
C LYS M 106 24.97 28.09 3.79
N TYR M 107 24.53 26.85 3.64
CA TYR M 107 23.75 26.18 4.68
C TYR M 107 24.55 25.15 5.46
N ILE M 108 25.76 24.81 5.01
CA ILE M 108 26.61 23.88 5.74
C ILE M 108 27.09 24.53 7.03
N TRP M 109 27.07 23.76 8.12
CA TRP M 109 27.51 24.25 9.41
C TRP M 109 28.95 24.74 9.33
N THR M 110 29.20 25.93 9.89
CA THR M 110 30.55 26.44 10.00
C THR M 110 31.27 25.93 11.24
N ASN M 111 30.53 25.67 12.31
CA ASN M 111 31.06 25.12 13.55
C ASN M 111 30.52 23.71 13.75
N HIS M 112 31.42 22.73 13.87
CA HIS M 112 31.04 21.35 14.05
C HIS M 112 30.90 21.02 15.52
N LYS M 113 29.83 20.29 15.86
CA LYS M 113 29.56 19.91 17.23
C LYS M 113 29.70 18.40 17.39
N PHE M 114 30.20 18.00 18.55
CA PHE M 114 30.36 16.60 18.90
C PHE M 114 29.02 16.05 19.38
N ASN M 115 29.01 14.79 19.80
CA ASN M 115 27.79 14.17 20.32
C ASN M 115 27.40 14.84 21.64
N VAL M 116 26.24 15.49 21.64
CA VAL M 116 25.82 16.30 22.77
C VAL M 116 24.84 15.55 23.67
N SER M 117 24.86 14.23 23.62
CA SER M 117 23.94 13.43 24.44
C SER M 117 24.30 13.56 25.91
N GLY M 118 23.27 13.51 26.76
CA GLY M 118 23.47 13.62 28.19
C GLY M 118 23.91 14.99 28.66
N THR M 119 23.54 16.04 27.92
CA THR M 119 23.92 17.41 28.24
C THR M 119 22.68 18.28 28.08
N PRO M 120 22.67 19.48 28.67
CA PRO M 120 21.50 20.36 28.51
C PRO M 120 21.19 20.73 27.07
N GLN M 121 22.10 20.48 26.14
CA GLN M 121 21.90 20.80 24.73
C GLN M 121 21.63 19.57 23.87
N GLN M 122 21.14 18.49 24.48
CA GLN M 122 20.80 17.28 23.76
C GLN M 122 19.49 17.44 23.00
N TYR M 123 19.24 16.51 22.08
CA TYR M 123 18.07 16.59 21.22
C TYR M 123 16.85 16.01 21.94
N VAL M 124 15.76 16.77 21.93
CA VAL M 124 14.50 16.36 22.53
C VAL M 124 13.45 16.31 21.43
N PRO M 125 12.86 15.15 21.14
CA PRO M 125 11.90 15.07 20.04
C PRO M 125 10.58 15.75 20.37
N TYR M 126 9.87 16.15 19.32
CA TYR M 126 8.55 16.75 19.44
C TYR M 126 7.81 16.56 18.13
N SER M 127 6.51 16.80 18.18
CA SER M 127 5.67 16.72 16.99
C SER M 127 5.75 18.03 16.22
N THR M 128 6.08 17.95 14.94
CA THR M 128 6.29 19.12 14.11
C THR M 128 5.04 19.56 13.36
N THR M 129 3.90 18.91 13.59
CA THR M 129 2.64 19.29 12.96
C THR M 129 1.78 20.11 13.90
N ARG M 130 0.81 20.81 13.33
CA ARG M 130 -0.09 21.66 14.08
C ARG M 130 -1.35 20.89 14.46
N LYS M 131 -2.25 21.57 15.18
CA LYS M 131 -3.46 20.92 15.68
C LYS M 131 -4.39 20.52 14.54
N LYS M 132 -4.97 19.32 14.67
CA LYS M 132 -5.82 18.77 13.62
C LYS M 132 -7.26 19.24 13.72
N ILE M 133 -7.84 19.26 14.91
CA ILE M 133 -9.24 19.59 15.12
C ILE M 133 -9.31 20.87 15.95
N GLN M 134 -10.07 21.84 15.47
CA GLN M 134 -10.32 23.08 16.19
C GLN M 134 -11.65 22.97 16.92
N GLU M 135 -11.68 23.45 18.16
CA GLU M 135 -12.87 23.38 18.99
C GLU M 135 -13.65 24.69 18.93
N TRP M 136 -14.93 24.60 19.28
CA TRP M 136 -15.82 25.75 19.27
C TRP M 136 -15.51 26.65 20.46
N VAL M 137 -15.53 27.97 20.22
CA VAL M 137 -15.31 28.96 21.27
C VAL M 137 -16.67 29.54 21.64
N PRO M 138 -17.16 29.28 22.86
CA PRO M 138 -18.47 29.82 23.22
C PRO M 138 -18.44 31.33 23.31
N PRO M 139 -19.57 32.00 23.05
CA PRO M 139 -19.60 33.45 23.17
C PRO M 139 -19.36 33.89 24.61
N SER M 140 -18.68 35.03 24.77
CA SER M 140 -18.32 35.54 26.08
C SER M 140 -19.38 36.46 26.66
N THR M 141 -20.53 36.60 26.00
CA THR M 141 -21.58 37.46 26.49
C THR M 141 -22.78 36.64 26.96
N PRO M 142 -23.50 37.10 27.98
CA PRO M 142 -24.70 36.38 28.42
C PRO M 142 -25.77 36.38 27.34
N TYR M 143 -26.55 35.30 27.33
CA TYR M 143 -27.59 35.08 26.32
C TYR M 143 -28.95 35.58 26.76
N LYS M 144 -29.08 36.11 27.97
CA LYS M 144 -30.35 36.69 28.42
C LYS M 144 -30.21 38.20 28.57
N GLY N 1 7.97 24.75 -38.58
CA GLY N 1 8.16 24.00 -37.35
C GLY N 1 7.01 24.14 -36.38
N ALA N 2 7.27 24.79 -35.25
CA ALA N 2 6.24 25.02 -34.25
C ALA N 2 5.26 26.08 -34.73
N GLY N 3 4.07 26.07 -34.13
CA GLY N 3 3.01 26.97 -34.54
C GLY N 3 3.31 28.44 -34.27
N GLY N 4 3.39 28.82 -33.00
CA GLY N 4 3.66 30.20 -32.64
C GLY N 4 2.45 30.94 -32.13
N ALA N 5 1.28 30.67 -32.71
CA ALA N 5 0.06 31.35 -32.31
C ALA N 5 -0.58 30.63 -31.13
N LEU N 6 -0.82 31.37 -30.05
CA LEU N 6 -1.35 30.77 -28.83
C LEU N 6 -2.79 30.34 -29.01
N PHE N 7 -3.18 29.29 -28.30
CA PHE N 7 -4.53 28.75 -28.36
C PHE N 7 -5.32 29.01 -27.10
N VAL N 8 -4.96 30.08 -26.36
CA VAL N 8 -5.73 30.56 -25.23
C VAL N 8 -5.93 32.06 -25.43
N HIS N 9 -6.96 32.59 -24.79
CA HIS N 9 -7.32 34.00 -24.93
C HIS N 9 -7.12 34.71 -23.61
N ARG N 10 -6.40 35.84 -23.66
CA ARG N 10 -6.25 36.74 -22.53
C ARG N 10 -6.91 38.06 -22.87
N ASP N 11 -7.72 38.58 -21.95
CA ASP N 11 -8.41 39.83 -22.19
C ASP N 11 -7.42 40.97 -22.34
N THR N 12 -7.64 41.79 -23.36
CA THR N 12 -6.85 42.97 -23.64
C THR N 12 -7.80 44.13 -23.91
N PRO N 13 -7.31 45.37 -23.78
CA PRO N 13 -8.19 46.52 -24.07
C PRO N 13 -8.74 46.52 -25.48
N GLU N 14 -8.01 45.98 -26.46
CA GLU N 14 -8.48 45.93 -27.84
C GLU N 14 -9.13 44.61 -28.22
N ASN N 15 -8.93 43.56 -27.43
CA ASN N 15 -9.58 42.26 -27.65
C ASN N 15 -10.29 41.92 -26.34
N ASN N 16 -11.51 42.38 -26.20
CA ASN N 16 -12.28 42.30 -24.97
C ASN N 16 -13.67 41.79 -25.30
N PRO N 17 -14.37 41.19 -24.34
CA PRO N 17 -15.78 40.85 -24.57
C PRO N 17 -16.65 42.06 -24.86
N ASP N 18 -16.23 43.26 -24.44
CA ASP N 18 -16.96 44.48 -24.73
C ASP N 18 -16.43 45.23 -25.94
N THR N 19 -15.52 44.62 -26.68
CA THR N 19 -15.08 45.21 -27.95
C THR N 19 -16.26 45.29 -28.90
N PRO N 20 -16.54 46.45 -29.48
CA PRO N 20 -17.74 46.58 -30.33
C PRO N 20 -17.66 45.72 -31.57
N PHE N 21 -18.68 44.89 -31.77
CA PHE N 21 -18.85 44.15 -33.02
C PHE N 21 -20.32 43.82 -33.20
N ASP N 22 -20.84 44.06 -34.40
CA ASP N 22 -22.21 43.67 -34.71
C ASP N 22 -22.33 43.61 -36.23
N PHE N 23 -23.10 42.63 -36.71
CA PHE N 23 -23.28 42.46 -38.15
C PHE N 23 -24.09 43.61 -38.73
N THR N 24 -23.72 44.02 -39.93
CA THR N 24 -24.50 44.99 -40.68
C THR N 24 -25.78 44.34 -41.19
N PRO N 25 -26.81 45.14 -41.51
CA PRO N 25 -28.07 44.55 -42.01
C PRO N 25 -27.88 43.69 -43.25
N GLU N 26 -26.99 44.11 -44.17
CA GLU N 26 -26.68 43.28 -45.32
C GLU N 26 -26.06 41.96 -44.89
N ASN N 27 -25.17 42.00 -43.90
CA ASN N 27 -24.60 40.77 -43.38
C ASN N 27 -25.65 39.93 -42.67
N TYR N 28 -26.67 40.55 -42.08
CA TYR N 28 -27.76 39.78 -41.49
C TYR N 28 -28.59 39.08 -42.56
N LYS N 29 -28.82 39.75 -43.69
CA LYS N 29 -29.50 39.08 -44.81
C LYS N 29 -28.67 37.91 -45.32
N ARG N 30 -27.36 38.11 -45.44
CA ARG N 30 -26.49 37.03 -45.89
C ARG N 30 -26.48 35.88 -44.88
N ILE N 31 -26.56 36.20 -43.59
CA ILE N 31 -26.61 35.17 -42.56
C ILE N 31 -27.91 34.37 -42.66
N GLU N 32 -29.02 35.06 -42.93
CA GLU N 32 -30.28 34.37 -43.14
C GLU N 32 -30.19 33.41 -44.32
N ALA N 33 -29.59 33.88 -45.43
CA ALA N 33 -29.43 33.04 -46.60
C ALA N 33 -28.55 31.82 -46.29
N ILE N 34 -27.48 32.03 -45.52
CA ILE N 34 -26.60 30.93 -45.13
C ILE N 34 -27.35 29.91 -44.28
N VAL N 35 -28.11 30.39 -43.29
CA VAL N 35 -28.79 29.50 -42.36
C VAL N 35 -29.88 28.72 -43.07
N LYS N 36 -30.51 29.30 -44.09
CA LYS N 36 -31.60 28.61 -44.76
C LYS N 36 -31.07 27.53 -45.72
N ASN N 37 -29.80 27.17 -45.60
CA ASN N 37 -29.19 26.15 -46.43
C ASN N 37 -29.05 24.81 -45.72
N TYR N 38 -29.53 24.69 -44.49
CA TYR N 38 -29.38 23.49 -43.69
C TYR N 38 -30.74 23.09 -43.12
N PRO N 39 -30.94 21.80 -42.84
CA PRO N 39 -32.25 21.35 -42.35
C PRO N 39 -32.63 22.04 -41.05
N GLU N 40 -33.92 22.34 -40.92
CA GLU N 40 -34.43 22.99 -39.72
C GLU N 40 -34.22 22.07 -38.52
N GLY N 41 -33.40 22.51 -37.57
CA GLY N 41 -33.04 21.69 -36.44
C GLY N 41 -31.54 21.55 -36.33
N HIS N 42 -30.86 21.63 -37.48
CA HIS N 42 -29.41 21.58 -37.53
C HIS N 42 -28.93 22.95 -38.00
N LYS N 43 -28.82 23.90 -37.07
CA LYS N 43 -28.44 25.26 -37.38
C LYS N 43 -27.00 25.56 -37.01
N ALA N 44 -26.35 24.70 -36.22
CA ALA N 44 -24.93 24.84 -35.95
C ALA N 44 -24.08 24.67 -37.20
N ALA N 45 -24.58 23.98 -38.21
CA ALA N 45 -23.86 23.77 -39.45
C ALA N 45 -23.49 25.06 -40.16
N ALA N 46 -23.98 26.21 -39.70
CA ALA N 46 -23.66 27.49 -40.28
C ALA N 46 -22.53 28.21 -39.54
N VAL N 47 -21.86 27.54 -38.60
CA VAL N 47 -20.78 28.19 -37.85
C VAL N 47 -19.63 28.56 -38.78
N LEU N 48 -19.23 27.63 -39.64
CA LEU N 48 -18.11 27.90 -40.55
C LEU N 48 -18.35 29.08 -41.47
N PRO N 49 -19.48 29.17 -42.20
CA PRO N 49 -19.66 30.35 -43.06
C PRO N 49 -19.86 31.64 -42.27
N VAL N 50 -20.79 31.64 -41.31
CA VAL N 50 -21.15 32.87 -40.61
C VAL N 50 -19.93 33.47 -39.93
N LEU N 51 -19.16 32.64 -39.21
CA LEU N 51 -17.92 33.13 -38.60
C LEU N 51 -17.02 33.75 -39.65
N ASP N 52 -16.83 33.06 -40.78
CA ASP N 52 -16.04 33.63 -41.87
C ASP N 52 -16.62 34.98 -42.31
N LEU N 53 -17.95 35.05 -42.43
CA LEU N 53 -18.58 36.32 -42.78
C LEU N 53 -18.17 37.41 -41.81
N ALA N 54 -18.17 37.10 -40.50
CA ALA N 54 -17.73 38.07 -39.52
C ALA N 54 -16.35 38.59 -39.85
N GLN N 55 -15.42 37.68 -40.14
CA GLN N 55 -14.07 38.09 -40.49
C GLN N 55 -14.07 38.94 -41.76
N ARG N 56 -14.91 38.59 -42.73
CA ARG N 56 -14.95 39.35 -43.97
C ARG N 56 -15.44 40.77 -43.71
N GLN N 57 -16.21 40.96 -42.64
CA GLN N 57 -16.65 42.31 -42.29
C GLN N 57 -15.57 43.05 -41.51
N ASN N 58 -14.73 42.31 -40.76
CA ASN N 58 -13.88 42.94 -39.77
C ASN N 58 -12.40 42.85 -40.14
N GLY N 59 -11.99 41.73 -40.74
CA GLY N 59 -10.60 41.48 -41.03
C GLY N 59 -9.94 40.50 -40.08
N TRP N 60 -10.51 40.33 -38.89
CA TRP N 60 -10.04 39.34 -37.94
C TRP N 60 -11.20 39.05 -36.98
N LEU N 61 -11.03 38.03 -36.15
CA LEU N 61 -12.09 37.63 -35.23
C LEU N 61 -11.70 37.96 -33.80
N PRO N 62 -12.23 39.02 -33.20
CA PRO N 62 -12.08 39.21 -31.76
C PRO N 62 -13.01 38.26 -31.01
N ILE N 63 -12.80 38.19 -29.69
CA ILE N 63 -13.63 37.32 -28.86
C ILE N 63 -15.09 37.75 -28.91
N SER N 64 -15.33 39.05 -29.13
CA SER N 64 -16.70 39.54 -29.21
C SER N 64 -17.38 39.04 -30.47
N ALA N 65 -16.65 38.91 -31.58
CA ALA N 65 -17.23 38.36 -32.80
C ALA N 65 -17.63 36.90 -32.60
N MET N 66 -16.78 36.12 -31.92
CA MET N 66 -17.12 34.74 -31.62
C MET N 66 -18.36 34.67 -30.73
N ASN N 67 -18.44 35.52 -29.72
CA ASN N 67 -19.61 35.52 -28.85
C ASN N 67 -20.87 35.92 -29.62
N LYS N 68 -20.76 36.89 -30.52
CA LYS N 68 -21.91 37.31 -31.30
C LYS N 68 -22.38 36.19 -32.23
N VAL N 69 -21.44 35.48 -32.86
CA VAL N 69 -21.82 34.37 -33.72
C VAL N 69 -22.51 33.27 -32.92
N ALA N 70 -21.96 32.96 -31.74
CA ALA N 70 -22.58 31.95 -30.88
C ALA N 70 -23.99 32.37 -30.47
N GLU N 71 -24.17 33.65 -30.14
CA GLU N 71 -25.50 34.13 -29.76
C GLU N 71 -26.48 34.06 -30.94
N ILE N 72 -26.01 34.41 -32.14
CA ILE N 72 -26.89 34.39 -33.31
C ILE N 72 -27.33 32.97 -33.61
N LEU N 73 -26.38 32.03 -33.65
CA LEU N 73 -26.70 30.66 -34.02
C LEU N 73 -27.20 29.83 -32.85
N GLN N 74 -27.28 30.40 -31.65
CA GLN N 74 -27.75 29.69 -30.46
C GLN N 74 -26.91 28.44 -30.21
N VAL N 75 -25.59 28.60 -30.33
CA VAL N 75 -24.63 27.52 -30.10
C VAL N 75 -23.78 27.94 -28.91
N PRO N 76 -23.37 27.00 -28.05
CA PRO N 76 -22.50 27.38 -26.92
C PRO N 76 -21.24 28.06 -27.41
N PRO N 77 -20.77 29.09 -26.70
CA PRO N 77 -19.60 29.84 -27.20
C PRO N 77 -18.35 29.00 -27.33
N MET N 78 -18.18 27.97 -26.48
CA MET N 78 -16.94 27.19 -26.54
C MET N 78 -16.85 26.40 -27.84
N ARG N 79 -17.99 25.99 -28.40
CA ARG N 79 -17.97 25.34 -29.71
C ARG N 79 -17.47 26.28 -30.80
N VAL N 80 -17.91 27.54 -30.76
CA VAL N 80 -17.39 28.52 -31.70
C VAL N 80 -15.91 28.75 -31.48
N TYR N 81 -15.46 28.74 -30.23
CA TYR N 81 -14.04 28.84 -29.95
C TYR N 81 -13.27 27.68 -30.55
N GLU N 82 -13.81 26.46 -30.42
CA GLU N 82 -13.18 25.29 -30.99
C GLU N 82 -13.04 25.42 -32.50
N VAL N 83 -14.11 25.86 -33.17
CA VAL N 83 -14.06 26.04 -34.61
C VAL N 83 -13.03 27.09 -34.99
N ALA N 84 -13.00 28.21 -34.26
CA ALA N 84 -12.06 29.28 -34.58
C ALA N 84 -10.61 28.85 -34.40
N THR N 85 -10.32 28.10 -33.34
CA THR N 85 -8.96 27.66 -33.08
C THR N 85 -8.52 26.50 -33.97
N PHE N 86 -9.46 25.66 -34.43
CA PHE N 86 -9.10 24.51 -35.24
C PHE N 86 -8.68 24.93 -36.65
N TYR N 87 -9.44 25.82 -37.27
CA TYR N 87 -9.25 26.14 -38.68
C TYR N 87 -8.26 27.29 -38.83
N THR N 88 -7.34 27.13 -39.78
CA THR N 88 -6.18 28.01 -39.88
C THR N 88 -6.44 29.28 -40.67
N MET N 89 -7.57 29.40 -41.36
CA MET N 89 -7.86 30.64 -42.08
C MET N 89 -8.61 31.65 -41.24
N TYR N 90 -8.91 31.33 -39.99
CA TYR N 90 -9.55 32.26 -39.07
C TYR N 90 -8.48 33.04 -38.33
N ASN N 91 -8.54 34.37 -38.46
CA ASN N 91 -7.54 35.26 -37.89
C ASN N 91 -8.02 35.73 -36.52
N ARG N 92 -7.40 35.22 -35.47
CA ARG N 92 -7.71 35.65 -34.11
C ARG N 92 -6.82 36.80 -33.65
N LYS N 93 -5.96 37.32 -34.52
CA LYS N 93 -5.18 38.52 -34.29
C LYS N 93 -5.33 39.43 -35.49
N PRO N 94 -5.22 40.74 -35.30
CA PRO N 94 -5.27 41.65 -36.46
C PRO N 94 -4.13 41.38 -37.42
N VAL N 95 -4.42 41.51 -38.71
CA VAL N 95 -3.46 41.27 -39.77
C VAL N 95 -3.34 42.52 -40.62
N GLY N 96 -2.38 42.51 -41.53
CA GLY N 96 -2.21 43.60 -42.46
C GLY N 96 -3.34 43.64 -43.47
N LYS N 97 -3.34 44.70 -44.27
CA LYS N 97 -4.35 44.84 -45.31
C LYS N 97 -4.25 43.71 -46.33
N TYR N 98 -3.03 43.30 -46.67
CA TYR N 98 -2.78 42.21 -47.59
C TYR N 98 -2.10 41.08 -46.84
N HIS N 99 -2.73 39.91 -46.84
CA HIS N 99 -2.20 38.73 -46.17
C HIS N 99 -1.52 37.85 -47.22
N ILE N 100 -0.19 37.82 -47.19
CA ILE N 100 0.59 37.06 -48.15
C ILE N 100 0.88 35.68 -47.56
N GLN N 101 0.33 34.65 -48.19
CA GLN N 101 0.63 33.26 -47.84
C GLN N 101 1.57 32.72 -48.90
N VAL N 102 2.73 32.22 -48.47
CA VAL N 102 3.70 31.61 -49.37
C VAL N 102 3.71 30.12 -49.13
N CYS N 103 3.54 29.34 -50.20
CA CYS N 103 3.53 27.89 -50.10
C CYS N 103 4.94 27.34 -50.22
N THR N 104 5.33 26.52 -49.25
CA THR N 104 6.67 25.96 -49.19
C THR N 104 6.65 24.46 -49.01
N THR N 105 5.59 23.80 -49.46
CA THR N 105 5.52 22.35 -49.43
C THR N 105 6.38 21.79 -50.56
N THR N 106 6.71 20.51 -50.46
CA THR N 106 7.73 19.90 -51.32
C THR N 106 7.52 20.11 -52.82
N PRO N 107 6.35 19.84 -53.40
CA PRO N 107 6.19 20.11 -54.84
C PRO N 107 6.38 21.56 -55.19
N CYS N 108 6.13 22.45 -54.24
CA CYS N 108 6.28 23.89 -54.43
C CYS N 108 7.63 24.39 -53.94
N MET N 109 8.26 23.65 -53.01
CA MET N 109 9.62 23.95 -52.57
C MET N 109 10.66 23.52 -53.59
N LEU N 110 10.34 22.50 -54.39
CA LEU N 110 11.27 22.05 -55.43
C LEU N 110 11.48 23.12 -56.50
N ARG N 111 10.44 23.91 -56.81
CA ARG N 111 10.58 24.97 -57.80
C ARG N 111 11.00 26.29 -57.15
N ASN N 112 12.02 26.22 -56.31
CA ASN N 112 12.72 27.38 -55.77
C ASN N 112 11.75 28.43 -55.21
N SER N 113 10.88 27.98 -54.31
CA SER N 113 10.01 28.91 -53.60
C SER N 113 10.77 29.70 -52.55
N ASP N 114 11.89 29.16 -52.07
CA ASP N 114 12.66 29.87 -51.07
C ASP N 114 13.15 31.21 -51.59
N SER N 115 13.62 31.26 -52.83
CA SER N 115 14.05 32.53 -53.42
C SER N 115 12.95 33.57 -53.35
N ILE N 116 11.70 33.15 -53.58
CA ILE N 116 10.56 34.05 -53.40
C ILE N 116 10.43 34.46 -51.94
N LEU N 117 10.69 33.54 -51.01
CA LEU N 117 10.55 33.88 -49.60
C LEU N 117 11.50 35.00 -49.19
N GLU N 118 12.79 34.84 -49.48
CA GLU N 118 13.72 35.94 -49.21
C GLU N 118 13.50 37.15 -50.12
N ALA N 119 12.88 36.96 -51.29
CA ALA N 119 12.51 38.13 -52.08
C ALA N 119 11.54 39.01 -51.31
N ILE N 120 10.50 38.40 -50.73
CA ILE N 120 9.55 39.15 -49.93
C ILE N 120 10.21 39.67 -48.65
N GLN N 121 11.07 38.84 -48.03
CA GLN N 121 11.83 39.29 -46.86
C GLN N 121 12.57 40.59 -47.14
N LYS N 122 13.30 40.65 -48.24
CA LYS N 122 14.09 41.82 -48.58
C LYS N 122 13.22 42.99 -49.00
N LYS N 123 12.13 42.72 -49.74
CA LYS N 123 11.29 43.81 -50.22
C LYS N 123 10.56 44.51 -49.08
N LEU N 124 9.93 43.73 -48.19
CA LEU N 124 9.16 44.32 -47.10
C LEU N 124 9.99 44.60 -45.86
N GLY N 125 11.20 44.07 -45.78
CA GLY N 125 12.04 44.29 -44.61
C GLY N 125 11.45 43.74 -43.33
N ILE N 126 10.75 42.61 -43.39
CA ILE N 126 10.16 41.97 -42.23
C ILE N 126 10.47 40.48 -42.28
N LYS N 127 10.27 39.81 -41.16
CA LYS N 127 10.50 38.38 -41.07
C LYS N 127 9.25 37.63 -41.56
N VAL N 128 9.23 36.32 -41.36
CA VAL N 128 8.22 35.46 -41.99
C VAL N 128 7.03 35.29 -41.06
N GLY N 129 6.98 36.09 -39.99
CA GLY N 129 5.87 36.00 -39.07
C GLY N 129 5.44 37.33 -38.50
N GLU N 130 5.81 38.42 -39.16
CA GLU N 130 5.55 39.76 -38.66
C GLU N 130 4.73 40.56 -39.66
N THR N 131 4.33 41.75 -39.24
CA THR N 131 3.57 42.69 -40.05
C THR N 131 4.40 43.96 -40.24
N THR N 132 4.27 44.59 -41.40
CA THR N 132 5.00 45.82 -41.65
C THR N 132 4.52 46.93 -40.72
N PRO N 133 5.38 47.91 -40.42
CA PRO N 133 4.98 48.96 -39.48
C PRO N 133 3.75 49.75 -39.92
N ASP N 134 3.53 49.92 -41.22
CA ASP N 134 2.37 50.65 -41.71
C ASP N 134 1.11 49.81 -41.76
N LYS N 135 1.16 48.57 -41.26
CA LYS N 135 0.00 47.69 -41.20
C LYS N 135 -0.61 47.46 -42.59
N LEU N 136 0.26 47.31 -43.59
CA LEU N 136 -0.17 47.03 -44.95
C LEU N 136 0.09 45.61 -45.40
N PHE N 137 1.17 44.98 -44.92
CA PHE N 137 1.53 43.65 -45.36
C PHE N 137 1.88 42.79 -44.15
N THR N 138 1.29 41.61 -44.09
CA THR N 138 1.70 40.55 -43.16
C THR N 138 2.03 39.31 -43.95
N LEU N 139 3.12 38.65 -43.59
CA LEU N 139 3.67 37.54 -44.36
C LEU N 139 3.72 36.28 -43.50
N ILE N 140 3.14 35.18 -44.00
CA ILE N 140 3.15 33.90 -43.32
C ILE N 140 3.49 32.80 -44.31
N GLU N 141 3.89 31.66 -43.77
CA GLU N 141 4.13 30.45 -44.54
C GLU N 141 2.94 29.51 -44.41
N VAL N 142 2.57 28.87 -45.51
CA VAL N 142 1.43 27.96 -45.53
C VAL N 142 1.83 26.66 -46.22
N GLU N 143 0.94 25.68 -46.13
CA GLU N 143 1.12 24.39 -46.76
C GLU N 143 0.64 24.47 -48.21
N CYS N 144 0.50 23.32 -48.86
CA CYS N 144 0.13 23.31 -50.27
C CYS N 144 -1.21 24.03 -50.49
N LEU N 145 -1.24 24.90 -51.48
CA LEU N 145 -2.43 25.68 -51.80
C LEU N 145 -3.19 25.14 -53.00
N GLY N 146 -2.84 23.97 -53.50
CA GLY N 146 -3.55 23.38 -54.62
C GLY N 146 -3.20 23.95 -55.97
N ALA N 147 -2.02 24.56 -56.13
CA ALA N 147 -1.57 25.09 -57.40
C ALA N 147 -0.14 24.62 -57.71
N CYS N 148 0.10 23.32 -57.59
CA CYS N 148 1.47 22.81 -57.61
C CYS N 148 2.10 22.87 -59.00
N VAL N 149 1.31 22.67 -60.05
CA VAL N 149 1.87 22.74 -61.40
C VAL N 149 2.27 24.16 -61.75
N ASN N 150 1.71 25.13 -61.03
CA ASN N 150 2.06 26.54 -61.20
C ASN N 150 3.00 27.03 -60.11
N ALA N 151 3.74 26.13 -59.47
CA ALA N 151 4.69 26.53 -58.45
C ALA N 151 5.85 27.30 -59.07
N PRO N 152 6.46 28.26 -58.36
CA PRO N 152 6.07 28.69 -57.01
C PRO N 152 5.02 29.79 -57.03
N MET N 153 4.10 29.75 -56.06
CA MET N 153 2.95 30.64 -56.05
C MET N 153 2.74 31.21 -54.66
N VAL N 154 2.00 32.31 -54.60
CA VAL N 154 1.58 32.95 -53.35
C VAL N 154 0.11 33.27 -53.43
N GLN N 155 -0.48 33.55 -52.27
CA GLN N 155 -1.87 33.95 -52.15
C GLN N 155 -1.94 35.30 -51.43
N ILE N 156 -2.72 36.22 -51.98
CA ILE N 156 -2.99 37.51 -51.36
C ILE N 156 -4.49 37.76 -51.42
N ASN N 157 -5.16 37.68 -50.27
CA ASN N 157 -6.58 38.01 -50.13
C ASN N 157 -7.42 37.36 -51.23
N ASP N 158 -7.45 36.03 -51.23
CA ASP N 158 -8.20 35.17 -52.13
C ASP N 158 -7.62 35.14 -53.54
N ASN N 159 -6.56 35.88 -53.84
CA ASN N 159 -6.01 35.96 -55.19
C ASN N 159 -4.74 35.13 -55.30
N TYR N 160 -4.64 34.33 -56.34
CA TYR N 160 -3.48 33.48 -56.58
C TYR N 160 -2.51 34.18 -57.52
N TYR N 161 -1.23 34.14 -57.19
CA TYR N 161 -0.17 34.67 -58.04
C TYR N 161 0.84 33.56 -58.25
N GLU N 162 0.88 33.03 -59.46
CA GLU N 162 1.50 31.75 -59.75
C GLU N 162 2.66 31.92 -60.74
N ASP N 163 3.49 30.89 -60.82
CA ASP N 163 4.64 30.86 -61.72
C ASP N 163 5.53 32.09 -61.51
N LEU N 164 5.78 32.39 -60.25
CA LEU N 164 6.45 33.64 -59.88
C LEU N 164 7.97 33.50 -59.91
N THR N 165 8.63 34.64 -60.05
CA THR N 165 10.06 34.82 -59.91
C THR N 165 10.26 35.96 -58.91
N PRO N 166 11.45 36.08 -58.33
CA PRO N 166 11.67 37.20 -57.38
C PRO N 166 11.31 38.56 -57.95
N LYS N 167 11.64 38.81 -59.22
CA LYS N 167 11.22 40.05 -59.86
C LYS N 167 9.70 40.14 -59.95
N ASP N 168 9.04 39.02 -60.26
CA ASP N 168 7.58 39.05 -60.39
C ASP N 168 6.91 39.35 -59.07
N ILE N 169 7.35 38.72 -57.98
CA ILE N 169 6.76 38.98 -56.68
C ILE N 169 7.09 40.41 -56.23
N GLU N 170 8.29 40.90 -56.56
CA GLU N 170 8.63 42.29 -56.23
C GLU N 170 7.72 43.27 -56.96
N GLU N 171 7.46 43.02 -58.24
CA GLU N 171 6.55 43.86 -59.00
C GLU N 171 5.14 43.80 -58.44
N ILE N 172 4.67 42.61 -58.07
CA ILE N 172 3.33 42.50 -57.48
C ILE N 172 3.25 43.30 -56.19
N ILE N 173 4.27 43.17 -55.34
CA ILE N 173 4.25 43.86 -54.05
C ILE N 173 4.28 45.37 -54.24
N ASP N 174 5.17 45.87 -55.11
CA ASP N 174 5.30 47.31 -55.26
C ASP N 174 4.15 47.92 -56.04
N GLU N 175 3.46 47.14 -56.88
CA GLU N 175 2.26 47.65 -57.53
C GLU N 175 1.08 47.64 -56.57
N LEU N 176 0.99 46.63 -55.70
CA LEU N 176 -0.07 46.60 -54.71
C LEU N 176 0.10 47.68 -53.66
N LYS N 177 1.35 48.04 -53.34
CA LYS N 177 1.59 49.18 -52.45
C LYS N 177 1.11 50.48 -53.07
N ALA N 178 1.24 50.61 -54.39
CA ALA N 178 0.84 51.83 -55.08
C ALA N 178 -0.67 51.98 -55.18
N GLY N 179 -1.44 50.96 -54.84
CA GLY N 179 -2.89 51.04 -54.85
C GLY N 179 -3.57 50.55 -56.11
N LYS N 180 -2.94 49.67 -56.88
CA LYS N 180 -3.54 49.09 -58.06
C LYS N 180 -3.89 47.62 -57.78
N ILE N 181 -4.51 46.98 -58.76
CA ILE N 181 -4.97 45.60 -58.63
C ILE N 181 -4.11 44.73 -59.54
N PRO N 182 -3.16 43.96 -59.01
CA PRO N 182 -2.38 43.06 -59.86
C PRO N 182 -3.25 41.95 -60.43
N LYS N 183 -2.84 41.47 -61.60
CA LYS N 183 -3.61 40.45 -62.30
C LYS N 183 -3.36 39.08 -61.66
N PRO N 184 -4.39 38.41 -61.16
CA PRO N 184 -4.18 37.06 -60.62
C PRO N 184 -3.89 36.05 -61.72
N GLY N 185 -3.18 34.99 -61.34
CA GLY N 185 -2.85 33.93 -62.27
C GLY N 185 -1.36 33.80 -62.49
N PRO N 186 -0.97 32.91 -63.41
CA PRO N 186 0.44 32.71 -63.70
C PRO N 186 1.10 33.99 -64.21
N ARG N 187 2.36 34.18 -63.81
CA ARG N 187 3.14 35.36 -64.16
C ARG N 187 4.21 35.05 -65.20
N SER N 188 3.95 34.09 -66.08
CA SER N 188 4.97 33.65 -67.03
C SER N 188 4.38 33.42 -68.42
N GLY N 189 3.33 34.15 -68.77
CA GLY N 189 2.71 33.95 -70.07
C GLY N 189 2.11 32.57 -70.24
N ARG N 190 1.43 32.08 -69.21
CA ARG N 190 0.84 30.73 -69.22
C ARG N 190 -0.65 30.74 -68.93
N PHE N 191 -1.10 31.62 -68.04
CA PHE N 191 -2.50 31.95 -67.79
C PHE N 191 -3.38 30.72 -67.50
N SER N 192 -2.79 29.56 -67.24
CA SER N 192 -3.56 28.35 -66.96
C SER N 192 -2.60 27.27 -66.49
N CYS N 193 -3.11 26.04 -66.41
CA CYS N 193 -2.34 24.87 -66.04
C CYS N 193 -1.76 24.14 -67.24
N GLU N 194 -1.65 24.83 -68.37
CA GLU N 194 -1.19 24.21 -69.60
C GLU N 194 0.32 23.92 -69.52
N PRO N 195 0.81 23.02 -70.37
CA PRO N 195 2.27 22.89 -70.51
C PRO N 195 2.88 24.20 -70.96
N ALA N 196 4.10 24.47 -70.47
CA ALA N 196 4.73 25.76 -70.70
C ALA N 196 4.93 26.06 -72.18
N GLY N 197 4.96 25.05 -73.03
CA GLY N 197 5.03 25.27 -74.46
C GLY N 197 4.58 24.09 -75.27
N GLY N 198 3.64 24.32 -76.20
CA GLY N 198 3.25 23.27 -77.12
C GLY N 198 1.78 22.89 -77.08
N LEU N 199 1.18 22.87 -75.89
CA LEU N 199 -0.21 22.43 -75.71
C LEU N 199 -0.39 20.99 -76.23
N THR N 200 0.25 20.08 -75.49
CA THR N 200 0.34 18.68 -75.92
C THR N 200 -1.02 18.01 -76.05
N SER N 201 -2.06 18.55 -75.41
CA SER N 201 -3.38 17.93 -75.42
C SER N 201 -4.44 18.98 -75.74
N LEU N 202 -5.61 18.49 -76.14
CA LEU N 202 -6.77 19.33 -76.45
C LEU N 202 -6.44 20.35 -77.54
N THR N 203 -5.94 19.85 -78.67
CA THR N 203 -5.74 20.68 -79.85
C THR N 203 -6.86 20.54 -80.86
N GLU N 204 -7.48 19.37 -80.94
CA GLU N 204 -8.65 19.18 -81.80
C GLU N 204 -9.84 19.95 -81.24
N PRO N 205 -10.71 20.46 -82.09
CA PRO N 205 -11.88 21.19 -81.60
C PRO N 205 -12.82 20.25 -80.86
N PRO N 206 -13.53 20.74 -79.84
CA PRO N 206 -14.45 19.89 -79.11
C PRO N 206 -15.59 19.37 -80.00
N LYS N 207 -16.07 18.18 -79.68
CA LYS N 207 -17.14 17.55 -80.43
C LYS N 207 -18.49 18.17 -80.06
N GLY N 208 -19.52 17.78 -80.79
CA GLY N 208 -20.84 18.33 -80.59
C GLY N 208 -21.53 17.75 -79.37
N PRO N 209 -22.75 18.23 -79.10
CA PRO N 209 -23.47 17.75 -77.91
C PRO N 209 -23.75 16.25 -77.90
N GLY N 210 -24.02 15.67 -79.08
CA GLY N 210 -24.39 14.27 -79.14
C GLY N 210 -23.40 13.42 -79.91
N PHE N 211 -22.11 13.64 -79.68
CA PHE N 211 -21.07 13.01 -80.50
C PHE N 211 -21.11 11.49 -80.39
N GLY N 212 -20.83 10.96 -79.21
CA GLY N 212 -20.69 9.52 -79.04
C GLY N 212 -21.72 8.90 -78.12
N VAL N 213 -22.96 9.34 -78.23
CA VAL N 213 -24.01 8.87 -77.34
C VAL N 213 -24.36 7.41 -77.66
N GLN N 214 -24.52 6.61 -76.61
CA GLN N 214 -24.82 5.20 -76.77
C GLN N 214 -26.25 5.01 -77.29
N ALA N 215 -26.52 3.81 -77.80
CA ALA N 215 -27.81 3.51 -78.38
C ALA N 215 -28.88 3.41 -77.29
N GLY N 216 -30.12 3.64 -77.68
CA GLY N 216 -31.23 3.61 -76.74
C GLY N 216 -31.36 4.85 -75.89
N LEU N 217 -30.53 5.87 -76.14
CA LEU N 217 -30.56 7.10 -75.35
C LEU N 217 -30.16 8.28 -76.23
N THR O 1 13.92 -13.95 -25.69
CA THR O 1 13.59 -15.13 -24.93
C THR O 1 14.85 -15.77 -24.36
N ARG O 2 16.00 -15.50 -25.02
CA ARG O 2 17.24 -16.14 -24.59
C ARG O 2 17.76 -15.56 -23.27
N PRO O 3 18.11 -14.27 -23.17
CA PRO O 3 18.93 -13.84 -22.03
C PRO O 3 18.21 -13.78 -20.69
N THR O 4 17.01 -13.21 -20.66
CA THR O 4 16.36 -12.87 -19.39
C THR O 4 15.23 -13.82 -19.02
N ILE O 5 15.11 -14.94 -19.71
CA ILE O 5 14.06 -15.92 -19.44
C ILE O 5 14.70 -17.22 -18.98
N ARG O 6 14.13 -17.83 -17.95
CA ARG O 6 14.67 -19.05 -17.39
C ARG O 6 14.50 -20.20 -18.37
N PRO O 7 15.57 -20.93 -18.70
CA PRO O 7 15.45 -22.03 -19.65
C PRO O 7 14.60 -23.17 -19.10
N ARG O 8 13.94 -23.86 -20.02
CA ARG O 8 13.04 -24.97 -19.69
C ARG O 8 13.74 -26.30 -19.95
N ASN O 9 13.58 -27.24 -19.02
CA ASN O 9 14.11 -28.59 -19.16
C ASN O 9 12.95 -29.56 -19.29
N ASP O 10 12.81 -30.18 -20.46
CA ASP O 10 11.70 -31.09 -20.71
C ASP O 10 12.03 -32.55 -20.39
N VAL O 11 13.31 -32.90 -20.32
CA VAL O 11 13.69 -34.26 -19.95
C VAL O 11 13.26 -34.55 -18.51
N VAL O 12 13.59 -33.64 -17.60
CA VAL O 12 13.17 -33.79 -16.21
C VAL O 12 11.66 -33.72 -16.09
N HIS O 13 11.02 -32.90 -16.93
CA HIS O 13 9.57 -32.82 -16.92
C HIS O 13 8.94 -34.17 -17.25
N LYS O 14 9.41 -34.80 -18.33
CA LYS O 14 8.87 -36.11 -18.71
C LYS O 14 9.17 -37.16 -17.65
N GLN O 15 10.38 -37.13 -17.08
CA GLN O 15 10.72 -38.11 -16.05
C GLN O 15 9.80 -37.98 -14.84
N LEU O 16 9.56 -36.74 -14.39
CA LEU O 16 8.71 -36.53 -13.23
C LEU O 16 7.26 -36.90 -13.54
N SER O 17 6.79 -36.61 -14.76
CA SER O 17 5.44 -37.00 -15.13
C SER O 17 5.28 -38.52 -15.14
N ALA O 18 6.28 -39.23 -15.67
CA ALA O 18 6.23 -40.68 -15.66
C ALA O 18 6.24 -41.24 -14.25
N PHE O 19 7.04 -40.64 -13.36
CA PHE O 19 7.03 -41.13 -11.98
C PHE O 19 5.72 -40.82 -11.27
N GLY O 20 5.07 -39.70 -11.61
CA GLY O 20 3.73 -39.44 -11.10
C GLY O 20 2.73 -40.48 -11.59
N GLN O 21 2.82 -40.84 -12.88
CA GLN O 21 2.07 -41.99 -13.40
C GLN O 21 2.27 -43.21 -12.53
N TYR O 22 3.53 -43.54 -12.25
CA TYR O 22 3.88 -44.75 -11.50
C TYR O 22 3.28 -44.72 -10.09
N VAL O 23 3.47 -43.60 -9.38
CA VAL O 23 2.99 -43.50 -8.01
C VAL O 23 1.47 -43.53 -7.96
N ALA O 24 0.80 -42.80 -8.86
CA ALA O 24 -0.66 -42.82 -8.88
C ALA O 24 -1.20 -44.20 -9.22
N GLU O 25 -0.48 -44.96 -10.04
CA GLU O 25 -0.93 -46.31 -10.37
C GLU O 25 -0.79 -47.25 -9.19
N ILE O 26 0.32 -47.17 -8.46
CA ILE O 26 0.56 -48.13 -7.39
C ILE O 26 -0.39 -47.90 -6.21
N LEU O 27 -0.78 -46.65 -5.95
CA LEU O 27 -1.59 -46.31 -4.79
C LEU O 27 -2.85 -45.59 -5.22
N PRO O 28 -3.81 -46.30 -5.82
CA PRO O 28 -5.09 -45.65 -6.16
C PRO O 28 -5.95 -45.35 -4.96
N LYS O 29 -5.73 -46.03 -3.83
CA LYS O 29 -6.59 -45.87 -2.68
C LYS O 29 -6.44 -44.49 -2.03
N TYR O 30 -5.24 -43.91 -2.09
CA TYR O 30 -4.97 -42.66 -1.40
C TYR O 30 -4.64 -41.50 -2.32
N VAL O 31 -4.02 -41.75 -3.47
CA VAL O 31 -3.58 -40.66 -4.34
C VAL O 31 -4.80 -40.02 -5.01
N GLN O 32 -4.99 -38.73 -4.75
CA GLN O 32 -6.09 -37.98 -5.34
C GLN O 32 -5.70 -37.18 -6.57
N GLN O 33 -4.43 -36.79 -6.69
CA GLN O 33 -4.03 -35.97 -7.83
C GLN O 33 -2.51 -35.95 -7.92
N VAL O 34 -2.00 -35.80 -9.13
CA VAL O 34 -0.57 -35.68 -9.37
C VAL O 34 -0.34 -34.51 -10.32
N GLN O 35 0.60 -33.63 -9.97
CA GLN O 35 0.88 -32.44 -10.75
C GLN O 35 2.38 -32.28 -10.94
N VAL O 36 2.76 -31.66 -12.06
CA VAL O 36 4.15 -31.31 -12.33
C VAL O 36 4.18 -29.86 -12.77
N SER O 37 4.92 -29.03 -12.04
CA SER O 37 5.00 -27.61 -12.36
C SER O 37 6.00 -27.36 -13.48
N CYS O 38 5.89 -26.17 -14.08
CA CYS O 38 6.71 -25.83 -15.24
C CYS O 38 8.17 -25.56 -14.89
N PHE O 39 8.51 -25.46 -13.60
CA PHE O 39 9.91 -25.45 -13.17
C PHE O 39 10.32 -26.80 -12.61
N ASN O 40 9.66 -27.87 -13.05
CA ASN O 40 10.07 -29.25 -12.80
C ASN O 40 10.04 -29.59 -11.31
N GLU O 41 8.84 -29.49 -10.73
CA GLU O 41 8.60 -29.92 -9.36
C GLU O 41 7.35 -30.79 -9.35
N LEU O 42 7.44 -31.95 -8.70
CA LEU O 42 6.38 -32.95 -8.70
C LEU O 42 5.63 -32.92 -7.38
N GLU O 43 4.30 -32.82 -7.46
CA GLU O 43 3.43 -32.78 -6.29
C GLU O 43 2.44 -33.93 -6.37
N ILE O 44 2.18 -34.54 -5.22
CA ILE O 44 1.17 -35.59 -5.09
C ILE O 44 0.20 -35.18 -4.00
N PHE O 45 -1.08 -35.11 -4.33
CA PHE O 45 -2.15 -34.79 -3.41
C PHE O 45 -2.85 -36.09 -3.04
N ILE O 46 -2.89 -36.41 -1.75
CA ILE O 46 -3.38 -37.68 -1.26
C ILE O 46 -4.44 -37.43 -0.19
N HIS O 47 -5.28 -38.45 0.01
CA HIS O 47 -6.22 -38.43 1.12
C HIS O 47 -5.45 -38.51 2.44
N PRO O 48 -5.90 -37.81 3.48
CA PRO O 48 -5.14 -37.83 4.75
C PRO O 48 -4.90 -39.21 5.31
N ASP O 49 -5.87 -40.12 5.21
CA ASP O 49 -5.72 -41.47 5.72
C ASP O 49 -4.52 -42.20 5.14
N GLY O 50 -3.93 -41.69 4.06
CA GLY O 50 -2.78 -42.33 3.46
C GLY O 50 -1.45 -41.69 3.77
N VAL O 51 -1.39 -40.88 4.84
CA VAL O 51 -0.13 -40.25 5.19
C VAL O 51 0.94 -41.31 5.48
N ILE O 52 0.61 -42.28 6.32
CA ILE O 52 1.59 -43.31 6.72
C ILE O 52 1.88 -44.28 5.57
N PRO O 53 0.88 -44.83 4.87
CA PRO O 53 1.21 -45.72 3.75
C PRO O 53 2.06 -45.05 2.68
N VAL O 54 1.55 -43.97 2.08
CA VAL O 54 2.22 -43.37 0.93
C VAL O 54 3.66 -43.00 1.28
N LEU O 55 3.84 -42.25 2.37
CA LEU O 55 5.18 -41.89 2.81
C LEU O 55 6.07 -43.11 2.95
N THR O 56 5.57 -44.15 3.63
CA THR O 56 6.37 -45.36 3.79
C THR O 56 6.79 -45.91 2.43
N PHE O 57 5.84 -45.99 1.50
CA PHE O 57 6.18 -46.44 0.16
C PHE O 57 7.30 -45.58 -0.41
N LEU O 58 7.14 -44.26 -0.36
CA LEU O 58 8.13 -43.37 -0.94
C LEU O 58 9.47 -43.50 -0.25
N ARG O 59 9.49 -43.97 1.00
CA ARG O 59 10.75 -44.18 1.69
C ARG O 59 11.35 -45.53 1.37
N ASP O 60 10.50 -46.55 1.20
CA ASP O 60 10.99 -47.93 1.25
C ASP O 60 10.99 -48.62 -0.11
N HIS O 61 10.23 -48.13 -1.08
CA HIS O 61 10.21 -48.77 -2.39
C HIS O 61 11.57 -48.60 -3.06
N THR O 62 11.99 -49.65 -3.79
CA THR O 62 13.29 -49.61 -4.45
C THR O 62 13.35 -48.50 -5.49
N ASN O 63 12.26 -48.33 -6.25
CA ASN O 63 12.28 -47.35 -7.33
C ASN O 63 12.12 -45.92 -6.80
N ALA O 64 11.56 -45.76 -5.60
CA ALA O 64 11.41 -44.42 -5.02
C ALA O 64 12.54 -44.11 -4.04
N GLN O 65 12.59 -44.86 -2.93
CA GLN O 65 13.55 -44.68 -1.83
C GLN O 65 13.91 -43.21 -1.58
N PHE O 66 12.89 -42.41 -1.28
CA PHE O 66 13.08 -41.04 -0.83
C PHE O 66 13.44 -41.07 0.65
N LYS O 67 14.73 -41.18 0.94
CA LYS O 67 15.19 -41.49 2.28
C LYS O 67 15.45 -40.25 3.13
N SER O 68 15.21 -39.05 2.61
CA SER O 68 15.42 -37.83 3.40
C SER O 68 14.13 -37.03 3.46
N LEU O 69 13.80 -36.53 4.65
CA LEU O 69 12.68 -35.61 4.83
C LEU O 69 13.23 -34.20 4.98
N ALA O 70 13.14 -33.42 3.90
CA ALA O 70 13.73 -32.08 3.92
C ALA O 70 12.95 -31.14 4.84
N ASP O 71 11.62 -31.16 4.73
CA ASP O 71 10.81 -30.20 5.47
C ASP O 71 9.39 -30.74 5.60
N LEU O 72 8.70 -30.28 6.64
CA LEU O 72 7.29 -30.59 6.85
C LEU O 72 6.63 -29.35 7.44
N THR O 73 5.69 -28.76 6.71
CA THR O 73 5.08 -27.49 7.09
C THR O 73 3.58 -27.53 6.81
N ALA O 74 2.91 -26.44 7.13
CA ALA O 74 1.48 -26.28 6.90
C ALA O 74 1.19 -24.91 6.32
N VAL O 75 0.08 -24.82 5.59
CA VAL O 75 -0.40 -23.56 5.03
C VAL O 75 -1.85 -23.38 5.46
N ASP O 76 -2.20 -22.17 5.87
CA ASP O 76 -3.56 -21.84 6.29
C ASP O 76 -4.30 -21.16 5.13
N VAL O 77 -5.39 -21.76 4.71
CA VAL O 77 -6.29 -21.18 3.71
C VAL O 77 -7.68 -21.10 4.33
N PRO O 78 -8.03 -19.96 4.94
CA PRO O 78 -9.31 -19.89 5.68
C PRO O 78 -10.55 -20.06 4.82
N THR O 79 -10.46 -19.91 3.51
CA THR O 79 -11.63 -20.03 2.66
C THR O 79 -12.00 -21.49 2.37
N ARG O 80 -11.15 -22.44 2.74
CA ARG O 80 -11.41 -23.84 2.47
C ARG O 80 -12.11 -24.48 3.67
N GLN O 81 -12.95 -25.48 3.38
CA GLN O 81 -13.56 -26.25 4.45
C GLN O 81 -12.50 -26.93 5.31
N ASN O 82 -11.55 -27.60 4.67
CA ASN O 82 -10.38 -28.15 5.34
C ASN O 82 -9.33 -27.06 5.35
N ARG O 83 -9.15 -26.43 6.51
CA ARG O 83 -8.43 -25.17 6.60
C ARG O 83 -6.93 -25.35 6.32
N PHE O 84 -6.32 -26.37 6.89
CA PHE O 84 -4.87 -26.49 6.90
C PHE O 84 -4.40 -27.49 5.85
N GLU O 85 -3.40 -27.09 5.09
CA GLU O 85 -2.82 -27.91 4.03
C GLU O 85 -1.41 -28.31 4.45
N ILE O 86 -1.20 -29.62 4.60
CA ILE O 86 0.04 -30.16 5.15
C ILE O 86 0.94 -30.56 3.99
N VAL O 87 2.20 -30.13 4.03
CA VAL O 87 3.14 -30.31 2.93
C VAL O 87 4.36 -31.07 3.43
N TYR O 88 4.70 -32.16 2.75
CA TYR O 88 5.90 -32.94 3.00
C TYR O 88 6.81 -32.81 1.80
N ASN O 89 8.08 -32.46 2.04
CA ASN O 89 9.09 -32.41 1.00
C ASN O 89 10.10 -33.51 1.25
N LEU O 90 10.26 -34.41 0.28
CA LEU O 90 11.15 -35.55 0.40
C LEU O 90 12.26 -35.46 -0.63
N LEU O 91 13.42 -35.97 -0.26
CA LEU O 91 14.59 -35.99 -1.11
C LEU O 91 15.11 -37.42 -1.24
N SER O 92 15.39 -37.82 -2.47
CA SER O 92 15.97 -39.11 -2.81
C SER O 92 17.40 -38.89 -3.27
N LEU O 93 18.36 -39.35 -2.47
CA LEU O 93 19.77 -39.29 -2.80
C LEU O 93 20.17 -40.34 -3.83
N ARG O 94 19.48 -41.48 -3.84
CA ARG O 94 19.79 -42.54 -4.81
C ARG O 94 19.50 -42.10 -6.23
N PHE O 95 18.38 -41.41 -6.44
CA PHE O 95 17.98 -40.94 -7.75
C PHE O 95 18.12 -39.44 -7.91
N ASN O 96 18.62 -38.74 -6.89
CA ASN O 96 18.87 -37.30 -6.96
C ASN O 96 17.61 -36.54 -7.37
N SER O 97 16.54 -36.75 -6.62
CA SER O 97 15.25 -36.17 -6.97
C SER O 97 14.56 -35.64 -5.73
N ARG O 98 13.55 -34.80 -5.96
CA ARG O 98 12.75 -34.25 -4.88
C ARG O 98 11.28 -34.42 -5.22
N ILE O 99 10.48 -34.67 -4.18
CA ILE O 99 9.04 -34.90 -4.34
C ILE O 99 8.31 -34.15 -3.24
N ARG O 100 7.04 -33.84 -3.51
CA ARG O 100 6.18 -33.14 -2.57
C ARG O 100 4.86 -33.89 -2.44
N VAL O 101 4.45 -34.14 -1.20
CA VAL O 101 3.18 -34.79 -0.90
C VAL O 101 2.36 -33.85 -0.04
N LYS O 102 1.15 -33.54 -0.48
CA LYS O 102 0.29 -32.62 0.25
C LYS O 102 -1.03 -33.28 0.61
N THR O 103 -1.48 -33.02 1.83
CA THR O 103 -2.78 -33.49 2.31
C THR O 103 -3.45 -32.31 3.02
N TYR O 104 -4.58 -32.58 3.67
CA TYR O 104 -5.36 -31.50 4.26
C TYR O 104 -5.96 -31.96 5.57
N THR O 105 -6.43 -30.99 6.36
CA THR O 105 -7.11 -31.25 7.62
C THR O 105 -7.81 -29.96 8.04
N ASP O 106 -8.58 -30.05 9.13
CA ASP O 106 -9.18 -28.86 9.74
C ASP O 106 -8.79 -28.79 11.21
N GLU O 107 -9.44 -27.90 11.96
CA GLU O 107 -9.00 -27.63 13.33
C GLU O 107 -9.20 -28.81 14.25
N LEU O 108 -10.15 -29.70 13.94
CA LEU O 108 -10.52 -30.77 14.87
C LEU O 108 -10.07 -32.15 14.44
N THR O 109 -9.70 -32.35 13.17
CA THR O 109 -9.32 -33.67 12.70
C THR O 109 -7.83 -33.88 12.89
N PRO O 110 -7.42 -34.92 13.61
CA PRO O 110 -5.98 -35.19 13.75
C PRO O 110 -5.41 -35.89 12.52
N ILE O 111 -4.08 -35.88 12.45
CA ILE O 111 -3.33 -36.52 11.38
C ILE O 111 -2.34 -37.50 12.01
N GLU O 112 -2.20 -38.68 11.41
CA GLU O 112 -1.24 -39.64 11.91
C GLU O 112 0.17 -39.08 11.89
N SER O 113 0.88 -39.27 12.99
CA SER O 113 2.26 -38.83 13.08
C SER O 113 3.15 -39.72 12.22
N SER O 114 4.07 -39.10 11.51
CA SER O 114 5.00 -39.81 10.64
C SER O 114 6.38 -39.98 11.25
N VAL O 115 6.47 -39.92 12.58
CA VAL O 115 7.77 -40.08 13.25
C VAL O 115 8.31 -41.49 13.02
N THR O 116 7.43 -42.48 12.93
CA THR O 116 7.86 -43.84 12.64
C THR O 116 8.48 -43.92 11.26
N VAL O 117 7.90 -43.24 10.27
CA VAL O 117 8.48 -43.23 8.93
C VAL O 117 9.74 -42.39 8.89
N TYR O 118 9.68 -41.18 9.44
CA TYR O 118 10.81 -40.25 9.43
C TYR O 118 11.02 -39.73 10.84
N LYS O 119 12.19 -40.02 11.42
CA LYS O 119 12.49 -39.52 12.76
C LYS O 119 12.60 -38.01 12.78
N ALA O 120 12.88 -37.39 11.63
CA ALA O 120 13.04 -35.94 11.57
C ALA O 120 11.73 -35.20 11.80
N ALA O 121 10.59 -35.84 11.58
CA ALA O 121 9.30 -35.19 11.72
C ALA O 121 8.97 -34.80 13.15
N ASN O 122 9.65 -35.39 14.14
CA ASN O 122 9.27 -35.21 15.53
C ASN O 122 9.12 -33.74 15.90
N TRP O 123 10.14 -32.94 15.59
CA TRP O 123 10.05 -31.50 15.87
C TRP O 123 9.15 -30.80 14.88
N TYR O 124 9.18 -31.19 13.61
CA TYR O 124 8.40 -30.50 12.59
C TYR O 124 6.92 -30.49 12.94
N GLU O 125 6.37 -31.66 13.24
CA GLU O 125 4.97 -31.73 13.65
C GLU O 125 4.70 -30.88 14.87
N ARG O 126 5.63 -30.84 15.82
CA ARG O 126 5.44 -29.98 16.99
C ARG O 126 5.25 -28.53 16.57
N GLU O 127 6.08 -28.07 15.62
CA GLU O 127 5.91 -26.71 15.12
C GLU O 127 4.54 -26.53 14.50
N ILE O 128 4.09 -27.51 13.72
CA ILE O 128 2.75 -27.42 13.13
C ILE O 128 1.70 -27.39 14.23
N TRP O 129 1.94 -28.13 15.32
CA TRP O 129 1.02 -28.04 16.45
C TRP O 129 1.13 -26.68 17.12
N ASP O 130 2.35 -26.14 17.22
CA ASP O 130 2.55 -24.88 17.91
C ASP O 130 1.98 -23.71 17.11
N MET O 131 2.27 -23.68 15.81
CA MET O 131 1.96 -22.51 14.98
C MET O 131 0.57 -22.54 14.39
N PHE O 132 0.03 -23.73 14.10
CA PHE O 132 -1.25 -23.84 13.43
C PHE O 132 -2.32 -24.54 14.27
N GLY O 133 -1.94 -25.26 15.31
CA GLY O 133 -2.91 -25.96 16.12
C GLY O 133 -3.39 -27.26 15.54
N VAL O 134 -2.64 -27.87 14.63
CA VAL O 134 -3.00 -29.16 14.06
C VAL O 134 -2.49 -30.25 14.99
N PHE O 135 -3.40 -31.10 15.45
CA PHE O 135 -3.05 -32.18 16.36
C PHE O 135 -2.57 -33.39 15.56
N PHE O 136 -1.50 -34.02 16.03
CA PHE O 136 -0.95 -35.21 15.39
C PHE O 136 -1.11 -36.39 16.33
N ALA O 137 -1.80 -37.43 15.85
CA ALA O 137 -2.05 -38.60 16.67
C ALA O 137 -0.80 -39.46 16.78
N ASN O 138 -0.64 -40.07 17.95
CA ASN O 138 0.47 -40.99 18.23
C ASN O 138 1.83 -40.29 18.14
N HIS O 139 1.94 -39.12 18.77
CA HIS O 139 3.23 -38.46 18.83
C HIS O 139 3.92 -38.77 20.16
N PRO O 140 5.22 -39.10 20.13
CA PRO O 140 5.92 -39.45 21.36
C PRO O 140 5.86 -38.36 22.42
N ASP O 141 6.00 -37.10 22.04
CA ASP O 141 5.80 -35.99 22.98
C ASP O 141 5.38 -34.76 22.16
N LEU O 142 4.09 -34.45 22.20
CA LEU O 142 3.55 -33.29 21.50
C LEU O 142 3.34 -32.16 22.51
N ARG O 143 4.03 -31.05 22.29
CA ARG O 143 3.91 -29.88 23.13
C ARG O 143 4.37 -28.67 22.32
N ARG O 144 4.27 -27.49 22.94
CA ARG O 144 4.74 -26.28 22.27
C ARG O 144 6.26 -26.32 22.12
N ILE O 145 6.74 -25.77 21.01
CA ILE O 145 8.16 -25.77 20.69
C ILE O 145 8.71 -24.35 20.54
N LEU O 146 7.93 -23.45 19.94
CA LEU O 146 8.42 -22.12 19.58
C LEU O 146 7.83 -20.98 20.40
N THR O 147 6.57 -21.07 20.81
CA THR O 147 5.97 -19.97 21.56
C THR O 147 6.34 -20.04 23.04
N ASP O 148 6.00 -18.97 23.75
CA ASP O 148 6.27 -18.86 25.17
C ASP O 148 5.39 -19.83 25.96
N TYR O 149 5.85 -20.18 27.16
CA TYR O 149 5.08 -21.06 28.03
C TYR O 149 3.75 -20.40 28.39
N GLY O 150 2.67 -21.15 28.23
CA GLY O 150 1.35 -20.62 28.50
C GLY O 150 0.82 -19.67 27.46
N PHE O 151 1.44 -19.61 26.29
CA PHE O 151 0.96 -18.73 25.22
C PHE O 151 -0.31 -19.30 24.62
N GLU O 152 -1.37 -18.50 24.61
CA GLU O 152 -2.66 -18.92 24.08
C GLU O 152 -2.77 -18.52 22.61
N GLY O 153 -3.17 -19.46 21.79
CA GLY O 153 -3.37 -19.22 20.37
C GLY O 153 -2.31 -19.88 19.51
N HIS O 154 -2.50 -19.76 18.21
CA HIS O 154 -1.59 -20.32 17.21
C HIS O 154 -1.28 -19.23 16.20
N PRO O 155 -0.13 -18.56 16.32
CA PRO O 155 0.05 -17.28 15.61
C PRO O 155 0.07 -17.39 14.10
N PHE O 156 0.45 -18.54 13.54
CA PHE O 156 0.61 -18.63 12.09
C PHE O 156 -0.73 -18.74 11.36
N ARG O 157 -1.83 -18.84 12.09
CA ARG O 157 -3.14 -18.78 11.46
C ARG O 157 -3.39 -17.39 10.88
N LYS O 158 -4.15 -17.35 9.79
CA LYS O 158 -4.38 -16.09 9.10
C LYS O 158 -5.22 -15.14 9.95
N ASP O 159 -6.09 -15.68 10.81
CA ASP O 159 -6.96 -14.83 11.61
C ASP O 159 -6.28 -14.36 12.89
N PHE O 160 -5.10 -14.90 13.19
CA PHE O 160 -4.35 -14.41 14.34
C PHE O 160 -3.73 -13.06 14.01
N PRO O 161 -3.85 -12.07 14.89
CA PRO O 161 -3.29 -10.75 14.60
C PRO O 161 -1.76 -10.75 14.57
N LEU O 162 -1.21 -9.80 13.83
CA LEU O 162 0.24 -9.74 13.66
C LEU O 162 0.95 -9.53 14.98
N SER O 163 0.45 -8.63 15.82
CA SER O 163 1.10 -8.29 17.08
C SER O 163 0.55 -9.05 18.28
N GLY O 164 -0.36 -9.99 18.06
CA GLY O 164 -0.88 -10.78 19.16
C GLY O 164 -1.86 -10.01 20.02
N TYR O 165 -2.17 -10.58 21.19
CA TYR O 165 -3.14 -10.02 22.11
C TYR O 165 -2.54 -9.52 23.41
N VAL O 166 -1.34 -9.96 23.77
CA VAL O 166 -0.71 -9.58 25.03
C VAL O 166 0.72 -9.16 24.76
N GLU O 167 1.27 -8.39 25.71
CA GLU O 167 2.64 -7.91 25.68
C GLU O 167 3.21 -7.98 27.09
N LEU O 168 4.52 -8.07 27.17
CA LEU O 168 5.23 -8.26 28.43
C LEU O 168 5.98 -7.00 28.85
N ARG O 169 5.93 -6.71 30.14
CA ARG O 169 6.72 -5.63 30.73
C ARG O 169 7.05 -6.01 32.17
N TYR O 170 8.11 -5.42 32.69
CA TYR O 170 8.50 -5.66 34.06
C TYR O 170 7.76 -4.70 34.99
N ASP O 171 7.09 -5.25 36.00
CA ASP O 171 6.40 -4.45 37.01
C ASP O 171 7.19 -4.49 38.31
N ASP O 172 7.48 -3.31 38.84
CA ASP O 172 8.25 -3.17 40.07
C ASP O 172 7.41 -3.44 41.31
N GLU O 173 6.09 -3.18 41.25
CA GLU O 173 5.23 -3.42 42.40
C GLU O 173 5.19 -4.90 42.75
N VAL O 174 4.90 -5.75 41.76
CA VAL O 174 4.91 -7.19 41.98
C VAL O 174 6.29 -7.79 41.79
N LYS O 175 7.26 -6.99 41.33
CA LYS O 175 8.65 -7.41 41.19
C LYS O 175 8.79 -8.59 40.23
N ARG O 176 8.15 -8.50 39.07
CA ARG O 176 8.25 -9.59 38.11
C ARG O 176 7.78 -9.12 36.74
N VAL O 177 8.08 -9.93 35.74
CA VAL O 177 7.65 -9.65 34.37
C VAL O 177 6.22 -10.15 34.21
N VAL O 178 5.33 -9.25 33.80
CA VAL O 178 3.90 -9.53 33.70
C VAL O 178 3.43 -9.29 32.28
N ALA O 179 2.26 -9.85 31.97
CA ALA O 179 1.65 -9.76 30.65
C ALA O 179 0.35 -8.96 30.75
N GLU O 180 0.16 -8.06 29.80
CA GLU O 180 -1.00 -7.19 29.76
C GLU O 180 -1.56 -7.09 28.36
N PRO O 181 -2.80 -6.60 28.22
CA PRO O 181 -3.36 -6.48 26.87
C PRO O 181 -2.49 -5.55 26.04
N VAL O 182 -2.20 -5.94 24.81
CA VAL O 182 -1.32 -5.15 23.94
C VAL O 182 -1.81 -3.77 23.55
N GLU O 183 -0.90 -2.80 23.65
CA GLU O 183 -1.15 -1.43 23.25
C GLU O 183 0.06 -1.00 22.46
N LEU O 184 -0.14 -0.28 21.37
CA LEU O 184 0.96 0.14 20.53
C LEU O 184 1.08 1.66 20.45
N ALA O 185 2.29 2.18 20.62
CA ALA O 185 2.52 3.61 20.52
C ALA O 185 2.19 4.07 19.11
N GLN O 186 2.62 3.29 18.12
CA GLN O 186 2.28 3.55 16.74
C GLN O 186 1.67 2.27 16.18
N GLU O 187 0.50 2.39 15.58
CA GLU O 187 -0.21 1.28 14.99
C GLU O 187 0.47 0.88 13.70
N PHE O 188 0.49 -0.43 13.44
CA PHE O 188 0.99 -0.92 12.16
C PHE O 188 0.14 -0.33 11.04
N ARG O 189 0.80 0.27 10.06
CA ARG O 189 0.11 0.94 8.97
C ARG O 189 -0.15 -0.07 7.86
N LYS O 190 -1.43 -0.27 7.56
CA LYS O 190 -1.83 -1.23 6.52
C LYS O 190 -1.77 -0.55 5.16
N PHE O 191 -1.11 -1.20 4.21
CA PHE O 191 -0.97 -0.67 2.85
C PHE O 191 -1.81 -1.52 1.90
N ASP O 192 -2.63 -0.85 1.09
CA ASP O 192 -3.37 -1.51 0.02
C ASP O 192 -2.54 -1.39 -1.25
N LEU O 193 -1.85 -2.46 -1.60
CA LEU O 193 -0.86 -2.43 -2.67
C LEU O 193 -1.33 -3.04 -3.98
N ASN O 194 -2.32 -3.93 -3.94
CA ASN O 194 -2.71 -4.67 -5.12
C ASN O 194 -3.23 -3.73 -6.21
N SER O 195 -2.75 -3.94 -7.43
CA SER O 195 -3.16 -3.14 -8.57
C SER O 195 -4.53 -3.59 -9.09
N PRO O 196 -5.36 -2.65 -9.53
CA PRO O 196 -6.68 -3.02 -10.06
C PRO O 196 -6.67 -3.61 -11.46
N TRP O 197 -5.50 -3.89 -12.04
CA TRP O 197 -5.40 -4.53 -13.35
C TRP O 197 -4.65 -5.85 -13.18
N GLU O 198 -5.16 -6.91 -13.80
CA GLU O 198 -4.51 -8.21 -13.63
C GLU O 198 -3.18 -8.23 -14.37
N ALA O 199 -2.25 -9.03 -13.84
CA ALA O 199 -0.91 -9.11 -14.40
C ALA O 199 -0.72 -10.33 -15.30
N PHE O 200 -1.35 -11.45 -14.98
CA PHE O 200 -1.09 -12.72 -15.66
C PHE O 200 -2.38 -13.32 -16.20
N PRO O 201 -2.65 -13.18 -17.51
CA PRO O 201 -3.89 -13.74 -18.07
C PRO O 201 -3.96 -15.26 -18.02
N ALA O 202 -2.83 -15.94 -17.89
CA ALA O 202 -2.85 -17.40 -17.86
C ALA O 202 -3.54 -17.95 -16.63
N TYR O 203 -3.61 -17.18 -15.55
CA TYR O 203 -4.23 -17.61 -14.30
C TYR O 203 -5.62 -17.03 -14.11
N ARG O 204 -6.20 -16.43 -15.14
CA ARG O 204 -7.54 -15.88 -15.02
C ARG O 204 -8.54 -16.97 -14.67
N GLN O 205 -9.46 -16.64 -13.78
CA GLN O 205 -10.45 -17.58 -13.28
C GLN O 205 -11.76 -17.41 -14.02
N PRO O 206 -12.62 -18.43 -14.01
CA PRO O 206 -13.94 -18.33 -14.63
C PRO O 206 -14.69 -17.10 -14.15
N PRO O 207 -15.55 -16.51 -14.98
CA PRO O 207 -16.12 -15.20 -14.67
C PRO O 207 -17.19 -15.20 -13.58
N GLU O 208 -17.40 -16.32 -12.90
CA GLU O 208 -18.36 -16.40 -11.80
C GLU O 208 -19.77 -16.04 -12.25
N SER P 1 16.87 -40.63 41.74
CA SER P 1 16.51 -39.72 40.67
C SER P 1 17.72 -38.93 40.18
N ASN P 2 17.69 -38.55 38.90
CA ASN P 2 18.78 -37.78 38.33
C ASN P 2 18.67 -36.31 38.70
N LEU P 3 19.79 -35.60 38.56
CA LEU P 3 19.83 -34.17 38.83
C LEU P 3 19.45 -33.40 37.56
N THR P 4 18.48 -32.51 37.69
CA THR P 4 18.03 -31.69 36.57
C THR P 4 18.81 -30.39 36.54
N LEU P 5 19.38 -30.07 35.39
CA LEU P 5 20.25 -28.91 35.23
C LEU P 5 19.82 -28.10 34.02
N ASN P 6 19.99 -26.78 34.13
CA ASN P 6 19.68 -25.84 33.07
C ASN P 6 20.99 -25.41 32.42
N PHE P 7 21.17 -25.77 31.16
CA PHE P 7 22.32 -25.35 30.36
C PHE P 7 21.84 -24.20 29.48
N GLY P 8 22.23 -22.99 29.83
CA GLY P 8 21.75 -21.82 29.14
C GLY P 8 20.42 -21.34 29.69
N PRO P 9 19.87 -20.28 29.10
CA PRO P 9 20.40 -19.56 27.93
C PRO P 9 21.63 -18.69 28.23
N GLN P 10 21.79 -18.26 29.47
CA GLN P 10 22.95 -17.44 29.84
C GLN P 10 24.13 -18.34 30.17
N HIS P 11 24.65 -18.99 29.13
CA HIS P 11 25.79 -19.87 29.24
C HIS P 11 26.72 -19.57 28.08
N PRO P 12 28.02 -19.44 28.32
CA PRO P 12 28.96 -19.24 27.20
C PRO P 12 28.94 -20.37 26.18
N ALA P 13 28.67 -21.59 26.61
CA ALA P 13 28.68 -22.75 25.71
C ALA P 13 27.32 -23.03 25.09
N ALA P 14 26.31 -22.19 25.36
CA ALA P 14 24.99 -22.42 24.78
C ALA P 14 24.84 -21.85 23.39
N HIS P 15 25.87 -21.14 22.89
CA HIS P 15 25.85 -20.57 21.54
C HIS P 15 24.66 -19.66 21.33
N GLY P 16 24.28 -18.92 22.36
CA GLY P 16 23.15 -18.02 22.26
C GLY P 16 22.05 -18.32 23.26
N VAL P 17 20.81 -18.37 22.80
CA VAL P 17 19.65 -18.56 23.67
C VAL P 17 19.14 -19.98 23.45
N LEU P 18 19.64 -20.90 24.29
CA LEU P 18 19.20 -22.29 24.28
C LEU P 18 19.01 -22.72 25.73
N ARG P 19 17.88 -23.37 26.01
CA ARG P 19 17.63 -23.87 27.36
C ARG P 19 17.68 -25.39 27.32
N LEU P 20 18.87 -25.95 27.48
CA LEU P 20 19.05 -27.40 27.46
C LEU P 20 18.78 -27.93 28.87
N VAL P 21 17.64 -28.58 29.05
CA VAL P 21 17.28 -29.18 30.32
C VAL P 21 17.83 -30.60 30.31
N MET P 22 18.85 -30.86 31.12
CA MET P 22 19.51 -32.15 31.13
C MET P 22 19.28 -32.87 32.44
N GLU P 23 19.06 -34.18 32.36
CA GLU P 23 19.10 -35.03 33.54
C GLU P 23 20.48 -35.71 33.58
N LEU P 24 21.13 -35.62 34.73
CA LEU P 24 22.49 -36.07 34.91
C LEU P 24 22.55 -37.09 36.04
N SER P 25 23.28 -38.18 35.81
CA SER P 25 23.71 -39.08 36.87
C SER P 25 25.19 -38.84 37.10
N GLY P 26 25.51 -38.05 38.12
CA GLY P 26 26.85 -37.51 38.21
C GLY P 26 27.02 -36.48 37.12
N GLU P 27 28.06 -36.64 36.31
CA GLU P 27 28.24 -35.81 35.12
C GLU P 27 27.91 -36.57 33.84
N MET P 28 27.36 -37.77 33.95
CA MET P 28 26.93 -38.54 32.79
C MET P 28 25.53 -38.11 32.38
N VAL P 29 25.36 -37.80 31.12
CA VAL P 29 24.08 -37.29 30.61
C VAL P 29 23.13 -38.43 30.39
N ARG P 30 21.95 -38.35 31.02
CA ARG P 30 20.91 -39.34 30.84
C ARG P 30 19.86 -38.91 29.82
N LYS P 31 19.65 -37.61 29.66
CA LYS P 31 18.70 -37.08 28.69
C LYS P 31 18.95 -35.60 28.51
N CYS P 32 18.91 -35.16 27.25
CA CYS P 32 18.95 -33.75 26.87
C CYS P 32 17.61 -33.36 26.29
N ASP P 33 17.02 -32.28 26.81
CA ASP P 33 15.77 -31.73 26.28
C ASP P 33 16.06 -30.30 25.86
N PRO P 34 16.24 -30.06 24.56
CA PRO P 34 16.48 -28.68 24.09
C PRO P 34 15.18 -27.88 24.06
N HIS P 35 15.14 -26.80 24.83
CA HIS P 35 14.05 -25.84 24.77
C HIS P 35 14.52 -24.65 23.94
N ILE P 36 13.82 -24.41 22.85
CA ILE P 36 14.15 -23.37 21.88
C ILE P 36 12.97 -22.42 21.79
N GLY P 37 13.06 -21.44 20.90
CA GLY P 37 12.05 -20.42 20.80
C GLY P 37 12.32 -19.19 21.64
N LEU P 38 13.50 -19.11 22.25
CA LEU P 38 13.91 -17.91 22.95
C LEU P 38 14.39 -16.82 22.00
N LEU P 39 14.58 -17.16 20.72
CA LEU P 39 14.83 -16.19 19.66
C LEU P 39 13.81 -16.36 18.54
N HIS P 40 12.57 -16.67 18.90
CA HIS P 40 11.50 -16.76 17.92
C HIS P 40 10.84 -15.40 17.77
N GLY P 42 8.89 -14.51 15.06
CA GLY P 42 7.77 -14.58 14.14
C GLY P 42 8.11 -14.03 12.78
N THR P 43 9.23 -14.51 12.23
CA THR P 43 9.73 -13.97 10.96
C THR P 43 8.79 -14.29 9.80
N GLU P 44 8.20 -15.48 9.79
CA GLU P 44 7.37 -15.88 8.66
C GLU P 44 6.08 -15.08 8.60
N LYS P 45 5.42 -14.88 9.75
CA LYS P 45 4.24 -14.04 9.78
C LYS P 45 4.55 -12.61 9.39
N LEU P 46 5.71 -12.10 9.83
CA LEU P 46 6.12 -10.76 9.44
C LEU P 46 6.36 -10.65 7.94
N ILE P 47 6.96 -11.69 7.35
CA ILE P 47 7.17 -11.73 5.90
C ILE P 47 5.84 -11.71 5.16
N GLU P 48 4.83 -12.39 5.70
CA GLU P 48 3.53 -12.40 5.04
C GLU P 48 2.92 -11.01 4.89
N TYR P 49 3.48 -9.99 5.54
CA TYR P 49 2.97 -8.62 5.42
C TYR P 49 3.89 -7.71 4.62
N LYS P 50 4.89 -8.24 3.93
CA LYS P 50 5.85 -7.45 3.20
C LYS P 50 5.80 -7.79 1.71
N THR P 51 6.39 -6.92 0.90
CA THR P 51 6.62 -7.24 -0.49
C THR P 51 7.84 -8.14 -0.61
N TYR P 52 8.06 -8.66 -1.82
CA TYR P 52 9.16 -9.59 -2.03
C TYR P 52 10.52 -8.90 -1.83
N LEU P 53 10.62 -7.62 -2.16
CA LEU P 53 11.86 -6.89 -1.86
C LEU P 53 11.98 -6.57 -0.38
N GLN P 54 10.86 -6.22 0.27
CA GLN P 54 10.88 -5.88 1.68
C GLN P 54 11.25 -7.08 2.55
N ALA P 55 10.86 -8.29 2.14
CA ALA P 55 11.13 -9.48 2.93
C ALA P 55 12.55 -9.99 2.77
N LEU P 56 13.33 -9.44 1.84
CA LEU P 56 14.69 -9.92 1.63
C LEU P 56 15.60 -9.74 2.84
N PRO P 57 15.61 -8.60 3.54
CA PRO P 57 16.53 -8.46 4.68
C PRO P 57 16.27 -9.42 5.84
N TYR P 58 15.08 -10.03 5.90
CA TYR P 58 14.83 -11.01 6.95
C TYR P 58 15.79 -12.20 6.83
N PHE P 59 16.14 -12.57 5.60
CA PHE P 59 17.00 -13.74 5.41
C PHE P 59 18.43 -13.45 5.82
N ASP P 60 18.85 -12.18 5.75
CA ASP P 60 20.13 -11.80 6.36
C ASP P 60 20.12 -12.09 7.85
N ARG P 61 19.02 -11.81 8.52
CA ARG P 61 18.95 -11.98 9.96
C ARG P 61 18.65 -13.41 10.37
N LEU P 62 18.26 -14.26 9.41
CA LEU P 62 18.01 -15.66 9.75
C LEU P 62 19.28 -16.34 10.26
N ASP P 63 20.26 -16.54 9.39
CA ASP P 63 21.56 -17.09 9.78
C ASP P 63 22.55 -15.93 9.74
N TYR P 64 22.73 -15.26 10.87
CA TYR P 64 23.58 -14.08 10.91
C TYR P 64 25.06 -14.41 10.85
N VAL P 65 25.42 -15.66 10.53
CA VAL P 65 26.81 -16.00 10.25
C VAL P 65 27.05 -16.14 8.76
N SER P 66 26.04 -16.59 8.01
CA SER P 66 26.15 -16.80 6.57
C SER P 66 25.00 -16.04 5.88
N MET P 67 25.27 -14.80 5.49
CA MET P 67 24.20 -13.90 5.08
C MET P 67 23.92 -13.99 3.59
N MET P 68 24.96 -13.86 2.77
CA MET P 68 24.78 -13.91 1.32
C MET P 68 24.21 -15.25 0.89
N CYS P 69 24.45 -16.30 1.65
CA CYS P 69 23.88 -17.60 1.32
C CYS P 69 22.36 -17.61 1.47
N ASN P 70 21.85 -17.05 2.57
CA ASN P 70 20.41 -16.94 2.73
C ASN P 70 19.81 -16.05 1.65
N GLU P 71 20.48 -14.94 1.35
CA GLU P 71 20.02 -14.06 0.28
C GLU P 71 19.96 -14.82 -1.04
N GLN P 72 20.98 -15.62 -1.32
CA GLN P 72 21.03 -16.36 -2.58
C GLN P 72 19.92 -17.39 -2.67
N ALA P 73 19.63 -18.08 -1.56
CA ALA P 73 18.55 -19.07 -1.57
C ALA P 73 17.20 -18.40 -1.84
N TYR P 74 16.93 -17.31 -1.12
CA TYR P 74 15.66 -16.61 -1.32
C TYR P 74 15.55 -16.05 -2.73
N SER P 75 16.65 -15.49 -3.24
CA SER P 75 16.67 -14.94 -4.59
C SER P 75 16.44 -16.02 -5.63
N LEU P 76 17.04 -17.20 -5.43
CA LEU P 76 16.84 -18.31 -6.35
C LEU P 76 15.39 -18.75 -6.36
N ALA P 77 14.76 -18.82 -5.18
CA ALA P 77 13.35 -19.20 -5.13
C ALA P 77 12.47 -18.19 -5.86
N VAL P 78 12.71 -16.90 -5.62
CA VAL P 78 11.87 -15.88 -6.25
C VAL P 78 12.13 -15.83 -7.75
N GLU P 79 13.37 -16.04 -8.18
CA GLU P 79 13.68 -16.11 -9.61
C GLU P 79 12.98 -17.28 -10.26
N LYS P 80 12.97 -18.44 -9.59
CA LYS P 80 12.28 -19.60 -10.14
C LYS P 80 10.79 -19.33 -10.28
N LEU P 81 10.19 -18.69 -9.27
CA LEU P 81 8.77 -18.38 -9.37
C LEU P 81 8.48 -17.28 -10.38
N LEU P 82 9.44 -16.40 -10.66
CA LEU P 82 9.27 -15.32 -11.62
C LEU P 82 9.55 -15.74 -13.05
N ASN P 83 10.19 -16.89 -13.25
CA ASN P 83 10.60 -17.37 -14.58
C ASN P 83 11.57 -16.41 -15.25
N ILE P 84 12.47 -15.82 -14.47
CA ILE P 84 13.51 -14.95 -15.00
C ILE P 84 14.88 -15.56 -14.72
N GLN P 85 15.94 -14.97 -15.28
CA GLN P 85 17.28 -15.49 -15.15
C GLN P 85 18.26 -14.36 -14.83
N PRO P 86 19.11 -14.53 -13.81
CA PRO P 86 20.11 -13.51 -13.53
C PRO P 86 21.19 -13.49 -14.61
N PRO P 87 21.86 -12.36 -14.80
CA PRO P 87 22.93 -12.29 -15.81
C PRO P 87 24.15 -13.09 -15.35
N PRO P 88 25.01 -13.51 -16.29
CA PRO P 88 26.17 -14.32 -15.91
C PRO P 88 27.11 -13.66 -14.91
N ARG P 89 27.36 -12.36 -15.05
CA ARG P 89 28.24 -11.67 -14.11
C ARG P 89 27.64 -11.67 -12.71
N ALA P 90 26.32 -11.47 -12.62
CA ALA P 90 25.66 -11.56 -11.32
C ALA P 90 25.84 -12.93 -10.70
N GLN P 91 25.71 -13.99 -11.51
CA GLN P 91 25.87 -15.34 -10.99
C GLN P 91 27.28 -15.60 -10.51
N TRP P 92 28.29 -15.12 -11.25
CA TRP P 92 29.67 -15.31 -10.80
C TRP P 92 29.94 -14.55 -9.52
N ILE P 93 29.42 -13.32 -9.40
CA ILE P 93 29.57 -12.56 -8.16
C ILE P 93 28.88 -13.29 -7.02
N ARG P 94 27.71 -13.86 -7.28
CA ARG P 94 26.97 -14.60 -6.26
C ARG P 94 27.78 -15.78 -5.75
N VAL P 95 28.38 -16.55 -6.66
CA VAL P 95 29.16 -17.72 -6.25
C VAL P 95 30.41 -17.29 -5.49
N LEU P 96 31.07 -16.22 -5.96
CA LEU P 96 32.26 -15.72 -5.28
C LEU P 96 31.95 -15.32 -3.84
N PHE P 97 30.89 -14.53 -3.65
CA PHE P 97 30.57 -14.09 -2.31
C PHE P 97 29.94 -15.20 -1.48
N GLY P 98 29.33 -16.21 -2.11
CA GLY P 98 28.91 -17.38 -1.38
C GLY P 98 30.08 -18.15 -0.81
N GLU P 99 31.17 -18.26 -1.58
CA GLU P 99 32.36 -18.94 -1.06
C GLU P 99 33.04 -18.11 0.02
N ILE P 100 33.08 -16.78 -0.14
CA ILE P 100 33.62 -15.94 0.93
C ILE P 100 32.78 -16.10 2.20
N THR P 101 31.47 -16.17 2.04
CA THR P 101 30.57 -16.39 3.17
C THR P 101 30.80 -17.75 3.81
N ARG P 102 31.07 -18.77 2.98
CA ARG P 102 31.40 -20.09 3.51
C ARG P 102 32.66 -20.04 4.35
N LEU P 103 33.68 -19.31 3.89
CA LEU P 103 34.89 -19.14 4.68
C LEU P 103 34.59 -18.47 6.01
N LEU P 104 33.78 -17.41 5.99
CA LEU P 104 33.39 -16.73 7.22
C LEU P 104 32.70 -17.69 8.18
N ASN P 105 31.73 -18.45 7.68
CA ASN P 105 30.95 -19.35 8.53
C ASN P 105 31.82 -20.46 9.10
N HIS P 106 32.73 -21.02 8.29
CA HIS P 106 33.57 -22.10 8.79
C HIS P 106 34.57 -21.59 9.82
N ILE P 107 35.12 -20.39 9.61
CA ILE P 107 35.97 -19.80 10.64
C ILE P 107 35.21 -19.66 11.94
N MET P 108 34.00 -19.07 11.87
CA MET P 108 33.17 -18.88 13.06
C MET P 108 32.95 -20.21 13.77
N ALA P 109 32.50 -21.22 13.03
CA ALA P 109 32.15 -22.51 13.61
C ALA P 109 33.34 -23.18 14.26
N VAL P 110 34.45 -23.28 13.52
CA VAL P 110 35.63 -23.99 14.04
C VAL P 110 36.20 -23.27 15.25
N THR P 111 36.33 -21.94 15.16
CA THR P 111 36.96 -21.20 16.26
C THR P 111 36.12 -21.26 17.52
N THR P 112 34.79 -21.13 17.41
CA THR P 112 33.98 -21.22 18.63
C THR P 112 33.88 -22.65 19.15
N HIS P 113 33.92 -23.64 18.24
CA HIS P 113 33.98 -25.03 18.70
C HIS P 113 35.24 -25.28 19.51
N ALA P 114 36.37 -24.76 19.06
CA ALA P 114 37.61 -24.89 19.82
C ALA P 114 37.57 -24.06 21.10
N LEU P 115 36.89 -22.92 21.06
CA LEU P 115 36.75 -22.08 22.24
C LEU P 115 35.97 -22.79 23.34
N ASP P 116 34.92 -23.53 22.97
CA ASP P 116 34.18 -24.29 23.96
C ASP P 116 35.04 -25.36 24.61
N ILE P 117 35.85 -26.06 23.81
CA ILE P 117 36.73 -27.09 24.34
C ILE P 117 37.83 -26.53 25.21
N GLY P 118 38.25 -25.28 24.98
CA GLY P 118 39.28 -24.65 25.77
C GLY P 118 40.39 -24.01 24.97
N ALA P 119 40.34 -24.07 23.64
CA ALA P 119 41.35 -23.44 22.79
C ALA P 119 40.86 -22.05 22.41
N MET P 120 41.46 -21.05 23.06
CA MET P 120 40.94 -19.68 22.95
C MET P 120 41.69 -18.88 21.89
N THR P 121 42.87 -19.33 21.49
CA THR P 121 43.74 -18.49 20.66
C THR P 121 43.39 -18.51 19.17
N PRO P 122 43.08 -19.63 18.54
CA PRO P 122 42.73 -19.57 17.10
C PRO P 122 41.54 -18.69 16.80
N PHE P 123 40.64 -18.52 17.77
CA PHE P 123 39.55 -17.56 17.60
C PHE P 123 40.09 -16.18 17.27
N PHE P 124 41.03 -15.70 18.08
CA PHE P 124 41.64 -14.39 17.83
C PHE P 124 42.43 -14.39 16.53
N TRP P 125 43.12 -15.50 16.23
CA TRP P 125 43.92 -15.53 15.01
C TRP P 125 43.06 -15.39 13.77
N MET P 126 41.91 -16.06 13.74
CA MET P 126 41.08 -16.10 12.54
C MET P 126 40.04 -14.98 12.47
N PHE P 127 39.74 -14.33 13.59
CA PHE P 127 38.78 -13.23 13.46
C PHE P 127 39.37 -11.99 12.82
N GLU P 128 40.70 -11.89 12.70
CA GLU P 128 41.27 -10.83 11.86
C GLU P 128 40.94 -11.06 10.39
N GLU P 129 41.04 -12.31 9.93
CA GLU P 129 40.62 -12.64 8.58
C GLU P 129 39.12 -12.42 8.41
N ARG P 130 38.34 -12.76 9.43
CA ARG P 130 36.91 -12.46 9.39
C ARG P 130 36.65 -10.96 9.26
N GLU P 131 37.46 -10.14 9.94
CA GLU P 131 37.31 -8.69 9.84
C GLU P 131 37.65 -8.20 8.44
N LYS P 132 38.69 -8.76 7.81
CA LYS P 132 38.99 -8.39 6.43
C LYS P 132 37.85 -8.77 5.48
N MET P 133 37.23 -9.93 5.72
CA MET P 133 36.10 -10.32 4.89
C MET P 133 34.89 -9.41 5.10
N PHE P 134 34.66 -8.95 6.34
CA PHE P 134 33.65 -7.93 6.54
C PHE P 134 34.00 -6.63 5.84
N GLU P 135 35.29 -6.33 5.72
CA GLU P 135 35.68 -5.16 4.93
C GLU P 135 35.29 -5.35 3.47
N PHE P 136 35.47 -6.56 2.94
CA PHE P 136 34.99 -6.85 1.58
C PHE P 136 33.48 -6.64 1.48
N TYR P 137 32.74 -7.18 2.44
CA TYR P 137 31.29 -7.02 2.47
C TYR P 137 30.90 -5.55 2.45
N GLU P 138 31.51 -4.76 3.33
CA GLU P 138 31.18 -3.35 3.44
C GLU P 138 31.54 -2.59 2.17
N ARG P 139 32.67 -2.93 1.55
CA ARG P 139 33.07 -2.26 0.32
C ARG P 139 32.09 -2.54 -0.80
N VAL P 140 31.58 -3.77 -0.88
CA VAL P 140 30.67 -4.08 -1.98
C VAL P 140 29.24 -3.59 -1.69
N SER P 141 28.87 -3.48 -0.42
CA SER P 141 27.46 -3.25 -0.10
C SER P 141 27.23 -2.00 0.74
N GLY P 142 28.14 -1.71 1.66
CA GLY P 142 27.94 -0.65 2.63
C GLY P 142 27.57 -1.12 4.02
N ALA P 143 27.42 -2.42 4.23
CA ALA P 143 27.16 -2.98 5.55
C ALA P 143 28.16 -4.11 5.77
N ARG P 144 28.61 -4.27 7.03
CA ARG P 144 29.67 -5.23 7.31
C ARG P 144 29.15 -6.67 7.26
N MET P 145 27.93 -6.91 7.73
CA MET P 145 27.38 -8.25 7.68
C MET P 145 26.01 -8.35 7.02
N HIS P 146 25.10 -7.43 7.27
CA HIS P 146 23.75 -7.49 6.72
C HIS P 146 23.72 -6.69 5.43
N ALA P 147 24.22 -7.31 4.36
CA ALA P 147 24.48 -6.57 3.13
C ALA P 147 23.20 -6.27 2.37
N ALA P 148 22.29 -7.24 2.29
CA ALA P 148 21.14 -7.20 1.37
C ALA P 148 21.60 -7.02 -0.07
N TYR P 149 22.80 -7.51 -0.38
CA TYR P 149 23.40 -7.31 -1.69
C TYR P 149 22.74 -8.16 -2.76
N ILE P 150 22.49 -9.44 -2.45
CA ILE P 150 21.93 -10.36 -3.42
C ILE P 150 20.42 -10.16 -3.48
N ARG P 151 19.92 -9.89 -4.68
CA ARG P 151 18.52 -9.57 -4.92
C ARG P 151 17.91 -10.64 -5.80
N PRO P 152 16.57 -10.73 -5.85
CA PRO P 152 15.93 -11.77 -6.66
C PRO P 152 15.99 -11.51 -8.17
N GLY P 153 16.89 -10.64 -8.62
CA GLY P 153 17.14 -10.48 -10.04
C GLY P 153 18.61 -10.44 -10.37
N GLY P 154 19.45 -10.61 -9.35
CA GLY P 154 20.88 -10.48 -9.52
C GLY P 154 21.52 -9.91 -8.27
N VAL P 155 22.28 -8.82 -8.41
CA VAL P 155 22.86 -8.11 -7.28
C VAL P 155 22.46 -6.64 -7.38
N HIS P 156 22.69 -5.91 -6.28
CA HIS P 156 22.23 -4.52 -6.22
C HIS P 156 23.15 -3.60 -7.00
N GLN P 157 24.44 -3.66 -6.73
CA GLN P 157 25.42 -2.77 -7.37
C GLN P 157 26.57 -3.60 -7.92
N ASP P 158 27.35 -2.99 -8.79
CA ASP P 158 28.53 -3.65 -9.31
C ASP P 158 29.69 -3.52 -8.33
N LEU P 159 30.70 -4.37 -8.55
CA LEU P 159 31.89 -4.32 -7.71
C LEU P 159 32.63 -2.99 -7.92
N PRO P 160 33.14 -2.38 -6.86
CA PRO P 160 34.00 -1.21 -7.04
C PRO P 160 35.30 -1.58 -7.72
N LEU P 161 35.92 -0.57 -8.34
CA LEU P 161 37.05 -0.81 -9.25
C LEU P 161 38.32 -1.32 -8.59
N GLY P 162 38.39 -1.67 -7.31
CA GLY P 162 39.60 -2.25 -6.77
C GLY P 162 39.34 -3.46 -5.91
N LEU P 163 38.12 -4.00 -5.96
CA LEU P 163 37.73 -5.06 -5.04
C LEU P 163 38.37 -6.39 -5.42
N LEU P 164 38.42 -6.71 -6.72
CA LEU P 164 38.95 -8.02 -7.12
C LEU P 164 40.41 -8.18 -6.74
N ASP P 165 41.20 -7.12 -6.92
CA ASP P 165 42.62 -7.19 -6.54
C ASP P 165 42.77 -7.42 -5.04
N ASP P 166 41.97 -6.74 -4.23
CA ASP P 166 42.06 -6.92 -2.78
C ASP P 166 41.61 -8.30 -2.35
N ILE P 167 40.58 -8.84 -3.00
CA ILE P 167 40.15 -10.20 -2.71
C ILE P 167 41.26 -11.18 -3.08
N TYR P 168 41.95 -10.93 -4.19
CA TYR P 168 43.08 -11.78 -4.55
C TYR P 168 44.20 -11.71 -3.52
N GLU P 169 44.55 -10.50 -3.06
CA GLU P 169 45.60 -10.36 -2.07
C GLU P 169 45.23 -11.05 -0.77
N PHE P 170 43.96 -10.99 -0.39
CA PHE P 170 43.51 -11.74 0.78
C PHE P 170 43.63 -13.24 0.55
N SER P 171 43.28 -13.71 -0.65
CA SER P 171 43.13 -15.13 -0.90
C SER P 171 44.44 -15.89 -0.95
N LYS P 172 45.55 -15.22 -1.28
CA LYS P 172 46.82 -15.93 -1.41
C LYS P 172 47.55 -16.08 -0.08
N ASN P 173 46.99 -15.57 1.02
CA ASN P 173 47.60 -15.70 2.33
C ASN P 173 46.76 -16.49 3.32
N PHE P 174 45.54 -16.89 2.96
CA PHE P 174 44.64 -17.53 3.91
C PHE P 174 45.02 -18.98 4.19
N SER P 175 45.66 -19.63 3.23
CA SER P 175 46.07 -21.03 3.43
C SER P 175 47.08 -21.14 4.57
N PHE P 176 47.95 -20.14 4.74
CA PHE P 176 48.85 -20.16 5.87
C PHE P 176 48.11 -20.03 7.19
N ARG P 177 47.05 -19.23 7.25
CA ARG P 177 46.24 -19.16 8.46
C ARG P 177 45.58 -20.50 8.76
N ILE P 178 45.06 -21.17 7.72
CA ILE P 178 44.49 -22.50 7.93
C ILE P 178 45.56 -23.46 8.43
N ASP P 179 46.77 -23.34 7.89
CA ASP P 179 47.86 -24.23 8.29
C ASP P 179 48.23 -24.02 9.76
N GLU P 180 48.27 -22.77 10.20
CA GLU P 180 48.59 -22.49 11.60
C GLU P 180 47.48 -22.99 12.52
N LEU P 181 46.22 -22.82 12.11
CA LEU P 181 45.11 -23.40 12.89
C LEU P 181 45.24 -24.91 12.98
N GLU P 182 45.58 -25.57 11.87
CA GLU P 182 45.74 -27.01 11.87
C GLU P 182 46.92 -27.46 12.72
N GLU P 183 48.00 -26.68 12.71
CA GLU P 183 49.12 -26.98 13.59
C GLU P 183 48.70 -26.91 15.05
N MET P 184 47.81 -25.98 15.38
CA MET P 184 47.32 -25.92 16.75
C MET P 184 46.42 -27.10 17.08
N LEU P 185 45.54 -27.51 16.16
CA LEU P 185 44.46 -28.42 16.52
C LEU P 185 44.58 -29.82 15.95
N THR P 186 45.00 -29.98 14.70
CA THR P 186 44.78 -31.26 14.00
C THR P 186 45.51 -32.42 14.67
N ASN P 187 46.80 -32.23 14.98
CA ASN P 187 47.60 -33.31 15.54
C ASN P 187 47.74 -33.23 17.06
N ASN P 188 47.11 -32.25 17.70
CA ASN P 188 47.12 -32.17 19.14
C ASN P 188 46.41 -33.38 19.74
N ARG P 189 47.03 -34.00 20.75
CA ARG P 189 46.42 -35.18 21.35
C ARG P 189 45.27 -34.81 22.27
N ILE P 190 45.34 -33.65 22.93
CA ILE P 190 44.22 -33.20 23.75
C ILE P 190 43.00 -32.96 22.88
N TRP P 191 43.19 -32.31 21.73
CA TRP P 191 42.08 -32.07 20.81
C TRP P 191 41.46 -33.38 20.33
N ARG P 192 42.30 -34.37 20.04
CA ARG P 192 41.77 -35.66 19.59
C ARG P 192 41.01 -36.38 20.70
N ASN P 193 41.58 -36.44 21.90
CA ASN P 193 40.84 -37.06 23.01
C ASN P 193 39.54 -36.33 23.30
N ARG P 194 39.48 -35.03 23.01
CA ARG P 194 38.22 -34.32 23.20
C ARG P 194 37.22 -34.59 22.07
N THR P 195 37.70 -34.82 20.84
CA THR P 195 36.80 -34.88 19.69
C THR P 195 36.67 -36.26 19.07
N VAL P 196 37.65 -37.14 19.20
CA VAL P 196 37.60 -38.44 18.52
C VAL P 196 36.58 -39.33 19.19
N ASP P 197 35.74 -39.98 18.38
CA ASP P 197 34.72 -40.92 18.85
C ASP P 197 33.70 -40.26 19.77
N ILE P 198 33.44 -38.97 19.56
CA ILE P 198 32.46 -38.21 20.31
C ILE P 198 31.32 -37.84 19.37
N GLY P 199 30.10 -38.21 19.75
CA GLY P 199 28.95 -37.94 18.92
C GLY P 199 28.94 -38.68 17.61
N VAL P 200 29.27 -39.98 17.66
CA VAL P 200 29.27 -40.79 16.45
C VAL P 200 27.84 -41.08 16.01
N VAL P 201 27.53 -40.78 14.76
CA VAL P 201 26.21 -41.04 14.19
C VAL P 201 26.38 -41.83 12.91
N THR P 202 25.56 -42.87 12.75
CA THR P 202 25.61 -43.72 11.57
C THR P 202 24.95 -43.02 10.38
N ALA P 203 25.29 -43.50 9.18
CA ALA P 203 24.80 -42.87 7.96
C ALA P 203 23.29 -43.01 7.84
N GLU P 204 22.75 -44.19 8.14
CA GLU P 204 21.31 -44.39 8.01
C GLU P 204 20.53 -43.56 9.03
N ASP P 205 21.03 -43.49 10.27
CA ASP P 205 20.40 -42.65 11.26
C ASP P 205 20.46 -41.18 10.87
N ALA P 206 21.59 -40.75 10.29
CA ALA P 206 21.70 -39.37 9.82
C ALA P 206 20.69 -39.10 8.71
N LEU P 207 20.51 -40.05 7.80
CA LEU P 207 19.55 -39.87 6.72
C LEU P 207 18.12 -39.79 7.26
N ASN P 208 17.78 -40.65 8.22
CA ASN P 208 16.42 -40.66 8.73
C ASN P 208 16.14 -39.46 9.64
N TYR P 209 17.16 -38.94 10.29
CA TYR P 209 16.97 -37.80 11.19
C TYR P 209 16.99 -36.47 10.48
N GLY P 210 17.17 -36.45 9.17
CA GLY P 210 17.09 -35.22 8.41
C GLY P 210 18.35 -34.38 8.41
N PHE P 211 19.51 -34.98 8.64
CA PHE P 211 20.76 -34.23 8.65
C PHE P 211 21.14 -33.82 7.24
N SER P 212 22.07 -32.87 7.14
CA SER P 212 22.53 -32.39 5.86
C SER P 212 23.91 -31.77 6.03
N GLY P 213 24.59 -31.57 4.90
CA GLY P 213 25.90 -30.95 4.93
C GLY P 213 26.95 -31.86 5.54
N VAL P 214 27.84 -31.24 6.32
CA VAL P 214 28.94 -31.99 6.95
C VAL P 214 28.39 -33.10 7.85
N MET P 215 27.25 -32.86 8.50
CA MET P 215 26.64 -33.87 9.35
C MET P 215 26.42 -35.18 8.59
N LEU P 216 26.16 -35.09 7.29
CA LEU P 216 26.12 -36.29 6.45
C LEU P 216 27.52 -36.75 6.05
N ARG P 217 28.36 -35.84 5.58
CA ARG P 217 29.64 -36.21 5.02
C ARG P 217 30.61 -36.71 6.08
N GLY P 218 30.39 -36.36 7.35
CA GLY P 218 31.15 -36.98 8.42
C GLY P 218 30.92 -38.47 8.54
N SER P 219 29.72 -38.93 8.19
CA SER P 219 29.38 -40.34 8.25
C SER P 219 29.78 -41.09 6.98
N GLY P 220 30.35 -40.41 6.00
CA GLY P 220 30.77 -41.05 4.77
C GLY P 220 29.77 -41.02 3.65
N ILE P 221 28.68 -40.27 3.78
CA ILE P 221 27.70 -40.15 2.71
C ILE P 221 28.20 -39.17 1.67
N GLN P 222 28.24 -39.59 0.42
CA GLN P 222 28.73 -38.76 -0.68
C GLN P 222 27.58 -37.95 -1.23
N TRP P 223 27.32 -36.81 -0.60
CA TRP P 223 26.22 -35.93 -1.02
C TRP P 223 26.63 -34.48 -0.83
N ASP P 224 26.50 -33.70 -1.89
CA ASP P 224 26.72 -32.26 -1.85
C ASP P 224 25.82 -31.61 -2.89
N LEU P 225 25.04 -30.61 -2.47
CA LEU P 225 24.06 -30.02 -3.38
C LEU P 225 24.73 -29.27 -4.51
N ARG P 226 25.88 -28.63 -4.26
CA ARG P 226 26.58 -27.91 -5.33
C ARG P 226 27.07 -28.85 -6.43
N LYS P 227 27.26 -30.13 -6.11
CA LYS P 227 27.72 -31.11 -7.09
C LYS P 227 26.56 -31.88 -7.73
N THR P 228 25.53 -32.18 -6.95
CA THR P 228 24.42 -32.99 -7.43
C THR P 228 23.29 -32.14 -8.03
N GLN P 229 22.98 -31.01 -7.42
CA GLN P 229 21.92 -30.11 -7.90
C GLN P 229 22.46 -28.69 -7.94
N PRO P 230 23.35 -28.39 -8.90
CA PRO P 230 23.90 -27.04 -8.98
C PRO P 230 22.83 -25.99 -9.27
N TYR P 231 23.01 -24.81 -8.68
CA TYR P 231 22.02 -23.74 -8.77
C TYR P 231 22.57 -22.44 -9.34
N ASP P 232 23.84 -22.40 -9.72
CA ASP P 232 24.49 -21.22 -10.26
C ASP P 232 25.59 -21.69 -11.21
N VAL P 233 26.58 -20.85 -11.42
CA VAL P 233 27.76 -21.19 -12.21
C VAL P 233 28.61 -22.21 -11.45
N TYR P 234 28.08 -22.74 -10.34
CA TYR P 234 28.77 -23.79 -9.59
C TYR P 234 29.12 -25.00 -10.45
N ASP P 235 28.33 -25.27 -11.50
CA ASP P 235 28.65 -26.38 -12.39
C ASP P 235 29.84 -26.10 -13.30
N GLN P 236 30.44 -24.91 -13.20
CA GLN P 236 31.60 -24.53 -13.98
C GLN P 236 32.87 -24.40 -13.15
N VAL P 237 32.80 -24.60 -11.84
CA VAL P 237 33.98 -24.56 -10.99
C VAL P 237 34.35 -25.99 -10.61
N GLU P 238 35.60 -26.17 -10.22
CA GLU P 238 36.15 -27.48 -9.89
C GLU P 238 36.59 -27.49 -8.43
N PHE P 239 36.13 -28.49 -7.68
CA PHE P 239 36.50 -28.64 -6.29
C PHE P 239 36.18 -30.06 -5.85
N ASP P 240 36.72 -30.44 -4.69
CA ASP P 240 36.52 -31.76 -4.14
C ASP P 240 35.64 -31.68 -2.89
N VAL P 241 34.87 -32.74 -2.65
CA VAL P 241 33.98 -32.83 -1.50
C VAL P 241 34.70 -33.62 -0.41
N PRO P 242 34.99 -33.02 0.74
CA PRO P 242 35.61 -33.80 1.83
C PRO P 242 34.62 -34.78 2.42
N ILE P 243 35.09 -36.01 2.63
CA ILE P 243 34.24 -37.12 3.09
C ILE P 243 34.88 -37.75 4.31
N GLY P 244 34.10 -37.89 5.38
CA GLY P 244 34.59 -38.49 6.61
C GLY P 244 34.48 -40.01 6.60
N SER P 245 34.94 -40.61 7.70
CA SER P 245 34.97 -42.07 7.79
C SER P 245 34.34 -42.59 9.07
N ARG P 246 34.50 -41.86 10.18
CA ARG P 246 34.09 -42.35 11.49
C ARG P 246 32.82 -41.69 12.02
N GLY P 247 32.36 -40.60 11.41
CA GLY P 247 31.13 -39.98 11.84
C GLY P 247 31.19 -39.28 13.18
N ASP P 248 32.37 -38.83 13.60
CA ASP P 248 32.56 -38.22 14.90
C ASP P 248 32.95 -36.76 14.74
N CYS P 249 33.24 -36.12 15.88
CA CYS P 249 33.56 -34.69 15.89
C CYS P 249 34.86 -34.39 15.14
N TYR P 250 35.87 -35.25 15.31
CA TYR P 250 37.16 -35.02 14.68
C TYR P 250 37.06 -35.07 13.16
N ASP P 251 36.31 -36.04 12.64
CA ASP P 251 36.13 -36.14 11.20
C ASP P 251 35.41 -34.93 10.64
N ARG P 252 34.41 -34.43 11.37
CA ARG P 252 33.69 -33.24 10.90
C ARG P 252 34.56 -32.00 10.97
N TYR P 253 35.43 -31.90 11.97
CA TYR P 253 36.39 -30.80 12.01
C TYR P 253 37.32 -30.84 10.82
N LEU P 254 37.84 -32.03 10.49
CA LEU P 254 38.70 -32.16 9.32
C LEU P 254 37.95 -31.81 8.04
N CYS P 255 36.68 -32.22 7.95
CA CYS P 255 35.87 -31.92 6.79
C CYS P 255 35.68 -30.41 6.63
N ARG P 256 35.42 -29.70 7.73
CA ARG P 256 35.24 -28.25 7.64
C ARG P 256 36.53 -27.56 7.24
N VAL P 257 37.68 -28.01 7.75
CA VAL P 257 38.94 -27.42 7.33
C VAL P 257 39.19 -27.64 5.85
N GLU P 258 38.93 -28.85 5.35
CA GLU P 258 39.13 -29.11 3.94
C GLU P 258 38.12 -28.36 3.08
N GLU P 259 36.92 -28.11 3.60
CA GLU P 259 35.97 -27.27 2.89
C GLU P 259 36.46 -25.83 2.81
N MET P 260 37.14 -25.35 3.84
CA MET P 260 37.78 -24.04 3.73
C MET P 260 38.81 -24.03 2.61
N ARG P 261 39.63 -25.08 2.53
CA ARG P 261 40.62 -25.14 1.45
C ARG P 261 39.96 -25.16 0.07
N GLN P 262 38.90 -25.95 -0.08
CA GLN P 262 38.19 -26.00 -1.36
C GLN P 262 37.49 -24.69 -1.68
N SER P 263 37.03 -23.97 -0.65
CA SER P 263 36.46 -22.65 -0.87
C SER P 263 37.51 -21.67 -1.40
N LEU P 264 38.74 -21.77 -0.86
CA LEU P 264 39.83 -20.99 -1.44
C LEU P 264 40.04 -21.32 -2.91
N ARG P 265 39.99 -22.62 -3.23
CA ARG P 265 40.13 -23.05 -4.63
C ARG P 265 39.04 -22.43 -5.51
N ILE P 266 37.79 -22.51 -5.07
CA ILE P 266 36.67 -21.97 -5.86
C ILE P 266 36.78 -20.46 -5.99
N ILE P 267 37.25 -19.79 -4.93
CA ILE P 267 37.41 -18.35 -4.97
C ILE P 267 38.46 -17.96 -6.02
N SER P 268 39.56 -18.71 -6.07
CA SER P 268 40.57 -18.47 -7.10
C SER P 268 39.96 -18.61 -8.49
N GLN P 269 39.20 -19.68 -8.71
CA GLN P 269 38.58 -19.88 -10.02
C GLN P 269 37.61 -18.76 -10.37
N CYS P 270 36.82 -18.31 -9.39
CA CYS P 270 35.87 -17.23 -9.63
C CYS P 270 36.58 -15.92 -9.95
N LEU P 271 37.69 -15.64 -9.26
CA LEU P 271 38.46 -14.46 -9.56
C LEU P 271 39.03 -14.51 -10.98
N ASN P 272 39.40 -15.70 -11.44
CA ASN P 272 39.95 -15.81 -12.79
C ASN P 272 38.89 -15.70 -13.87
N LYS P 273 37.67 -16.16 -13.62
CA LYS P 273 36.65 -16.31 -14.66
C LYS P 273 35.52 -15.30 -14.54
N MET P 274 35.76 -14.15 -13.94
CA MET P 274 34.72 -13.13 -13.82
C MET P 274 34.41 -12.54 -15.18
N PRO P 275 33.19 -12.63 -15.68
CA PRO P 275 32.87 -12.10 -16.99
C PRO P 275 32.35 -10.67 -16.89
N PRO P 276 32.39 -9.91 -17.99
CA PRO P 276 31.79 -8.59 -17.99
C PRO P 276 30.29 -8.64 -18.29
N GLY P 277 29.66 -7.48 -18.19
CA GLY P 277 28.25 -7.34 -18.51
C GLY P 277 27.49 -6.71 -17.38
N GLU P 278 26.17 -6.78 -17.48
CA GLU P 278 25.30 -6.20 -16.49
C GLU P 278 25.21 -7.09 -15.25
N ILE P 279 24.67 -6.52 -14.18
CA ILE P 279 24.65 -7.16 -12.86
C ILE P 279 23.27 -7.59 -12.42
N LYS P 280 22.21 -7.13 -13.09
CA LYS P 280 20.86 -7.51 -12.75
C LYS P 280 20.08 -7.73 -14.03
N VAL P 281 19.01 -8.51 -13.94
CA VAL P 281 18.25 -8.87 -15.11
C VAL P 281 17.79 -7.61 -15.83
N ASP P 282 17.93 -7.61 -17.15
CA ASP P 282 17.61 -6.42 -17.96
C ASP P 282 16.12 -6.40 -18.25
N ASP P 283 15.34 -6.36 -17.17
CA ASP P 283 13.88 -6.40 -17.23
C ASP P 283 13.39 -5.46 -16.14
N ALA P 284 13.03 -4.24 -16.53
CA ALA P 284 12.71 -3.19 -15.56
C ALA P 284 11.43 -3.46 -14.79
N LYS P 285 10.64 -4.44 -15.20
CA LYS P 285 9.44 -4.82 -14.44
C LYS P 285 9.76 -5.76 -13.29
N VAL P 286 11.02 -6.17 -13.14
CA VAL P 286 11.48 -6.95 -12.00
C VAL P 286 12.59 -6.24 -11.25
N SER P 287 13.60 -5.75 -11.98
CA SER P 287 14.73 -5.06 -11.38
C SER P 287 14.63 -3.56 -11.65
N PRO P 288 15.00 -2.72 -10.68
CA PRO P 288 14.87 -1.28 -10.87
C PRO P 288 15.78 -0.79 -11.98
N PRO P 289 15.37 0.22 -12.74
CA PRO P 289 16.27 0.82 -13.73
C PRO P 289 17.35 1.65 -13.07
N LYS P 290 18.36 1.99 -13.85
CA LYS P 290 19.44 2.82 -13.37
C LYS P 290 18.94 4.24 -13.08
N ARG P 291 19.55 4.87 -12.08
CA ARG P 291 19.04 6.14 -11.58
C ARG P 291 19.05 7.23 -12.65
N ALA P 292 20.04 7.20 -13.55
CA ALA P 292 20.07 8.18 -14.64
C ALA P 292 18.85 8.02 -15.55
N GLU P 293 18.54 6.78 -15.93
CA GLU P 293 17.36 6.53 -16.74
C GLU P 293 16.09 6.87 -16.00
N MET P 294 16.03 6.58 -14.69
CA MET P 294 14.88 6.95 -13.89
C MET P 294 14.68 8.47 -13.88
N LYS P 295 15.78 9.22 -13.87
CA LYS P 295 15.70 10.67 -13.84
C LYS P 295 15.60 11.31 -15.22
N THR P 296 15.70 10.52 -16.30
CA THR P 296 15.58 11.07 -17.64
C THR P 296 14.51 10.42 -18.50
N SER P 297 13.94 9.29 -18.09
CA SER P 297 13.01 8.54 -18.93
C SER P 297 11.68 8.34 -18.21
N MET P 298 10.60 8.44 -18.98
CA MET P 298 9.26 8.32 -18.39
C MET P 298 8.97 6.89 -17.94
N GLU P 299 9.23 5.91 -18.80
CA GLU P 299 8.98 4.52 -18.44
C GLU P 299 9.84 4.09 -17.26
N SER P 300 11.10 4.52 -17.25
CA SER P 300 11.98 4.19 -16.14
C SER P 300 11.45 4.76 -14.83
N LEU P 301 10.97 6.01 -14.86
CA LEU P 301 10.41 6.61 -13.65
C LEU P 301 9.15 5.88 -13.19
N ILE P 302 8.26 5.53 -14.13
CA ILE P 302 7.05 4.80 -13.75
C ILE P 302 7.41 3.47 -13.11
N HIS P 303 8.36 2.75 -13.72
CA HIS P 303 8.72 1.43 -13.20
C HIS P 303 9.44 1.54 -11.87
N HIS P 304 10.28 2.57 -11.68
CA HIS P 304 10.89 2.81 -10.38
C HIS P 304 9.84 3.06 -9.30
N PHE P 305 8.87 3.93 -9.62
CA PHE P 305 7.79 4.21 -8.69
C PHE P 305 7.04 2.94 -8.30
N LYS P 306 6.62 2.16 -9.30
CA LYS P 306 5.79 1.00 -9.03
C LYS P 306 6.59 -0.13 -8.38
N LEU P 307 7.90 -0.20 -8.62
CA LEU P 307 8.70 -1.22 -7.98
C LEU P 307 9.00 -0.88 -6.53
N TYR P 308 9.18 0.40 -6.21
CA TYR P 308 9.50 0.76 -4.85
C TYR P 308 8.29 1.08 -3.99
N THR P 309 7.09 1.16 -4.58
CA THR P 309 5.87 1.30 -3.79
C THR P 309 5.14 -0.03 -3.63
N GLU P 310 4.79 -0.67 -4.74
CA GLU P 310 4.05 -1.92 -4.72
C GLU P 310 4.95 -3.14 -4.87
N GLY P 311 5.93 -3.09 -5.77
CA GLY P 311 6.77 -4.23 -6.06
C GLY P 311 6.20 -5.07 -7.20
N TYR P 312 7.06 -5.95 -7.72
CA TYR P 312 6.66 -6.82 -8.81
C TYR P 312 5.69 -7.89 -8.31
N GLN P 313 4.72 -8.23 -9.14
CA GLN P 313 3.82 -9.33 -8.86
C GLN P 313 4.45 -10.62 -9.35
N VAL P 314 4.40 -11.64 -8.51
CA VAL P 314 4.96 -12.95 -8.82
C VAL P 314 3.82 -13.87 -9.25
N PRO P 315 3.97 -14.63 -10.34
CA PRO P 315 2.89 -15.51 -10.75
C PRO P 315 2.57 -16.53 -9.69
N PRO P 316 1.30 -16.92 -9.56
CA PRO P 316 0.92 -17.87 -8.50
C PRO P 316 1.63 -19.21 -8.63
N GLY P 317 1.95 -19.80 -7.50
CA GLY P 317 2.60 -21.10 -7.49
C GLY P 317 3.40 -21.31 -6.23
N ALA P 318 3.85 -22.54 -6.06
CA ALA P 318 4.63 -22.91 -4.88
C ALA P 318 5.93 -23.56 -5.32
N THR P 319 7.00 -23.24 -4.61
CA THR P 319 8.30 -23.83 -4.91
C THR P 319 9.00 -24.20 -3.60
N TYR P 320 9.85 -25.21 -3.67
CA TYR P 320 10.79 -25.52 -2.59
C TYR P 320 12.19 -25.43 -3.19
N THR P 321 12.91 -24.37 -2.85
CA THR P 321 14.24 -24.13 -3.38
C THR P 321 15.26 -24.27 -2.26
N ALA P 322 16.28 -25.10 -2.48
CA ALA P 322 17.28 -25.40 -1.48
C ALA P 322 18.67 -25.21 -2.04
N ILE P 323 19.59 -24.75 -1.20
CA ILE P 323 20.99 -24.58 -1.56
C ILE P 323 21.85 -25.24 -0.50
N GLU P 324 23.14 -25.37 -0.80
CA GLU P 324 24.13 -25.92 0.11
C GLU P 324 24.77 -24.76 0.87
N ALA P 325 24.07 -24.29 1.89
CA ALA P 325 24.61 -23.30 2.79
C ALA P 325 25.73 -23.91 3.62
N PRO P 326 26.61 -23.09 4.21
CA PRO P 326 27.74 -23.67 4.96
C PRO P 326 27.35 -24.59 6.08
N LYS P 327 26.14 -24.46 6.63
CA LYS P 327 25.69 -25.35 7.70
C LYS P 327 24.89 -26.54 7.18
N GLY P 328 24.57 -26.61 5.90
CA GLY P 328 23.80 -27.71 5.36
C GLY P 328 22.82 -27.27 4.30
N GLU P 329 21.77 -28.04 4.08
CA GLU P 329 20.77 -27.68 3.08
C GLU P 329 19.86 -26.61 3.66
N PHE P 330 19.96 -25.38 3.15
CA PHE P 330 19.05 -24.31 3.53
C PHE P 330 17.99 -24.16 2.46
N GLY P 331 16.73 -24.26 2.85
CA GLY P 331 15.64 -24.27 1.89
C GLY P 331 14.57 -23.28 2.24
N VAL P 332 13.76 -22.96 1.23
CA VAL P 332 12.58 -22.13 1.41
C VAL P 332 11.45 -22.72 0.59
N TYR P 333 10.30 -22.92 1.24
CA TYR P 333 9.05 -23.27 0.57
C TYR P 333 8.25 -21.99 0.47
N LEU P 334 8.15 -21.45 -0.75
CA LEU P 334 7.52 -20.17 -1.00
C LEU P 334 6.24 -20.37 -1.78
N VAL P 335 5.15 -19.77 -1.29
CA VAL P 335 3.83 -19.88 -1.88
C VAL P 335 3.37 -18.48 -2.26
N SER P 336 3.09 -18.28 -3.55
CA SER P 336 2.66 -17.02 -4.12
C SER P 336 1.24 -17.14 -4.66
N ASP P 337 0.40 -16.15 -4.34
CA ASP P 337 -0.98 -16.13 -4.79
C ASP P 337 -1.21 -15.16 -5.95
N GLY P 338 -0.15 -14.63 -6.55
CA GLY P 338 -0.27 -13.73 -7.68
C GLY P 338 -0.15 -12.26 -7.37
N SER P 339 0.04 -11.90 -6.10
CA SER P 339 0.15 -10.52 -5.69
C SER P 339 1.63 -10.15 -5.52
N SER P 340 1.85 -8.93 -5.01
CA SER P 340 3.19 -8.44 -4.75
C SER P 340 3.71 -8.84 -3.38
N ARG P 341 2.96 -9.65 -2.64
CA ARG P 341 3.34 -10.11 -1.32
C ARG P 341 3.33 -11.63 -1.30
N PRO P 342 4.29 -12.27 -0.66
CA PRO P 342 4.24 -13.74 -0.54
C PRO P 342 3.06 -14.17 0.31
N TYR P 343 2.36 -15.21 -0.15
CA TYR P 343 1.29 -15.77 0.67
C TYR P 343 1.85 -16.58 1.82
N ARG P 344 2.89 -17.38 1.57
CA ARG P 344 3.48 -18.18 2.64
C ARG P 344 4.97 -18.32 2.36
N CYS P 345 5.78 -18.34 3.42
CA CYS P 345 7.22 -18.55 3.28
C CYS P 345 7.69 -19.37 4.47
N LYS P 346 7.85 -20.67 4.25
CA LYS P 346 8.42 -21.56 5.25
C LYS P 346 9.91 -21.65 5.03
N ILE P 347 10.69 -21.53 6.11
CA ILE P 347 12.14 -21.53 6.04
C ILE P 347 12.65 -22.82 6.68
N LYS P 348 13.41 -23.60 5.92
CA LYS P 348 13.99 -24.85 6.39
C LYS P 348 15.47 -24.62 6.67
N ALA P 349 15.86 -24.80 7.93
CA ALA P 349 17.24 -24.64 8.38
C ALA P 349 17.79 -25.97 8.86
N PRO P 350 19.03 -26.30 8.52
CA PRO P 350 19.63 -27.56 8.99
C PRO P 350 19.74 -27.64 10.51
N GLY P 351 19.89 -26.49 11.17
CA GLY P 351 20.03 -26.50 12.62
C GLY P 351 18.84 -27.10 13.34
N PHE P 352 17.64 -26.96 12.76
CA PHE P 352 16.46 -27.54 13.37
C PHE P 352 16.60 -29.06 13.51
N ALA P 353 16.91 -29.74 12.41
CA ALA P 353 17.08 -31.19 12.45
C ALA P 353 18.30 -31.60 13.28
N HIS P 354 19.39 -30.84 13.17
CA HIS P 354 20.58 -31.19 13.94
C HIS P 354 20.33 -31.09 15.44
N LEU P 355 19.65 -30.04 15.87
CA LEU P 355 19.33 -29.90 17.28
C LEU P 355 18.30 -30.94 17.73
N ALA P 356 17.40 -31.34 16.84
CA ALA P 356 16.50 -32.44 17.17
C ALA P 356 17.27 -33.74 17.37
N GLY P 357 18.35 -33.94 16.62
CA GLY P 357 19.18 -35.12 16.80
C GLY P 357 20.24 -35.05 17.87
N LEU P 358 20.43 -33.87 18.48
CA LEU P 358 21.37 -33.72 19.57
C LEU P 358 21.18 -34.77 20.67
N ASP P 359 19.93 -35.01 21.06
CA ASP P 359 19.66 -35.96 22.14
C ASP P 359 20.08 -37.37 21.76
N LYS P 360 19.84 -37.76 20.50
CA LYS P 360 20.32 -39.04 20.03
C LYS P 360 21.84 -39.09 20.02
N MET P 361 22.49 -37.99 19.63
CA MET P 361 23.95 -37.97 19.54
C MET P 361 24.65 -37.91 20.90
N SER P 362 23.95 -37.52 21.96
CA SER P 362 24.59 -37.33 23.26
C SER P 362 24.53 -38.57 24.14
N LYS P 363 24.04 -39.70 23.64
CA LYS P 363 23.84 -40.87 24.47
C LYS P 363 25.17 -41.41 24.99
N GLY P 364 25.20 -41.71 26.29
CA GLY P 364 26.39 -42.29 26.90
C GLY P 364 27.60 -41.39 26.94
N HIS P 365 27.41 -40.09 27.16
CA HIS P 365 28.51 -39.13 27.17
C HIS P 365 28.44 -38.27 28.42
N MET P 366 29.47 -37.45 28.60
CA MET P 366 29.57 -36.56 29.74
C MET P 366 29.13 -35.15 29.35
N LEU P 367 29.18 -34.23 30.33
CA LEU P 367 28.78 -32.86 30.10
C LEU P 367 29.69 -32.17 29.09
N ALA P 368 31.00 -32.36 29.22
CA ALA P 368 31.94 -31.77 28.27
C ALA P 368 31.75 -32.34 26.88
N ASP P 369 31.44 -33.63 26.79
CA ASP P 369 31.16 -34.23 25.49
C ASP P 369 29.92 -33.61 24.86
N VAL P 370 28.90 -33.30 25.67
CA VAL P 370 27.72 -32.65 25.13
C VAL P 370 28.04 -31.24 24.66
N VAL P 371 28.92 -30.55 25.38
CA VAL P 371 29.39 -29.25 24.90
C VAL P 371 30.06 -29.39 23.54
N ALA P 372 30.92 -30.42 23.39
CA ALA P 372 31.58 -30.65 22.11
C ALA P 372 30.59 -30.97 21.00
N ILE P 373 29.54 -31.75 21.32
CA ILE P 373 28.56 -32.11 20.32
C ILE P 373 27.77 -30.88 19.88
N ILE P 374 27.37 -30.04 20.83
CA ILE P 374 26.70 -28.80 20.49
C ILE P 374 27.58 -27.94 19.59
N GLY P 375 28.87 -27.89 19.91
CA GLY P 375 29.79 -27.14 19.06
C GLY P 375 29.90 -27.70 17.66
N THR P 376 30.04 -29.01 17.53
CA THR P 376 30.26 -29.62 16.22
C THR P 376 29.00 -29.67 15.37
N GLN P 377 27.81 -29.54 15.97
CA GLN P 377 26.61 -29.49 15.15
C GLN P 377 26.46 -28.17 14.41
N ASP P 378 27.22 -27.14 14.78
CA ASP P 378 27.22 -25.86 14.08
C ASP P 378 25.83 -25.21 14.10
N ILE P 379 25.37 -24.89 15.30
CA ILE P 379 24.01 -24.43 15.53
C ILE P 379 24.00 -22.92 15.73
N VAL P 380 23.17 -22.23 14.96
CA VAL P 380 22.85 -20.82 15.18
C VAL P 380 21.34 -20.73 15.32
N PHE P 381 20.88 -20.04 16.37
CA PHE P 381 19.47 -20.13 16.72
C PHE P 381 18.59 -19.13 16.00
N GLY P 382 19.19 -18.19 15.25
CA GLY P 382 18.38 -17.32 14.42
C GLY P 382 17.60 -18.08 13.37
N GLU P 383 18.19 -19.16 12.84
CA GLU P 383 17.51 -19.98 11.86
C GLU P 383 16.74 -21.13 12.49
N VAL P 384 17.17 -21.61 13.65
CA VAL P 384 16.43 -22.66 14.35
C VAL P 384 15.11 -22.14 14.87
N ASP P 385 15.11 -20.93 15.42
CA ASP P 385 13.89 -20.37 16.00
C ASP P 385 13.08 -19.55 15.01
N ARG P 386 13.77 -18.81 14.12
CA ARG P 386 13.11 -17.93 13.15
C ARG P 386 12.15 -16.97 13.86
N GLY Q 1 14.74 32.17 8.13
CA GLY Q 1 14.33 33.21 9.05
C GLY Q 1 13.42 32.72 10.16
N VAL Q 2 14.02 32.35 11.28
CA VAL Q 2 13.28 31.84 12.43
C VAL Q 2 12.87 33.01 13.32
N ARG Q 3 11.63 32.96 13.80
CA ARG Q 3 11.09 33.98 14.69
C ARG Q 3 10.73 33.34 16.02
N THR Q 4 10.25 34.17 16.94
CA THR Q 4 9.92 33.73 18.29
C THR Q 4 8.46 34.06 18.60
N SER Q 5 7.76 33.09 19.17
CA SER Q 5 6.39 33.27 19.61
C SER Q 5 6.35 34.11 20.88
N PRO Q 6 5.19 34.69 21.21
CA PRO Q 6 5.08 35.43 22.47
C PRO Q 6 5.36 34.60 23.70
N THR Q 7 5.23 33.27 23.59
CA THR Q 7 5.62 32.38 24.68
C THR Q 7 7.13 32.45 24.94
N GLY Q 8 7.91 32.75 23.91
CA GLY Q 8 9.35 32.70 24.00
C GLY Q 8 9.98 31.48 23.38
N GLU Q 9 9.23 30.69 22.63
CA GLU Q 9 9.71 29.47 22.02
C GLU Q 9 9.97 29.69 20.53
N LYS Q 10 11.06 29.13 20.04
CA LYS Q 10 11.39 29.24 18.62
C LYS Q 10 10.33 28.52 17.78
N VAL Q 11 9.96 29.15 16.67
CA VAL Q 11 8.94 28.61 15.77
C VAL Q 11 9.64 27.94 14.60
N THR Q 12 9.34 26.66 14.38
CA THR Q 12 10.00 25.89 13.35
C THR Q 12 9.56 26.35 11.96
N HIS Q 13 10.26 25.84 10.95
CA HIS Q 13 9.93 26.19 9.57
C HIS Q 13 8.55 25.69 9.17
N THR Q 14 8.01 24.72 9.89
CA THR Q 14 6.63 24.29 9.72
C THR Q 14 5.65 25.18 10.47
N GLY Q 15 6.15 26.17 11.20
CA GLY Q 15 5.30 27.11 11.91
C GLY Q 15 4.52 26.52 13.06
N GLN Q 16 5.15 25.63 13.83
CA GLN Q 16 4.51 25.03 14.99
C GLN Q 16 5.25 25.47 16.24
N ALA Q 17 4.50 25.71 17.32
CA ALA Q 17 5.06 26.02 18.62
C ALA Q 17 4.04 25.65 19.67
N TYR Q 18 4.52 25.14 20.80
CA TYR Q 18 3.62 24.73 21.86
C TYR Q 18 2.87 25.93 22.42
N ASP Q 19 1.57 25.75 22.63
CA ASP Q 19 0.74 26.82 23.14
C ASP Q 19 1.11 27.14 24.59
N ASP Q 20 0.69 28.33 25.05
CA ASP Q 20 0.90 28.68 26.44
C ASP Q 20 0.13 27.76 27.38
N GLY Q 21 -0.94 27.16 26.88
CA GLY Q 21 -1.72 26.18 27.62
C GLY Q 21 -1.34 24.74 27.39
N ASP Q 22 -0.19 24.49 26.75
CA ASP Q 22 0.25 23.13 26.45
C ASP Q 22 1.30 22.71 27.47
N TYR Q 23 1.06 21.58 28.15
CA TYR Q 23 1.99 21.06 29.13
C TYR Q 23 3.25 20.48 28.50
N ARG Q 24 3.18 20.07 27.22
CA ARG Q 24 4.29 19.42 26.54
C ARG Q 24 5.56 20.26 26.52
N ARG Q 25 5.48 21.53 26.91
CA ARG Q 25 6.67 22.37 27.07
C ARG Q 25 7.65 21.79 28.09
N VAL Q 26 7.16 21.00 29.05
CA VAL Q 26 8.01 20.53 30.14
C VAL Q 26 9.16 19.69 29.62
N ARG Q 27 8.98 19.03 28.47
CA ARG Q 27 10.05 18.21 27.92
C ARG Q 27 11.26 19.05 27.50
N PHE Q 28 11.10 20.36 27.34
CA PHE Q 28 12.23 21.22 27.02
C PHE Q 28 12.85 21.87 28.25
N SER Q 29 12.25 21.71 29.43
CA SER Q 29 12.82 22.28 30.64
C SER Q 29 14.16 21.63 30.95
N ASP Q 30 15.15 22.47 31.28
CA ASP Q 30 16.53 22.09 31.47
C ASP Q 30 17.16 21.49 30.22
N ARG Q 31 16.50 21.61 29.08
CA ARG Q 31 16.97 21.04 27.82
C ARG Q 31 16.68 22.06 26.72
N GLN Q 32 16.79 21.64 25.46
CA GLN Q 32 16.67 22.55 24.34
C GLN Q 32 15.73 21.97 23.29
N LYS Q 33 15.20 22.86 22.45
CA LYS Q 33 14.34 22.49 21.34
C LYS Q 33 15.14 22.59 20.05
N GLU Q 34 15.17 21.49 19.30
CA GLU Q 34 15.94 21.42 18.06
C GLU Q 34 15.19 22.15 16.95
N VAL Q 35 15.74 23.27 16.49
CA VAL Q 35 15.16 24.06 15.42
C VAL Q 35 16.23 24.31 14.37
N ASN Q 36 15.90 24.07 13.11
CA ASN Q 36 16.79 24.36 11.99
C ASN Q 36 16.51 25.78 11.49
N GLU Q 37 17.55 26.60 11.40
CA GLU Q 37 17.39 28.01 11.07
C GLU Q 37 17.50 28.30 9.59
N ASN Q 38 17.76 27.30 8.75
CA ASN Q 38 17.85 27.50 7.30
C ASN Q 38 16.50 27.18 6.69
N PHE Q 39 15.64 28.19 6.65
CA PHE Q 39 14.29 28.01 6.11
C PHE Q 39 14.36 27.94 4.59
N ALA Q 40 13.93 26.80 4.03
CA ALA Q 40 14.02 26.61 2.59
C ALA Q 40 13.14 27.60 1.83
N ILE Q 41 12.00 27.97 2.40
CA ILE Q 41 11.11 28.93 1.74
C ILE Q 41 11.78 30.29 1.63
N ASP Q 42 12.59 30.67 2.61
CA ASP Q 42 13.33 31.93 2.53
C ASP Q 42 14.53 31.82 1.60
N LEU Q 43 15.19 30.65 1.58
CA LEU Q 43 16.38 30.49 0.76
C LEU Q 43 16.04 30.44 -0.72
N ILE Q 44 14.89 29.86 -1.07
CA ILE Q 44 14.52 29.78 -2.48
C ILE Q 44 14.01 31.10 -3.03
N ALA Q 45 13.50 31.98 -2.16
CA ALA Q 45 13.05 33.29 -2.61
C ALA Q 45 14.20 34.20 -3.04
N GLU Q 46 15.40 33.95 -2.54
CA GLU Q 46 16.57 34.76 -2.88
C GLU Q 46 17.17 34.39 -4.22
N GLN Q 47 16.71 33.33 -4.86
CA GLN Q 47 17.24 32.95 -6.15
C GLN Q 47 16.68 33.86 -7.24
N PRO Q 48 17.54 34.47 -8.06
CA PRO Q 48 17.03 35.33 -9.14
C PRO Q 48 16.28 34.53 -10.20
N VAL Q 49 15.30 35.19 -10.82
CA VAL Q 49 14.56 34.56 -11.90
C VAL Q 49 15.43 34.51 -13.15
N SER Q 50 15.37 33.40 -13.87
CA SER Q 50 16.19 33.18 -15.05
C SER Q 50 15.40 33.53 -16.29
N GLU Q 51 15.99 34.36 -17.16
CA GLU Q 51 15.36 34.77 -18.40
C GLU Q 51 15.96 33.97 -19.55
N VAL Q 52 15.11 33.29 -20.31
CA VAL Q 52 15.55 32.41 -21.39
C VAL Q 52 14.72 32.70 -22.63
N GLY Q 53 15.39 32.74 -23.78
CA GLY Q 53 14.72 33.01 -25.03
C GLY Q 53 14.11 31.80 -25.70
N SER Q 54 13.27 31.06 -24.97
CA SER Q 54 12.54 29.94 -25.54
C SER Q 54 11.19 29.83 -24.86
N ARG Q 55 10.24 29.21 -25.56
CA ARG Q 55 8.92 29.01 -24.98
C ARG Q 55 8.91 27.90 -23.94
N VAL Q 56 9.78 26.90 -24.09
CA VAL Q 56 9.85 25.77 -23.18
C VAL Q 56 11.30 25.60 -22.73
N ILE Q 57 11.53 25.59 -21.43
CA ILE Q 57 12.85 25.36 -20.86
C ILE Q 57 12.82 24.01 -20.16
N SER Q 58 14.00 23.49 -19.84
CA SER Q 58 14.13 22.20 -19.16
C SER Q 58 14.91 22.39 -17.87
N CYS Q 59 14.44 21.74 -16.81
CA CYS Q 59 15.11 21.78 -15.51
C CYS Q 59 15.32 20.37 -15.01
N ASP Q 60 16.56 20.08 -14.61
CA ASP Q 60 16.90 18.84 -13.93
C ASP Q 60 17.50 19.09 -12.56
N GLY Q 61 17.42 20.33 -12.06
CA GLY Q 61 17.92 20.67 -10.75
C GLY Q 61 19.39 20.99 -10.68
N GLY Q 62 20.13 20.79 -11.76
CA GLY Q 62 21.57 20.99 -11.74
C GLY Q 62 22.30 19.76 -11.27
N GLY Q 63 23.37 19.39 -11.97
CA GLY Q 63 24.15 18.22 -11.62
C GLY Q 63 23.91 17.00 -12.47
N GLY Q 64 22.91 17.03 -13.35
CA GLY Q 64 22.63 15.89 -14.19
C GLY Q 64 21.91 14.77 -13.47
N ALA Q 65 22.60 13.64 -13.30
CA ALA Q 65 22.00 12.51 -12.59
C ALA Q 65 21.95 12.73 -11.08
N LEU Q 66 22.58 13.79 -10.57
CA LEU Q 66 22.56 14.09 -9.15
C LEU Q 66 21.43 15.05 -8.77
N GLY Q 67 20.64 15.50 -9.73
CA GLY Q 67 19.51 16.39 -9.49
C GLY Q 67 18.21 15.62 -9.34
N HIS Q 68 17.13 16.22 -9.82
CA HIS Q 68 15.82 15.61 -9.86
C HIS Q 68 15.47 15.18 -11.28
N PRO Q 69 14.38 14.44 -11.47
CA PRO Q 69 13.99 14.06 -12.83
C PRO Q 69 13.81 15.28 -13.72
N ARG Q 70 14.26 15.16 -14.96
CA ARG Q 70 14.21 16.28 -15.90
C ARG Q 70 12.77 16.57 -16.30
N VAL Q 71 12.39 17.84 -16.18
CA VAL Q 71 11.04 18.28 -16.50
C VAL Q 71 11.12 19.47 -17.44
N TYR Q 72 10.02 19.72 -18.14
CA TYR Q 72 9.93 20.80 -19.10
C TYR Q 72 8.89 21.81 -18.63
N ILE Q 73 9.29 23.07 -18.55
CA ILE Q 73 8.46 24.14 -18.03
C ILE Q 73 8.13 25.10 -19.17
N ASN Q 74 6.85 25.41 -19.31
CA ASN Q 74 6.37 26.28 -20.37
C ASN Q 74 6.35 27.72 -19.88
N LEU Q 75 6.62 28.66 -20.79
CA LEU Q 75 6.75 30.07 -20.44
C LEU Q 75 5.86 30.97 -21.32
N ASP Q 76 4.65 30.51 -21.64
CA ASP Q 76 3.73 31.38 -22.38
C ASP Q 76 3.09 32.44 -21.49
N LYS Q 77 2.86 32.11 -20.22
CA LYS Q 77 2.29 33.09 -19.30
C LYS Q 77 3.25 34.25 -19.09
N GLU Q 78 2.74 35.47 -19.20
CA GLU Q 78 3.56 36.66 -19.02
C GLU Q 78 3.39 37.31 -17.66
N THR Q 79 2.23 37.16 -17.04
CA THR Q 79 1.96 37.75 -15.73
C THR Q 79 2.50 36.89 -14.59
N LYS Q 80 3.10 35.74 -14.89
CA LYS Q 80 3.63 34.87 -13.87
C LYS Q 80 4.83 34.11 -14.44
N THR Q 81 5.79 33.84 -13.58
CA THR Q 81 6.99 33.11 -13.97
C THR Q 81 6.74 31.60 -13.96
N GLY Q 82 7.58 30.88 -14.69
CA GLY Q 82 7.50 29.43 -14.70
C GLY Q 82 8.31 28.81 -13.59
N THR Q 83 7.65 28.01 -12.74
CA THR Q 83 8.27 27.43 -11.57
C THR Q 83 8.46 25.93 -11.75
N CYS Q 84 9.64 25.45 -11.35
CA CYS Q 84 9.90 24.01 -11.35
C CYS Q 84 9.15 23.34 -10.22
N GLY Q 85 8.49 22.22 -10.51
CA GLY Q 85 7.76 21.49 -9.49
C GLY Q 85 8.64 20.71 -8.53
N TYR Q 86 9.93 20.59 -8.82
CA TYR Q 86 10.88 19.88 -7.97
C TYR Q 86 11.79 20.82 -7.20
N CYS Q 87 12.43 21.76 -7.90
CA CYS Q 87 13.52 22.55 -7.33
C CYS Q 87 13.08 23.91 -6.84
N GLY Q 88 11.98 24.45 -7.34
CA GLY Q 88 11.57 25.79 -6.97
C GLY Q 88 12.25 26.89 -7.74
N LEU Q 89 13.14 26.56 -8.67
CA LEU Q 89 13.76 27.56 -9.52
C LEU Q 89 12.72 28.17 -10.46
N GLN Q 90 12.87 29.46 -10.71
CA GLN Q 90 11.94 30.20 -11.54
C GLN Q 90 12.57 30.57 -12.87
N PHE Q 91 11.75 30.55 -13.92
CA PHE Q 91 12.19 30.86 -15.26
C PHE Q 91 11.14 31.75 -15.93
N ARG Q 92 11.60 32.68 -16.75
CA ARG Q 92 10.71 33.53 -17.51
C ARG Q 92 11.35 33.84 -18.86
N GLN Q 93 10.67 34.66 -19.64
CA GLN Q 93 11.16 35.10 -20.94
C GLN Q 93 11.43 36.61 -20.90
N PRO Q 94 12.32 37.10 -21.76
CA PRO Q 94 12.51 38.56 -21.86
C PRO Q 94 11.19 39.26 -22.15
N HIS Q 95 10.95 40.36 -21.44
CA HIS Q 95 9.65 41.00 -21.46
C HIS Q 95 9.75 42.49 -21.75
N HIS Q 96 8.62 43.20 -21.61
CA HIS Q 96 8.56 44.65 -21.76
C HIS Q 96 9.03 45.09 -23.15
N ALA R 1 32.32 8.75 -26.39
CA ALA R 1 32.43 7.41 -26.93
C ALA R 1 33.44 6.58 -26.15
N SER R 2 33.48 6.80 -24.84
CA SER R 2 34.44 6.14 -23.96
C SER R 2 34.14 4.65 -23.85
N LYS R 3 35.18 3.87 -23.60
CA LYS R 3 35.04 2.43 -23.48
C LYS R 3 34.56 2.04 -22.09
N VAL R 4 34.15 0.78 -21.97
CA VAL R 4 33.60 0.27 -20.71
C VAL R 4 34.73 0.04 -19.72
N LYS R 5 34.61 0.62 -18.54
CA LYS R 5 35.54 0.42 -17.45
C LYS R 5 34.82 -0.32 -16.33
N GLN R 6 35.38 -1.46 -15.93
CA GLN R 6 34.66 -2.36 -15.03
C GLN R 6 35.68 -3.19 -14.27
N ASP R 7 35.30 -3.63 -13.08
CA ASP R 7 36.18 -4.45 -12.25
C ASP R 7 36.37 -5.81 -12.89
N MET R 8 37.55 -6.06 -13.44
CA MET R 8 37.86 -7.29 -14.15
C MET R 8 39.21 -7.81 -13.70
N PRO R 9 39.46 -9.11 -13.83
CA PRO R 9 40.81 -9.62 -13.62
C PRO R 9 41.75 -9.09 -14.69
N PRO R 10 43.03 -8.97 -14.38
CA PRO R 10 43.98 -8.41 -15.34
C PRO R 10 44.15 -9.31 -16.55
N PRO R 11 44.68 -8.77 -17.65
CA PRO R 11 44.94 -9.62 -18.83
C PRO R 11 45.75 -10.85 -18.47
N GLY R 12 45.32 -11.98 -19.01
CA GLY R 12 45.90 -13.25 -18.59
C GLY R 12 45.11 -13.80 -17.41
N GLY R 13 45.60 -13.52 -16.20
CA GLY R 13 44.89 -13.91 -15.00
C GLY R 13 45.67 -13.51 -13.76
N TYR R 14 45.14 -13.89 -12.62
CA TYR R 14 45.85 -13.72 -11.36
C TYR R 14 46.85 -14.85 -11.16
N GLY R 15 47.78 -14.63 -10.24
CA GLY R 15 48.76 -15.64 -9.90
C GLY R 15 48.14 -16.81 -9.17
N PRO R 16 48.84 -17.94 -9.14
CA PRO R 16 48.31 -19.12 -8.45
C PRO R 16 48.10 -18.85 -6.96
N ILE R 17 47.03 -19.42 -6.43
CA ILE R 17 46.69 -19.30 -5.02
C ILE R 17 46.87 -20.66 -4.36
N ASP R 18 47.74 -20.71 -3.36
CA ASP R 18 47.98 -21.96 -2.66
C ASP R 18 46.79 -22.29 -1.76
N TYR R 19 46.38 -23.56 -1.77
CA TYR R 19 45.27 -24.00 -0.94
C TYR R 19 45.51 -25.33 -0.24
N LYS R 20 46.45 -26.15 -0.69
CA LYS R 20 46.69 -27.44 -0.06
C LYS R 20 47.35 -27.27 1.30
N ARG R 21 47.14 -28.28 2.15
CA ARG R 21 47.75 -28.30 3.47
C ARG R 21 49.27 -28.36 3.34
N ASN R 22 49.96 -27.59 4.18
CA ASN R 22 51.42 -27.54 4.20
C ASN R 22 51.88 -27.58 5.65
N LEU R 23 52.15 -28.79 6.14
CA LEU R 23 52.73 -28.98 7.46
C LEU R 23 54.13 -29.58 7.29
N PRO R 24 55.19 -28.81 7.52
CA PRO R 24 56.54 -29.32 7.21
C PRO R 24 56.95 -30.45 8.13
N ARG R 25 58.06 -31.09 7.78
CA ARG R 25 58.54 -32.25 8.54
C ARG R 25 58.86 -31.87 9.97
N ARG R 26 59.86 -31.01 10.16
CA ARG R 26 60.17 -30.39 11.45
C ARG R 26 60.26 -31.43 12.56
N GLY R 27 61.26 -32.29 12.47
CA GLY R 27 61.42 -33.33 13.46
C GLY R 27 62.78 -34.01 13.35
N LEU R 28 63.10 -34.76 14.40
CA LEU R 28 64.30 -35.58 14.46
C LEU R 28 63.88 -37.05 14.52
N SER R 29 64.86 -37.94 14.58
CA SER R 29 64.59 -39.38 14.62
C SER R 29 64.47 -39.87 16.06
#